data_8DR6
#
_entry.id   8DR6
#
_cell.length_a   1.00
_cell.length_b   1.00
_cell.length_c   1.00
_cell.angle_alpha   90.00
_cell.angle_beta   90.00
_cell.angle_gamma   90.00
#
_symmetry.space_group_name_H-M   'P 1'
#
loop_
_entity.id
_entity.type
_entity.pdbx_description
1 polymer 'Replication factor C subunit 1'
2 polymer 'Replication factor C subunit 4'
3 polymer 'Replication factor C subunit 3'
4 polymer 'Replication factor C subunit 2'
5 polymer 'Replication factor C subunit 5'
6 polymer 'Proliferating cell nuclear antigen'
7 polymer 'DNA (32-MER)'
8 polymer "DNA (5'-D(P*CP*CP*CP*CP*CP*CP*GP*GP*CP*CP*CP*CP*CP*CP*CP*GP*GP*C)-3')"
9 polymer "DNA (5'-D(P*TP*TP*AP*GP*GP*GP*GP*GP*GP*GP*GP*GP*A)-3')"
10 non-polymer 'PHOSPHOTHIOPHOSPHORIC ACID-ADENYLATE ESTER'
11 non-polymer 'MAGNESIUM ION'
12 non-polymer "ADENOSINE-5'-DIPHOSPHATE"
13 water water
#
loop_
_entity_poly.entity_id
_entity_poly.type
_entity_poly.pdbx_seq_one_letter_code
_entity_poly.pdbx_strand_id
1 'polypeptide(L)'
;MVNISDFFGKNKKSVRSSTSRPTRQVGSSKPEVIDLDTESDQESTNKTPKKMPVSNVIDVSETPEGEKKLPLPAKRKASS
PTVKPASSKKTKPSSKSSDSASNITAQDVLDKIPSLDLSNVHVKENAKFDFKSANSNADPDEIVSEIGSFPEGKPNCLLG
LTIVFTGVLPTLERGASEALAKRYGARVTKSISSKTSVVVLGDEAGPKKLEKIKQLKIKAIDEEGFKQLIAGMPAEGGDG
EAAEKARRKLEEQHNIATKEAELLVKKEEERSKKLAATRVSGGHLERDNVVREEDKLWTVKYAPTNLQQVCGNKGSVMKL
KNWLANWENSKKNSFKHAGKDGSGVFRAAMLYGPPGIGKTTAAHLVAQELGYDILEQNASDVRSKTLLNAGVKNALDNMS
VVGYFKHNEEAQNLNGKHFVIIMDEVDGMSGGDRGGVGQLAQFCRKTSTPLILICNERNLPKMRPFDRVCLDIQFRRPDA
NSIKSRLMTIAIREKFKLDPNVIDRLIQTTRGDIRQVINLLSTISTTTKTINHENINEISKAWEKNIALKPFDIAHKMLD
GQIYSDIGSRNFTLNDKIALYFDDFDFTPLMIQENYLSTRPSVLKPGQSHLEAVAEAANCISLGDIVEKKIRSSEQLWSL
LPLHAVLSSVYPASKVAGHMAGRINFTAWLGQNSKSAKYYRLLQEIHYHTRLGTSTDKIGLRLDYLPTFRKRLLDPFLKQ
GADAISSVIEVMDDYYLTKEDWDSIMEFFVGPDVTTAIIKKIPATVKSGFTRKYNSMTHPVAIYRTGSTIGGGGVGTSTS
TPDFEDVVDADDNPVPADDEETQDSSTDLKKDKLIKQKAKPTKRKTATSKPGGSKKRKTKAGLNENLYFQGGGDYKDDDD
KDYKDDDDKDYKDDDDKGGKDHLIHNVHKEEHAHAHNK
;
A
2 'polypeptide(L)'
;MSKTLSLQLPWVEKYRPQVLSDIVGNKETIDRLQQIAKDGNMPHMIISGMPGIGKTTSVHCLAHELLGRSYADGVLELNA
SDDRGIDVVRNQIKHFAQKKLHLPPGKHKIVILDEADSMTAGAQQALRRTMELYSNSTRFAFACNQSNKIIEPLQSRCAI
LRYSKLSDEDVLKRLLQIIKLEDVKYTNDGLEAIIFTAEGDMRQAINNLQSTVAGHGLVNADNVFKIVDSPHPLIVKKML
LASNLEDSIQILRTDLWKKGYSSIDIVTTSFRVTKNLAQVKESVRLEMIKEIGLTHMRILEGVGTYLQLASMLAKIHKLN
NKA
;
B
3 'polypeptide(L)'
;MSTSTEKRSKENLPWVEKYRPETLDEVYGQNEVITTVRKFVDEGKLPHLLFYGPPGTGKTSTIVALAREIYGKNYSNMVL
ELNASDDRGIDVVRNQIKDFASTRQIFSKGFKLIILDEADAMTNAAQNALRRVIERYTKNTRFCVLANYAHKLTPALLSR
CTRFRFQPLPQEAIERRIANVLVHEKLKLSPNAEKALIELSNGDMRRVLNVLQSCKATLDNPDEDEISDDVIYECCGAPR
PSDLKAVLKSILEDDWGTAHYTLNKVRSAKGLALIDLIEGIVKILEDYELQNEETRVHLLTKLADIEYSISKGGNDQIQG
SAVIGAIKASFENETVKANV
;
C
4 'polypeptide(L)'
;MFEGFGPNKKRKISKLAAEQSLAQQPWVEKYRPKNLDEVTAQDHAVTVLKKTLKSANLPHMLFYGPPGTGKTSTILALTK
ELYGPDLMKSRILELNASDERGISIVREKVKNFARLTVSKPSKHDLENYPCPPYKIIILDEADSMTADAQSALRRTMETY
SGVTRFCLICNYVTRIIDPLASRCSKFRFKALDASNAIDRLRFISEQENVKCDDGVLERILDISAGDLRRGITLLQSASK
GAQYLGDGKNITSTQVEELAGVVPHDILIEIVEKVKSGDFDEIKKYVNTFMKSGWSAASVVNQLHEYYITNDNFDTNFKN
QISWLLFTTDSRLNNGTNEHIQLLNLLVKISQL
;
D
5 'polypeptide(L)'
;MSLWVDKYRPKSLNALSHNEELTNFLKSLSDQPRDLPHLLLYGPNGTGKKTRCMALLESIFGPGVYRLKIDVRQFVTASN
RKLELNVVSSPYHLEITPSDMGNNDRIVIQELLKEVAQMEQVDFQDSKDGLAHRYKCVIINEANSLTKDAQAALRRTMEK
YSKNIRLIMVCDSMSPIIAPIKSRCLLIRCPAPSDSEISTILSDVVTNERIQLETKDILKRIAQASNGNLRVSLLMLESM
ALNNELALKSSSPIIKPDWIIVIHKLTRKIVKERSVNSLIECRAVLYDLLAHCIPANIILKELTFSLLDVETLNTTNKSS
IIEYSSVFDERLSLGNKAIFHLEGFIAKVMCCLD
;
E
6 'polypeptide(L)'
;MGSSHHHHHHSSGLVPRASMLEAKFEEASLFKRIIDGFKDCVQLVNFQCKEDGIIAQAVDDSRVLLVSLEIGVEAFQEYR
CDHPVTLGMDLTSLSKILRCGNNTDTLTLIADNTPDSIILLFEDTKKDRIAEYSLKLMDIDADFLKIEELQYDSTLSLPS
SEFSKIVRDLSQLSDSINIMITKETIKFVADGDIGSGSVIIKPFVDMEHPETSIKLEMDQPVDLTFGAKYLLDIIKGSSL
SDRVGIRLSSEAPALFQFDLKSGFLQFFLAPKFNDEE
;
F,G,H
7 'polydeoxyribonucleotide'
;(DC)(DC)(DC)(DC)(DC)(DC)(DC)(DC)(DC)(DC)(DT)(DT)(DT)(DT)(DT)(DT)(DC)(DG)(DG)(DG)
(DG)(DG)(DG)(DG)(DC)(DC)(DG)(DG)(DG)(DG)(DG)(DG)
;
I
8 'polydeoxyribonucleotide' (DC)(DC)(DC)(DC)(DC)(DC)(DG)(DG)(DC)(DC)(DC)(DC)(DC)(DC)(DC)(DG)(DG)(DC) J
9 'polydeoxyribonucleotide' (DT)(DT)(DA)(DG)(DG)(DG)(DG)(DG)(DG)(DG)(DG)(DG)(DA) K
#
loop_
_chem_comp.id
_chem_comp.type
_chem_comp.name
_chem_comp.formula
ADP non-polymer ADENOSINE-5'-DIPHOSPHATE 'C10 H15 N5 O10 P2'
AGS non-polymer 'PHOSPHOTHIOPHOSPHORIC ACID-ADENYLATE ESTER' 'C10 H16 N5 O12 P3 S'
DA DNA linking 2'-DEOXYADENOSINE-5'-MONOPHOSPHATE 'C10 H14 N5 O6 P'
DC DNA linking 2'-DEOXYCYTIDINE-5'-MONOPHOSPHATE 'C9 H14 N3 O7 P'
DG DNA linking 2'-DEOXYGUANOSINE-5'-MONOPHOSPHATE 'C10 H14 N5 O7 P'
DT DNA linking THYMIDINE-5'-MONOPHOSPHATE 'C10 H15 N2 O8 P'
MG non-polymer 'MAGNESIUM ION' 'Mg 2'
#
# COMPACT_ATOMS: atom_id res chain seq x y z
N ASN A 289 -5.69 -7.30 -52.89
CA ASN A 289 -6.16 -8.68 -52.75
C ASN A 289 -7.46 -8.72 -51.96
N VAL A 290 -8.09 -9.90 -51.94
CA VAL A 290 -9.35 -10.11 -51.23
C VAL A 290 -9.22 -11.39 -50.40
N VAL A 291 -10.12 -11.53 -49.44
CA VAL A 291 -10.13 -12.64 -48.50
C VAL A 291 -11.26 -13.58 -48.91
N ARG A 292 -10.90 -14.84 -49.20
CA ARG A 292 -11.91 -15.83 -49.55
C ARG A 292 -12.77 -16.14 -48.32
N GLU A 293 -14.05 -16.43 -48.57
CA GLU A 293 -14.97 -16.70 -47.47
C GLU A 293 -14.54 -17.91 -46.66
N GLU A 294 -13.77 -18.82 -47.27
CA GLU A 294 -13.33 -20.02 -46.56
C GLU A 294 -12.39 -19.69 -45.41
N ASP A 295 -11.79 -18.49 -45.44
CA ASP A 295 -10.79 -18.09 -44.45
C ASP A 295 -11.36 -17.15 -43.39
N LYS A 296 -12.68 -17.02 -43.34
CA LYS A 296 -13.34 -16.10 -42.43
C LYS A 296 -14.11 -16.87 -41.36
N LEU A 297 -14.08 -16.35 -40.14
CA LEU A 297 -14.79 -16.98 -39.04
C LEU A 297 -16.28 -17.02 -39.32
N TRP A 298 -16.93 -18.10 -38.87
CA TRP A 298 -18.35 -18.27 -39.12
C TRP A 298 -19.17 -17.11 -38.56
N THR A 299 -18.73 -16.53 -37.44
CA THR A 299 -19.44 -15.39 -36.86
C THR A 299 -19.35 -14.15 -37.74
N VAL A 300 -18.33 -14.03 -38.57
CA VAL A 300 -18.21 -12.93 -39.53
C VAL A 300 -18.83 -13.29 -40.86
N LYS A 301 -18.66 -14.54 -41.29
CA LYS A 301 -19.25 -14.98 -42.56
C LYS A 301 -20.78 -15.00 -42.49
N TYR A 302 -21.34 -15.26 -41.31
CA TYR A 302 -22.78 -15.35 -41.12
C TYR A 302 -23.29 -14.26 -40.19
N ALA A 303 -22.71 -13.08 -40.29
CA ALA A 303 -23.15 -11.95 -39.48
C ALA A 303 -24.39 -11.32 -40.08
N PRO A 304 -25.24 -10.70 -39.26
CA PRO A 304 -26.45 -10.05 -39.81
C PRO A 304 -26.08 -8.91 -40.76
N THR A 305 -26.88 -8.74 -41.80
CA THR A 305 -26.69 -7.66 -42.77
C THR A 305 -27.75 -6.58 -42.64
N ASN A 306 -28.93 -6.90 -42.13
CA ASN A 306 -30.00 -5.94 -41.93
C ASN A 306 -30.68 -6.24 -40.60
N LEU A 307 -31.44 -5.26 -40.10
CA LEU A 307 -32.06 -5.34 -38.79
C LEU A 307 -33.10 -6.44 -38.69
N GLN A 308 -33.57 -6.98 -39.81
CA GLN A 308 -34.54 -8.08 -39.81
C GLN A 308 -33.89 -9.43 -39.63
N GLN A 309 -32.56 -9.52 -39.68
CA GLN A 309 -31.84 -10.77 -39.44
C GLN A 309 -31.38 -10.92 -38.00
N VAL A 310 -31.64 -9.94 -37.15
CA VAL A 310 -31.24 -10.01 -35.75
C VAL A 310 -32.26 -10.89 -35.01
N CYS A 311 -31.76 -11.86 -34.26
CA CYS A 311 -32.60 -12.84 -33.57
C CYS A 311 -32.89 -12.34 -32.16
N GLY A 312 -34.18 -12.26 -31.82
CA GLY A 312 -34.59 -11.91 -30.47
C GLY A 312 -34.49 -10.42 -30.21
N ASN A 313 -35.04 -10.02 -29.06
CA ASN A 313 -35.02 -8.63 -28.64
C ASN A 313 -35.59 -7.72 -29.72
N LYS A 314 -36.67 -8.16 -30.37
CA LYS A 314 -37.28 -7.33 -31.41
C LYS A 314 -37.82 -6.04 -30.83
N GLY A 315 -38.44 -6.11 -29.66
CA GLY A 315 -38.95 -4.90 -29.03
C GLY A 315 -37.85 -3.90 -28.73
N SER A 316 -36.70 -4.37 -28.24
CA SER A 316 -35.59 -3.48 -27.97
C SER A 316 -35.09 -2.81 -29.24
N VAL A 317 -34.98 -3.58 -30.33
CA VAL A 317 -34.51 -3.02 -31.60
C VAL A 317 -35.49 -1.97 -32.10
N MET A 318 -36.79 -2.26 -32.02
CA MET A 318 -37.80 -1.29 -32.46
C MET A 318 -37.74 -0.03 -31.60
N LYS A 319 -37.57 -0.19 -30.30
CA LYS A 319 -37.48 0.97 -29.42
C LYS A 319 -36.28 1.84 -29.78
N LEU A 320 -35.12 1.20 -30.02
CA LEU A 320 -33.93 1.96 -30.38
C LEU A 320 -34.12 2.67 -31.72
N LYS A 321 -34.71 1.98 -32.69
CA LYS A 321 -34.95 2.59 -33.99
C LYS A 321 -35.91 3.77 -33.88
N ASN A 322 -36.97 3.64 -33.08
CA ASN A 322 -37.90 4.75 -32.89
C ASN A 322 -37.23 5.93 -32.20
N TRP A 323 -36.40 5.65 -31.18
CA TRP A 323 -35.69 6.72 -30.50
C TRP A 323 -34.73 7.45 -31.42
N LEU A 324 -34.02 6.73 -32.29
CA LEU A 324 -33.08 7.36 -33.20
C LEU A 324 -33.78 8.08 -34.35
N ALA A 325 -34.93 7.57 -34.80
CA ALA A 325 -35.60 8.16 -35.95
C ALA A 325 -36.23 9.52 -35.63
N ASN A 326 -36.65 9.74 -34.39
CA ASN A 326 -37.29 10.99 -33.99
C ASN A 326 -36.37 11.88 -33.17
N TRP A 327 -35.06 11.65 -33.24
CA TRP A 327 -34.12 12.45 -32.46
C TRP A 327 -34.17 13.91 -32.88
N GLU A 328 -34.22 14.17 -34.19
CA GLU A 328 -34.28 15.55 -34.67
C GLU A 328 -35.54 16.25 -34.20
N ASN A 329 -36.69 15.58 -34.29
CA ASN A 329 -37.95 16.19 -33.86
C ASN A 329 -37.91 16.50 -32.37
N SER A 330 -37.37 15.58 -31.56
CA SER A 330 -37.22 15.85 -30.14
C SER A 330 -36.28 17.03 -29.90
N LYS A 331 -35.21 17.14 -30.70
CA LYS A 331 -34.31 18.28 -30.57
C LYS A 331 -35.03 19.59 -30.86
N LYS A 332 -35.88 19.61 -31.88
CA LYS A 332 -36.68 20.81 -32.14
C LYS A 332 -37.59 21.15 -30.96
N ASN A 333 -37.95 20.15 -30.15
CA ASN A 333 -38.76 20.35 -28.96
C ASN A 333 -37.92 20.46 -27.69
N SER A 334 -36.60 20.55 -27.81
CA SER A 334 -35.70 20.67 -26.67
C SER A 334 -35.76 19.44 -25.77
N PHE A 335 -36.16 18.30 -26.31
CA PHE A 335 -36.22 17.04 -25.59
C PHE A 335 -37.03 17.19 -24.30
N LYS A 336 -38.17 17.87 -24.42
CA LYS A 336 -39.10 18.05 -23.30
C LYS A 336 -40.47 17.45 -23.53
N HIS A 337 -40.87 17.22 -24.78
CA HIS A 337 -42.20 16.68 -25.08
C HIS A 337 -42.09 15.17 -25.28
N ALA A 338 -42.17 14.45 -24.16
CA ALA A 338 -42.14 13.00 -24.20
C ALA A 338 -43.31 12.48 -25.04
N GLY A 339 -43.01 11.56 -25.95
CA GLY A 339 -43.99 11.01 -26.85
C GLY A 339 -44.75 9.84 -26.26
N LYS A 340 -45.41 9.09 -27.15
CA LYS A 340 -46.17 7.92 -26.71
C LYS A 340 -45.26 6.91 -26.03
N ASP A 341 -44.09 6.65 -26.62
CA ASP A 341 -43.15 5.72 -26.01
C ASP A 341 -42.45 6.33 -24.81
N GLY A 342 -42.40 7.66 -24.74
CA GLY A 342 -41.70 8.35 -23.68
C GLY A 342 -40.21 8.51 -23.89
N SER A 343 -39.73 8.35 -25.14
CA SER A 343 -38.32 8.42 -25.45
C SER A 343 -37.87 9.82 -25.85
N GLY A 344 -38.77 10.81 -25.76
CA GLY A 344 -38.46 12.17 -26.15
C GLY A 344 -37.77 13.00 -25.09
N VAL A 345 -37.44 12.41 -23.95
CA VAL A 345 -36.78 13.13 -22.87
C VAL A 345 -35.38 12.56 -22.66
N PHE A 346 -34.81 11.98 -23.71
CA PHE A 346 -33.50 11.34 -23.64
C PHE A 346 -32.68 11.74 -24.85
N ARG A 347 -31.51 12.32 -24.62
CA ARG A 347 -30.58 12.64 -25.69
C ARG A 347 -29.62 11.50 -26.00
N ALA A 348 -29.64 10.43 -25.22
CA ALA A 348 -28.77 9.29 -25.42
C ALA A 348 -29.48 8.02 -24.98
N ALA A 349 -29.02 6.89 -25.50
CA ALA A 349 -29.57 5.59 -25.18
C ALA A 349 -28.46 4.67 -24.68
N MET A 350 -28.81 3.79 -23.74
CA MET A 350 -27.87 2.87 -23.13
C MET A 350 -28.41 1.45 -23.34
N LEU A 351 -27.71 0.67 -24.15
CA LEU A 351 -28.08 -0.72 -24.43
C LEU A 351 -27.31 -1.64 -23.50
N TYR A 352 -28.02 -2.54 -22.83
CA TYR A 352 -27.37 -3.48 -21.92
C TYR A 352 -27.96 -4.87 -22.09
N GLY A 353 -27.13 -5.88 -21.80
CA GLY A 353 -27.52 -7.26 -21.92
C GLY A 353 -26.31 -8.18 -21.81
N PRO A 354 -26.55 -9.48 -21.73
CA PRO A 354 -25.45 -10.44 -21.59
C PRO A 354 -24.60 -10.47 -22.86
N PRO A 355 -23.39 -11.04 -22.78
CA PRO A 355 -22.50 -11.04 -23.94
C PRO A 355 -23.06 -11.85 -25.09
N GLY A 356 -22.69 -11.45 -26.31
CA GLY A 356 -23.01 -12.21 -27.50
C GLY A 356 -24.49 -12.35 -27.80
N ILE A 357 -25.24 -11.25 -27.74
CA ILE A 357 -26.66 -11.26 -28.04
C ILE A 357 -27.04 -10.34 -29.20
N GLY A 358 -26.14 -9.46 -29.63
CA GLY A 358 -26.41 -8.63 -30.80
C GLY A 358 -26.63 -7.17 -30.47
N LYS A 359 -25.93 -6.66 -29.46
CA LYS A 359 -26.08 -5.25 -29.10
C LYS A 359 -25.30 -4.35 -30.06
N THR A 360 -24.02 -4.62 -30.24
CA THR A 360 -23.20 -3.80 -31.13
C THR A 360 -23.71 -3.87 -32.57
N THR A 361 -24.07 -5.06 -33.03
CA THR A 361 -24.59 -5.20 -34.39
C THR A 361 -25.88 -4.40 -34.55
N ALA A 362 -26.78 -4.48 -33.57
CA ALA A 362 -28.03 -3.75 -33.65
C ALA A 362 -27.77 -2.25 -33.68
N ALA A 363 -26.87 -1.77 -32.82
CA ALA A 363 -26.56 -0.34 -32.79
C ALA A 363 -26.00 0.13 -34.13
N HIS A 364 -25.03 -0.59 -34.67
CA HIS A 364 -24.43 -0.19 -35.94
C HIS A 364 -25.47 -0.21 -37.06
N LEU A 365 -26.30 -1.25 -37.10
CA LEU A 365 -27.29 -1.37 -38.17
C LEU A 365 -28.33 -0.26 -38.07
N VAL A 366 -28.77 0.07 -36.87
CA VAL A 366 -29.77 1.13 -36.71
C VAL A 366 -29.16 2.48 -37.07
N ALA A 367 -27.88 2.68 -36.71
CA ALA A 367 -27.22 3.92 -37.08
C ALA A 367 -27.09 4.05 -38.60
N GLN A 368 -26.75 2.95 -39.28
CA GLN A 368 -26.56 3.00 -40.73
C GLN A 368 -27.89 3.14 -41.46
N GLU A 369 -28.95 2.49 -40.96
CA GLU A 369 -30.22 2.50 -41.68
C GLU A 369 -30.81 3.90 -41.78
N LEU A 370 -30.73 4.68 -40.72
CA LEU A 370 -31.28 6.03 -40.71
C LEU A 370 -30.39 7.03 -41.42
N GLY A 371 -29.18 6.64 -41.81
CA GLY A 371 -28.31 7.51 -42.58
C GLY A 371 -27.55 8.51 -41.74
N TYR A 372 -26.75 8.02 -40.78
CA TYR A 372 -25.89 8.85 -39.96
C TYR A 372 -24.45 8.35 -40.05
N ASP A 373 -23.53 9.29 -39.86
CA ASP A 373 -22.12 8.93 -39.73
C ASP A 373 -21.84 8.46 -38.30
N ILE A 374 -21.04 7.41 -38.19
CA ILE A 374 -20.81 6.72 -36.93
C ILE A 374 -19.39 6.98 -36.46
N LEU A 375 -19.26 7.46 -35.22
CA LEU A 375 -17.97 7.64 -34.56
C LEU A 375 -17.97 6.66 -33.39
N GLU A 376 -17.14 5.62 -33.50
CA GLU A 376 -17.15 4.52 -32.54
C GLU A 376 -15.90 4.59 -31.66
N GLN A 377 -16.11 4.43 -30.36
CA GLN A 377 -15.05 4.32 -29.38
C GLN A 377 -15.27 3.06 -28.56
N ASN A 378 -14.16 2.47 -28.08
CA ASN A 378 -14.21 1.21 -27.37
C ASN A 378 -13.11 1.19 -26.33
N ALA A 379 -12.90 0.02 -25.72
CA ALA A 379 -11.90 -0.14 -24.67
C ALA A 379 -10.47 -0.15 -25.20
N SER A 380 -10.28 -0.37 -26.50
CA SER A 380 -8.95 -0.34 -27.09
C SER A 380 -8.42 1.08 -27.27
N ASP A 381 -9.23 2.09 -27.03
CA ASP A 381 -8.83 3.48 -27.10
C ASP A 381 -8.82 4.09 -25.71
N VAL A 382 -8.02 5.14 -25.53
CA VAL A 382 -7.92 5.83 -24.26
C VAL A 382 -9.12 6.77 -24.14
N ARG A 383 -9.91 6.58 -23.09
CA ARG A 383 -11.09 7.40 -22.87
C ARG A 383 -11.10 8.00 -21.47
N SER A 384 -9.95 8.52 -21.04
CA SER A 384 -9.87 9.17 -19.74
C SER A 384 -10.54 10.54 -19.80
N LYS A 385 -10.54 11.22 -18.64
CA LYS A 385 -11.17 12.53 -18.57
C LYS A 385 -10.57 13.50 -19.57
N THR A 386 -9.25 13.62 -19.58
CA THR A 386 -8.60 14.57 -20.48
C THR A 386 -8.77 14.16 -21.94
N LEU A 387 -8.57 12.87 -22.25
CA LEU A 387 -8.72 12.41 -23.63
C LEU A 387 -10.15 12.60 -24.10
N LEU A 388 -11.14 12.27 -23.25
CA LEU A 388 -12.53 12.46 -23.64
C LEU A 388 -12.84 13.93 -23.85
N ASN A 389 -12.33 14.81 -22.99
CA ASN A 389 -12.55 16.25 -23.14
C ASN A 389 -11.84 16.83 -24.35
N ALA A 390 -10.77 16.20 -24.83
CA ALA A 390 -10.05 16.66 -26.01
C ALA A 390 -10.48 15.96 -27.28
N GLY A 391 -11.31 14.91 -27.19
CA GLY A 391 -11.71 14.14 -28.35
C GLY A 391 -13.18 14.29 -28.69
N VAL A 392 -13.98 13.30 -28.29
CA VAL A 392 -15.40 13.27 -28.64
C VAL A 392 -16.11 14.53 -28.17
N LYS A 393 -15.54 15.24 -27.20
CA LYS A 393 -16.17 16.46 -26.72
C LYS A 393 -16.40 17.44 -27.86
N ASN A 394 -15.41 17.62 -28.73
CA ASN A 394 -15.57 18.48 -29.89
C ASN A 394 -16.54 17.88 -30.91
N ALA A 395 -16.53 16.55 -31.06
CA ALA A 395 -17.42 15.92 -32.04
C ALA A 395 -18.88 16.00 -31.62
N LEU A 396 -19.15 16.24 -30.34
CA LEU A 396 -20.53 16.34 -29.88
C LEU A 396 -21.33 17.39 -30.65
N ASP A 397 -20.68 18.47 -31.08
CA ASP A 397 -21.36 19.56 -31.77
C ASP A 397 -20.62 20.00 -33.04
N ASN A 398 -20.04 19.06 -33.77
CA ASN A 398 -19.27 19.36 -34.96
C ASN A 398 -19.82 18.58 -36.15
N MET A 399 -19.73 19.20 -37.33
CA MET A 399 -20.16 18.57 -38.57
C MET A 399 -19.16 17.49 -38.99
N SER A 400 -19.67 16.50 -39.71
CA SER A 400 -18.85 15.40 -40.21
C SER A 400 -18.31 15.74 -41.59
N VAL A 401 -16.98 15.76 -41.73
CA VAL A 401 -16.37 16.01 -43.03
C VAL A 401 -16.65 14.87 -43.98
N VAL A 402 -16.64 13.63 -43.47
CA VAL A 402 -16.96 12.48 -44.32
C VAL A 402 -18.40 12.59 -44.82
N GLY A 403 -19.32 12.99 -43.93
CA GLY A 403 -20.70 13.18 -44.32
C GLY A 403 -20.85 14.24 -45.39
N TYR A 404 -20.16 15.36 -45.23
CA TYR A 404 -20.24 16.43 -46.22
C TYR A 404 -19.70 15.98 -47.57
N PHE A 405 -18.57 15.27 -47.57
CA PHE A 405 -17.92 14.86 -48.81
C PHE A 405 -18.51 13.59 -49.40
N LYS A 406 -19.46 12.96 -48.71
CA LYS A 406 -20.14 11.78 -49.23
C LYS A 406 -21.61 12.05 -49.54
N HIS A 407 -21.99 13.33 -49.64
CA HIS A 407 -23.37 13.70 -49.93
C HIS A 407 -23.46 14.42 -51.27
N ASN A 413 -28.96 11.87 -48.00
CA ASN A 413 -29.84 11.95 -46.83
C ASN A 413 -29.64 13.28 -46.12
N LEU A 414 -30.61 13.63 -45.26
CA LEU A 414 -30.55 14.85 -44.47
C LEU A 414 -29.87 14.65 -43.13
N ASN A 415 -29.45 13.43 -42.81
CA ASN A 415 -28.79 13.13 -41.54
C ASN A 415 -27.38 12.61 -41.72
N GLY A 416 -26.84 12.59 -42.93
CA GLY A 416 -25.51 12.08 -43.19
C GLY A 416 -24.39 12.98 -42.75
N LYS A 417 -24.68 14.25 -42.43
CA LYS A 417 -23.66 15.19 -41.99
C LYS A 417 -23.52 15.25 -40.47
N HIS A 418 -24.29 14.46 -39.73
CA HIS A 418 -24.23 14.43 -38.28
C HIS A 418 -23.62 13.12 -37.80
N PHE A 419 -23.22 13.11 -36.53
CA PHE A 419 -22.54 11.97 -35.92
C PHE A 419 -23.50 11.20 -35.03
N VAL A 420 -23.37 9.88 -35.07
CA VAL A 420 -24.02 8.99 -34.11
C VAL A 420 -22.90 8.35 -33.30
N ILE A 421 -22.60 8.95 -32.15
CA ILE A 421 -21.47 8.52 -31.32
C ILE A 421 -21.89 7.25 -30.60
N ILE A 422 -21.18 6.15 -30.87
CA ILE A 422 -21.45 4.86 -30.26
C ILE A 422 -20.27 4.53 -29.36
N MET A 423 -20.47 4.68 -28.05
CA MET A 423 -19.44 4.34 -27.07
C MET A 423 -19.66 2.91 -26.61
N ASP A 424 -18.79 2.00 -27.04
CA ASP A 424 -18.90 0.58 -26.73
C ASP A 424 -18.00 0.22 -25.56
N GLU A 425 -18.37 -0.85 -24.86
CA GLU A 425 -17.60 -1.35 -23.73
C GLU A 425 -17.38 -0.26 -22.69
N VAL A 426 -18.43 0.51 -22.41
CA VAL A 426 -18.34 1.56 -21.41
C VAL A 426 -18.06 0.95 -20.03
N ASP A 427 -18.63 -0.22 -19.76
CA ASP A 427 -18.38 -0.88 -18.48
C ASP A 427 -16.90 -1.21 -18.29
N GLY A 428 -16.13 -1.31 -19.37
CA GLY A 428 -14.71 -1.58 -19.25
C GLY A 428 -13.89 -0.40 -18.79
N MET A 429 -14.46 0.80 -18.83
CA MET A 429 -13.74 1.98 -18.37
C MET A 429 -13.42 1.85 -16.88
N SER A 430 -12.21 2.27 -16.52
CA SER A 430 -11.72 2.17 -15.14
C SER A 430 -11.50 3.56 -14.58
N GLY A 431 -11.99 3.79 -13.36
CA GLY A 431 -11.82 5.06 -12.69
C GLY A 431 -13.14 5.66 -12.22
N GLY A 432 -13.07 6.53 -11.21
CA GLY A 432 -14.25 7.17 -10.68
C GLY A 432 -14.35 8.62 -11.10
N ASP A 433 -13.20 9.31 -11.15
CA ASP A 433 -13.15 10.70 -11.59
C ASP A 433 -12.29 10.83 -12.84
N ARG A 434 -11.09 10.24 -12.80
CA ARG A 434 -10.20 10.30 -13.96
C ARG A 434 -10.62 9.33 -15.05
N GLY A 435 -11.42 8.31 -14.73
CA GLY A 435 -11.84 7.36 -15.73
C GLY A 435 -12.64 7.99 -16.85
N GLY A 436 -13.45 9.01 -16.52
CA GLY A 436 -14.28 9.69 -17.50
C GLY A 436 -15.71 9.21 -17.56
N VAL A 437 -16.11 8.27 -16.70
CA VAL A 437 -17.49 7.81 -16.71
C VAL A 437 -18.44 8.95 -16.38
N GLY A 438 -18.10 9.72 -15.35
CA GLY A 438 -18.91 10.89 -15.03
C GLY A 438 -18.87 11.93 -16.13
N GLN A 439 -17.71 12.08 -16.79
CA GLN A 439 -17.61 13.00 -17.92
C GLN A 439 -18.50 12.54 -19.07
N LEU A 440 -18.55 11.23 -19.31
CA LEU A 440 -19.45 10.71 -20.33
C LEU A 440 -20.90 10.92 -19.94
N ALA A 441 -21.22 10.78 -18.65
CA ALA A 441 -22.59 11.05 -18.20
C ALA A 441 -22.96 12.50 -18.44
N GLN A 442 -22.03 13.43 -18.16
CA GLN A 442 -22.29 14.84 -18.43
C GLN A 442 -22.45 15.09 -19.92
N PHE A 443 -21.60 14.43 -20.73
CA PHE A 443 -21.74 14.53 -22.19
C PHE A 443 -23.13 14.09 -22.62
N CYS A 444 -23.64 13.01 -22.03
CA CYS A 444 -24.99 12.54 -22.33
C CYS A 444 -26.02 13.64 -22.07
N ARG A 445 -25.81 14.46 -21.04
CA ARG A 445 -26.71 15.57 -20.75
C ARG A 445 -26.53 16.72 -21.73
N LYS A 446 -25.31 17.00 -22.16
CA LYS A 446 -25.03 18.15 -23.04
C LYS A 446 -24.75 17.74 -24.48
N THR A 447 -25.03 16.51 -24.86
CA THR A 447 -24.80 16.08 -26.24
C THR A 447 -25.79 16.77 -27.18
N SER A 448 -25.28 17.20 -28.33
CA SER A 448 -26.11 17.80 -29.37
C SER A 448 -26.42 16.84 -30.51
N THR A 449 -25.92 15.62 -30.46
CA THR A 449 -26.14 14.60 -31.47
C THR A 449 -26.44 13.28 -30.79
N PRO A 450 -27.05 12.34 -31.49
CA PRO A 450 -27.38 11.05 -30.87
C PRO A 450 -26.12 10.36 -30.34
N LEU A 451 -26.26 9.73 -29.17
CA LEU A 451 -25.17 9.04 -28.51
C LEU A 451 -25.69 7.75 -27.91
N ILE A 452 -25.05 6.64 -28.24
CA ILE A 452 -25.48 5.31 -27.83
C ILE A 452 -24.35 4.68 -27.00
N LEU A 453 -24.71 4.17 -25.82
CA LEU A 453 -23.77 3.48 -24.95
C LEU A 453 -24.14 2.01 -24.85
N ILE A 454 -23.12 1.15 -24.92
CA ILE A 454 -23.30 -0.29 -24.84
C ILE A 454 -22.46 -0.82 -23.70
N CYS A 455 -23.07 -1.62 -22.83
CA CYS A 455 -22.40 -2.20 -21.68
C CYS A 455 -22.97 -3.58 -21.40
N ASN A 456 -22.20 -4.40 -20.70
CA ASN A 456 -22.62 -5.75 -20.33
C ASN A 456 -23.07 -5.87 -18.88
N GLU A 457 -22.60 -5.00 -17.99
CA GLU A 457 -22.94 -5.03 -16.58
C GLU A 457 -23.53 -3.66 -16.20
N ARG A 458 -24.85 -3.52 -16.38
CA ARG A 458 -25.52 -2.26 -16.07
C ARG A 458 -25.51 -1.97 -14.57
N ASN A 459 -25.72 -2.98 -13.74
CA ASN A 459 -25.84 -2.78 -12.30
C ASN A 459 -24.47 -2.87 -11.64
N LEU A 460 -23.70 -1.79 -11.82
CA LEU A 460 -22.41 -1.64 -11.18
C LEU A 460 -22.29 -0.25 -10.55
N PRO A 461 -21.50 -0.09 -9.49
CA PRO A 461 -21.33 1.24 -8.91
C PRO A 461 -20.75 2.24 -9.90
N LYS A 462 -19.84 1.79 -10.78
CA LYS A 462 -19.22 2.69 -11.73
C LYS A 462 -20.22 3.22 -12.76
N MET A 463 -21.29 2.46 -13.04
CA MET A 463 -22.40 2.91 -13.87
C MET A 463 -23.45 3.69 -13.08
N ARG A 464 -23.18 4.05 -11.82
CA ARG A 464 -24.13 4.87 -11.09
C ARG A 464 -24.43 6.20 -11.78
N PRO A 465 -23.45 6.92 -12.32
CA PRO A 465 -23.76 8.22 -12.94
C PRO A 465 -24.76 8.13 -14.08
N PHE A 466 -24.89 6.97 -14.73
CA PHE A 466 -25.80 6.80 -15.85
C PHE A 466 -27.20 6.43 -15.42
N ASP A 467 -27.54 6.60 -14.14
CA ASP A 467 -28.83 6.15 -13.61
C ASP A 467 -30.01 6.64 -14.44
N ARG A 468 -30.19 7.95 -14.53
CA ARG A 468 -31.38 8.52 -15.16
C ARG A 468 -31.02 9.58 -16.19
N VAL A 469 -30.05 9.28 -17.05
CA VAL A 469 -29.66 10.20 -18.11
C VAL A 469 -29.81 9.60 -19.51
N CYS A 470 -30.04 8.30 -19.63
CA CYS A 470 -30.17 7.64 -20.93
C CYS A 470 -31.45 6.83 -20.97
N LEU A 471 -31.92 6.57 -22.19
CA LEU A 471 -33.02 5.63 -22.41
C LEU A 471 -32.46 4.22 -22.25
N ASP A 472 -32.90 3.52 -21.21
CA ASP A 472 -32.35 2.19 -20.92
C ASP A 472 -33.05 1.14 -21.76
N ILE A 473 -32.30 0.48 -22.63
CA ILE A 473 -32.81 -0.61 -23.46
C ILE A 473 -32.11 -1.89 -23.05
N GLN A 474 -32.89 -2.96 -22.89
CA GLN A 474 -32.41 -4.24 -22.42
C GLN A 474 -32.49 -5.27 -23.54
N PHE A 475 -31.40 -5.98 -23.78
CA PHE A 475 -31.37 -7.11 -24.68
C PHE A 475 -31.22 -8.38 -23.85
N ARG A 476 -32.16 -9.30 -24.00
CA ARG A 476 -32.20 -10.53 -23.22
C ARG A 476 -31.69 -11.70 -24.07
N ARG A 477 -31.40 -12.80 -23.38
CA ARG A 477 -30.84 -13.97 -24.03
C ARG A 477 -31.79 -14.47 -25.13
N PRO A 478 -31.31 -14.62 -26.37
CA PRO A 478 -32.22 -15.06 -27.44
C PRO A 478 -32.79 -16.44 -27.14
N ASP A 479 -34.04 -16.65 -27.54
CA ASP A 479 -34.67 -17.95 -27.39
C ASP A 479 -34.21 -18.90 -28.49
N ALA A 480 -34.41 -20.19 -28.24
CA ALA A 480 -33.95 -21.21 -29.19
C ALA A 480 -34.66 -21.11 -30.53
N ASN A 481 -35.97 -20.80 -30.52
CA ASN A 481 -36.74 -20.78 -31.76
C ASN A 481 -36.24 -19.68 -32.69
N SER A 482 -35.95 -18.50 -32.14
CA SER A 482 -35.54 -17.37 -32.97
C SER A 482 -34.23 -17.63 -33.71
N ILE A 483 -33.39 -18.52 -33.18
CA ILE A 483 -32.09 -18.82 -33.78
C ILE A 483 -32.04 -20.19 -34.43
N LYS A 484 -33.10 -20.99 -34.30
CA LYS A 484 -33.10 -22.34 -34.87
C LYS A 484 -32.93 -22.30 -36.38
N SER A 485 -33.66 -21.41 -37.06
CA SER A 485 -33.59 -21.33 -38.51
C SER A 485 -32.19 -20.93 -38.96
N ARG A 486 -31.58 -19.95 -38.28
CA ARG A 486 -30.24 -19.52 -38.65
C ARG A 486 -29.23 -20.62 -38.42
N LEU A 487 -29.36 -21.35 -37.32
CA LEU A 487 -28.44 -22.47 -37.08
C LEU A 487 -28.59 -23.54 -38.14
N MET A 488 -29.82 -23.85 -38.54
CA MET A 488 -30.03 -24.84 -39.60
C MET A 488 -29.44 -24.37 -40.91
N THR A 489 -29.61 -23.08 -41.23
CA THR A 489 -29.05 -22.53 -42.47
C THR A 489 -27.52 -22.62 -42.44
N ILE A 490 -26.91 -22.27 -41.32
CA ILE A 490 -25.46 -22.36 -41.21
C ILE A 490 -25.00 -23.80 -41.35
N ALA A 491 -25.71 -24.74 -40.73
CA ALA A 491 -25.34 -26.14 -40.80
C ALA A 491 -25.45 -26.70 -42.22
N ILE A 492 -26.51 -26.37 -42.95
CA ILE A 492 -26.66 -26.87 -44.32
C ILE A 492 -25.64 -26.18 -45.22
N ARG A 493 -25.30 -24.93 -44.92
CA ARG A 493 -24.29 -24.23 -45.71
C ARG A 493 -22.90 -24.82 -45.45
N GLU A 494 -22.59 -25.11 -44.19
CA GLU A 494 -21.28 -25.66 -43.84
C GLU A 494 -21.19 -27.15 -44.10
N LYS A 495 -22.29 -27.79 -44.49
CA LYS A 495 -22.26 -29.20 -44.90
C LYS A 495 -21.90 -30.13 -43.76
N PHE A 496 -22.62 -30.03 -42.65
CA PHE A 496 -22.52 -31.01 -41.57
C PHE A 496 -23.93 -31.27 -41.03
N LYS A 497 -24.09 -32.44 -40.40
CA LYS A 497 -25.39 -32.92 -39.96
C LYS A 497 -25.59 -32.59 -38.50
N LEU A 498 -26.68 -31.90 -38.19
CA LEU A 498 -27.06 -31.57 -36.83
C LEU A 498 -28.53 -31.92 -36.63
N ASP A 499 -28.81 -32.67 -35.58
CA ASP A 499 -30.20 -33.01 -35.25
C ASP A 499 -30.89 -31.79 -34.66
N PRO A 500 -32.05 -31.37 -35.17
CA PRO A 500 -32.72 -30.19 -34.59
C PRO A 500 -33.03 -30.33 -33.10
N ASN A 501 -33.20 -31.55 -32.60
CA ASN A 501 -33.58 -31.75 -31.21
C ASN A 501 -32.46 -31.42 -30.22
N VAL A 502 -31.20 -31.46 -30.66
CA VAL A 502 -30.10 -31.17 -29.74
C VAL A 502 -29.77 -29.68 -29.71
N ILE A 503 -30.49 -28.87 -30.49
CA ILE A 503 -30.21 -27.45 -30.59
C ILE A 503 -30.40 -26.79 -29.22
N ASP A 504 -31.49 -27.13 -28.55
CA ASP A 504 -31.80 -26.52 -27.25
C ASP A 504 -30.68 -26.78 -26.25
N ARG A 505 -30.12 -27.99 -26.27
CA ARG A 505 -29.03 -28.31 -25.36
C ARG A 505 -27.83 -27.43 -25.63
N LEU A 506 -27.49 -27.22 -26.90
CA LEU A 506 -26.36 -26.36 -27.24
C LEU A 506 -26.61 -24.92 -26.81
N ILE A 507 -27.82 -24.42 -27.03
CA ILE A 507 -28.15 -23.06 -26.61
C ILE A 507 -28.12 -22.89 -25.11
N GLN A 508 -28.55 -23.91 -24.35
CA GLN A 508 -28.41 -23.90 -22.90
C GLN A 508 -26.96 -24.00 -22.44
N THR A 509 -26.10 -24.68 -23.21
CA THR A 509 -24.70 -24.79 -22.85
C THR A 509 -24.02 -23.42 -22.83
N THR A 510 -24.30 -22.58 -23.82
CA THR A 510 -23.67 -21.27 -23.94
C THR A 510 -24.45 -20.17 -23.23
N ARG A 511 -25.55 -20.50 -22.56
CA ARG A 511 -26.36 -19.52 -21.85
C ARG A 511 -26.85 -18.42 -22.77
N GLY A 512 -27.26 -18.79 -23.99
CA GLY A 512 -27.84 -17.85 -24.94
C GLY A 512 -26.84 -17.13 -25.82
N ASP A 513 -25.55 -17.43 -25.71
CA ASP A 513 -24.54 -16.75 -26.52
C ASP A 513 -24.54 -17.32 -27.93
N ILE A 514 -25.03 -16.53 -28.90
CA ILE A 514 -25.06 -16.98 -30.29
C ILE A 514 -23.64 -17.12 -30.82
N ARG A 515 -22.77 -16.18 -30.50
CA ARG A 515 -21.39 -16.24 -30.99
C ARG A 515 -20.70 -17.50 -30.49
N GLN A 516 -20.90 -17.84 -29.22
CA GLN A 516 -20.31 -19.06 -28.67
C GLN A 516 -20.91 -20.30 -29.35
N VAL A 517 -22.19 -20.26 -29.68
CA VAL A 517 -22.83 -21.39 -30.35
C VAL A 517 -22.19 -21.60 -31.73
N ILE A 518 -21.99 -20.51 -32.46
CA ILE A 518 -21.39 -20.61 -33.79
C ILE A 518 -19.95 -21.10 -33.67
N ASN A 519 -19.21 -20.60 -32.68
CA ASN A 519 -17.84 -21.06 -32.48
C ASN A 519 -17.81 -22.55 -32.15
N LEU A 520 -18.74 -23.01 -31.31
CA LEU A 520 -18.82 -24.44 -30.99
C LEU A 520 -19.10 -25.25 -32.23
N LEU A 521 -20.05 -24.81 -33.05
CA LEU A 521 -20.34 -25.51 -34.30
C LEU A 521 -19.09 -25.61 -35.16
N SER A 522 -18.40 -24.48 -35.34
CA SER A 522 -17.21 -24.47 -36.19
C SER A 522 -16.14 -25.41 -35.65
N THR A 523 -15.91 -25.40 -34.34
CA THR A 523 -14.87 -26.23 -33.77
C THR A 523 -15.21 -27.71 -33.89
N ILE A 524 -16.45 -28.09 -33.53
CA ILE A 524 -16.82 -29.50 -33.53
C ILE A 524 -16.89 -30.05 -34.94
N SER A 525 -17.35 -29.24 -35.90
CA SER A 525 -17.53 -29.75 -37.26
C SER A 525 -16.20 -30.11 -37.92
N THR A 526 -15.07 -29.69 -37.35
CA THR A 526 -13.78 -30.01 -37.96
C THR A 526 -13.56 -31.51 -38.02
N THR A 527 -13.88 -32.23 -36.94
CA THR A 527 -13.69 -33.68 -36.89
C THR A 527 -15.02 -34.41 -36.76
N THR A 528 -15.86 -34.04 -35.79
CA THR A 528 -17.16 -34.68 -35.62
C THR A 528 -18.14 -34.04 -36.61
N LYS A 529 -18.46 -34.77 -37.67
CA LYS A 529 -19.34 -34.27 -38.72
C LYS A 529 -20.82 -34.46 -38.40
N THR A 530 -21.15 -35.14 -37.31
CA THR A 530 -22.54 -35.38 -36.93
C THR A 530 -22.73 -34.96 -35.48
N ILE A 531 -23.73 -34.10 -35.24
CA ILE A 531 -24.10 -33.66 -33.90
C ILE A 531 -25.47 -34.27 -33.63
N ASN A 532 -25.52 -35.20 -32.67
CA ASN A 532 -26.73 -35.93 -32.36
C ASN A 532 -26.77 -36.23 -30.87
N HIS A 533 -27.81 -36.95 -30.45
CA HIS A 533 -27.93 -37.34 -29.05
C HIS A 533 -26.84 -38.31 -28.62
N GLU A 534 -26.13 -38.91 -29.58
CA GLU A 534 -25.09 -39.86 -29.23
C GLU A 534 -23.86 -39.19 -28.65
N ASN A 535 -23.69 -37.89 -28.91
CA ASN A 535 -22.52 -37.15 -28.45
C ASN A 535 -22.88 -35.77 -27.88
N ILE A 536 -24.17 -35.50 -27.65
CA ILE A 536 -24.56 -34.18 -27.16
C ILE A 536 -24.04 -33.96 -25.74
N ASN A 537 -24.05 -35.01 -24.90
CA ASN A 537 -23.65 -34.84 -23.51
C ASN A 537 -22.19 -34.43 -23.40
N GLU A 538 -21.31 -35.10 -24.14
CA GLU A 538 -19.89 -34.78 -24.07
C GLU A 538 -19.62 -33.37 -24.58
N ILE A 539 -20.27 -32.99 -25.69
CA ILE A 539 -20.08 -31.66 -26.23
C ILE A 539 -20.55 -30.61 -25.24
N SER A 540 -21.71 -30.83 -24.62
CA SER A 540 -22.24 -29.88 -23.64
C SER A 540 -21.30 -29.75 -22.46
N LYS A 541 -20.80 -30.87 -21.94
CA LYS A 541 -19.91 -30.82 -20.79
C LYS A 541 -18.60 -30.12 -21.13
N ALA A 542 -18.02 -30.42 -22.30
CA ALA A 542 -16.75 -29.83 -22.67
C ALA A 542 -16.86 -28.32 -22.85
N TRP A 543 -17.94 -27.87 -23.50
CA TRP A 543 -18.11 -26.46 -23.83
C TRP A 543 -19.06 -25.75 -22.87
N GLU A 544 -19.16 -26.20 -21.63
CA GLU A 544 -20.05 -25.61 -20.65
C GLU A 544 -19.40 -24.36 -20.07
N LYS A 545 -20.01 -23.20 -20.29
CA LYS A 545 -19.49 -21.96 -19.74
C LYS A 545 -19.50 -22.00 -18.22
N ASN A 546 -18.45 -21.48 -17.61
CA ASN A 546 -18.30 -21.41 -16.16
C ASN A 546 -18.39 -19.93 -15.77
N ILE A 547 -19.61 -19.46 -15.52
CA ILE A 547 -19.88 -18.07 -15.18
C ILE A 547 -20.17 -17.97 -13.69
N ALA A 548 -19.51 -17.03 -13.03
CA ALA A 548 -19.69 -16.84 -11.60
C ALA A 548 -21.11 -16.35 -11.32
N LEU A 549 -21.74 -16.89 -10.28
CA LEU A 549 -23.08 -16.48 -9.92
C LEU A 549 -23.06 -15.10 -9.26
N LYS A 550 -24.23 -14.48 -9.21
CA LYS A 550 -24.42 -13.18 -8.59
C LYS A 550 -24.93 -13.35 -7.16
N PRO A 551 -24.76 -12.32 -6.31
CA PRO A 551 -25.14 -12.46 -4.90
C PRO A 551 -26.46 -13.16 -4.65
N PHE A 552 -27.52 -12.76 -5.36
CA PHE A 552 -28.82 -13.39 -5.15
C PHE A 552 -28.78 -14.87 -5.52
N ASP A 553 -28.19 -15.20 -6.67
CA ASP A 553 -28.10 -16.60 -7.08
C ASP A 553 -27.23 -17.40 -6.11
N ILE A 554 -26.13 -16.79 -5.64
CA ILE A 554 -25.26 -17.47 -4.68
C ILE A 554 -26.03 -17.78 -3.40
N ALA A 555 -26.80 -16.80 -2.91
CA ALA A 555 -27.59 -17.02 -1.70
C ALA A 555 -28.63 -18.10 -1.93
N HIS A 556 -29.30 -18.08 -3.08
CA HIS A 556 -30.32 -19.09 -3.37
C HIS A 556 -29.72 -20.48 -3.38
N LYS A 557 -28.58 -20.66 -4.07
CA LYS A 557 -27.98 -21.98 -4.17
C LYS A 557 -27.41 -22.43 -2.83
N MET A 558 -26.80 -21.52 -2.07
CA MET A 558 -26.18 -21.90 -0.81
C MET A 558 -27.21 -22.37 0.21
N LEU A 559 -28.40 -21.75 0.20
CA LEU A 559 -29.45 -22.06 1.17
C LEU A 559 -30.41 -23.14 0.67
N ASP A 560 -29.97 -23.98 -0.27
CA ASP A 560 -30.78 -25.08 -0.78
C ASP A 560 -30.38 -26.36 -0.04
N GLY A 561 -31.37 -27.05 0.52
CA GLY A 561 -31.08 -28.24 1.30
C GLY A 561 -30.60 -29.40 0.45
N GLN A 562 -30.96 -29.43 -0.84
CA GLN A 562 -30.63 -30.57 -1.68
C GLN A 562 -29.12 -30.82 -1.72
N ILE A 563 -28.34 -29.76 -1.87
CA ILE A 563 -26.88 -29.91 -1.95
C ILE A 563 -26.27 -30.37 -0.64
N TYR A 564 -27.00 -30.29 0.47
CA TYR A 564 -26.50 -30.71 1.77
C TYR A 564 -26.90 -32.13 2.13
N SER A 565 -27.62 -32.83 1.26
CA SER A 565 -27.93 -34.22 1.48
C SER A 565 -26.77 -35.10 1.05
N ASP A 566 -26.87 -36.39 1.36
CA ASP A 566 -25.78 -37.32 1.00
C ASP A 566 -25.56 -37.34 -0.51
N ILE A 567 -26.61 -37.54 -1.28
CA ILE A 567 -26.48 -37.55 -2.74
C ILE A 567 -26.06 -36.17 -3.24
N GLY A 568 -26.70 -35.12 -2.72
CA GLY A 568 -26.32 -33.77 -3.12
C GLY A 568 -24.90 -33.42 -2.74
N SER A 569 -24.47 -33.82 -1.53
CA SER A 569 -23.10 -33.59 -1.12
C SER A 569 -22.11 -34.33 -2.01
N ARG A 570 -22.42 -35.57 -2.38
CA ARG A 570 -21.56 -36.31 -3.29
C ARG A 570 -21.56 -35.75 -4.71
N ASN A 571 -22.62 -35.05 -5.11
CA ASN A 571 -22.67 -34.38 -6.40
C ASN A 571 -22.09 -32.98 -6.33
N PHE A 572 -22.62 -32.15 -5.44
CA PHE A 572 -22.08 -30.81 -5.19
C PHE A 572 -21.21 -30.92 -3.94
N THR A 573 -19.90 -30.99 -4.12
CA THR A 573 -18.98 -31.29 -3.04
C THR A 573 -18.70 -30.05 -2.20
N LEU A 574 -18.01 -30.26 -1.08
CA LEU A 574 -17.64 -29.15 -0.21
C LEU A 574 -16.72 -28.17 -0.93
N ASN A 575 -15.81 -28.68 -1.78
CA ASN A 575 -14.95 -27.78 -2.55
C ASN A 575 -15.78 -26.90 -3.47
N ASP A 576 -16.81 -27.45 -4.10
CA ASP A 576 -17.69 -26.65 -4.94
C ASP A 576 -18.41 -25.59 -4.12
N LYS A 577 -18.87 -25.94 -2.92
CA LYS A 577 -19.54 -24.96 -2.06
C LYS A 577 -18.58 -23.84 -1.67
N ILE A 578 -17.33 -24.17 -1.33
CA ILE A 578 -16.36 -23.14 -0.99
C ILE A 578 -16.07 -22.26 -2.19
N ALA A 579 -15.93 -22.86 -3.38
CA ALA A 579 -15.70 -22.06 -4.58
C ALA A 579 -16.86 -21.12 -4.87
N LEU A 580 -18.10 -21.58 -4.63
CA LEU A 580 -19.26 -20.72 -4.82
C LEU A 580 -19.15 -19.45 -3.98
N TYR A 581 -18.56 -19.54 -2.78
CA TYR A 581 -18.36 -18.36 -1.97
C TYR A 581 -17.38 -17.39 -2.62
N PHE A 582 -16.37 -17.91 -3.30
CA PHE A 582 -15.33 -17.07 -3.90
C PHE A 582 -15.80 -16.35 -5.16
N ASP A 583 -16.99 -16.68 -5.68
CA ASP A 583 -17.53 -15.90 -6.79
C ASP A 583 -17.70 -14.44 -6.39
N ASP A 584 -18.17 -14.18 -5.18
CA ASP A 584 -18.18 -12.84 -4.61
C ASP A 584 -17.96 -12.93 -3.11
N PHE A 585 -16.71 -12.82 -2.66
CA PHE A 585 -16.40 -13.02 -1.25
C PHE A 585 -16.76 -11.79 -0.41
N ASP A 586 -17.04 -10.66 -1.04
CA ASP A 586 -17.37 -9.44 -0.30
C ASP A 586 -18.85 -9.34 0.05
N PHE A 587 -19.72 -10.07 -0.67
CA PHE A 587 -21.16 -9.99 -0.46
C PHE A 587 -21.80 -11.28 0.00
N THR A 588 -21.16 -12.43 -0.26
CA THR A 588 -21.76 -13.71 0.13
C THR A 588 -22.02 -13.81 1.63
N PRO A 589 -21.07 -13.51 2.52
CA PRO A 589 -21.39 -13.58 3.96
C PRO A 589 -22.53 -12.66 4.35
N LEU A 590 -22.59 -11.46 3.77
CA LEU A 590 -23.70 -10.55 4.07
C LEU A 590 -25.02 -11.12 3.62
N MET A 591 -25.08 -11.70 2.41
CA MET A 591 -26.32 -12.30 1.94
C MET A 591 -26.74 -13.46 2.83
N ILE A 592 -25.78 -14.30 3.23
CA ILE A 592 -26.12 -15.42 4.10
C ILE A 592 -26.67 -14.92 5.43
N GLN A 593 -26.00 -13.93 6.04
CA GLN A 593 -26.49 -13.40 7.31
C GLN A 593 -27.86 -12.75 7.15
N GLU A 594 -28.14 -12.18 5.99
CA GLU A 594 -29.43 -11.55 5.76
C GLU A 594 -30.55 -12.55 5.55
N ASN A 595 -30.27 -13.67 4.88
CA ASN A 595 -31.31 -14.58 4.44
C ASN A 595 -31.28 -15.94 5.14
N TYR A 596 -30.57 -16.07 6.27
CA TYR A 596 -30.54 -17.35 6.96
C TYR A 596 -31.67 -17.51 7.97
N LEU A 597 -32.52 -16.50 8.14
CA LEU A 597 -33.66 -16.57 9.03
C LEU A 597 -34.99 -16.65 8.27
N SER A 598 -34.95 -16.78 6.95
CA SER A 598 -36.14 -16.73 6.11
C SER A 598 -36.30 -18.03 5.31
N THR A 599 -36.13 -19.17 5.97
CA THR A 599 -36.18 -20.46 5.31
C THR A 599 -37.03 -21.44 6.11
N ARG A 600 -37.61 -22.40 5.39
CA ARG A 600 -38.17 -23.61 5.99
C ARG A 600 -37.09 -24.67 5.84
N PRO A 601 -36.37 -25.02 6.92
CA PRO A 601 -35.26 -25.96 6.78
C PRO A 601 -35.72 -27.35 6.38
N SER A 602 -34.85 -28.05 5.65
CA SER A 602 -35.07 -29.45 5.31
C SER A 602 -33.94 -30.35 5.80
N VAL A 603 -33.05 -29.84 6.65
CA VAL A 603 -31.89 -30.57 7.15
C VAL A 603 -31.87 -30.65 8.67
N LEU A 604 -32.98 -30.33 9.32
CA LEU A 604 -33.02 -30.34 10.78
C LEU A 604 -32.70 -31.74 11.31
N LYS A 605 -31.80 -31.80 12.29
CA LYS A 605 -31.49 -33.06 12.95
C LYS A 605 -32.68 -33.50 13.80
N PRO A 606 -32.81 -34.80 14.05
CA PRO A 606 -33.93 -35.28 14.88
C PRO A 606 -33.89 -34.64 16.25
N GLY A 607 -35.05 -34.15 16.69
CA GLY A 607 -35.17 -33.48 17.97
C GLY A 607 -34.66 -32.06 18.00
N GLN A 608 -34.29 -31.50 16.85
CA GLN A 608 -33.77 -30.13 16.77
C GLN A 608 -34.81 -29.23 16.13
N SER A 609 -35.06 -28.08 16.76
CA SER A 609 -36.01 -27.13 16.22
C SER A 609 -35.30 -26.11 15.32
N HIS A 610 -36.10 -25.33 14.60
CA HIS A 610 -35.55 -24.31 13.72
C HIS A 610 -34.76 -23.27 14.50
N LEU A 611 -35.24 -22.90 15.69
CA LEU A 611 -34.58 -21.87 16.47
C LEU A 611 -33.17 -22.30 16.90
N GLU A 612 -33.01 -23.57 17.27
CA GLU A 612 -31.70 -24.05 17.67
C GLU A 612 -30.71 -23.97 16.52
N ALA A 613 -31.12 -24.40 15.33
CA ALA A 613 -30.25 -24.30 14.16
C ALA A 613 -29.92 -22.84 13.85
N VAL A 614 -30.91 -21.96 14.00
CA VAL A 614 -30.67 -20.53 13.79
C VAL A 614 -29.63 -20.02 14.77
N ALA A 615 -29.71 -20.45 16.03
CA ALA A 615 -28.75 -20.01 17.03
C ALA A 615 -27.34 -20.51 16.70
N GLU A 616 -27.21 -21.77 16.29
CA GLU A 616 -25.90 -22.28 15.90
C GLU A 616 -25.34 -21.51 14.70
N ALA A 617 -26.20 -21.23 13.71
CA ALA A 617 -25.75 -20.47 12.55
C ALA A 617 -25.30 -19.08 12.97
N ALA A 618 -26.02 -18.44 13.88
CA ALA A 618 -25.64 -17.11 14.35
C ALA A 618 -24.30 -17.15 15.08
N ASN A 619 -24.08 -18.18 15.89
CA ASN A 619 -22.80 -18.32 16.58
C ASN A 619 -21.65 -18.46 15.58
N CYS A 620 -21.85 -19.30 14.56
CA CYS A 620 -20.81 -19.46 13.55
C CYS A 620 -20.61 -18.17 12.76
N ILE A 621 -21.68 -17.41 12.55
CA ILE A 621 -21.57 -16.14 11.85
C ILE A 621 -20.76 -15.15 12.68
N SER A 622 -20.95 -15.17 14.00
CA SER A 622 -20.13 -14.33 14.87
C SER A 622 -18.66 -14.72 14.80
N LEU A 623 -18.38 -16.02 14.80
CA LEU A 623 -16.99 -16.47 14.65
C LEU A 623 -16.42 -16.04 13.30
N GLY A 624 -17.22 -16.14 12.24
CA GLY A 624 -16.76 -15.68 10.94
C GLY A 624 -16.50 -14.19 10.90
N ASP A 625 -17.32 -13.42 11.63
CA ASP A 625 -17.06 -11.99 11.74
C ASP A 625 -15.75 -11.71 12.45
N ILE A 626 -15.44 -12.47 13.50
CA ILE A 626 -14.15 -12.33 14.16
C ILE A 626 -13.02 -12.64 13.19
N VAL A 627 -13.17 -13.71 12.40
CA VAL A 627 -12.14 -14.06 11.43
C VAL A 627 -11.99 -12.95 10.39
N GLU A 628 -13.11 -12.37 9.95
CA GLU A 628 -13.05 -11.28 8.98
C GLU A 628 -12.31 -10.07 9.56
N LYS A 629 -12.59 -9.74 10.82
CA LYS A 629 -11.82 -8.68 11.47
C LYS A 629 -10.34 -9.01 11.48
N LYS A 630 -9.98 -10.26 11.75
CA LYS A 630 -8.57 -10.66 11.71
C LYS A 630 -7.97 -10.47 10.32
N ILE A 631 -8.73 -10.82 9.28
CA ILE A 631 -8.18 -10.82 7.92
C ILE A 631 -7.79 -9.41 7.49
N ARG A 632 -8.66 -8.43 7.74
CA ARG A 632 -8.48 -7.08 7.21
C ARG A 632 -7.74 -6.17 8.18
N SER A 633 -6.89 -6.73 9.04
CA SER A 633 -6.09 -5.96 9.97
C SER A 633 -4.75 -5.60 9.34
N SER A 634 -3.87 -4.98 10.14
CA SER A 634 -2.56 -4.60 9.64
C SER A 634 -1.75 -5.82 9.20
N GLU A 635 -1.98 -6.97 9.82
CA GLU A 635 -1.28 -8.19 9.45
C GLU A 635 -1.65 -8.67 8.05
N GLN A 636 -2.86 -8.36 7.58
CA GLN A 636 -3.31 -8.76 6.25
C GLN A 636 -3.22 -10.27 6.07
N LEU A 637 -3.92 -10.98 6.95
CA LEU A 637 -3.93 -12.44 6.95
C LEU A 637 -4.99 -12.93 5.97
N TRP A 638 -4.69 -12.75 4.68
CA TRP A 638 -5.61 -13.19 3.63
C TRP A 638 -5.61 -14.70 3.44
N SER A 639 -4.58 -15.39 3.93
CA SER A 639 -4.57 -16.85 3.83
C SER A 639 -5.71 -17.49 4.61
N LEU A 640 -6.34 -16.73 5.51
CA LEU A 640 -7.50 -17.21 6.26
C LEU A 640 -8.80 -17.07 5.47
N LEU A 641 -8.76 -16.54 4.25
CA LEU A 641 -9.99 -16.36 3.49
C LEU A 641 -10.79 -17.64 3.34
N PRO A 642 -10.19 -18.79 2.96
CA PRO A 642 -11.00 -20.01 2.85
C PRO A 642 -11.72 -20.38 4.13
N LEU A 643 -11.05 -20.28 5.29
CA LEU A 643 -11.70 -20.61 6.54
C LEU A 643 -12.94 -19.74 6.77
N HIS A 644 -12.79 -18.43 6.51
CA HIS A 644 -13.95 -17.54 6.59
C HIS A 644 -15.11 -18.09 5.76
N ALA A 645 -14.82 -18.55 4.54
CA ALA A 645 -15.87 -19.08 3.68
C ALA A 645 -16.67 -20.15 4.41
N VAL A 646 -15.98 -21.03 5.13
CA VAL A 646 -16.67 -22.08 5.87
C VAL A 646 -17.44 -21.50 7.04
N LEU A 647 -16.82 -20.55 7.77
CA LEU A 647 -17.41 -20.06 9.00
C LEU A 647 -18.56 -19.09 8.75
N SER A 648 -18.57 -18.41 7.60
CA SER A 648 -19.55 -17.37 7.32
C SER A 648 -20.70 -17.83 6.43
N SER A 649 -20.44 -18.70 5.46
CA SER A 649 -21.46 -19.05 4.47
C SER A 649 -21.82 -20.54 4.51
N VAL A 650 -20.82 -21.41 4.42
CA VAL A 650 -21.10 -22.83 4.21
C VAL A 650 -21.71 -23.45 5.45
N TYR A 651 -21.00 -23.37 6.59
CA TYR A 651 -21.50 -24.01 7.80
C TYR A 651 -22.84 -23.43 8.24
N PRO A 652 -22.99 -22.10 8.39
CA PRO A 652 -24.31 -21.58 8.79
C PRO A 652 -25.42 -21.96 7.83
N ALA A 653 -25.13 -21.99 6.52
CA ALA A 653 -26.15 -22.41 5.56
C ALA A 653 -26.54 -23.86 5.77
N SER A 654 -25.56 -24.72 6.04
CA SER A 654 -25.84 -26.14 6.22
C SER A 654 -26.77 -26.41 7.39
N LYS A 655 -26.83 -25.50 8.36
CA LYS A 655 -27.70 -25.66 9.52
C LYS A 655 -29.14 -25.25 9.25
N VAL A 656 -29.37 -24.31 8.35
CA VAL A 656 -30.70 -23.84 8.01
C VAL A 656 -31.06 -24.08 6.55
N ALA A 657 -30.27 -24.87 5.83
CA ALA A 657 -30.55 -25.12 4.42
C ALA A 657 -31.93 -25.74 4.26
N GLY A 658 -32.68 -25.27 3.27
CA GLY A 658 -34.02 -25.76 3.02
C GLY A 658 -34.67 -25.07 1.84
N HIS A 659 -35.92 -24.65 2.00
CA HIS A 659 -36.65 -23.94 0.96
C HIS A 659 -36.90 -22.51 1.42
N MET A 660 -36.58 -21.54 0.56
CA MET A 660 -36.73 -20.14 0.92
C MET A 660 -38.17 -19.86 1.32
N ALA A 661 -38.34 -19.27 2.50
CA ALA A 661 -39.66 -18.91 3.01
C ALA A 661 -40.01 -17.46 2.69
N GLY A 662 -39.93 -17.10 1.43
CA GLY A 662 -40.18 -15.75 0.99
C GLY A 662 -39.24 -15.37 -0.14
N ARG A 663 -38.95 -14.08 -0.22
CA ARG A 663 -38.08 -13.55 -1.25
C ARG A 663 -36.68 -13.31 -0.69
N ILE A 664 -35.68 -13.52 -1.55
CA ILE A 664 -34.29 -13.27 -1.16
C ILE A 664 -34.06 -11.77 -1.12
N ASN A 665 -33.75 -11.25 0.06
CA ASN A 665 -33.53 -9.82 0.24
C ASN A 665 -32.03 -9.51 0.22
N PHE A 666 -31.72 -8.27 -0.16
CA PHE A 666 -30.36 -7.79 -0.16
C PHE A 666 -29.97 -7.32 1.23
N THR A 667 -28.69 -7.46 1.56
CA THR A 667 -28.22 -7.14 2.90
C THR A 667 -28.55 -5.70 3.26
N ALA A 668 -29.11 -5.51 4.46
CA ALA A 668 -29.43 -4.19 4.97
C ALA A 668 -28.34 -3.62 5.87
N TRP A 669 -27.25 -4.36 6.10
CA TRP A 669 -26.20 -3.88 6.97
C TRP A 669 -25.50 -2.66 6.40
N LEU A 670 -25.38 -2.58 5.07
CA LEU A 670 -24.63 -1.50 4.45
C LEU A 670 -25.33 -0.16 4.64
N GLY A 671 -26.63 -0.10 4.35
CA GLY A 671 -27.36 1.14 4.53
C GLY A 671 -27.43 1.55 5.99
N GLN A 672 -27.63 0.58 6.88
CA GLN A 672 -27.65 0.89 8.31
C GLN A 672 -26.29 1.42 8.77
N ASN A 673 -25.19 0.85 8.27
CA ASN A 673 -23.87 1.34 8.62
C ASN A 673 -23.67 2.77 8.11
N SER A 674 -24.13 3.06 6.90
CA SER A 674 -24.03 4.43 6.38
C SER A 674 -24.83 5.40 7.25
N LYS A 675 -26.05 5.01 7.64
CA LYS A 675 -26.87 5.84 8.51
C LYS A 675 -26.18 6.07 9.85
N SER A 676 -25.59 5.00 10.41
CA SER A 676 -24.88 5.12 11.69
C SER A 676 -23.71 6.08 11.56
N ALA A 677 -22.96 5.99 10.46
CA ALA A 677 -21.82 6.87 10.25
C ALA A 677 -22.28 8.33 10.16
N LYS A 678 -23.36 8.57 9.42
CA LYS A 678 -23.88 9.94 9.30
C LYS A 678 -24.29 10.48 10.66
N TYR A 679 -25.03 9.67 11.43
CA TYR A 679 -25.49 10.13 12.74
C TYR A 679 -24.32 10.34 13.70
N TYR A 680 -23.28 9.50 13.61
CA TYR A 680 -22.12 9.69 14.46
C TYR A 680 -21.36 10.96 14.08
N ARG A 681 -21.27 11.27 12.79
CA ARG A 681 -20.66 12.53 12.38
C ARG A 681 -21.45 13.71 12.95
N LEU A 682 -22.78 13.67 12.84
CA LEU A 682 -23.59 14.75 13.39
C LEU A 682 -23.39 14.87 14.90
N LEU A 683 -23.35 13.73 15.60
CA LEU A 683 -23.15 13.75 17.04
C LEU A 683 -21.79 14.35 17.41
N GLN A 684 -20.76 14.02 16.63
CA GLN A 684 -19.44 14.62 16.87
C GLN A 684 -19.47 16.13 16.69
N GLU A 685 -20.09 16.61 15.61
CA GLU A 685 -20.18 18.05 15.41
C GLU A 685 -20.91 18.71 16.56
N ILE A 686 -22.01 18.12 17.01
CA ILE A 686 -22.78 18.73 18.10
C ILE A 686 -21.97 18.70 19.40
N HIS A 687 -21.28 17.60 19.68
CA HIS A 687 -20.51 17.50 20.92
C HIS A 687 -19.40 18.55 20.94
N TYR A 688 -18.72 18.73 19.81
CA TYR A 688 -17.64 19.73 19.77
C TYR A 688 -18.18 21.15 19.68
N HIS A 689 -19.44 21.32 19.29
CA HIS A 689 -20.07 22.64 19.41
C HIS A 689 -20.42 22.94 20.87
N THR A 690 -20.84 21.93 21.61
CA THR A 690 -21.22 22.08 23.02
C THR A 690 -20.11 21.65 23.97
N ARG A 691 -18.90 21.41 23.47
CA ARG A 691 -17.82 20.92 24.33
C ARG A 691 -17.50 21.91 25.44
N LEU A 692 -17.46 23.20 25.13
CA LEU A 692 -17.05 24.22 26.09
C LEU A 692 -18.04 24.39 27.24
N GLY A 693 -19.24 23.82 27.13
CA GLY A 693 -20.26 24.02 28.15
C GLY A 693 -20.59 22.77 28.94
N THR A 694 -20.30 21.60 28.38
CA THR A 694 -20.63 20.33 29.00
C THR A 694 -19.37 19.55 29.35
N SER A 695 -19.44 18.79 30.43
CA SER A 695 -18.36 17.93 30.88
C SER A 695 -18.78 16.49 30.64
N THR A 696 -18.48 15.98 29.46
CA THR A 696 -18.88 14.63 29.06
C THR A 696 -18.22 14.32 27.71
N ASP A 697 -18.47 13.11 27.22
CA ASP A 697 -18.05 12.67 25.90
C ASP A 697 -19.27 12.57 24.99
N LYS A 698 -19.03 12.19 23.73
CA LYS A 698 -20.12 12.12 22.77
C LYS A 698 -21.17 11.09 23.18
N ILE A 699 -20.74 9.93 23.68
CA ILE A 699 -21.70 8.93 24.12
C ILE A 699 -22.51 9.43 25.30
N GLY A 700 -21.83 10.05 26.28
CA GLY A 700 -22.55 10.63 27.40
C GLY A 700 -23.49 11.74 26.98
N LEU A 701 -23.08 12.55 26.00
CA LEU A 701 -23.96 13.58 25.48
C LEU A 701 -25.21 12.97 24.86
N ARG A 702 -25.05 11.91 24.06
CA ARG A 702 -26.20 11.29 23.41
C ARG A 702 -27.13 10.64 24.43
N LEU A 703 -26.56 9.97 25.44
CA LEU A 703 -27.36 9.17 26.35
C LEU A 703 -27.95 9.96 27.52
N ASP A 704 -27.30 11.05 27.93
CA ASP A 704 -27.74 11.77 29.12
C ASP A 704 -28.19 13.19 28.80
N TYR A 705 -27.37 13.96 28.09
CA TYR A 705 -27.63 15.38 27.91
C TYR A 705 -28.80 15.61 26.96
N LEU A 706 -28.82 14.90 25.84
CA LEU A 706 -29.82 15.18 24.80
C LEU A 706 -31.25 15.06 25.30
N PRO A 707 -31.65 14.03 26.05
CA PRO A 707 -33.02 13.99 26.56
C PRO A 707 -33.39 15.21 27.38
N THR A 708 -32.47 15.73 28.18
CA THR A 708 -32.76 16.95 28.95
C THR A 708 -32.85 18.15 28.03
N PHE A 709 -31.96 18.25 27.05
CA PHE A 709 -32.04 19.35 26.09
C PHE A 709 -33.36 19.33 25.32
N ARG A 710 -33.96 18.15 25.18
CA ARG A 710 -35.24 18.05 24.48
C ARG A 710 -36.34 18.84 25.20
N LYS A 711 -36.27 18.91 26.53
CA LYS A 711 -37.28 19.58 27.33
C LYS A 711 -37.06 21.08 27.42
N ARG A 712 -35.99 21.60 26.84
CA ARG A 712 -35.71 23.03 26.85
C ARG A 712 -35.53 23.61 25.45
N LEU A 713 -35.72 22.82 24.40
CA LEU A 713 -35.47 23.28 23.04
C LEU A 713 -36.68 23.07 22.14
N LEU A 714 -37.41 21.98 22.36
CA LEU A 714 -38.60 21.66 21.58
C LEU A 714 -39.87 21.70 22.40
N ASP A 715 -39.87 21.13 23.60
CA ASP A 715 -41.07 21.10 24.43
C ASP A 715 -41.66 22.48 24.68
N PRO A 716 -40.87 23.53 24.98
CA PRO A 716 -41.49 24.83 25.25
C PRO A 716 -42.35 25.35 24.11
N PHE A 717 -41.92 25.13 22.86
CA PHE A 717 -42.71 25.58 21.73
C PHE A 717 -44.11 24.96 21.73
N LEU A 718 -44.24 23.76 22.28
CA LEU A 718 -45.53 23.08 22.35
C LEU A 718 -46.43 23.61 23.45
N LYS A 719 -45.88 24.37 24.41
CA LYS A 719 -46.65 24.83 25.54
C LYS A 719 -46.86 26.34 25.49
N GLN A 720 -45.78 27.08 25.27
CA GLN A 720 -45.85 28.54 25.19
C GLN A 720 -46.03 29.06 23.76
N GLY A 721 -46.18 28.17 22.78
CA GLY A 721 -46.37 28.58 21.41
C GLY A 721 -45.18 29.35 20.86
N ALA A 722 -45.42 30.55 20.34
CA ALA A 722 -44.38 31.38 19.75
C ALA A 722 -43.68 32.26 20.78
N ASP A 723 -44.07 32.18 22.04
CA ASP A 723 -43.47 32.98 23.11
C ASP A 723 -42.23 32.34 23.70
N ALA A 724 -41.90 31.11 23.28
CA ALA A 724 -40.72 30.41 23.77
C ALA A 724 -39.50 30.58 22.88
N ILE A 725 -39.60 31.38 21.82
CA ILE A 725 -38.47 31.56 20.91
C ILE A 725 -37.30 32.20 21.64
N SER A 726 -37.57 33.20 22.47
CA SER A 726 -36.49 33.91 23.17
C SER A 726 -35.72 32.98 24.09
N SER A 727 -36.43 32.20 24.92
CA SER A 727 -35.76 31.31 25.86
C SER A 727 -34.97 30.23 25.13
N VAL A 728 -35.55 29.68 24.06
CA VAL A 728 -34.87 28.62 23.31
C VAL A 728 -33.62 29.18 22.65
N ILE A 729 -33.70 30.39 22.09
CA ILE A 729 -32.53 31.00 21.47
C ILE A 729 -31.46 31.28 22.52
N GLU A 730 -31.87 31.75 23.70
CA GLU A 730 -30.91 31.98 24.77
C GLU A 730 -30.20 30.70 25.18
N VAL A 731 -30.95 29.61 25.30
CA VAL A 731 -30.34 28.32 25.65
C VAL A 731 -29.38 27.88 24.56
N MET A 732 -29.78 28.04 23.29
CA MET A 732 -28.91 27.66 22.19
C MET A 732 -27.62 28.46 22.21
N ASP A 733 -27.71 29.76 22.46
CA ASP A 733 -26.52 30.60 22.52
C ASP A 733 -25.64 30.22 23.71
N ASP A 734 -26.25 29.83 24.82
CA ASP A 734 -25.46 29.44 25.99
C ASP A 734 -24.58 28.23 25.69
N TYR A 735 -24.98 27.40 24.73
CA TYR A 735 -24.22 26.21 24.35
C TYR A 735 -23.68 26.31 22.92
N TYR A 736 -23.65 27.52 22.35
CA TYR A 736 -23.11 27.74 21.02
C TYR A 736 -23.73 26.79 19.99
N LEU A 737 -25.05 26.65 20.06
CA LEU A 737 -25.78 25.75 19.18
C LEU A 737 -26.41 26.52 18.03
N THR A 738 -26.42 25.92 16.85
CA THR A 738 -26.98 26.52 15.65
C THR A 738 -28.32 25.87 15.30
N LYS A 739 -29.00 26.44 14.32
CA LYS A 739 -30.29 25.90 13.86
C LYS A 739 -30.12 24.50 13.29
N GLU A 740 -29.06 24.28 12.50
CA GLU A 740 -28.79 22.93 11.99
C GLU A 740 -28.49 21.98 13.13
N ASP A 741 -27.81 22.47 14.17
CA ASP A 741 -27.59 21.65 15.36
C ASP A 741 -28.92 21.30 16.01
N TRP A 742 -29.86 22.25 16.05
CA TRP A 742 -31.19 21.98 16.58
C TRP A 742 -31.87 20.85 15.79
N ASP A 743 -31.86 20.97 14.47
CA ASP A 743 -32.51 19.96 13.64
C ASP A 743 -31.86 18.59 13.83
N SER A 744 -30.53 18.55 13.87
CA SER A 744 -29.83 17.28 14.07
C SER A 744 -30.14 16.69 15.44
N ILE A 745 -30.18 17.52 16.48
CA ILE A 745 -30.55 17.05 17.80
C ILE A 745 -31.92 16.40 17.76
N MET A 746 -32.87 17.06 17.10
CA MET A 746 -34.24 16.60 17.16
C MET A 746 -34.47 15.32 16.37
N GLU A 747 -33.47 14.88 15.59
CA GLU A 747 -33.56 13.64 14.82
C GLU A 747 -32.94 12.46 15.56
N PHE A 748 -32.26 12.68 16.67
CA PHE A 748 -31.58 11.58 17.36
C PHE A 748 -32.55 10.73 18.17
N PHE A 749 -33.58 11.35 18.73
CA PHE A 749 -34.48 10.65 19.65
C PHE A 749 -35.19 9.51 18.94
N VAL A 750 -35.40 8.41 19.66
CA VAL A 750 -35.86 7.16 19.09
C VAL A 750 -36.99 6.61 19.96
N GLY A 751 -37.74 5.67 19.38
CA GLY A 751 -38.82 5.00 20.08
C GLY A 751 -39.94 5.94 20.45
N PRO A 752 -40.31 5.98 21.74
CA PRO A 752 -41.43 6.84 22.15
C PRO A 752 -41.15 8.33 22.03
N ASP A 753 -39.90 8.73 21.83
CA ASP A 753 -39.53 10.14 21.79
C ASP A 753 -39.35 10.66 20.37
N VAL A 754 -39.81 9.92 19.36
CA VAL A 754 -39.73 10.37 17.98
C VAL A 754 -40.41 11.74 17.88
N THR A 755 -39.82 12.64 17.10
CA THR A 755 -40.23 14.03 17.08
C THR A 755 -40.79 14.50 15.74
N THR A 756 -40.68 13.70 14.68
CA THR A 756 -41.07 14.15 13.35
C THR A 756 -42.49 14.70 13.35
N ALA A 757 -43.44 13.91 13.85
CA ALA A 757 -44.83 14.36 13.92
C ALA A 757 -44.96 15.55 14.85
N ILE A 758 -44.22 15.53 15.97
CA ILE A 758 -44.29 16.59 16.96
C ILE A 758 -43.85 17.90 16.33
N ILE A 759 -42.73 17.89 15.62
CA ILE A 759 -42.23 19.11 14.99
C ILE A 759 -43.17 19.55 13.87
N LYS A 760 -43.67 18.60 13.08
CA LYS A 760 -44.54 18.96 11.97
C LYS A 760 -45.82 19.62 12.47
N LYS A 761 -46.37 19.13 13.59
CA LYS A 761 -47.61 19.69 14.10
C LYS A 761 -47.44 21.12 14.60
N ILE A 762 -46.22 21.59 14.79
CA ILE A 762 -46.02 22.97 15.22
C ILE A 762 -46.54 23.91 14.13
N PRO A 763 -47.25 24.98 14.46
CA PRO A 763 -47.74 25.88 13.42
C PRO A 763 -46.61 26.43 12.58
N ALA A 764 -46.85 26.57 11.27
CA ALA A 764 -45.82 27.09 10.38
C ALA A 764 -45.40 28.50 10.78
N THR A 765 -46.32 29.28 11.35
CA THR A 765 -45.96 30.63 11.80
C THR A 765 -44.90 30.58 12.89
N VAL A 766 -45.01 29.62 13.80
CA VAL A 766 -44.03 29.51 14.88
C VAL A 766 -42.65 29.21 14.31
N LYS A 767 -42.56 28.27 13.37
CA LYS A 767 -41.27 27.94 12.77
C LYS A 767 -40.71 29.11 11.99
N SER A 768 -41.56 29.82 11.25
CA SER A 768 -41.11 30.98 10.49
C SER A 768 -40.58 32.06 11.43
N GLY A 769 -41.27 32.31 12.54
CA GLY A 769 -40.80 33.29 13.50
C GLY A 769 -39.50 32.86 14.15
N PHE A 770 -39.37 31.57 14.45
CA PHE A 770 -38.11 31.07 15.01
C PHE A 770 -36.95 31.32 14.05
N THR A 771 -37.15 30.99 12.77
CA THR A 771 -36.10 31.21 11.78
C THR A 771 -35.77 32.69 11.65
N ARG A 772 -36.80 33.54 11.60
CA ARG A 772 -36.58 34.98 11.46
C ARG A 772 -35.80 35.52 12.65
N LYS A 773 -36.18 35.13 13.87
CA LYS A 773 -35.49 35.62 15.06
C LYS A 773 -34.06 35.14 15.10
N TYR A 774 -33.81 33.86 14.76
CA TYR A 774 -32.45 33.35 14.76
C TYR A 774 -31.59 34.06 13.73
N ASN A 775 -32.13 34.29 12.53
CA ASN A 775 -31.35 34.93 11.48
C ASN A 775 -31.21 36.43 11.66
N SER A 776 -31.96 37.04 12.58
CA SER A 776 -31.90 38.47 12.82
C SER A 776 -31.17 38.80 14.12
N MET A 777 -30.15 38.00 14.46
CA MET A 777 -29.40 38.21 15.69
C MET A 777 -27.96 37.75 15.46
N THR A 778 -27.06 38.23 16.31
CA THR A 778 -25.66 37.85 16.28
C THR A 778 -25.45 36.78 17.36
N HIS A 779 -25.01 35.60 16.92
CA HIS A 779 -24.85 34.49 17.85
C HIS A 779 -23.37 34.20 18.10
N PRO A 780 -23.03 33.66 19.26
CA PRO A 780 -21.62 33.38 19.56
C PRO A 780 -21.09 32.22 18.75
N VAL A 781 -19.76 32.16 18.64
CA VAL A 781 -19.06 31.11 17.93
C VAL A 781 -18.11 30.41 18.90
N ALA A 782 -18.11 29.07 18.83
CA ALA A 782 -17.28 28.24 19.70
C ALA A 782 -15.94 27.90 19.08
N ILE A 783 -15.94 27.35 17.87
CA ILE A 783 -14.71 26.96 17.19
C ILE A 783 -14.46 27.97 16.08
N TYR A 784 -13.31 28.64 16.15
CA TYR A 784 -12.92 29.64 15.14
C TYR A 784 -11.93 28.98 14.19
N ARG A 785 -12.42 28.57 13.03
CA ARG A 785 -11.57 27.93 12.03
C ARG A 785 -10.73 29.00 11.33
N THR A 786 -9.42 28.86 11.39
CA THR A 786 -8.51 29.82 10.79
C THR A 786 -7.27 29.12 10.24
N THR B 4 32.97 -28.09 -12.44
CA THR B 4 32.80 -28.12 -13.89
C THR B 4 31.82 -27.03 -14.32
N LEU B 5 32.17 -26.30 -15.37
CA LEU B 5 31.39 -25.17 -15.87
C LEU B 5 30.55 -25.56 -17.09
N SER B 6 30.04 -26.79 -17.12
CA SER B 6 29.21 -27.27 -18.19
C SER B 6 27.88 -27.78 -17.65
N LEU B 7 26.83 -27.64 -18.45
CA LEU B 7 25.48 -28.02 -18.06
C LEU B 7 24.90 -28.97 -19.08
N GLN B 8 24.34 -30.08 -18.61
CA GLN B 8 23.63 -31.01 -19.48
C GLN B 8 22.21 -30.52 -19.71
N LEU B 9 21.79 -30.53 -20.97
CA LEU B 9 20.47 -30.03 -21.31
C LEU B 9 19.39 -30.88 -20.64
N PRO B 10 18.45 -30.27 -19.91
CA PRO B 10 17.40 -31.08 -19.27
C PRO B 10 16.59 -31.85 -20.31
N TRP B 11 16.18 -33.06 -19.92
CA TRP B 11 15.38 -33.90 -20.83
C TRP B 11 14.02 -33.29 -21.12
N VAL B 12 13.51 -32.43 -20.24
CA VAL B 12 12.25 -31.75 -20.52
C VAL B 12 12.37 -30.86 -21.76
N GLU B 13 13.57 -30.34 -22.03
CA GLU B 13 13.82 -29.53 -23.22
C GLU B 13 14.40 -30.35 -24.35
N LYS B 14 15.29 -31.30 -24.04
CA LYS B 14 15.86 -32.15 -25.09
C LYS B 14 14.80 -32.98 -25.79
N TYR B 15 13.77 -33.40 -25.06
CA TYR B 15 12.73 -34.26 -25.60
C TYR B 15 11.37 -33.58 -25.62
N ARG B 16 11.34 -32.25 -25.62
CA ARG B 16 10.09 -31.53 -25.74
C ARG B 16 9.47 -31.85 -27.10
N PRO B 17 8.20 -32.25 -27.16
CA PRO B 17 7.59 -32.57 -28.45
C PRO B 17 7.67 -31.38 -29.41
N GLN B 18 7.99 -31.68 -30.66
CA GLN B 18 8.04 -30.68 -31.71
C GLN B 18 6.91 -30.81 -32.72
N VAL B 19 6.16 -31.91 -32.69
CA VAL B 19 5.00 -32.11 -33.56
C VAL B 19 3.82 -32.56 -32.70
N LEU B 20 2.62 -32.34 -33.21
CA LEU B 20 1.42 -32.70 -32.47
C LEU B 20 1.32 -34.20 -32.24
N SER B 21 1.88 -35.00 -33.15
CA SER B 21 1.81 -36.46 -33.02
C SER B 21 2.63 -37.01 -31.86
N ASP B 22 3.51 -36.20 -31.28
CA ASP B 22 4.39 -36.64 -30.20
C ASP B 22 3.86 -36.26 -28.82
N ILE B 23 2.63 -35.76 -28.73
CA ILE B 23 2.04 -35.35 -27.46
C ILE B 23 1.13 -36.45 -26.96
N VAL B 24 1.27 -36.80 -25.69
CA VAL B 24 0.50 -37.87 -25.07
C VAL B 24 -0.61 -37.25 -24.23
N GLY B 25 -1.76 -37.93 -24.22
CA GLY B 25 -2.91 -37.48 -23.47
C GLY B 25 -3.79 -36.53 -24.25
N ASN B 26 -5.04 -36.42 -23.81
CA ASN B 26 -6.04 -35.57 -24.46
C ASN B 26 -6.09 -35.88 -25.96
N LYS B 27 -6.39 -37.14 -26.27
CA LYS B 27 -6.29 -37.60 -27.66
C LYS B 27 -7.26 -36.83 -28.56
N GLU B 28 -8.50 -36.63 -28.11
CA GLU B 28 -9.48 -35.94 -28.94
C GLU B 28 -9.06 -34.51 -29.25
N THR B 29 -8.57 -33.79 -28.22
CA THR B 29 -8.16 -32.41 -28.43
C THR B 29 -6.97 -32.32 -29.36
N ILE B 30 -6.00 -33.22 -29.20
CA ILE B 30 -4.83 -33.20 -30.07
C ILE B 30 -5.23 -33.55 -31.50
N ASP B 31 -6.17 -34.48 -31.67
CA ASP B 31 -6.66 -34.81 -33.01
C ASP B 31 -7.34 -33.60 -33.64
N ARG B 32 -8.13 -32.86 -32.86
CA ARG B 32 -8.76 -31.65 -33.38
C ARG B 32 -7.69 -30.62 -33.77
N LEU B 33 -6.64 -30.51 -32.96
CA LEU B 33 -5.56 -29.58 -33.30
C LEU B 33 -4.87 -29.98 -34.60
N GLN B 34 -4.63 -31.27 -34.80
CA GLN B 34 -4.05 -31.74 -36.05
C GLN B 34 -4.97 -31.45 -37.22
N GLN B 35 -6.28 -31.66 -37.05
CA GLN B 35 -7.23 -31.37 -38.11
C GLN B 35 -7.21 -29.89 -38.47
N ILE B 36 -7.14 -29.02 -37.46
CA ILE B 36 -7.05 -27.59 -37.69
C ILE B 36 -5.77 -27.24 -38.45
N ALA B 37 -4.64 -27.82 -38.01
CA ALA B 37 -3.38 -27.58 -38.70
C ALA B 37 -3.42 -28.04 -40.14
N LYS B 38 -4.17 -29.09 -40.44
CA LYS B 38 -4.32 -29.58 -41.81
C LYS B 38 -5.18 -28.64 -42.65
N ASP B 39 -6.42 -28.40 -42.23
CA ASP B 39 -7.32 -27.54 -43.01
C ASP B 39 -6.94 -26.07 -42.86
N GLY B 40 -6.63 -25.63 -41.65
CA GLY B 40 -6.35 -24.23 -41.39
C GLY B 40 -7.56 -23.54 -40.78
N ASN B 41 -7.72 -22.25 -41.09
CA ASN B 41 -8.81 -21.46 -40.54
C ASN B 41 -8.84 -21.60 -39.02
N MET B 42 -7.68 -21.44 -38.39
CA MET B 42 -7.58 -21.62 -36.96
C MET B 42 -8.46 -20.60 -36.24
N PRO B 43 -9.32 -21.03 -35.32
CA PRO B 43 -10.15 -20.08 -34.58
C PRO B 43 -9.48 -19.60 -33.30
N HIS B 44 -10.04 -18.53 -32.74
CA HIS B 44 -9.60 -18.07 -31.43
C HIS B 44 -9.87 -19.17 -30.40
N MET B 45 -8.86 -19.47 -29.59
CA MET B 45 -8.95 -20.60 -28.67
C MET B 45 -8.35 -20.25 -27.31
N ILE B 46 -8.85 -20.90 -26.28
CA ILE B 46 -8.31 -20.81 -24.93
C ILE B 46 -8.09 -22.23 -24.44
N ILE B 47 -6.84 -22.55 -24.11
CA ILE B 47 -6.45 -23.88 -23.64
C ILE B 47 -6.19 -23.78 -22.15
N SER B 48 -6.94 -24.56 -21.37
CA SER B 48 -6.87 -24.54 -19.92
C SER B 48 -6.58 -25.94 -19.39
N GLY B 49 -5.86 -25.99 -18.28
CA GLY B 49 -5.54 -27.25 -17.64
C GLY B 49 -4.55 -27.05 -16.51
N MET B 50 -4.21 -28.16 -15.88
CA MET B 50 -3.30 -28.16 -14.74
C MET B 50 -1.86 -28.10 -15.25
N PRO B 51 -0.92 -27.65 -14.42
CA PRO B 51 0.45 -27.44 -14.91
C PRO B 51 1.10 -28.73 -15.39
N GLY B 52 1.99 -28.60 -16.37
CA GLY B 52 2.78 -29.72 -16.83
C GLY B 52 2.01 -30.82 -17.53
N ILE B 53 1.11 -30.46 -18.43
CA ILE B 53 0.33 -31.44 -19.19
C ILE B 53 0.47 -31.26 -20.70
N GLY B 54 1.12 -30.20 -21.17
CA GLY B 54 1.36 -30.04 -22.60
C GLY B 54 0.50 -29.00 -23.27
N LYS B 55 0.25 -27.88 -22.59
CA LYS B 55 -0.54 -26.81 -23.19
C LYS B 55 0.32 -25.90 -24.06
N THR B 56 1.39 -25.35 -23.47
CA THR B 56 2.30 -24.50 -24.24
C THR B 56 2.93 -25.28 -25.38
N THR B 57 3.31 -26.54 -25.12
CA THR B 57 3.87 -27.37 -26.18
C THR B 57 2.87 -27.54 -27.32
N SER B 58 1.61 -27.80 -27.00
CA SER B 58 0.60 -27.97 -28.04
C SER B 58 0.42 -26.69 -28.83
N VAL B 59 0.37 -25.55 -28.14
CA VAL B 59 0.18 -24.27 -28.83
C VAL B 59 1.34 -24.01 -29.80
N HIS B 60 2.58 -24.19 -29.31
CA HIS B 60 3.74 -23.94 -30.16
C HIS B 60 3.78 -24.91 -31.33
N CYS B 61 3.46 -26.18 -31.10
CA CYS B 61 3.47 -27.16 -32.17
C CYS B 61 2.43 -26.80 -33.24
N LEU B 62 1.24 -26.39 -32.81
CA LEU B 62 0.21 -25.99 -33.77
C LEU B 62 0.66 -24.77 -34.57
N ALA B 63 1.23 -23.77 -33.88
CA ALA B 63 1.67 -22.57 -34.58
C ALA B 63 2.73 -22.90 -35.62
N HIS B 64 3.71 -23.73 -35.24
CA HIS B 64 4.75 -24.14 -36.19
C HIS B 64 4.16 -24.93 -37.35
N GLU B 65 3.37 -25.96 -37.09
CA GLU B 65 2.79 -26.76 -38.15
C GLU B 65 1.89 -25.96 -39.08
N LEU B 66 1.33 -24.85 -38.60
CA LEU B 66 0.48 -24.00 -39.43
C LEU B 66 1.25 -22.97 -40.23
N LEU B 67 2.34 -22.42 -39.69
CA LEU B 67 3.01 -21.30 -40.34
C LEU B 67 4.30 -21.68 -41.07
N GLY B 68 4.94 -22.79 -40.72
CA GLY B 68 6.14 -23.20 -41.42
C GLY B 68 7.26 -22.19 -41.34
N ARG B 69 7.84 -21.83 -42.50
CA ARG B 69 8.95 -20.91 -42.55
C ARG B 69 8.56 -19.47 -42.19
N SER B 70 7.26 -19.18 -42.11
CA SER B 70 6.79 -17.85 -41.77
C SER B 70 6.67 -17.64 -40.26
N TYR B 71 7.02 -18.64 -39.45
CA TYR B 71 6.85 -18.56 -38.01
C TYR B 71 7.46 -17.29 -37.44
N ALA B 72 8.61 -16.89 -37.98
CA ALA B 72 9.33 -15.75 -37.42
C ALA B 72 8.50 -14.47 -37.48
N ASP B 73 7.79 -14.25 -38.57
CA ASP B 73 7.03 -13.02 -38.77
C ASP B 73 5.55 -13.14 -38.41
N GLY B 74 4.99 -14.34 -38.48
CA GLY B 74 3.57 -14.54 -38.27
C GLY B 74 3.15 -14.89 -36.86
N VAL B 75 4.08 -14.97 -35.91
CA VAL B 75 3.77 -15.33 -34.53
C VAL B 75 4.25 -14.23 -33.61
N LEU B 76 3.37 -13.77 -32.73
CA LEU B 76 3.72 -12.83 -31.66
C LEU B 76 3.43 -13.51 -30.34
N GLU B 77 4.48 -13.88 -29.61
CA GLU B 77 4.36 -14.64 -28.37
C GLU B 77 4.65 -13.72 -27.19
N LEU B 78 3.73 -13.70 -26.22
CA LEU B 78 3.89 -12.92 -24.99
C LEU B 78 3.49 -13.78 -23.80
N ASN B 79 4.25 -13.66 -22.71
CA ASN B 79 3.98 -14.42 -21.49
C ASN B 79 4.09 -13.52 -20.27
N ALA B 80 4.01 -14.10 -19.07
CA ALA B 80 4.05 -13.33 -17.85
C ALA B 80 5.38 -12.62 -17.63
N SER B 81 6.46 -13.11 -18.22
CA SER B 81 7.76 -12.47 -18.08
C SER B 81 7.93 -11.23 -18.94
N ASP B 82 7.01 -11.00 -19.88
CA ASP B 82 7.05 -9.83 -20.73
C ASP B 82 5.97 -8.84 -20.31
N ASP B 83 6.20 -7.56 -20.62
CA ASP B 83 5.22 -6.53 -20.30
C ASP B 83 3.97 -6.74 -21.15
N ARG B 84 2.82 -6.86 -20.48
CA ARG B 84 1.55 -7.11 -21.15
C ARG B 84 0.47 -6.17 -20.61
N GLY B 85 0.82 -4.91 -20.43
CA GLY B 85 -0.12 -3.92 -19.95
C GLY B 85 -1.08 -3.46 -21.03
N ILE B 86 -1.97 -2.54 -20.64
CA ILE B 86 -2.94 -2.00 -21.58
C ILE B 86 -2.23 -1.27 -22.72
N ASP B 87 -1.14 -0.57 -22.40
CA ASP B 87 -0.39 0.14 -23.45
C ASP B 87 0.19 -0.84 -24.47
N VAL B 88 0.72 -1.97 -24.00
CA VAL B 88 1.27 -2.97 -24.91
C VAL B 88 0.17 -3.52 -25.82
N VAL B 89 -1.01 -3.80 -25.25
CA VAL B 89 -2.11 -4.32 -26.06
C VAL B 89 -2.53 -3.29 -27.10
N ARG B 90 -2.63 -2.02 -26.70
CA ARG B 90 -3.12 -0.98 -27.59
C ARG B 90 -2.11 -0.54 -28.64
N ASN B 91 -0.82 -0.84 -28.45
CA ASN B 91 0.22 -0.40 -29.38
C ASN B 91 0.88 -1.58 -30.08
N GLN B 92 1.43 -2.55 -29.35
CA GLN B 92 2.19 -3.61 -29.98
C GLN B 92 1.27 -4.65 -30.62
N ILE B 93 0.28 -5.13 -29.87
CA ILE B 93 -0.63 -6.13 -30.41
C ILE B 93 -1.44 -5.56 -31.57
N LYS B 94 -1.89 -4.31 -31.44
CA LYS B 94 -2.62 -3.67 -32.53
C LYS B 94 -1.76 -3.56 -33.77
N HIS B 95 -0.49 -3.15 -33.61
CA HIS B 95 0.40 -3.04 -34.75
C HIS B 95 0.63 -4.38 -35.41
N PHE B 96 0.83 -5.43 -34.60
CA PHE B 96 1.02 -6.76 -35.16
C PHE B 96 -0.21 -7.22 -35.92
N ALA B 97 -1.40 -6.96 -35.38
CA ALA B 97 -2.63 -7.35 -36.05
C ALA B 97 -2.83 -6.59 -37.35
N GLN B 98 -2.46 -5.30 -37.39
CA GLN B 98 -2.61 -4.49 -38.58
C GLN B 98 -1.48 -4.69 -39.59
N LYS B 99 -0.44 -5.44 -39.23
CA LYS B 99 0.69 -5.62 -40.14
C LYS B 99 0.25 -6.41 -41.38
N LYS B 100 0.80 -6.03 -42.53
CA LYS B 100 0.53 -6.71 -43.78
C LYS B 100 1.56 -7.81 -43.99
N LEU B 101 1.10 -9.06 -44.01
CA LEU B 101 1.98 -10.21 -44.20
C LEU B 101 1.30 -11.19 -45.12
N HIS B 102 1.96 -11.52 -46.24
CA HIS B 102 1.43 -12.47 -47.20
C HIS B 102 1.72 -13.88 -46.71
N LEU B 103 0.66 -14.64 -46.44
CA LEU B 103 0.75 -16.00 -45.92
C LEU B 103 0.11 -16.97 -46.90
N PRO B 104 0.37 -18.27 -46.75
CA PRO B 104 -0.27 -19.27 -47.61
C PRO B 104 -1.77 -19.06 -47.66
N PRO B 105 -2.45 -19.65 -48.66
CA PRO B 105 -3.87 -19.34 -48.87
C PRO B 105 -4.71 -19.39 -47.60
N GLY B 106 -4.65 -20.49 -46.86
CA GLY B 106 -5.52 -20.70 -45.72
C GLY B 106 -4.85 -20.56 -44.37
N LYS B 107 -3.98 -19.58 -44.21
CA LYS B 107 -3.25 -19.36 -42.97
C LYS B 107 -3.43 -17.92 -42.49
N HIS B 108 -3.25 -17.74 -41.18
CA HIS B 108 -3.41 -16.45 -40.54
C HIS B 108 -2.31 -16.26 -39.51
N LYS B 109 -2.07 -14.99 -39.16
CA LYS B 109 -1.12 -14.68 -38.10
C LYS B 109 -1.64 -15.15 -36.76
N ILE B 110 -0.72 -15.42 -35.83
CA ILE B 110 -1.05 -16.00 -34.54
C ILE B 110 -0.46 -15.12 -33.44
N VAL B 111 -1.28 -14.82 -32.44
CA VAL B 111 -0.85 -14.13 -31.22
C VAL B 111 -1.01 -15.09 -30.07
N ILE B 112 0.10 -15.53 -29.49
CA ILE B 112 0.11 -16.46 -28.37
C ILE B 112 0.24 -15.66 -27.09
N LEU B 113 -0.67 -15.89 -26.16
CA LEU B 113 -0.67 -15.21 -24.85
C LEU B 113 -0.59 -16.29 -23.79
N ASP B 114 0.62 -16.70 -23.45
CA ASP B 114 0.84 -17.75 -22.46
C ASP B 114 0.57 -17.20 -21.06
N GLU B 115 -0.04 -18.02 -20.21
CA GLU B 115 -0.39 -17.62 -18.85
C GLU B 115 -1.27 -16.37 -18.86
N ALA B 116 -2.31 -16.38 -19.71
CA ALA B 116 -3.18 -15.22 -19.83
C ALA B 116 -3.96 -14.94 -18.56
N ASP B 117 -4.06 -15.90 -17.64
CA ASP B 117 -4.78 -15.69 -16.39
C ASP B 117 -4.15 -14.61 -15.52
N SER B 118 -2.89 -14.26 -15.77
CA SER B 118 -2.21 -13.22 -14.99
C SER B 118 -2.42 -11.83 -15.56
N MET B 119 -3.08 -11.70 -16.71
CA MET B 119 -3.29 -10.39 -17.30
C MET B 119 -4.32 -9.59 -16.50
N THR B 120 -4.20 -8.27 -16.59
CA THR B 120 -5.14 -7.38 -15.92
C THR B 120 -6.43 -7.28 -16.72
N ALA B 121 -7.51 -6.89 -16.03
CA ALA B 121 -8.81 -6.79 -16.68
C ALA B 121 -8.80 -5.73 -17.78
N GLY B 122 -8.00 -4.67 -17.63
CA GLY B 122 -7.97 -3.64 -18.64
C GLY B 122 -7.46 -4.15 -19.98
N ALA B 123 -6.36 -4.91 -19.95
CA ALA B 123 -5.81 -5.47 -21.18
C ALA B 123 -6.80 -6.43 -21.82
N GLN B 124 -7.45 -7.26 -21.03
CA GLN B 124 -8.44 -8.20 -21.57
C GLN B 124 -9.60 -7.44 -22.22
N GLN B 125 -10.07 -6.37 -21.58
CA GLN B 125 -11.14 -5.57 -22.17
C GLN B 125 -10.68 -4.92 -23.47
N ALA B 126 -9.44 -4.41 -23.50
CA ALA B 126 -8.93 -3.79 -24.71
C ALA B 126 -8.78 -4.79 -25.85
N LEU B 127 -8.42 -6.03 -25.56
CA LEU B 127 -8.25 -7.04 -26.60
C LEU B 127 -9.56 -7.37 -27.32
N ARG B 128 -10.70 -7.03 -26.72
CA ARG B 128 -11.99 -7.50 -27.26
C ARG B 128 -12.20 -7.02 -28.68
N ARG B 129 -12.08 -5.70 -28.91
CA ARG B 129 -12.32 -5.15 -30.24
C ARG B 129 -11.16 -5.44 -31.18
N THR B 130 -9.93 -5.53 -30.66
CA THR B 130 -8.80 -5.88 -31.50
C THR B 130 -8.98 -7.26 -32.11
N MET B 131 -9.48 -8.22 -31.33
CA MET B 131 -9.74 -9.56 -31.86
C MET B 131 -10.82 -9.53 -32.93
N GLU B 132 -11.89 -8.76 -32.71
CA GLU B 132 -13.01 -8.76 -33.65
C GLU B 132 -12.67 -8.06 -34.96
N LEU B 133 -11.99 -6.91 -34.89
CA LEU B 133 -11.74 -6.10 -36.09
C LEU B 133 -10.68 -6.69 -36.99
N TYR B 134 -9.78 -7.52 -36.47
CA TYR B 134 -8.68 -8.09 -37.26
C TYR B 134 -8.74 -9.61 -37.31
N SER B 135 -9.90 -10.22 -37.08
CA SER B 135 -10.01 -11.67 -37.13
C SER B 135 -9.73 -12.22 -38.52
N ASN B 136 -9.87 -11.40 -39.56
CA ASN B 136 -9.65 -11.85 -40.93
C ASN B 136 -8.19 -12.13 -41.23
N SER B 137 -7.25 -11.67 -40.39
CA SER B 137 -5.84 -11.82 -40.66
C SER B 137 -5.09 -12.41 -39.46
N THR B 138 -5.64 -12.24 -38.27
CA THR B 138 -4.97 -12.66 -37.04
C THR B 138 -5.93 -13.46 -36.17
N ARG B 139 -5.38 -14.43 -35.43
CA ARG B 139 -6.13 -15.27 -34.51
C ARG B 139 -5.39 -15.35 -33.19
N PHE B 140 -6.12 -15.56 -32.11
CA PHE B 140 -5.58 -15.50 -30.76
C PHE B 140 -5.70 -16.85 -30.07
N ALA B 141 -4.61 -17.27 -29.43
CA ALA B 141 -4.56 -18.51 -28.67
C ALA B 141 -4.05 -18.20 -27.27
N PHE B 142 -4.93 -18.34 -26.28
CA PHE B 142 -4.57 -18.15 -24.89
C PHE B 142 -4.27 -19.49 -24.24
N ALA B 143 -3.30 -19.48 -23.32
CA ALA B 143 -2.96 -20.65 -22.52
C ALA B 143 -2.99 -20.25 -21.06
N CYS B 144 -3.77 -20.98 -20.25
CA CYS B 144 -3.95 -20.59 -18.87
C CYS B 144 -4.16 -21.85 -18.01
N ASN B 145 -4.07 -21.65 -16.69
CA ASN B 145 -4.35 -22.70 -15.72
C ASN B 145 -5.74 -22.58 -15.13
N GLN B 146 -6.22 -21.36 -14.89
CA GLN B 146 -7.55 -21.11 -14.34
C GLN B 146 -8.34 -20.34 -15.39
N SER B 147 -9.19 -21.05 -16.12
CA SER B 147 -9.98 -20.41 -17.18
C SER B 147 -10.96 -19.38 -16.64
N ASN B 148 -11.36 -19.51 -15.38
CA ASN B 148 -12.34 -18.58 -14.82
C ASN B 148 -11.80 -17.16 -14.68
N LYS B 149 -10.48 -16.97 -14.75
CA LYS B 149 -9.88 -15.65 -14.65
C LYS B 149 -9.93 -14.89 -15.96
N ILE B 150 -10.37 -15.52 -17.05
CA ILE B 150 -10.56 -14.84 -18.33
C ILE B 150 -11.97 -14.27 -18.36
N ILE B 151 -12.08 -12.98 -18.68
CA ILE B 151 -13.38 -12.33 -18.66
C ILE B 151 -14.32 -13.02 -19.65
N GLU B 152 -15.62 -13.04 -19.30
CA GLU B 152 -16.60 -13.72 -20.13
C GLU B 152 -16.63 -13.21 -21.57
N PRO B 153 -16.53 -11.89 -21.83
CA PRO B 153 -16.53 -11.44 -23.23
C PRO B 153 -15.45 -12.08 -24.07
N LEU B 154 -14.25 -12.29 -23.50
CA LEU B 154 -13.19 -12.95 -24.25
C LEU B 154 -13.49 -14.43 -24.46
N GLN B 155 -14.00 -15.11 -23.43
CA GLN B 155 -14.36 -16.51 -23.58
C GLN B 155 -15.42 -16.71 -24.65
N SER B 156 -16.33 -15.74 -24.79
CA SER B 156 -17.38 -15.86 -25.80
C SER B 156 -16.80 -15.84 -27.22
N ARG B 157 -15.66 -15.16 -27.41
CA ARG B 157 -15.05 -15.02 -28.72
C ARG B 157 -14.05 -16.13 -29.05
N CYS B 158 -13.80 -17.05 -28.12
CA CYS B 158 -12.80 -18.09 -28.30
C CYS B 158 -13.41 -19.46 -28.05
N ALA B 159 -12.88 -20.46 -28.74
CA ALA B 159 -13.20 -21.84 -28.42
C ALA B 159 -12.55 -22.24 -27.11
N ILE B 160 -13.07 -23.31 -26.51
CA ILE B 160 -12.62 -23.77 -25.20
C ILE B 160 -11.99 -25.15 -25.38
N LEU B 161 -10.77 -25.32 -24.86
CA LEU B 161 -10.06 -26.60 -24.90
C LEU B 161 -9.55 -26.87 -23.49
N ARG B 162 -10.27 -27.70 -22.75
CA ARG B 162 -9.88 -28.04 -21.39
C ARG B 162 -9.09 -29.35 -21.39
N TYR B 163 -7.90 -29.31 -20.78
CA TYR B 163 -7.01 -30.46 -20.72
C TYR B 163 -7.12 -31.13 -19.37
N SER B 164 -7.22 -32.46 -19.37
CA SER B 164 -7.34 -33.25 -18.16
C SER B 164 -6.00 -33.87 -17.79
N LYS B 165 -5.96 -34.47 -16.61
CA LYS B 165 -4.74 -35.12 -16.14
C LYS B 165 -4.33 -36.24 -17.08
N LEU B 166 -3.03 -36.38 -17.27
CA LEU B 166 -2.49 -37.49 -18.05
C LEU B 166 -2.62 -38.79 -17.27
N SER B 167 -3.11 -39.82 -17.93
CA SER B 167 -3.24 -41.11 -17.30
C SER B 167 -1.86 -41.73 -17.07
N ASP B 168 -1.79 -42.65 -16.11
CA ASP B 168 -0.52 -43.31 -15.82
C ASP B 168 0.02 -44.03 -17.05
N GLU B 169 -0.85 -44.50 -17.93
CA GLU B 169 -0.40 -45.19 -19.13
C GLU B 169 0.39 -44.24 -20.04
N ASP B 170 -0.11 -43.02 -20.24
CA ASP B 170 0.60 -42.06 -21.09
C ASP B 170 1.95 -41.69 -20.50
N VAL B 171 1.99 -41.46 -19.18
CA VAL B 171 3.25 -41.13 -18.53
C VAL B 171 4.24 -42.28 -18.68
N LEU B 172 3.77 -43.52 -18.48
CA LEU B 172 4.64 -44.68 -18.64
C LEU B 172 5.14 -44.78 -20.08
N LYS B 173 4.27 -44.53 -21.05
CA LYS B 173 4.67 -44.58 -22.46
C LYS B 173 5.78 -43.58 -22.75
N ARG B 174 5.59 -42.33 -22.34
CA ARG B 174 6.59 -41.31 -22.62
C ARG B 174 7.89 -41.59 -21.86
N LEU B 175 7.79 -42.04 -20.61
CA LEU B 175 8.98 -42.34 -19.84
C LEU B 175 9.76 -43.49 -20.47
N LEU B 176 9.07 -44.52 -20.94
CA LEU B 176 9.73 -45.63 -21.62
C LEU B 176 10.38 -45.19 -22.93
N GLN B 177 9.71 -44.31 -23.69
CA GLN B 177 10.34 -43.78 -24.89
C GLN B 177 11.62 -43.05 -24.57
N ILE B 178 11.59 -42.18 -23.56
CA ILE B 178 12.79 -41.44 -23.17
C ILE B 178 13.88 -42.40 -22.70
N ILE B 179 13.49 -43.42 -21.92
CA ILE B 179 14.46 -44.39 -21.42
C ILE B 179 15.13 -45.11 -22.57
N LYS B 180 14.35 -45.56 -23.55
CA LYS B 180 14.92 -46.20 -24.74
C LYS B 180 15.83 -45.26 -25.52
N LEU B 181 15.49 -43.97 -25.56
CA LEU B 181 16.33 -42.99 -26.25
C LEU B 181 17.49 -42.49 -25.41
N GLU B 182 17.60 -42.93 -24.15
CA GLU B 182 18.69 -42.53 -23.28
C GLU B 182 19.46 -43.72 -22.69
N ASP B 183 19.03 -44.95 -22.96
CA ASP B 183 19.69 -46.15 -22.45
C ASP B 183 19.79 -46.11 -20.93
N VAL B 184 18.64 -45.85 -20.30
CA VAL B 184 18.54 -45.79 -18.85
C VAL B 184 18.19 -47.16 -18.31
N LYS B 185 18.95 -47.62 -17.32
CA LYS B 185 18.69 -48.90 -16.66
C LYS B 185 17.64 -48.66 -15.57
N TYR B 186 16.55 -49.43 -15.62
CA TYR B 186 15.40 -49.18 -14.76
C TYR B 186 14.81 -50.49 -14.28
N THR B 187 14.02 -50.40 -13.22
CA THR B 187 13.22 -51.51 -12.72
C THR B 187 11.75 -51.07 -12.71
N ASN B 188 10.85 -52.04 -12.85
CA ASN B 188 9.43 -51.72 -12.93
C ASN B 188 8.96 -50.95 -11.71
N ASP B 189 9.40 -51.34 -10.51
CA ASP B 189 9.00 -50.62 -9.31
C ASP B 189 9.50 -49.18 -9.34
N GLY B 190 10.68 -48.93 -9.91
CA GLY B 190 11.17 -47.56 -10.03
C GLY B 190 10.27 -46.69 -10.88
N LEU B 191 9.85 -47.21 -12.05
CA LEU B 191 8.94 -46.46 -12.90
C LEU B 191 7.59 -46.27 -12.22
N GLU B 192 7.10 -47.30 -11.50
CA GLU B 192 5.85 -47.14 -10.77
C GLU B 192 5.95 -46.04 -9.73
N ALA B 193 7.07 -46.00 -8.99
CA ALA B 193 7.26 -44.94 -8.00
C ALA B 193 7.34 -43.57 -8.65
N ILE B 194 8.03 -43.48 -9.79
CA ILE B 194 8.14 -42.21 -10.49
C ILE B 194 6.76 -41.71 -10.90
N ILE B 195 5.94 -42.62 -11.45
CA ILE B 195 4.59 -42.24 -11.85
C ILE B 195 3.76 -41.84 -10.64
N PHE B 196 3.89 -42.58 -9.54
CA PHE B 196 3.11 -42.29 -8.34
C PHE B 196 3.43 -40.91 -7.79
N THR B 197 4.72 -40.58 -7.72
CA THR B 197 5.11 -39.26 -7.20
C THR B 197 4.82 -38.15 -8.20
N ALA B 198 4.80 -38.46 -9.50
CA ALA B 198 4.54 -37.43 -10.50
C ALA B 198 3.12 -36.86 -10.34
N GLU B 199 2.14 -37.72 -10.09
CA GLU B 199 0.75 -37.30 -9.92
C GLU B 199 0.21 -36.65 -11.19
N GLY B 200 0.50 -37.26 -12.33
CA GLY B 200 -0.01 -36.78 -13.60
C GLY B 200 0.77 -35.64 -14.23
N ASP B 201 1.87 -35.22 -13.64
CA ASP B 201 2.69 -34.13 -14.15
C ASP B 201 3.86 -34.72 -14.93
N MET B 202 3.83 -34.56 -16.26
CA MET B 202 4.90 -35.11 -17.09
C MET B 202 6.24 -34.44 -16.79
N ARG B 203 6.23 -33.12 -16.61
CA ARG B 203 7.48 -32.41 -16.34
C ARG B 203 8.13 -32.93 -15.05
N GLN B 204 7.33 -33.09 -14.00
CA GLN B 204 7.87 -33.58 -12.73
C GLN B 204 8.42 -35.00 -12.90
N ALA B 205 7.69 -35.85 -13.62
CA ALA B 205 8.14 -37.23 -13.83
C ALA B 205 9.49 -37.26 -14.55
N ILE B 206 9.61 -36.48 -15.63
CA ILE B 206 10.84 -36.47 -16.41
C ILE B 206 11.99 -35.91 -15.57
N ASN B 207 11.73 -34.83 -14.83
CA ASN B 207 12.78 -34.26 -13.99
C ASN B 207 13.24 -35.25 -12.93
N ASN B 208 12.30 -35.94 -12.29
CA ASN B 208 12.66 -36.92 -11.28
C ASN B 208 13.45 -38.07 -11.88
N LEU B 209 13.05 -38.55 -13.07
CA LEU B 209 13.79 -39.62 -13.72
C LEU B 209 15.22 -39.19 -14.02
N GLN B 210 15.38 -37.98 -14.58
CA GLN B 210 16.71 -37.50 -14.90
C GLN B 210 17.56 -37.33 -13.64
N SER B 211 16.99 -36.79 -12.57
CA SER B 211 17.73 -36.63 -11.33
C SER B 211 18.14 -37.97 -10.76
N THR B 212 17.24 -38.96 -10.77
CA THR B 212 17.58 -40.28 -10.26
C THR B 212 18.68 -40.91 -11.08
N VAL B 213 18.62 -40.78 -12.40
CA VAL B 213 19.65 -41.35 -13.25
C VAL B 213 21.00 -40.68 -12.99
N ALA B 214 21.01 -39.36 -12.86
CA ALA B 214 22.27 -38.64 -12.65
C ALA B 214 22.81 -38.80 -11.24
N GLY B 215 21.97 -39.20 -10.28
CA GLY B 215 22.39 -39.27 -8.90
C GLY B 215 22.64 -40.67 -8.39
N HIS B 216 21.97 -41.66 -8.97
CA HIS B 216 22.09 -43.04 -8.50
C HIS B 216 22.32 -44.01 -9.65
N GLY B 217 21.94 -43.62 -10.86
CA GLY B 217 22.15 -44.46 -12.03
C GLY B 217 20.99 -45.41 -12.30
N LEU B 218 20.77 -46.36 -11.38
CA LEU B 218 19.71 -47.34 -11.55
C LEU B 218 18.39 -46.76 -11.05
N VAL B 219 17.37 -46.82 -11.91
CA VAL B 219 16.05 -46.28 -11.58
C VAL B 219 15.20 -47.39 -10.94
N ASN B 220 15.34 -47.55 -9.63
CA ASN B 220 14.52 -48.49 -8.87
C ASN B 220 13.76 -47.72 -7.79
N ALA B 221 12.92 -48.45 -7.05
CA ALA B 221 12.10 -47.82 -6.02
C ALA B 221 12.97 -47.15 -4.96
N ASP B 222 14.02 -47.84 -4.51
CA ASP B 222 14.85 -47.27 -3.45
C ASP B 222 15.52 -45.98 -3.89
N ASN B 223 16.20 -46.00 -5.04
CA ASN B 223 16.87 -44.79 -5.52
C ASN B 223 15.86 -43.70 -5.84
N VAL B 224 14.72 -44.07 -6.42
CA VAL B 224 13.71 -43.07 -6.77
C VAL B 224 13.22 -42.36 -5.52
N PHE B 225 12.94 -43.11 -4.45
CA PHE B 225 12.48 -42.51 -3.20
C PHE B 225 13.58 -41.74 -2.48
N LYS B 226 14.85 -41.98 -2.80
CA LYS B 226 15.93 -41.16 -2.24
C LYS B 226 16.01 -39.79 -2.90
N ILE B 227 15.41 -39.62 -4.08
CA ILE B 227 15.38 -38.35 -4.78
C ILE B 227 14.04 -37.64 -4.59
N VAL B 228 12.94 -38.37 -4.78
CA VAL B 228 11.60 -37.82 -4.59
C VAL B 228 11.09 -38.30 -3.24
N ASP B 229 10.85 -37.36 -2.32
CA ASP B 229 10.36 -37.68 -1.00
C ASP B 229 8.88 -38.04 -1.06
N SER B 230 8.43 -38.79 -0.05
CA SER B 230 7.04 -39.21 0.03
C SER B 230 6.14 -37.98 0.11
N PRO B 231 5.10 -37.88 -0.72
CA PRO B 231 4.21 -36.72 -0.63
C PRO B 231 3.65 -36.56 0.78
N HIS B 232 3.84 -35.36 1.34
CA HIS B 232 3.38 -35.08 2.69
C HIS B 232 1.86 -35.00 2.79
N PRO B 233 1.13 -34.61 1.73
CA PRO B 233 -0.34 -34.66 1.82
C PRO B 233 -0.89 -36.03 2.15
N LEU B 234 -0.31 -37.09 1.60
CA LEU B 234 -0.73 -38.45 1.93
C LEU B 234 -0.43 -38.81 3.37
N ILE B 235 0.72 -38.38 3.89
CA ILE B 235 1.01 -38.60 5.30
C ILE B 235 0.01 -37.88 6.18
N VAL B 236 -0.34 -36.65 5.81
CA VAL B 236 -1.35 -35.91 6.57
C VAL B 236 -2.70 -36.61 6.51
N LYS B 237 -3.08 -37.12 5.34
CA LYS B 237 -4.32 -37.87 5.23
C LYS B 237 -4.31 -39.11 6.11
N LYS B 238 -3.19 -39.84 6.14
CA LYS B 238 -3.07 -40.98 7.04
C LYS B 238 -3.20 -40.55 8.50
N MET B 239 -2.59 -39.42 8.86
CA MET B 239 -2.68 -38.92 10.23
C MET B 239 -4.12 -38.58 10.60
N LEU B 240 -4.87 -37.94 9.71
CA LEU B 240 -6.24 -37.55 9.99
C LEU B 240 -7.20 -38.73 9.97
N LEU B 241 -6.88 -39.80 9.27
CA LEU B 241 -7.74 -40.97 9.18
C LEU B 241 -7.37 -42.06 10.17
N ALA B 242 -6.38 -41.83 11.04
CA ALA B 242 -5.99 -42.84 12.00
C ALA B 242 -7.12 -43.09 13.00
N SER B 243 -7.17 -44.33 13.50
CA SER B 243 -8.23 -44.71 14.44
C SER B 243 -7.95 -44.16 15.83
N ASN B 244 -6.81 -44.51 16.41
CA ASN B 244 -6.46 -44.08 17.76
C ASN B 244 -5.71 -42.76 17.72
N LEU B 245 -5.87 -41.98 18.80
CA LEU B 245 -5.14 -40.72 18.92
C LEU B 245 -3.64 -40.97 18.99
N GLU B 246 -3.23 -42.08 19.61
CA GLU B 246 -1.80 -42.38 19.72
C GLU B 246 -1.18 -42.57 18.35
N ASP B 247 -1.89 -43.26 17.44
CA ASP B 247 -1.35 -43.46 16.10
C ASP B 247 -1.20 -42.12 15.36
N SER B 248 -2.20 -41.25 15.47
CA SER B 248 -2.11 -39.94 14.83
C SER B 248 -0.96 -39.13 15.38
N ILE B 249 -0.78 -39.15 16.71
CA ILE B 249 0.33 -38.41 17.31
C ILE B 249 1.66 -39.00 16.88
N GLN B 250 1.76 -40.33 16.78
CA GLN B 250 2.99 -40.95 16.30
C GLN B 250 3.29 -40.53 14.87
N ILE B 251 2.28 -40.50 14.01
CA ILE B 251 2.49 -40.07 12.63
C ILE B 251 2.96 -38.62 12.60
N LEU B 252 2.33 -37.77 13.42
CA LEU B 252 2.70 -36.37 13.46
C LEU B 252 4.15 -36.20 13.90
N ARG B 253 4.55 -36.92 14.96
CA ARG B 253 5.88 -36.75 15.52
C ARG B 253 6.96 -37.33 14.62
N THR B 254 6.77 -38.55 14.13
CA THR B 254 7.84 -39.27 13.45
C THR B 254 7.96 -38.91 11.97
N ASP B 255 6.84 -38.69 11.29
CA ASP B 255 6.85 -38.50 9.84
C ASP B 255 6.83 -37.03 9.41
N LEU B 256 6.33 -36.12 10.26
CA LEU B 256 6.19 -34.73 9.86
C LEU B 256 7.06 -33.80 10.70
N TRP B 257 6.92 -33.88 12.03
CA TRP B 257 7.59 -32.90 12.89
C TRP B 257 9.11 -33.12 12.89
N LYS B 258 9.55 -34.37 13.06
CA LYS B 258 10.98 -34.65 13.12
C LYS B 258 11.65 -34.62 11.76
N LYS B 259 10.87 -34.60 10.67
CA LYS B 259 11.44 -34.50 9.33
C LYS B 259 11.70 -33.06 8.90
N GLY B 260 11.28 -32.08 9.69
CA GLY B 260 11.52 -30.69 9.41
C GLY B 260 10.36 -29.92 8.81
N TYR B 261 9.20 -30.55 8.65
CA TYR B 261 8.04 -29.85 8.10
C TYR B 261 7.54 -28.79 9.08
N SER B 262 7.24 -27.61 8.57
CA SER B 262 6.79 -26.51 9.41
C SER B 262 5.34 -26.72 9.85
N SER B 263 4.98 -26.12 10.98
CA SER B 263 3.62 -26.26 11.49
C SER B 263 2.61 -25.62 10.56
N ILE B 264 2.95 -24.47 9.97
CA ILE B 264 2.03 -23.80 9.06
C ILE B 264 1.74 -24.69 7.85
N ASP B 265 2.77 -25.31 7.29
CA ASP B 265 2.56 -26.23 6.18
C ASP B 265 1.68 -27.39 6.60
N ILE B 266 1.93 -27.94 7.78
CA ILE B 266 1.15 -29.08 8.25
C ILE B 266 -0.33 -28.70 8.38
N VAL B 267 -0.62 -27.55 8.98
CA VAL B 267 -2.01 -27.17 9.19
C VAL B 267 -2.69 -26.84 7.88
N THR B 268 -1.99 -26.16 6.97
CA THR B 268 -2.58 -25.87 5.66
C THR B 268 -2.89 -27.15 4.90
N THR B 269 -1.95 -28.11 4.91
CA THR B 269 -2.18 -29.38 4.24
C THR B 269 -3.33 -30.14 4.89
N SER B 270 -3.43 -30.09 6.22
CA SER B 270 -4.54 -30.74 6.91
C SER B 270 -5.87 -30.14 6.48
N PHE B 271 -5.95 -28.81 6.41
CA PHE B 271 -7.17 -28.17 5.95
C PHE B 271 -7.52 -28.60 4.53
N ARG B 272 -6.53 -28.57 3.63
CA ARG B 272 -6.79 -28.93 2.24
C ARG B 272 -7.25 -30.38 2.11
N VAL B 273 -6.61 -31.29 2.85
CA VAL B 273 -6.98 -32.70 2.78
C VAL B 273 -8.38 -32.91 3.35
N THR B 274 -8.67 -32.27 4.48
CA THR B 274 -10.00 -32.42 5.08
C THR B 274 -11.09 -31.90 4.16
N LYS B 275 -10.80 -30.81 3.43
CA LYS B 275 -11.80 -30.27 2.52
C LYS B 275 -12.19 -31.27 1.43
N ASN B 276 -11.33 -32.25 1.13
CA ASN B 276 -11.57 -33.19 0.04
C ASN B 276 -11.62 -34.64 0.53
N LEU B 277 -12.07 -34.88 1.75
CA LEU B 277 -12.17 -36.22 2.31
C LEU B 277 -13.60 -36.71 2.14
N ALA B 278 -13.92 -37.17 0.93
CA ALA B 278 -15.28 -37.57 0.61
C ALA B 278 -15.73 -38.74 1.47
N GLN B 279 -14.80 -39.59 1.91
CA GLN B 279 -15.20 -40.74 2.73
C GLN B 279 -15.89 -40.31 4.01
N VAL B 280 -15.44 -39.19 4.59
CA VAL B 280 -16.04 -38.66 5.81
C VAL B 280 -17.23 -37.80 5.45
N LYS B 281 -18.23 -37.79 6.33
CA LYS B 281 -19.43 -37.00 6.07
C LYS B 281 -19.12 -35.51 6.09
N GLU B 282 -19.96 -34.74 5.40
CA GLU B 282 -19.68 -33.31 5.22
C GLU B 282 -19.70 -32.57 6.55
N SER B 283 -20.64 -32.91 7.44
CA SER B 283 -20.72 -32.21 8.71
C SER B 283 -19.49 -32.47 9.57
N VAL B 284 -19.03 -33.72 9.62
CA VAL B 284 -17.83 -34.03 10.38
C VAL B 284 -16.64 -33.29 9.80
N ARG B 285 -16.54 -33.22 8.47
CA ARG B 285 -15.48 -32.44 7.84
C ARG B 285 -15.59 -30.97 8.20
N LEU B 286 -16.81 -30.44 8.32
CA LEU B 286 -16.98 -29.04 8.69
C LEU B 286 -16.48 -28.79 10.12
N GLU B 287 -16.81 -29.68 11.06
CA GLU B 287 -16.29 -29.53 12.41
C GLU B 287 -14.76 -29.63 12.44
N MET B 288 -14.21 -30.59 11.69
CA MET B 288 -12.76 -30.72 11.61
C MET B 288 -12.13 -29.46 11.02
N ILE B 289 -12.78 -28.86 10.02
CA ILE B 289 -12.28 -27.63 9.42
C ILE B 289 -12.33 -26.49 10.42
N LYS B 290 -13.38 -26.42 11.24
CA LYS B 290 -13.44 -25.39 12.27
C LYS B 290 -12.27 -25.54 13.25
N GLU B 291 -12.02 -26.76 13.70
CA GLU B 291 -10.90 -26.98 14.63
C GLU B 291 -9.57 -26.64 13.97
N ILE B 292 -9.39 -27.05 12.71
CA ILE B 292 -8.14 -26.78 12.01
C ILE B 292 -7.97 -25.29 11.79
N GLY B 293 -9.07 -24.57 11.55
CA GLY B 293 -8.99 -23.13 11.40
C GLY B 293 -8.62 -22.44 12.70
N LEU B 294 -9.16 -22.92 13.82
CA LEU B 294 -8.73 -22.39 15.11
C LEU B 294 -7.24 -22.61 15.33
N THR B 295 -6.76 -23.81 15.02
CA THR B 295 -5.34 -24.09 15.18
C THR B 295 -4.50 -23.22 14.25
N HIS B 296 -4.96 -23.01 13.01
CA HIS B 296 -4.23 -22.18 12.07
C HIS B 296 -4.17 -20.73 12.53
N MET B 297 -5.28 -20.23 13.08
CA MET B 297 -5.28 -18.87 13.63
C MET B 297 -4.32 -18.75 14.80
N ARG B 298 -4.28 -19.76 15.67
CA ARG B 298 -3.30 -19.75 16.75
C ARG B 298 -1.88 -19.74 16.22
N ILE B 299 -1.60 -20.55 15.19
CA ILE B 299 -0.26 -20.62 14.64
C ILE B 299 0.14 -19.28 14.01
N LEU B 300 -0.77 -18.66 13.27
CA LEU B 300 -0.47 -17.40 12.62
C LEU B 300 -0.15 -16.29 13.62
N GLU B 301 -0.62 -16.41 14.86
CA GLU B 301 -0.33 -15.43 15.89
C GLU B 301 1.05 -15.60 16.50
N GLY B 302 1.76 -16.67 16.16
CA GLY B 302 3.12 -16.89 16.65
C GLY B 302 3.33 -18.18 17.41
N VAL B 303 2.26 -18.84 17.91
CA VAL B 303 2.44 -20.07 18.66
C VAL B 303 2.39 -21.26 17.70
N GLY B 304 3.52 -21.54 17.06
CA GLY B 304 3.64 -22.70 16.18
C GLY B 304 4.27 -23.89 16.86
N THR B 305 3.72 -24.32 18.00
CA THR B 305 4.33 -25.37 18.78
C THR B 305 3.71 -26.73 18.44
N TYR B 306 4.47 -27.79 18.73
CA TYR B 306 3.97 -29.15 18.54
C TYR B 306 2.76 -29.42 19.41
N LEU B 307 2.68 -28.76 20.57
CA LEU B 307 1.55 -28.95 21.47
C LEU B 307 0.25 -28.52 20.81
N GLN B 308 0.28 -27.43 20.04
CA GLN B 308 -0.92 -26.98 19.34
C GLN B 308 -1.41 -28.02 18.34
N LEU B 309 -0.49 -28.61 17.58
CA LEU B 309 -0.88 -29.65 16.62
C LEU B 309 -1.41 -30.88 17.34
N ALA B 310 -0.78 -31.25 18.46
CA ALA B 310 -1.28 -32.38 19.23
C ALA B 310 -2.70 -32.11 19.75
N SER B 311 -2.94 -30.88 20.23
CA SER B 311 -4.29 -30.52 20.68
C SER B 311 -5.28 -30.55 19.54
N MET B 312 -4.88 -30.10 18.35
CA MET B 312 -5.76 -30.16 17.19
C MET B 312 -6.13 -31.61 16.87
N LEU B 313 -5.13 -32.49 16.88
CA LEU B 313 -5.41 -33.91 16.63
C LEU B 313 -6.33 -34.49 17.70
N ALA B 314 -6.11 -34.14 18.96
CA ALA B 314 -6.96 -34.63 20.04
C ALA B 314 -8.40 -34.16 19.85
N LYS B 315 -8.58 -32.89 19.48
CA LYS B 315 -9.93 -32.39 19.24
C LYS B 315 -10.58 -33.08 18.05
N ILE B 316 -9.82 -33.31 16.98
CA ILE B 316 -10.38 -34.03 15.83
C ILE B 316 -10.83 -35.42 16.23
N HIS B 317 -10.01 -36.13 17.01
CA HIS B 317 -10.40 -37.46 17.47
C HIS B 317 -11.62 -37.40 18.37
N LYS B 318 -11.70 -36.40 19.24
CA LYS B 318 -12.87 -36.25 20.10
C LYS B 318 -14.13 -36.01 19.28
N LEU B 319 -14.01 -35.29 18.16
CA LEU B 319 -15.18 -35.03 17.32
C LEU B 319 -15.75 -36.33 16.76
N ASN B 320 -14.88 -37.28 16.40
CA ASN B 320 -15.31 -38.54 15.82
C ASN B 320 -15.71 -39.58 16.87
N ASN B 321 -15.62 -39.24 18.15
CA ASN B 321 -15.99 -40.16 19.21
C ASN B 321 -17.38 -39.83 19.75
N LYS C 7 34.44 -4.61 11.91
CA LYS C 7 34.92 -5.62 10.97
C LYS C 7 36.45 -5.69 11.00
N ARG C 8 37.03 -5.40 12.16
CA ARG C 8 38.48 -5.40 12.29
C ARG C 8 39.06 -6.79 12.04
N SER C 9 38.42 -7.81 12.58
CA SER C 9 38.88 -9.19 12.44
C SER C 9 37.70 -10.13 12.61
N LYS C 10 37.89 -11.37 12.15
CA LYS C 10 36.85 -12.39 12.28
C LYS C 10 36.58 -12.78 13.72
N GLU C 11 37.52 -12.53 14.63
CA GLU C 11 37.31 -12.82 16.05
C GLU C 11 36.30 -11.89 16.69
N ASN C 12 35.99 -10.76 16.07
CA ASN C 12 34.98 -9.84 16.58
C ASN C 12 33.58 -10.21 16.16
N LEU C 13 33.43 -11.20 15.26
CA LEU C 13 32.11 -11.60 14.77
C LEU C 13 31.43 -12.53 15.77
N PRO C 14 30.10 -12.59 15.76
CA PRO C 14 29.40 -13.58 16.59
C PRO C 14 29.72 -14.99 16.13
N TRP C 15 29.66 -15.93 17.08
CA TRP C 15 30.01 -17.31 16.77
C TRP C 15 29.13 -17.89 15.67
N VAL C 16 27.90 -17.42 15.54
CA VAL C 16 27.03 -17.93 14.49
C VAL C 16 27.59 -17.59 13.11
N GLU C 17 28.22 -16.43 12.97
CA GLU C 17 28.81 -16.01 11.70
C GLU C 17 30.29 -16.39 11.58
N LYS C 18 31.00 -16.52 12.70
CA LYS C 18 32.41 -16.87 12.63
C LYS C 18 32.61 -18.30 12.14
N TYR C 19 31.68 -19.19 12.49
CA TYR C 19 31.78 -20.61 12.15
C TYR C 19 30.94 -20.99 10.94
N ARG C 20 30.57 -20.03 10.11
CA ARG C 20 29.80 -20.33 8.91
C ARG C 20 30.64 -21.19 7.97
N PRO C 21 30.14 -22.34 7.51
CA PRO C 21 30.96 -23.18 6.62
C PRO C 21 31.36 -22.43 5.35
N GLU C 22 32.60 -22.67 4.93
CA GLU C 22 33.11 -22.10 3.68
C GLU C 22 33.22 -23.13 2.57
N THR C 23 33.32 -24.41 2.90
CA THR C 23 33.38 -25.49 1.93
C THR C 23 32.31 -26.52 2.23
N LEU C 24 31.93 -27.27 1.21
CA LEU C 24 30.90 -28.29 1.38
C LEU C 24 31.30 -29.38 2.35
N ASP C 25 32.59 -29.55 2.62
CA ASP C 25 33.04 -30.55 3.58
C ASP C 25 32.80 -30.12 5.03
N GLU C 26 32.54 -28.84 5.27
CA GLU C 26 32.29 -28.34 6.62
C GLU C 26 30.82 -28.31 6.98
N VAL C 27 29.93 -28.76 6.09
CA VAL C 27 28.51 -28.83 6.36
C VAL C 27 28.20 -30.22 6.90
N TYR C 28 27.61 -30.27 8.10
CA TYR C 28 27.37 -31.51 8.82
C TYR C 28 25.88 -31.76 8.95
N GLY C 29 25.52 -33.04 9.02
CA GLY C 29 24.13 -33.43 9.23
C GLY C 29 23.27 -33.49 7.99
N GLN C 30 23.85 -33.27 6.81
CA GLN C 30 23.11 -33.30 5.55
C GLN C 30 23.88 -34.12 4.52
N ASN C 31 24.31 -35.32 4.93
CA ASN C 31 25.20 -36.11 4.09
C ASN C 31 24.55 -36.45 2.75
N GLU C 32 23.29 -36.85 2.75
CA GLU C 32 22.63 -37.24 1.50
C GLU C 32 22.60 -36.08 0.52
N VAL C 33 22.11 -34.92 0.95
CA VAL C 33 21.99 -33.77 0.06
C VAL C 33 23.36 -33.33 -0.44
N ILE C 34 24.35 -33.27 0.45
CA ILE C 34 25.68 -32.82 0.07
C ILE C 34 26.28 -33.78 -0.96
N THR C 35 26.17 -35.08 -0.71
CA THR C 35 26.71 -36.07 -1.65
C THR C 35 26.03 -35.95 -3.00
N THR C 36 24.71 -35.80 -3.01
CA THR C 36 23.99 -35.72 -4.28
C THR C 36 24.38 -34.47 -5.06
N VAL C 37 24.46 -33.32 -4.39
CA VAL C 37 24.79 -32.08 -5.09
C VAL C 37 26.23 -32.14 -5.59
N ARG C 38 27.14 -32.72 -4.80
CA ARG C 38 28.51 -32.84 -5.26
C ARG C 38 28.61 -33.74 -6.48
N LYS C 39 27.87 -34.85 -6.48
CA LYS C 39 27.86 -35.73 -7.64
C LYS C 39 27.30 -35.00 -8.86
N PHE C 40 26.24 -34.21 -8.67
CA PHE C 40 25.66 -33.45 -9.78
C PHE C 40 26.68 -32.47 -10.33
N VAL C 41 27.36 -31.73 -9.46
CA VAL C 41 28.30 -30.70 -9.92
C VAL C 41 29.49 -31.33 -10.61
N ASP C 42 30.04 -32.41 -10.04
CA ASP C 42 31.22 -33.03 -10.61
C ASP C 42 30.95 -33.55 -12.02
N GLU C 43 29.78 -34.14 -12.23
CA GLU C 43 29.40 -34.68 -13.53
C GLU C 43 28.78 -33.63 -14.45
N GLY C 44 28.64 -32.39 -13.98
CA GLY C 44 28.06 -31.35 -14.82
C GLY C 44 26.62 -31.59 -15.17
N LYS C 45 25.81 -31.99 -14.18
CA LYS C 45 24.39 -32.26 -14.38
C LYS C 45 23.57 -31.61 -13.29
N LEU C 46 23.86 -30.34 -13.00
CA LEU C 46 23.15 -29.62 -11.94
C LEU C 46 21.78 -29.19 -12.43
N PRO C 47 20.67 -29.66 -11.82
CA PRO C 47 19.35 -29.18 -12.24
C PRO C 47 18.90 -27.95 -11.46
N HIS C 48 17.70 -27.47 -11.74
CA HIS C 48 17.11 -26.42 -10.93
C HIS C 48 16.83 -26.98 -9.54
N LEU C 49 17.28 -26.27 -8.50
CA LEU C 49 17.31 -26.80 -7.16
C LEU C 49 16.37 -26.03 -6.24
N LEU C 50 15.72 -26.77 -5.34
CA LEU C 50 14.94 -26.21 -4.25
C LEU C 50 15.45 -26.82 -2.95
N PHE C 51 15.79 -25.97 -1.99
CA PHE C 51 16.23 -26.40 -0.68
C PHE C 51 15.18 -25.98 0.34
N TYR C 52 14.39 -26.96 0.82
CA TYR C 52 13.33 -26.70 1.77
C TYR C 52 13.74 -27.23 3.14
N GLY C 53 13.65 -26.39 4.16
CA GLY C 53 14.03 -26.81 5.48
C GLY C 53 13.72 -25.81 6.58
N PRO C 54 13.84 -26.24 7.83
CA PRO C 54 13.57 -25.36 8.96
C PRO C 54 14.74 -24.44 9.22
N PRO C 55 14.58 -23.47 10.14
CA PRO C 55 15.65 -22.50 10.37
C PRO C 55 16.93 -23.15 10.86
N GLY C 56 18.06 -22.59 10.43
CA GLY C 56 19.36 -23.00 10.94
C GLY C 56 19.73 -24.44 10.63
N THR C 57 19.48 -24.89 9.41
CA THR C 57 19.83 -26.25 9.00
C THR C 57 21.02 -26.31 8.05
N GLY C 58 21.37 -25.19 7.40
CA GLY C 58 22.53 -25.15 6.53
C GLY C 58 22.17 -25.05 5.06
N LYS C 59 21.06 -24.38 4.75
CA LYS C 59 20.66 -24.22 3.35
C LYS C 59 21.47 -23.11 2.68
N THR C 60 21.46 -21.91 3.28
CA THR C 60 22.21 -20.80 2.72
C THR C 60 23.70 -21.12 2.68
N SER C 61 24.23 -21.71 3.76
CA SER C 61 25.64 -22.09 3.79
C SER C 61 25.94 -23.11 2.70
N THR C 62 25.06 -24.10 2.52
CA THR C 62 25.29 -25.12 1.50
C THR C 62 25.31 -24.52 0.11
N ILE C 63 24.36 -23.63 -0.20
CA ILE C 63 24.32 -23.06 -1.54
C ILE C 63 25.51 -22.13 -1.76
N VAL C 64 25.92 -21.38 -0.74
CA VAL C 64 27.10 -20.52 -0.89
C VAL C 64 28.34 -21.36 -1.13
N ALA C 65 28.49 -22.46 -0.39
CA ALA C 65 29.62 -23.35 -0.60
C ALA C 65 29.60 -23.95 -1.99
N LEU C 66 28.42 -24.34 -2.48
CA LEU C 66 28.32 -24.88 -3.83
C LEU C 66 28.73 -23.84 -4.87
N ALA C 67 28.27 -22.60 -4.69
CA ALA C 67 28.65 -21.53 -5.62
C ALA C 67 30.15 -21.29 -5.59
N ARG C 68 30.75 -21.27 -4.40
CA ARG C 68 32.19 -21.11 -4.27
C ARG C 68 32.97 -22.26 -4.90
N GLU C 69 32.48 -23.49 -4.79
CA GLU C 69 33.12 -24.64 -5.42
C GLU C 69 33.02 -24.60 -6.94
N ILE C 70 31.85 -24.21 -7.47
CA ILE C 70 31.67 -24.19 -8.92
C ILE C 70 32.54 -23.10 -9.56
N TYR C 71 32.58 -21.92 -8.96
CA TYR C 71 33.29 -20.77 -9.53
C TYR C 71 34.61 -20.48 -8.86
N GLY C 72 34.67 -20.51 -7.53
CA GLY C 72 35.89 -20.24 -6.80
C GLY C 72 35.76 -19.09 -5.83
N LYS C 73 36.85 -18.34 -5.65
CA LYS C 73 36.85 -17.24 -4.69
C LYS C 73 36.02 -16.05 -5.17
N ASN C 74 35.95 -15.82 -6.48
CA ASN C 74 35.22 -14.70 -7.05
C ASN C 74 33.78 -15.06 -7.40
N TYR C 75 33.19 -16.04 -6.70
CA TYR C 75 31.83 -16.47 -7.02
C TYR C 75 30.84 -15.33 -6.87
N SER C 76 31.09 -14.38 -5.96
CA SER C 76 30.15 -13.31 -5.70
C SER C 76 29.87 -12.47 -6.95
N ASN C 77 30.84 -12.35 -7.86
CA ASN C 77 30.67 -11.59 -9.08
C ASN C 77 30.11 -12.42 -10.23
N MET C 78 29.82 -13.70 -9.99
CA MET C 78 29.36 -14.60 -11.04
C MET C 78 27.97 -15.16 -10.76
N VAL C 79 27.38 -14.87 -9.61
CA VAL C 79 26.07 -15.40 -9.24
C VAL C 79 25.17 -14.23 -8.83
N LEU C 80 23.91 -14.30 -9.24
CA LEU C 80 22.92 -13.28 -8.91
C LEU C 80 22.15 -13.75 -7.68
N GLU C 81 22.46 -13.17 -6.52
CA GLU C 81 21.84 -13.55 -5.27
C GLU C 81 20.84 -12.49 -4.85
N LEU C 82 19.59 -12.90 -4.64
CA LEU C 82 18.54 -12.02 -4.14
C LEU C 82 17.88 -12.66 -2.93
N ASN C 83 17.35 -11.81 -2.04
CA ASN C 83 16.73 -12.28 -0.81
C ASN C 83 15.61 -11.32 -0.43
N ALA C 84 14.97 -11.59 0.71
CA ALA C 84 13.85 -10.77 1.15
C ALA C 84 14.24 -9.34 1.44
N SER C 85 15.46 -9.11 1.93
CA SER C 85 15.90 -7.75 2.22
C SER C 85 15.96 -6.87 0.99
N ASP C 86 16.05 -7.47 -0.20
CA ASP C 86 16.09 -6.75 -1.46
C ASP C 86 14.71 -6.67 -2.08
N ASP C 87 14.57 -5.81 -3.08
CA ASP C 87 13.32 -5.69 -3.83
C ASP C 87 13.27 -6.77 -4.90
N ARG C 88 12.22 -7.59 -4.86
CA ARG C 88 12.06 -8.71 -5.78
C ARG C 88 10.66 -8.73 -6.37
N GLY C 89 10.19 -7.57 -6.83
CA GLY C 89 8.90 -7.49 -7.47
C GLY C 89 8.92 -8.00 -8.89
N ILE C 90 7.76 -7.91 -9.56
CA ILE C 90 7.66 -8.37 -10.93
C ILE C 90 8.57 -7.57 -11.84
N ASP C 91 8.73 -6.27 -11.56
CA ASP C 91 9.62 -5.45 -12.36
C ASP C 91 11.06 -5.93 -12.29
N VAL C 92 11.54 -6.31 -11.09
CA VAL C 92 12.89 -6.83 -10.97
C VAL C 92 13.06 -8.12 -11.74
N VAL C 93 12.06 -9.01 -11.67
CA VAL C 93 12.13 -10.26 -12.43
C VAL C 93 12.18 -9.98 -13.92
N ARG C 94 11.38 -9.01 -14.39
CA ARG C 94 11.31 -8.73 -15.82
C ARG C 94 12.59 -8.12 -16.36
N ASN C 95 13.37 -7.42 -15.53
CA ASN C 95 14.54 -6.72 -16.03
C ASN C 95 15.85 -7.30 -15.53
N GLN C 96 16.05 -7.32 -14.20
CA GLN C 96 17.35 -7.71 -13.67
C GLN C 96 17.62 -9.19 -13.91
N ILE C 97 16.73 -10.05 -13.40
CA ILE C 97 16.94 -11.50 -13.54
C ILE C 97 16.94 -11.89 -15.01
N LYS C 98 16.08 -11.26 -15.81
CA LYS C 98 15.98 -11.63 -17.22
C LYS C 98 17.27 -11.32 -17.97
N ASP C 99 17.83 -10.13 -17.78
CA ASP C 99 19.11 -9.82 -18.43
C ASP C 99 20.24 -10.67 -17.88
N PHE C 100 20.23 -10.95 -16.58
CA PHE C 100 21.28 -11.81 -16.02
C PHE C 100 21.24 -13.20 -16.66
N ALA C 101 20.04 -13.75 -16.84
CA ALA C 101 19.92 -15.10 -17.39
C ALA C 101 20.19 -15.15 -18.89
N SER C 102 19.96 -14.06 -19.61
CA SER C 102 20.09 -14.04 -21.06
C SER C 102 21.44 -13.52 -21.54
N THR C 103 22.35 -13.17 -20.63
CA THR C 103 23.64 -12.60 -20.99
C THR C 103 24.76 -13.54 -20.51
N ARG C 104 25.89 -13.49 -21.21
CA ARG C 104 27.01 -14.34 -20.87
C ARG C 104 27.74 -13.81 -19.62
N GLN C 105 28.58 -14.68 -19.06
CA GLN C 105 29.40 -14.28 -17.92
C GLN C 105 30.51 -13.33 -18.36
N ILE C 106 30.76 -12.32 -17.53
CA ILE C 106 31.82 -11.36 -17.85
C ILE C 106 33.19 -12.00 -17.70
N PHE C 107 33.42 -12.75 -16.62
CA PHE C 107 34.75 -13.26 -16.30
C PHE C 107 35.05 -14.56 -17.04
N SER C 108 34.28 -15.61 -16.76
CA SER C 108 34.55 -16.93 -17.32
C SER C 108 33.57 -17.21 -18.45
N LYS C 109 33.58 -18.44 -18.98
CA LYS C 109 32.68 -18.87 -20.04
C LYS C 109 31.69 -19.91 -19.57
N GLY C 110 31.49 -20.03 -18.25
CA GLY C 110 30.62 -21.04 -17.69
C GLY C 110 29.17 -20.59 -17.62
N PHE C 111 28.35 -21.43 -17.01
CA PHE C 111 26.94 -21.13 -16.85
C PHE C 111 26.74 -20.11 -15.72
N LYS C 112 25.49 -19.72 -15.53
CA LYS C 112 25.12 -18.67 -14.59
C LYS C 112 24.16 -19.21 -13.54
N LEU C 113 24.31 -18.72 -12.31
CA LEU C 113 23.53 -19.19 -11.17
C LEU C 113 22.76 -18.03 -10.56
N ILE C 114 21.47 -18.25 -10.30
CA ILE C 114 20.61 -17.29 -9.63
C ILE C 114 20.10 -17.94 -8.35
N ILE C 115 20.36 -17.29 -7.22
CA ILE C 115 20.01 -17.81 -5.90
C ILE C 115 18.94 -16.89 -5.31
N LEU C 116 17.70 -17.37 -5.27
CA LEU C 116 16.57 -16.63 -4.71
C LEU C 116 16.32 -17.18 -3.31
N ASP C 117 17.04 -16.64 -2.32
CA ASP C 117 16.89 -17.06 -0.94
C ASP C 117 15.62 -16.46 -0.34
N GLU C 118 15.00 -17.21 0.57
CA GLU C 118 13.76 -16.78 1.20
C GLU C 118 12.68 -16.50 0.16
N ALA C 119 12.59 -17.36 -0.86
CA ALA C 119 11.63 -17.14 -1.94
C ALA C 119 10.20 -17.21 -1.46
N ASP C 120 9.95 -17.78 -0.27
CA ASP C 120 8.59 -17.82 0.26
C ASP C 120 8.03 -16.44 0.53
N ALA C 121 8.86 -15.41 0.59
CA ALA C 121 8.43 -14.03 0.80
C ALA C 121 8.18 -13.30 -0.51
N MET C 122 8.31 -13.96 -1.65
CA MET C 122 8.12 -13.34 -2.95
C MET C 122 6.64 -13.32 -3.31
N THR C 123 6.23 -12.29 -4.04
CA THR C 123 4.84 -12.16 -4.46
C THR C 123 4.50 -13.19 -5.52
N ASN C 124 3.21 -13.49 -5.64
CA ASN C 124 2.76 -14.49 -6.60
C ASN C 124 3.04 -14.03 -8.04
N ALA C 125 2.92 -12.73 -8.30
CA ALA C 125 3.15 -12.23 -9.65
C ALA C 125 4.59 -12.47 -10.08
N ALA C 126 5.55 -12.21 -9.19
CA ALA C 126 6.96 -12.45 -9.51
C ALA C 126 7.22 -13.94 -9.74
N GLN C 127 6.63 -14.80 -8.91
CA GLN C 127 6.81 -16.23 -9.11
C GLN C 127 6.25 -16.69 -10.45
N ASN C 128 5.07 -16.17 -10.82
CA ASN C 128 4.49 -16.51 -12.12
C ASN C 128 5.38 -16.02 -13.26
N ALA C 129 5.93 -14.81 -13.12
CA ALA C 129 6.82 -14.29 -14.16
C ALA C 129 8.08 -15.12 -14.30
N LEU C 130 8.60 -15.64 -13.18
CA LEU C 130 9.81 -16.45 -13.22
C LEU C 130 9.62 -17.76 -13.98
N ARG C 131 8.38 -18.17 -14.24
CA ARG C 131 8.13 -19.48 -14.83
C ARG C 131 8.80 -19.61 -16.19
N ARG C 132 8.53 -18.66 -17.09
CA ARG C 132 9.11 -18.71 -18.43
C ARG C 132 10.58 -18.31 -18.43
N VAL C 133 11.02 -17.49 -17.46
CA VAL C 133 12.44 -17.18 -17.36
C VAL C 133 13.24 -18.44 -17.07
N ILE C 134 12.72 -19.29 -16.18
CA ILE C 134 13.41 -20.52 -15.83
C ILE C 134 13.52 -21.44 -17.05
N GLU C 135 12.46 -21.48 -17.88
CA GLU C 135 12.41 -22.45 -18.96
C GLU C 135 13.21 -21.97 -20.18
N ARG C 136 12.99 -20.72 -20.61
CA ARG C 136 13.60 -20.26 -21.85
C ARG C 136 15.13 -20.27 -21.77
N TYR C 137 15.69 -19.82 -20.65
CA TYR C 137 17.13 -19.71 -20.49
C TYR C 137 17.72 -20.89 -19.71
N THR C 138 17.09 -22.06 -19.78
CA THR C 138 17.60 -23.22 -19.06
C THR C 138 18.91 -23.73 -19.67
N LYS C 139 19.17 -23.43 -20.93
CA LYS C 139 20.36 -23.93 -21.60
C LYS C 139 21.64 -23.38 -20.96
N ASN C 140 21.58 -22.18 -20.37
CA ASN C 140 22.76 -21.54 -19.81
C ASN C 140 22.59 -21.01 -18.40
N THR C 141 21.40 -21.14 -17.80
CA THR C 141 21.13 -20.60 -16.48
C THR C 141 20.50 -21.66 -15.60
N ARG C 142 20.81 -21.59 -14.30
CA ARG C 142 20.25 -22.49 -13.31
C ARG C 142 19.71 -21.67 -12.14
N PHE C 143 18.62 -22.16 -11.54
CA PHE C 143 17.93 -21.44 -10.47
C PHE C 143 17.95 -22.27 -9.20
N CYS C 144 18.23 -21.61 -8.08
CA CYS C 144 18.15 -22.21 -6.76
C CYS C 144 17.16 -21.42 -5.91
N VAL C 145 16.24 -22.11 -5.27
CA VAL C 145 15.20 -21.50 -4.44
C VAL C 145 15.30 -22.11 -3.04
N LEU C 146 15.49 -21.26 -2.04
CA LEU C 146 15.59 -21.69 -0.65
C LEU C 146 14.32 -21.29 0.09
N ALA C 147 13.77 -22.21 0.89
CA ALA C 147 12.48 -21.97 1.51
C ALA C 147 12.40 -22.64 2.88
N ASN C 148 11.64 -22.00 3.76
CA ASN C 148 11.24 -22.57 5.04
C ASN C 148 9.78 -23.02 5.05
N TYR C 149 8.93 -22.42 4.22
CA TYR C 149 7.51 -22.75 4.14
C TYR C 149 7.17 -23.02 2.68
N ALA C 150 6.79 -24.27 2.38
CA ALA C 150 6.47 -24.64 1.01
C ALA C 150 5.10 -24.15 0.56
N HIS C 151 4.20 -23.83 1.49
CA HIS C 151 2.86 -23.41 1.11
C HIS C 151 2.85 -22.04 0.46
N LYS C 152 3.93 -21.27 0.57
CA LYS C 152 4.02 -19.96 -0.05
C LYS C 152 4.57 -20.01 -1.46
N LEU C 153 4.94 -21.18 -1.95
CA LEU C 153 5.48 -21.35 -3.30
C LEU C 153 4.40 -21.88 -4.22
N THR C 154 4.25 -21.25 -5.39
CA THR C 154 3.22 -21.65 -6.32
C THR C 154 3.51 -23.05 -6.87
N PRO C 155 2.49 -23.84 -7.20
CA PRO C 155 2.74 -25.18 -7.76
C PRO C 155 3.56 -25.15 -9.04
N ALA C 156 3.37 -24.13 -9.88
CA ALA C 156 4.13 -24.07 -11.14
C ALA C 156 5.62 -23.95 -10.88
N LEU C 157 6.02 -23.11 -9.93
CA LEU C 157 7.44 -22.99 -9.60
C LEU C 157 7.98 -24.29 -9.02
N LEU C 158 7.20 -24.96 -8.17
CA LEU C 158 7.65 -26.21 -7.59
C LEU C 158 7.84 -27.29 -8.64
N SER C 159 6.95 -27.33 -9.65
CA SER C 159 7.03 -28.35 -10.68
C SER C 159 8.33 -28.26 -11.49
N ARG C 160 8.96 -27.09 -11.54
CA ARG C 160 10.15 -26.88 -12.35
C ARG C 160 11.46 -27.13 -11.59
N CYS C 161 11.40 -27.45 -10.31
CA CYS C 161 12.59 -27.59 -9.48
C CYS C 161 12.63 -28.96 -8.83
N THR C 162 13.85 -29.46 -8.62
CA THR C 162 14.08 -30.69 -7.88
C THR C 162 14.27 -30.37 -6.41
N ARG C 163 13.54 -31.06 -5.55
CA ARG C 163 13.42 -30.69 -4.14
C ARG C 163 14.39 -31.49 -3.28
N PHE C 164 15.00 -30.79 -2.31
CA PHE C 164 15.86 -31.40 -1.32
C PHE C 164 15.43 -30.90 0.06
N ARG C 165 15.17 -31.84 0.97
CA ARG C 165 14.70 -31.51 2.31
C ARG C 165 15.87 -31.53 3.29
N PHE C 166 16.06 -30.43 4.00
CA PHE C 166 17.06 -30.34 5.05
C PHE C 166 16.44 -30.74 6.38
N GLN C 167 16.89 -31.86 6.92
CA GLN C 167 16.36 -32.40 8.17
C GLN C 167 16.91 -31.65 9.36
N PRO C 168 16.24 -31.73 10.52
CA PRO C 168 16.86 -31.22 11.75
C PRO C 168 18.19 -31.90 12.01
N LEU C 169 19.14 -31.14 12.51
CA LEU C 169 20.50 -31.65 12.65
C LEU C 169 20.53 -32.84 13.59
N PRO C 170 21.13 -33.97 13.19
CA PRO C 170 21.24 -35.10 14.12
C PRO C 170 22.21 -34.80 15.26
N GLN C 171 22.15 -35.66 16.28
CA GLN C 171 22.99 -35.46 17.46
C GLN C 171 24.48 -35.53 17.12
N GLU C 172 24.86 -36.49 16.26
CA GLU C 172 26.27 -36.70 15.99
C GLU C 172 26.91 -35.48 15.30
N ALA C 173 26.20 -34.88 14.35
CA ALA C 173 26.74 -33.71 13.67
C ALA C 173 26.93 -32.55 14.65
N ILE C 174 25.95 -32.34 15.53
CA ILE C 174 26.06 -31.28 16.53
C ILE C 174 27.24 -31.54 17.46
N GLU C 175 27.42 -32.80 17.86
CA GLU C 175 28.56 -33.13 18.72
C GLU C 175 29.88 -32.86 18.02
N ARG C 176 29.99 -33.25 16.75
CA ARG C 176 31.24 -33.00 16.01
C ARG C 176 31.51 -31.50 15.89
N ARG C 177 30.48 -30.72 15.57
CA ARG C 177 30.69 -29.28 15.45
C ARG C 177 31.04 -28.66 16.80
N ILE C 178 30.44 -29.16 17.88
CA ILE C 178 30.78 -28.67 19.22
C ILE C 178 32.23 -28.99 19.53
N ALA C 179 32.69 -30.18 19.16
CA ALA C 179 34.08 -30.55 19.39
C ALA C 179 35.02 -29.62 18.62
N ASN C 180 34.67 -29.33 17.36
CA ASN C 180 35.49 -28.41 16.58
C ASN C 180 35.53 -27.03 17.21
N VAL C 181 34.39 -26.53 17.66
CA VAL C 181 34.34 -25.21 18.29
C VAL C 181 35.15 -25.20 19.57
N LEU C 182 35.06 -26.27 20.36
CA LEU C 182 35.84 -26.36 21.59
C LEU C 182 37.33 -26.35 21.30
N VAL C 183 37.76 -27.08 20.27
CA VAL C 183 39.16 -27.08 19.90
C VAL C 183 39.60 -25.69 19.48
N HIS C 184 38.79 -25.00 18.67
CA HIS C 184 39.16 -23.68 18.21
C HIS C 184 39.24 -22.68 19.36
N GLU C 185 38.28 -22.73 20.28
CA GLU C 185 38.17 -21.74 21.35
C GLU C 185 38.92 -22.13 22.61
N LYS C 186 39.53 -23.30 22.66
CA LYS C 186 40.25 -23.78 23.85
C LYS C 186 39.31 -23.82 25.05
N LEU C 187 38.23 -24.59 24.90
CA LEU C 187 37.17 -24.68 25.90
C LEU C 187 36.96 -26.13 26.29
N LYS C 188 36.45 -26.33 27.51
CA LYS C 188 36.16 -27.64 28.05
C LYS C 188 34.67 -27.73 28.34
N LEU C 189 34.03 -28.79 27.84
CA LEU C 189 32.60 -29.02 28.02
C LEU C 189 32.38 -30.40 28.64
N SER C 190 31.53 -30.44 29.67
CA SER C 190 31.26 -31.69 30.35
C SER C 190 30.30 -32.55 29.52
N PRO C 191 30.29 -33.87 29.74
CA PRO C 191 29.36 -34.73 28.99
C PRO C 191 27.90 -34.37 29.24
N ASN C 192 27.50 -34.21 30.50
CA ASN C 192 26.13 -33.80 30.78
C ASN C 192 25.84 -32.42 30.23
N ALA C 193 26.82 -31.53 30.25
CA ALA C 193 26.65 -30.22 29.63
C ALA C 193 26.38 -30.35 28.13
N GLU C 194 27.13 -31.24 27.45
CA GLU C 194 26.89 -31.47 26.04
C GLU C 194 25.50 -32.03 25.79
N LYS C 195 25.07 -32.99 26.63
CA LYS C 195 23.74 -33.56 26.46
C LYS C 195 22.67 -32.49 26.63
N ALA C 196 22.80 -31.64 27.65
CA ALA C 196 21.82 -30.57 27.86
C ALA C 196 21.83 -29.58 26.70
N LEU C 197 23.02 -29.23 26.20
CA LEU C 197 23.11 -28.29 25.09
C LEU C 197 22.43 -28.85 23.85
N ILE C 198 22.64 -30.13 23.57
CA ILE C 198 22.00 -30.74 22.41
C ILE C 198 20.49 -30.84 22.60
N GLU C 199 20.05 -31.13 23.83
CA GLU C 199 18.63 -31.30 24.08
C GLU C 199 17.87 -30.00 23.82
N LEU C 200 18.42 -28.87 24.24
CA LEU C 200 17.74 -27.58 24.11
C LEU C 200 17.89 -26.95 22.74
N SER C 201 18.69 -27.54 21.84
CA SER C 201 18.90 -26.97 20.52
C SER C 201 17.77 -27.25 19.55
N ASN C 202 17.11 -28.40 19.67
CA ASN C 202 16.05 -28.80 18.75
C ASN C 202 16.56 -28.89 17.32
N GLY C 203 17.83 -29.28 17.14
CA GLY C 203 18.38 -29.45 15.82
C GLY C 203 18.79 -28.18 15.12
N ASP C 204 18.95 -27.08 15.86
CA ASP C 204 19.36 -25.79 15.30
C ASP C 204 20.79 -25.51 15.75
N MET C 205 21.69 -25.34 14.77
CA MET C 205 23.09 -25.08 15.11
C MET C 205 23.30 -23.66 15.64
N ARG C 206 22.51 -22.70 15.15
CA ARG C 206 22.67 -21.33 15.62
C ARG C 206 22.39 -21.24 17.12
N ARG C 207 21.36 -21.93 17.60
CA ARG C 207 21.08 -21.95 19.03
C ARG C 207 22.25 -22.54 19.82
N VAL C 208 22.83 -23.63 19.32
CA VAL C 208 23.96 -24.24 20.01
C VAL C 208 25.12 -23.27 20.09
N LEU C 209 25.45 -22.60 18.98
CA LEU C 209 26.57 -21.67 18.98
C LEU C 209 26.32 -20.49 19.91
N ASN C 210 25.10 -19.94 19.88
CA ASN C 210 24.79 -18.81 20.74
C ASN C 210 24.88 -19.20 22.21
N VAL C 211 24.35 -20.37 22.57
CA VAL C 211 24.37 -20.81 23.95
C VAL C 211 25.80 -21.08 24.40
N LEU C 212 26.62 -21.68 23.53
CA LEU C 212 28.01 -21.92 23.89
C LEU C 212 28.76 -20.61 24.09
N GLN C 213 28.52 -19.63 23.21
CA GLN C 213 29.17 -18.33 23.37
C GLN C 213 28.75 -17.66 24.68
N SER C 214 27.46 -17.75 25.02
CA SER C 214 27.00 -17.21 26.30
C SER C 214 27.66 -17.93 27.47
N CYS C 215 27.77 -19.25 27.38
CA CYS C 215 28.40 -20.02 28.46
C CYS C 215 29.85 -19.63 28.65
N LYS C 216 30.58 -19.41 27.56
CA LYS C 216 31.98 -19.01 27.70
C LYS C 216 32.11 -17.69 28.46
N ALA C 217 31.24 -16.73 28.16
CA ALA C 217 31.26 -15.46 28.86
C ALA C 217 30.89 -15.59 30.33
N THR C 218 30.18 -16.66 30.71
CA THR C 218 29.79 -16.86 32.10
C THR C 218 30.93 -17.35 32.97
N LEU C 219 31.81 -18.19 32.42
CA LEU C 219 32.93 -18.71 33.20
C LEU C 219 33.83 -17.58 33.66
N ASP C 220 34.21 -17.63 34.94
CA ASP C 220 35.14 -16.63 35.47
C ASP C 220 36.49 -16.74 34.77
N ASN C 221 36.99 -17.96 34.60
CA ASN C 221 38.24 -18.21 33.90
C ASN C 221 38.00 -19.22 32.79
N PRO C 222 37.74 -18.78 31.55
CA PRO C 222 37.41 -19.74 30.49
C PRO C 222 38.51 -20.75 30.18
N ASP C 223 39.74 -20.48 30.59
CA ASP C 223 40.85 -21.37 30.29
C ASP C 223 40.87 -22.59 31.20
N GLU C 224 40.85 -22.38 32.52
CA GLU C 224 40.96 -23.46 33.50
C GLU C 224 39.60 -23.96 33.99
N ASP C 225 38.49 -23.41 33.50
CA ASP C 225 37.16 -23.79 33.94
C ASP C 225 36.46 -24.59 32.84
N GLU C 226 35.58 -25.49 33.28
CA GLU C 226 34.82 -26.35 32.38
C GLU C 226 33.34 -25.99 32.46
N ILE C 227 32.66 -26.05 31.31
CA ILE C 227 31.24 -25.75 31.26
C ILE C 227 30.47 -26.97 31.73
N SER C 228 29.78 -26.84 32.86
CA SER C 228 28.95 -27.90 33.40
C SER C 228 27.49 -27.66 33.06
N ASP C 229 26.66 -28.67 33.34
CA ASP C 229 25.23 -28.53 33.10
C ASP C 229 24.65 -27.36 33.89
N ASP C 230 25.20 -27.09 35.07
CA ASP C 230 24.70 -25.98 35.88
C ASP C 230 24.89 -24.66 35.13
N VAL C 231 26.05 -24.48 34.50
CA VAL C 231 26.30 -23.24 33.77
C VAL C 231 25.32 -23.09 32.63
N ILE C 232 25.08 -24.16 31.89
CA ILE C 232 24.17 -24.12 30.75
C ILE C 232 22.77 -23.76 31.22
N TYR C 233 22.30 -24.41 32.30
CA TYR C 233 20.96 -24.16 32.79
C TYR C 233 20.82 -22.73 33.32
N GLU C 234 21.86 -22.22 33.99
CA GLU C 234 21.78 -20.89 34.58
C GLU C 234 21.83 -19.80 33.52
N CYS C 235 22.73 -19.91 32.54
CA CYS C 235 22.85 -18.87 31.54
C CYS C 235 21.59 -18.73 30.70
N CYS C 236 20.97 -19.86 30.32
CA CYS C 236 19.71 -19.84 29.60
C CYS C 236 18.51 -19.65 30.51
N GLY C 237 18.69 -19.77 31.81
CA GLY C 237 17.56 -19.65 32.72
C GLY C 237 16.48 -20.68 32.48
N ALA C 238 16.88 -21.93 32.18
CA ALA C 238 15.92 -22.99 31.88
C ALA C 238 15.78 -23.93 33.07
N PRO C 239 14.62 -24.54 33.26
CA PRO C 239 14.46 -25.49 34.38
C PRO C 239 15.36 -26.70 34.21
N ARG C 240 15.84 -27.24 35.34
CA ARG C 240 16.58 -28.48 35.31
C ARG C 240 15.62 -29.66 35.28
N PRO C 241 16.06 -30.83 34.79
CA PRO C 241 15.19 -32.00 34.81
C PRO C 241 14.69 -32.36 36.20
N SER C 242 15.52 -32.17 37.22
CA SER C 242 15.10 -32.48 38.58
C SER C 242 13.93 -31.60 39.01
N ASP C 243 13.97 -30.31 38.65
CA ASP C 243 12.87 -29.41 39.00
C ASP C 243 11.56 -29.87 38.35
N LEU C 244 11.63 -30.22 37.05
CA LEU C 244 10.43 -30.70 36.37
C LEU C 244 9.90 -31.97 37.00
N LYS C 245 10.79 -32.92 37.31
CA LYS C 245 10.35 -34.16 37.93
C LYS C 245 9.70 -33.90 39.28
N ALA C 246 10.30 -33.04 40.10
CA ALA C 246 9.74 -32.75 41.41
C ALA C 246 8.39 -32.08 41.29
N VAL C 247 8.26 -31.12 40.37
CA VAL C 247 6.98 -30.43 40.21
C VAL C 247 5.90 -31.40 39.75
N LEU C 248 6.22 -32.25 38.77
CA LEU C 248 5.23 -33.21 38.29
C LEU C 248 4.84 -34.20 39.39
N LYS C 249 5.83 -34.67 40.16
CA LYS C 249 5.53 -35.60 41.24
C LYS C 249 4.64 -34.97 42.29
N SER C 250 4.92 -33.71 42.66
CA SER C 250 4.09 -33.02 43.63
C SER C 250 2.68 -32.84 43.09
N ILE C 251 2.54 -32.50 41.81
CA ILE C 251 1.21 -32.32 41.23
C ILE C 251 0.45 -33.64 41.20
N LEU C 252 1.13 -34.75 40.93
CA LEU C 252 0.46 -36.03 40.72
C LEU C 252 0.18 -36.79 42.01
N GLU C 253 0.95 -36.58 43.07
CA GLU C 253 0.81 -37.36 44.29
C GLU C 253 0.50 -36.56 45.54
N ASP C 254 0.73 -35.24 45.56
CA ASP C 254 0.52 -34.44 46.75
C ASP C 254 -0.80 -33.67 46.62
N ASP C 255 -1.19 -33.00 47.71
CA ASP C 255 -2.42 -32.24 47.77
C ASP C 255 -2.25 -30.88 47.11
N TRP C 256 -3.35 -30.13 47.04
CA TRP C 256 -3.34 -28.83 46.36
C TRP C 256 -2.36 -27.87 47.03
N GLY C 257 -2.40 -27.78 48.36
CA GLY C 257 -1.50 -26.86 49.04
C GLY C 257 -0.04 -27.22 48.83
N THR C 258 0.29 -28.50 48.99
CA THR C 258 1.67 -28.93 48.80
C THR C 258 2.12 -28.72 47.36
N ALA C 259 1.26 -29.03 46.39
CA ALA C 259 1.62 -28.84 44.99
C ALA C 259 1.87 -27.36 44.68
N HIS C 260 0.99 -26.49 45.18
CA HIS C 260 1.15 -25.05 44.95
C HIS C 260 2.44 -24.55 45.59
N TYR C 261 2.71 -24.97 46.82
CA TYR C 261 3.94 -24.55 47.49
C TYR C 261 5.17 -25.04 46.73
N THR C 262 5.15 -26.30 46.27
CA THR C 262 6.29 -26.84 45.55
C THR C 262 6.52 -26.08 44.25
N LEU C 263 5.44 -25.80 43.50
CA LEU C 263 5.59 -25.07 42.25
C LEU C 263 6.18 -23.68 42.51
N ASN C 264 5.63 -22.96 43.48
CA ASN C 264 6.13 -21.61 43.75
C ASN C 264 7.58 -21.64 44.22
N LYS C 265 7.93 -22.60 45.08
CA LYS C 265 9.30 -22.69 45.58
C LYS C 265 10.27 -23.01 44.47
N VAL C 266 9.90 -23.94 43.58
CA VAL C 266 10.78 -24.31 42.48
C VAL C 266 10.94 -23.15 41.51
N ARG C 267 9.87 -22.40 41.26
CA ARG C 267 9.93 -21.28 40.33
C ARG C 267 10.64 -20.06 40.89
N SER C 268 10.61 -19.87 42.21
CA SER C 268 11.24 -18.70 42.83
C SER C 268 12.72 -18.90 43.12
N ALA C 269 13.19 -20.15 43.21
CA ALA C 269 14.60 -20.38 43.51
C ALA C 269 15.50 -19.81 42.41
N LYS C 270 15.12 -20.01 41.15
CA LYS C 270 15.91 -19.55 40.01
C LYS C 270 15.09 -18.67 39.07
N GLY C 271 13.90 -18.24 39.48
CA GLY C 271 13.08 -17.41 38.60
C GLY C 271 12.69 -18.11 37.32
N LEU C 272 12.27 -19.36 37.40
CA LEU C 272 11.92 -20.12 36.21
C LEU C 272 10.64 -19.57 35.57
N ALA C 273 10.51 -19.79 34.27
CA ALA C 273 9.33 -19.35 33.52
C ALA C 273 8.31 -20.47 33.46
N LEU C 274 7.03 -20.09 33.58
CA LEU C 274 5.96 -21.09 33.58
C LEU C 274 5.89 -21.84 32.26
N ILE C 275 6.14 -21.14 31.15
CA ILE C 275 6.05 -21.78 29.83
C ILE C 275 7.09 -22.89 29.70
N ASP C 276 8.31 -22.65 30.21
CA ASP C 276 9.35 -23.67 30.15
C ASP C 276 8.94 -24.90 30.97
N LEU C 277 8.38 -24.68 32.16
CA LEU C 277 7.92 -25.80 32.98
C LEU C 277 6.81 -26.57 32.27
N ILE C 278 5.88 -25.86 31.62
CA ILE C 278 4.80 -26.53 30.91
C ILE C 278 5.35 -27.37 29.77
N GLU C 279 6.30 -26.83 29.02
CA GLU C 279 6.90 -27.58 27.91
C GLU C 279 7.63 -28.82 28.43
N GLY C 280 8.40 -28.67 29.51
CA GLY C 280 9.10 -29.81 30.07
C GLY C 280 8.15 -30.89 30.57
N ILE C 281 7.07 -30.48 31.23
CA ILE C 281 6.10 -31.44 31.73
C ILE C 281 5.38 -32.14 30.58
N VAL C 282 5.08 -31.41 29.51
CA VAL C 282 4.47 -32.02 28.34
C VAL C 282 5.42 -33.05 27.73
N LYS C 283 6.70 -32.70 27.62
CA LYS C 283 7.67 -33.65 27.08
C LYS C 283 7.76 -34.90 27.94
N ILE C 284 7.77 -34.71 29.27
CA ILE C 284 7.85 -35.86 30.18
C ILE C 284 6.61 -36.74 30.02
N LEU C 285 5.43 -36.12 29.98
CA LEU C 285 4.18 -36.88 29.91
C LEU C 285 3.98 -37.54 28.56
N GLU C 286 4.62 -37.05 27.50
CA GLU C 286 4.48 -37.67 26.19
C GLU C 286 4.95 -39.12 26.20
N ASP C 287 5.82 -39.50 27.13
CA ASP C 287 6.32 -40.85 27.23
C ASP C 287 5.51 -41.71 28.19
N TYR C 288 4.51 -41.13 28.86
CA TYR C 288 3.69 -41.89 29.80
C TYR C 288 2.76 -42.84 29.05
N GLU C 289 2.57 -44.03 29.63
CA GLU C 289 1.64 -45.01 29.10
C GLU C 289 0.34 -44.88 29.89
N LEU C 290 -0.69 -44.32 29.26
CA LEU C 290 -1.96 -44.05 29.91
C LEU C 290 -3.01 -45.06 29.47
N GLN C 291 -3.92 -45.38 30.40
CA GLN C 291 -4.94 -46.39 30.12
C GLN C 291 -6.06 -45.82 29.26
N ASN C 292 -6.40 -44.55 29.45
CA ASN C 292 -7.54 -43.93 28.79
C ASN C 292 -7.07 -42.80 27.88
N GLU C 293 -7.68 -42.72 26.69
CA GLU C 293 -7.39 -41.65 25.76
C GLU C 293 -7.95 -40.31 26.23
N GLU C 294 -8.97 -40.33 27.09
CA GLU C 294 -9.53 -39.08 27.61
C GLU C 294 -8.49 -38.29 28.37
N THR C 295 -7.63 -38.98 29.12
CA THR C 295 -6.55 -38.30 29.84
C THR C 295 -5.67 -37.51 28.88
N ARG C 296 -5.22 -38.17 27.81
CA ARG C 296 -4.37 -37.50 26.84
C ARG C 296 -5.09 -36.33 26.18
N VAL C 297 -6.35 -36.54 25.80
CA VAL C 297 -7.10 -35.47 25.13
C VAL C 297 -7.23 -34.26 26.04
N HIS C 298 -7.64 -34.48 27.29
CA HIS C 298 -7.81 -33.36 28.23
C HIS C 298 -6.48 -32.67 28.47
N LEU C 299 -5.42 -33.44 28.71
CA LEU C 299 -4.12 -32.84 28.96
C LEU C 299 -3.69 -31.96 27.79
N LEU C 300 -3.75 -32.50 26.57
CA LEU C 300 -3.30 -31.75 25.40
C LEU C 300 -4.13 -30.49 25.21
N THR C 301 -5.45 -30.62 25.25
CA THR C 301 -6.30 -29.45 24.99
C THR C 301 -6.08 -28.37 26.04
N LYS C 302 -6.13 -28.74 27.33
CA LYS C 302 -6.02 -27.75 28.39
C LYS C 302 -4.64 -27.10 28.40
N LEU C 303 -3.58 -27.89 28.20
CA LEU C 303 -2.24 -27.31 28.19
C LEU C 303 -2.03 -26.42 26.98
N ALA C 304 -2.57 -26.78 25.82
CA ALA C 304 -2.48 -25.89 24.66
C ALA C 304 -3.22 -24.58 24.93
N ASP C 305 -4.40 -24.66 25.55
CA ASP C 305 -5.13 -23.43 25.88
C ASP C 305 -4.33 -22.57 26.85
N ILE C 306 -3.71 -23.20 27.86
CA ILE C 306 -2.93 -22.45 28.83
C ILE C 306 -1.73 -21.79 28.15
N GLU C 307 -1.06 -22.51 27.24
CA GLU C 307 0.07 -21.93 26.53
C GLU C 307 -0.37 -20.75 25.67
N TYR C 308 -1.51 -20.89 24.98
CA TYR C 308 -2.01 -19.78 24.19
C TYR C 308 -2.34 -18.57 25.05
N SER C 309 -2.94 -18.80 26.22
CA SER C 309 -3.22 -17.69 27.12
C SER C 309 -1.94 -17.03 27.61
N ILE C 310 -0.92 -17.83 27.93
CA ILE C 310 0.35 -17.29 28.38
C ILE C 310 1.00 -16.46 27.27
N SER C 311 0.83 -16.88 26.02
CA SER C 311 1.42 -16.14 24.92
C SER C 311 0.92 -14.70 24.84
N LYS C 312 -0.25 -14.41 25.42
CA LYS C 312 -0.81 -13.06 25.43
C LYS C 312 -0.65 -12.38 26.78
N GLY C 313 0.10 -12.96 27.70
CA GLY C 313 0.29 -12.36 29.01
C GLY C 313 -0.59 -13.00 30.07
N GLY C 314 -1.41 -12.19 30.74
CA GLY C 314 -2.30 -12.69 31.78
C GLY C 314 -1.62 -12.78 33.13
N ASN C 315 -2.35 -13.36 34.07
CA ASN C 315 -1.89 -13.52 35.44
C ASN C 315 -1.12 -14.83 35.57
N ASP C 316 0.12 -14.74 36.05
CA ASP C 316 0.98 -15.91 36.10
C ASP C 316 0.50 -16.92 37.17
N GLN C 317 0.12 -16.41 38.34
CA GLN C 317 -0.33 -17.31 39.40
C GLN C 317 -1.56 -18.09 38.99
N ILE C 318 -2.53 -17.43 38.37
CA ILE C 318 -3.73 -18.12 37.92
C ILE C 318 -3.40 -19.15 36.86
N GLN C 319 -2.44 -18.83 35.97
CA GLN C 319 -2.05 -19.79 34.95
C GLN C 319 -1.40 -21.02 35.56
N GLY C 320 -0.53 -20.84 36.56
CA GLY C 320 0.07 -21.98 37.22
C GLY C 320 -0.95 -22.83 37.95
N SER C 321 -1.89 -22.19 38.65
CA SER C 321 -2.96 -22.94 39.29
C SER C 321 -3.80 -23.69 38.27
N ALA C 322 -4.05 -23.07 37.11
CA ALA C 322 -4.79 -23.75 36.05
C ALA C 322 -4.03 -24.96 35.54
N VAL C 323 -2.70 -24.86 35.39
CA VAL C 323 -1.91 -26.01 34.97
C VAL C 323 -2.04 -27.14 35.98
N ILE C 324 -1.90 -26.81 37.26
CA ILE C 324 -2.00 -27.84 38.29
C ILE C 324 -3.37 -28.50 38.26
N GLY C 325 -4.43 -27.69 38.22
CA GLY C 325 -5.77 -28.25 38.20
C GLY C 325 -6.06 -29.07 36.98
N ALA C 326 -5.59 -28.62 35.80
CA ALA C 326 -5.79 -29.37 34.58
C ALA C 326 -5.12 -30.73 34.63
N ILE C 327 -3.87 -30.76 35.10
CA ILE C 327 -3.18 -32.05 35.21
C ILE C 327 -3.91 -32.96 36.19
N LYS C 328 -4.30 -32.43 37.34
CA LYS C 328 -4.96 -33.26 38.35
C LYS C 328 -6.28 -33.80 37.83
N ALA C 329 -7.07 -32.97 37.15
CA ALA C 329 -8.36 -33.42 36.63
C ALA C 329 -8.18 -34.42 35.50
N SER C 330 -7.20 -34.18 34.62
CA SER C 330 -6.97 -35.11 33.52
C SER C 330 -6.54 -36.48 34.03
N PHE C 331 -5.69 -36.52 35.04
CA PHE C 331 -5.23 -37.80 35.56
C PHE C 331 -6.28 -38.53 36.39
N GLU C 332 -7.42 -37.89 36.66
CA GLU C 332 -8.51 -38.57 37.36
C GLU C 332 -9.26 -39.55 36.46
N ASN C 333 -9.06 -39.50 35.15
CA ASN C 333 -9.71 -40.42 34.23
C ASN C 333 -8.98 -41.75 34.12
N GLU C 334 -7.83 -41.90 34.77
CA GLU C 334 -7.07 -43.14 34.72
C GLU C 334 -7.59 -44.20 35.68
N THR C 335 -8.54 -43.85 36.55
CA THR C 335 -9.08 -44.78 37.53
C THR C 335 -10.35 -45.47 37.04
N VAL C 336 -11.29 -44.70 36.50
CA VAL C 336 -12.54 -45.27 36.00
C VAL C 336 -12.89 -44.62 34.66
N ARG D 11 8.39 35.50 25.97
CA ARG D 11 9.47 35.41 26.96
C ARG D 11 10.24 34.09 26.80
N LYS D 12 11.26 33.91 27.63
CA LYS D 12 12.09 32.72 27.59
C LYS D 12 12.52 32.35 29.00
N ILE D 13 12.87 31.08 29.19
CA ILE D 13 13.33 30.57 30.47
C ILE D 13 14.74 30.01 30.30
N SER D 14 15.59 30.29 31.28
CA SER D 14 16.95 29.78 31.25
C SER D 14 16.94 28.26 31.27
N LYS D 15 17.79 27.65 30.44
CA LYS D 15 17.85 26.19 30.37
C LYS D 15 18.34 25.61 31.69
N LEU D 16 17.80 24.45 32.05
CA LEU D 16 18.15 23.78 33.30
C LEU D 16 19.32 22.82 33.08
N ALA D 17 20.05 22.56 34.16
CA ALA D 17 21.12 21.59 34.15
C ALA D 17 20.55 20.18 34.14
N ALA D 18 21.33 19.23 33.62
CA ALA D 18 20.86 17.85 33.55
C ALA D 18 20.56 17.29 34.94
N GLU D 19 21.46 17.54 35.90
CA GLU D 19 21.23 17.06 37.25
C GLU D 19 20.00 17.71 37.86
N GLN D 20 19.84 19.02 37.68
CA GLN D 20 18.68 19.72 38.23
C GLN D 20 17.40 19.19 37.61
N SER D 21 17.40 18.97 36.28
CA SER D 21 16.21 18.43 35.63
C SER D 21 15.88 17.04 36.15
N LEU D 22 16.90 16.19 36.31
CA LEU D 22 16.66 14.83 36.78
C LEU D 22 16.18 14.83 38.23
N ALA D 23 16.61 15.80 39.03
CA ALA D 23 16.22 15.86 40.43
C ALA D 23 14.73 16.11 40.62
N GLN D 24 14.01 16.57 39.60
CA GLN D 24 12.59 16.86 39.69
C GLN D 24 11.75 15.94 38.80
N GLN D 25 12.34 14.86 38.32
CA GLN D 25 11.64 13.89 37.49
C GLN D 25 10.95 12.84 38.34
N PRO D 26 10.00 12.09 37.77
CA PRO D 26 9.40 10.98 38.53
C PRO D 26 10.45 9.97 38.93
N TRP D 27 10.22 9.34 40.09
CA TRP D 27 11.22 8.43 40.65
C TRP D 27 11.58 7.32 39.68
N VAL D 28 10.65 6.91 38.82
CA VAL D 28 10.96 5.85 37.84
C VAL D 28 12.06 6.31 36.89
N GLU D 29 11.97 7.54 36.38
CA GLU D 29 12.99 8.09 35.50
C GLU D 29 14.21 8.56 36.28
N LYS D 30 14.00 9.09 37.49
CA LYS D 30 15.12 9.61 38.27
C LYS D 30 16.10 8.52 38.65
N TYR D 31 15.61 7.33 39.01
CA TYR D 31 16.45 6.25 39.48
C TYR D 31 16.63 5.16 38.42
N ARG D 32 16.51 5.52 37.15
CA ARG D 32 16.79 4.56 36.08
C ARG D 32 18.26 4.16 36.14
N PRO D 33 18.59 2.89 35.92
CA PRO D 33 20.00 2.49 35.97
C PRO D 33 20.85 3.30 35.01
N LYS D 34 22.01 3.74 35.49
CA LYS D 34 22.94 4.52 34.68
C LYS D 34 24.05 3.67 34.10
N ASN D 35 24.46 2.61 34.80
CA ASN D 35 25.48 1.69 34.33
C ASN D 35 24.98 0.27 34.51
N LEU D 36 25.68 -0.69 33.89
CA LEU D 36 25.28 -2.09 33.97
C LEU D 36 25.34 -2.62 35.39
N ASP D 37 26.11 -1.99 36.28
CA ASP D 37 26.20 -2.45 37.66
C ASP D 37 24.97 -2.11 38.47
N GLU D 38 24.16 -1.15 38.03
CA GLU D 38 22.96 -0.76 38.76
C GLU D 38 21.76 -1.68 38.49
N VAL D 39 21.85 -2.55 37.48
CA VAL D 39 20.78 -3.52 37.27
C VAL D 39 20.78 -4.51 38.42
N THR D 40 19.58 -4.80 38.93
CA THR D 40 19.45 -5.48 40.23
C THR D 40 19.50 -7.00 40.10
N ALA D 41 18.57 -7.58 39.35
CA ALA D 41 18.36 -9.02 39.34
C ALA D 41 18.35 -9.59 37.92
N GLN D 42 19.33 -9.22 37.10
CA GLN D 42 19.50 -9.78 35.77
C GLN D 42 20.95 -10.20 35.55
N ASP D 43 21.56 -10.80 36.57
CA ASP D 43 22.98 -11.13 36.50
C ASP D 43 23.26 -12.15 35.39
N HIS D 44 22.37 -13.13 35.23
CA HIS D 44 22.61 -14.20 34.27
C HIS D 44 22.88 -13.66 32.87
N ALA D 45 22.29 -12.52 32.52
CA ALA D 45 22.53 -11.87 31.24
C ALA D 45 23.45 -10.66 31.35
N VAL D 46 23.41 -9.97 32.48
CA VAL D 46 24.26 -8.79 32.66
C VAL D 46 25.74 -9.18 32.67
N THR D 47 26.08 -10.33 33.26
CA THR D 47 27.47 -10.78 33.25
C THR D 47 27.94 -11.06 31.82
N VAL D 48 27.09 -11.73 31.03
CA VAL D 48 27.45 -12.01 29.64
C VAL D 48 27.63 -10.72 28.87
N LEU D 49 26.73 -9.76 29.07
CA LEU D 49 26.87 -8.46 28.39
C LEU D 49 28.12 -7.71 28.83
N LYS D 50 28.46 -7.77 30.11
CA LYS D 50 29.65 -7.09 30.60
C LYS D 50 30.93 -7.72 30.06
N LYS D 51 30.97 -9.04 29.93
CA LYS D 51 32.15 -9.70 29.38
C LYS D 51 32.43 -9.27 27.95
N THR D 52 31.43 -8.79 27.22
CA THR D 52 31.65 -8.33 25.85
C THR D 52 32.40 -7.02 25.78
N LEU D 53 32.44 -6.23 26.86
CA LEU D 53 33.25 -5.03 26.88
C LEU D 53 34.73 -5.33 26.73
N LYS D 54 35.16 -6.55 27.04
CA LYS D 54 36.53 -7.00 26.82
C LYS D 54 36.65 -7.99 25.68
N SER D 55 35.64 -8.85 25.49
CA SER D 55 35.65 -9.78 24.37
C SER D 55 35.44 -9.09 23.03
N ALA D 56 34.65 -8.01 23.00
CA ALA D 56 34.42 -7.24 21.77
C ALA D 56 33.85 -8.13 20.67
N ASN D 57 32.96 -9.04 21.04
CA ASN D 57 32.27 -9.91 20.09
C ASN D 57 30.78 -9.97 20.42
N LEU D 58 30.17 -8.81 20.64
CA LEU D 58 28.77 -8.77 21.03
C LEU D 58 27.91 -9.43 19.96
N PRO D 59 27.08 -10.40 20.32
CA PRO D 59 26.19 -11.03 19.32
C PRO D 59 24.88 -10.27 19.18
N HIS D 60 24.07 -10.73 18.22
CA HIS D 60 22.72 -10.21 18.09
C HIS D 60 21.88 -10.65 19.28
N MET D 61 21.18 -9.70 19.89
CA MET D 61 20.50 -9.93 21.17
C MET D 61 19.00 -9.82 21.00
N LEU D 62 18.28 -10.69 21.70
CA LEU D 62 16.82 -10.66 21.78
C LEU D 62 16.43 -10.67 23.25
N PHE D 63 16.11 -9.50 23.78
CA PHE D 63 15.69 -9.35 25.17
C PHE D 63 14.17 -9.51 25.24
N TYR D 64 13.72 -10.46 26.06
CA TYR D 64 12.29 -10.66 26.27
C TYR D 64 12.01 -10.89 27.74
N GLY D 65 10.84 -10.42 28.18
CA GLY D 65 10.45 -10.54 29.56
C GLY D 65 9.22 -9.72 29.88
N PRO D 66 8.72 -9.80 31.10
CA PRO D 66 7.51 -9.06 31.48
C PRO D 66 7.80 -7.59 31.67
N PRO D 67 6.77 -6.76 31.79
CA PRO D 67 6.99 -5.31 31.90
C PRO D 67 7.79 -4.95 33.14
N GLY D 68 8.56 -3.88 33.04
CA GLY D 68 9.27 -3.34 34.18
C GLY D 68 10.33 -4.27 34.76
N THR D 69 11.16 -4.86 33.90
CA THR D 69 12.22 -5.76 34.34
C THR D 69 13.61 -5.22 34.05
N GLY D 70 13.75 -4.16 33.26
CA GLY D 70 15.02 -3.55 32.99
C GLY D 70 15.66 -3.87 31.65
N LYS D 71 14.86 -4.01 30.59
CA LYS D 71 15.43 -4.31 29.28
C LYS D 71 15.95 -3.03 28.61
N THR D 72 15.11 -2.01 28.50
CA THR D 72 15.53 -0.75 27.91
C THR D 72 16.67 -0.14 28.72
N SER D 73 16.57 -0.17 30.05
CA SER D 73 17.65 0.34 30.89
C SER D 73 18.94 -0.43 30.64
N THR D 74 18.84 -1.75 30.53
CA THR D 74 20.03 -2.56 30.31
C THR D 74 20.70 -2.22 28.97
N ILE D 75 19.91 -2.10 27.90
CA ILE D 75 20.51 -1.81 26.60
C ILE D 75 21.10 -0.41 26.58
N LEU D 76 20.40 0.56 27.18
CA LEU D 76 20.95 1.92 27.21
C LEU D 76 22.25 1.97 28.01
N ALA D 77 22.30 1.28 29.15
CA ALA D 77 23.53 1.25 29.93
C ALA D 77 24.65 0.57 29.17
N LEU D 78 24.35 -0.53 28.47
CA LEU D 78 25.37 -1.21 27.69
C LEU D 78 25.92 -0.30 26.60
N THR D 79 25.05 0.40 25.89
CA THR D 79 25.52 1.31 24.84
C THR D 79 26.36 2.44 25.43
N LYS D 80 25.92 3.01 26.56
CA LYS D 80 26.69 4.09 27.17
C LYS D 80 28.06 3.62 27.62
N GLU D 81 28.15 2.43 28.23
CA GLU D 81 29.44 1.90 28.64
C GLU D 81 30.33 1.56 27.44
N LEU D 82 29.74 1.06 26.35
CA LEU D 82 30.54 0.66 25.21
C LEU D 82 31.09 1.86 24.45
N TYR D 83 30.27 2.89 24.23
CA TYR D 83 30.67 4.01 23.39
C TYR D 83 30.94 5.30 24.15
N GLY D 84 30.37 5.46 25.34
CA GLY D 84 30.57 6.67 26.12
C GLY D 84 29.58 7.76 25.75
N PRO D 85 29.56 8.84 26.52
CA PRO D 85 28.54 9.88 26.29
C PRO D 85 28.63 10.53 24.92
N ASP D 86 29.81 10.63 24.32
CA ASP D 86 30.00 11.37 23.07
C ASP D 86 29.81 10.52 21.82
N LEU D 87 30.37 9.30 21.80
CA LEU D 87 30.31 8.47 20.62
C LEU D 87 29.01 7.67 20.52
N MET D 88 28.18 7.70 21.56
CA MET D 88 26.97 6.88 21.56
C MET D 88 26.01 7.31 20.46
N LYS D 89 25.84 8.62 20.27
CA LYS D 89 24.82 9.10 19.35
C LYS D 89 25.08 8.62 17.92
N SER D 90 26.32 8.64 17.47
CA SER D 90 26.64 8.24 16.10
C SER D 90 26.70 6.73 15.93
N ARG D 91 26.68 5.95 17.02
CA ARG D 91 26.80 4.51 16.95
C ARG D 91 25.50 3.76 17.24
N ILE D 92 24.42 4.48 17.56
CA ILE D 92 23.16 3.86 17.96
C ILE D 92 22.05 4.36 17.05
N LEU D 93 21.23 3.43 16.56
CA LEU D 93 20.00 3.75 15.83
C LEU D 93 18.84 3.07 16.54
N GLU D 94 17.98 3.87 17.17
CA GLU D 94 16.87 3.35 17.96
C GLU D 94 15.56 3.57 17.21
N LEU D 95 14.80 2.49 17.04
CA LEU D 95 13.47 2.55 16.46
C LEU D 95 12.50 1.83 17.38
N ASN D 96 11.38 2.48 17.70
CA ASN D 96 10.40 1.92 18.62
C ASN D 96 9.00 1.94 18.02
N ALA D 97 8.00 1.57 18.80
CA ALA D 97 6.63 1.49 18.32
C ALA D 97 6.08 2.83 17.87
N SER D 98 6.70 3.94 18.28
CA SER D 98 6.24 5.27 17.89
C SER D 98 6.82 5.74 16.57
N ASP D 99 7.61 4.90 15.89
CA ASP D 99 8.18 5.23 14.59
C ASP D 99 7.66 4.27 13.54
N GLU D 100 7.57 4.76 12.30
CA GLU D 100 7.14 3.90 11.21
C GLU D 100 8.17 2.81 10.95
N ARG D 101 7.73 1.56 10.97
CA ARG D 101 8.62 0.41 10.85
C ARG D 101 8.06 -0.60 9.86
N GLY D 102 7.60 -0.13 8.70
CA GLY D 102 7.11 -1.00 7.66
C GLY D 102 8.25 -1.67 6.91
N ILE D 103 7.86 -2.52 5.95
CA ILE D 103 8.86 -3.25 5.16
C ILE D 103 9.73 -2.26 4.39
N SER D 104 9.14 -1.18 3.89
CA SER D 104 9.92 -0.19 3.15
C SER D 104 10.98 0.46 4.05
N ILE D 105 10.61 0.78 5.29
CA ILE D 105 11.58 1.38 6.21
C ILE D 105 12.71 0.40 6.48
N VAL D 106 12.39 -0.87 6.69
CA VAL D 106 13.42 -1.86 6.95
C VAL D 106 14.35 -2.00 5.75
N ARG D 107 13.78 -2.01 4.54
CA ARG D 107 14.58 -2.21 3.33
C ARG D 107 15.47 -1.03 2.99
N GLU D 108 15.12 0.18 3.42
CA GLU D 108 15.84 1.38 3.01
C GLU D 108 16.53 1.98 4.21
N LYS D 109 15.82 2.33 5.27
CA LYS D 109 16.44 3.07 6.38
C LYS D 109 17.36 2.16 7.20
N VAL D 110 16.81 1.04 7.70
CA VAL D 110 17.61 0.15 8.54
C VAL D 110 18.79 -0.40 7.76
N LYS D 111 18.55 -0.84 6.52
CA LYS D 111 19.63 -1.38 5.71
C LYS D 111 20.69 -0.32 5.41
N ASN D 112 20.27 0.90 5.08
CA ASN D 112 21.24 1.96 4.79
C ASN D 112 22.09 2.26 6.02
N PHE D 113 21.47 2.34 7.20
CA PHE D 113 22.24 2.58 8.41
C PHE D 113 23.21 1.43 8.68
N ALA D 114 22.75 0.19 8.48
CA ALA D 114 23.61 -0.96 8.73
C ALA D 114 24.81 -0.96 7.79
N ARG D 115 24.60 -0.59 6.53
CA ARG D 115 25.68 -0.60 5.55
C ARG D 115 26.70 0.51 5.76
N LEU D 116 26.35 1.55 6.52
CA LEU D 116 27.25 2.68 6.69
C LEU D 116 28.48 2.28 7.51
N THR D 117 29.62 2.89 7.17
CA THR D 117 30.84 2.66 7.91
C THR D 117 30.73 3.25 9.31
N VAL D 118 31.34 2.56 10.28
CA VAL D 118 31.28 3.00 11.67
C VAL D 118 31.91 4.38 11.79
N SER D 119 31.33 5.22 12.65
CA SER D 119 31.85 6.56 12.86
C SER D 119 33.26 6.49 13.46
N LYS D 120 34.09 7.44 13.06
CA LYS D 120 35.48 7.46 13.53
C LYS D 120 35.53 7.87 15.00
N PRO D 121 36.04 7.01 15.90
CA PRO D 121 36.18 7.42 17.30
C PRO D 121 37.24 8.50 17.47
N SER D 122 37.04 9.33 18.48
CA SER D 122 38.05 10.33 18.84
C SER D 122 39.11 9.70 19.73
N LYS D 123 40.23 10.42 19.90
CA LYS D 123 41.29 9.92 20.75
C LYS D 123 40.84 9.75 22.20
N HIS D 124 40.05 10.71 22.70
CA HIS D 124 39.55 10.60 24.07
C HIS D 124 38.66 9.37 24.23
N ASP D 125 37.78 9.13 23.26
CA ASP D 125 36.90 7.97 23.34
C ASP D 125 37.70 6.68 23.32
N LEU D 126 38.71 6.60 22.44
CA LEU D 126 39.54 5.41 22.37
C LEU D 126 40.34 5.20 23.66
N GLU D 127 40.76 6.28 24.31
CA GLU D 127 41.53 6.17 25.54
C GLU D 127 40.67 5.86 26.76
N ASN D 128 39.39 6.23 26.74
CA ASN D 128 38.54 6.07 27.91
C ASN D 128 37.45 5.01 27.77
N TYR D 129 37.14 4.57 26.55
CA TYR D 129 36.08 3.62 26.34
C TYR D 129 36.52 2.52 25.38
N PRO D 130 35.94 1.32 25.50
CA PRO D 130 36.36 0.22 24.61
C PRO D 130 36.16 0.53 23.13
N CYS D 131 35.09 1.23 22.76
CA CYS D 131 34.83 1.57 21.37
C CYS D 131 34.88 0.34 20.47
N PRO D 132 33.90 -0.56 20.56
CA PRO D 132 33.92 -1.73 19.70
C PRO D 132 33.75 -1.32 18.25
N PRO D 133 34.30 -2.11 17.32
CA PRO D 133 34.26 -1.70 15.90
C PRO D 133 32.95 -2.03 15.21
N TYR D 134 31.82 -1.69 15.82
CA TYR D 134 30.51 -1.88 15.18
C TYR D 134 29.50 -0.96 15.84
N LYS D 135 28.40 -0.73 15.12
CA LYS D 135 27.28 0.06 15.60
C LYS D 135 26.14 -0.86 16.03
N ILE D 136 25.13 -0.28 16.67
CA ILE D 136 24.02 -1.02 17.25
C ILE D 136 22.70 -0.44 16.75
N ILE D 137 21.80 -1.31 16.32
CA ILE D 137 20.44 -0.94 15.96
C ILE D 137 19.51 -1.58 16.98
N ILE D 138 18.77 -0.76 17.71
CA ILE D 138 17.88 -1.20 18.78
C ILE D 138 16.45 -1.07 18.30
N LEU D 139 15.79 -2.20 18.09
CA LEU D 139 14.39 -2.24 17.68
C LEU D 139 13.55 -2.55 18.93
N ASP D 140 13.15 -1.50 19.64
CA ASP D 140 12.35 -1.64 20.84
C ASP D 140 10.91 -1.99 20.46
N GLU D 141 10.26 -2.78 21.30
CA GLU D 141 8.90 -3.24 21.04
C GLU D 141 8.82 -3.92 19.67
N ALA D 142 9.79 -4.78 19.38
CA ALA D 142 9.85 -5.45 18.09
C ALA D 142 8.65 -6.36 17.85
N ASP D 143 7.94 -6.75 18.92
CA ASP D 143 6.76 -7.61 18.76
C ASP D 143 5.64 -6.92 17.99
N SER D 144 5.69 -5.60 17.85
CA SER D 144 4.66 -4.86 17.11
C SER D 144 4.92 -4.83 15.61
N MET D 145 6.07 -5.31 15.15
CA MET D 145 6.39 -5.29 13.74
C MET D 145 5.72 -6.45 13.01
N THR D 146 5.36 -6.22 11.75
CA THR D 146 4.71 -7.24 10.95
C THR D 146 5.70 -8.35 10.58
N ALA D 147 5.13 -9.50 10.19
CA ALA D 147 5.97 -10.64 9.84
C ALA D 147 6.84 -10.35 8.61
N ASP D 148 6.30 -9.67 7.61
CA ASP D 148 7.09 -9.37 6.42
C ASP D 148 8.28 -8.47 6.74
N ALA D 149 8.06 -7.45 7.57
CA ALA D 149 9.16 -6.58 7.96
C ALA D 149 10.23 -7.36 8.72
N GLN D 150 9.81 -8.27 9.61
CA GLN D 150 10.76 -9.10 10.34
C GLN D 150 11.55 -9.98 9.39
N SER D 151 10.88 -10.58 8.41
CA SER D 151 11.58 -11.41 7.43
C SER D 151 12.58 -10.58 6.63
N ALA D 152 12.25 -9.32 6.33
CA ALA D 152 13.16 -8.47 5.58
C ALA D 152 14.48 -8.24 6.32
N LEU D 153 14.52 -8.47 7.63
CA LEU D 153 15.73 -8.25 8.42
C LEU D 153 16.66 -9.46 8.44
N ARG D 154 16.21 -10.62 7.95
CA ARG D 154 16.95 -11.85 8.17
C ARG D 154 18.35 -11.78 7.55
N ARG D 155 18.43 -11.44 6.26
CA ARG D 155 19.72 -11.38 5.60
C ARG D 155 20.49 -10.11 5.91
N THR D 156 19.79 -9.01 6.23
CA THR D 156 20.47 -7.80 6.65
C THR D 156 21.24 -8.03 7.94
N MET D 157 20.68 -8.83 8.85
CA MET D 157 21.36 -9.12 10.10
C MET D 157 22.68 -9.85 9.86
N GLU D 158 22.69 -10.83 8.95
CA GLU D 158 23.85 -11.68 8.77
C GLU D 158 24.89 -11.10 7.83
N THR D 159 24.47 -10.46 6.74
CA THR D 159 25.41 -9.98 5.74
C THR D 159 26.31 -8.88 6.30
N TYR D 160 25.74 -7.97 7.10
CA TYR D 160 26.47 -6.82 7.62
C TYR D 160 26.75 -6.93 9.12
N SER D 161 26.85 -8.16 9.65
CA SER D 161 27.14 -8.33 11.06
C SER D 161 28.53 -7.83 11.43
N GLY D 162 29.44 -7.68 10.46
CA GLY D 162 30.77 -7.22 10.77
C GLY D 162 30.81 -5.81 11.33
N VAL D 163 29.91 -4.95 10.88
CA VAL D 163 29.89 -3.56 11.29
C VAL D 163 28.63 -3.17 12.06
N THR D 164 27.65 -4.07 12.20
CA THR D 164 26.39 -3.74 12.83
C THR D 164 25.90 -4.92 13.65
N ARG D 165 25.32 -4.62 14.81
CA ARG D 165 24.69 -5.60 15.68
C ARG D 165 23.26 -5.18 15.96
N PHE D 166 22.37 -6.14 16.11
CA PHE D 166 20.94 -5.90 16.27
C PHE D 166 20.48 -6.32 17.66
N CYS D 167 19.65 -5.48 18.27
CA CYS D 167 19.03 -5.76 19.56
C CYS D 167 17.52 -5.61 19.40
N LEU D 168 16.79 -6.69 19.64
CA LEU D 168 15.33 -6.71 19.58
C LEU D 168 14.77 -6.89 20.99
N ILE D 169 13.95 -5.94 21.43
CA ILE D 169 13.36 -5.97 22.76
C ILE D 169 11.87 -6.18 22.61
N CYS D 170 11.33 -7.15 23.33
CA CYS D 170 9.92 -7.50 23.21
C CYS D 170 9.39 -8.00 24.55
N ASN D 171 8.06 -7.97 24.69
CA ASN D 171 7.39 -8.54 25.85
C ASN D 171 6.78 -9.90 25.56
N TYR D 172 6.42 -10.18 24.31
CA TYR D 172 5.86 -11.46 23.89
C TYR D 172 6.83 -12.07 22.88
N VAL D 173 7.59 -13.06 23.32
CA VAL D 173 8.60 -13.67 22.44
C VAL D 173 7.94 -14.38 21.26
N THR D 174 6.72 -14.89 21.45
CA THR D 174 6.05 -15.62 20.38
C THR D 174 5.77 -14.75 19.16
N ARG D 175 5.75 -13.43 19.32
CA ARG D 175 5.48 -12.51 18.22
C ARG D 175 6.67 -12.37 17.28
N ILE D 176 7.84 -12.88 17.65
CA ILE D 176 9.03 -12.80 16.81
C ILE D 176 9.10 -14.06 15.97
N ILE D 177 9.22 -13.89 14.64
CA ILE D 177 9.27 -15.01 13.72
C ILE D 177 10.43 -15.91 14.08
N ASP D 178 10.30 -17.21 13.81
CA ASP D 178 11.32 -18.16 14.21
C ASP D 178 12.70 -17.84 13.65
N PRO D 179 12.86 -17.47 12.37
CA PRO D 179 14.21 -17.17 11.87
C PRO D 179 14.93 -16.08 12.65
N LEU D 180 14.22 -15.01 13.03
CA LEU D 180 14.86 -13.94 13.77
C LEU D 180 15.27 -14.40 15.17
N ALA D 181 14.41 -15.18 15.84
CA ALA D 181 14.77 -15.71 17.14
C ALA D 181 15.97 -16.63 17.05
N SER D 182 16.05 -17.46 16.00
CA SER D 182 17.22 -18.30 15.81
C SER D 182 18.47 -17.47 15.59
N ARG D 183 18.37 -16.39 14.80
CA ARG D 183 19.53 -15.56 14.53
C ARG D 183 19.99 -14.78 15.76
N CYS D 184 19.11 -14.59 16.74
CA CYS D 184 19.41 -13.78 17.91
C CYS D 184 19.68 -14.65 19.13
N SER D 185 20.69 -14.28 19.92
CA SER D 185 20.89 -14.89 21.22
C SER D 185 19.85 -14.35 22.19
N LYS D 186 19.15 -15.25 22.86
CA LYS D 186 17.97 -14.91 23.65
C LYS D 186 18.35 -14.62 25.10
N PHE D 187 17.78 -13.56 25.67
CA PHE D 187 17.98 -13.20 27.06
C PHE D 187 16.62 -12.97 27.69
N ARG D 188 16.29 -13.78 28.70
CA ARG D 188 15.03 -13.69 29.41
C ARG D 188 15.22 -12.88 30.68
N PHE D 189 14.47 -11.80 30.82
CA PHE D 189 14.52 -10.97 32.02
C PHE D 189 13.50 -11.49 33.03
N LYS D 190 13.99 -11.87 34.20
CA LYS D 190 13.15 -12.48 35.22
C LYS D 190 12.31 -11.44 35.94
N ALA D 191 11.17 -11.89 36.46
CA ALA D 191 10.30 -11.01 37.22
C ALA D 191 11.00 -10.54 38.49
N LEU D 192 10.76 -9.29 38.87
CA LEU D 192 11.39 -8.67 40.03
C LEU D 192 10.41 -8.77 41.20
N ASP D 193 10.76 -9.59 42.19
CA ASP D 193 9.92 -9.84 43.36
C ASP D 193 10.66 -9.37 44.62
N ALA D 194 10.06 -9.65 45.77
CA ALA D 194 10.60 -9.21 47.05
C ALA D 194 11.89 -9.93 47.43
N SER D 195 12.26 -11.01 46.73
CA SER D 195 13.46 -11.76 47.05
C SER D 195 14.68 -11.32 46.26
N ASN D 196 14.49 -10.64 45.14
CA ASN D 196 15.59 -10.23 44.27
C ASN D 196 15.65 -8.73 44.01
N ALA D 197 14.63 -7.97 44.40
CA ALA D 197 14.58 -6.54 44.15
C ALA D 197 14.38 -5.72 45.41
N ILE D 198 14.46 -6.32 46.59
CA ILE D 198 14.24 -5.57 47.82
C ILE D 198 15.36 -4.55 48.03
N ASP D 199 16.59 -4.90 47.65
CA ASP D 199 17.72 -4.02 47.88
C ASP D 199 17.56 -2.70 47.13
N ARG D 200 17.14 -2.76 45.86
CA ARG D 200 17.00 -1.53 45.07
C ARG D 200 15.91 -0.63 45.66
N LEU D 201 14.78 -1.21 46.03
CA LEU D 201 13.71 -0.41 46.61
C LEU D 201 14.13 0.18 47.95
N ARG D 202 14.85 -0.58 48.76
CA ARG D 202 15.35 -0.04 50.02
C ARG D 202 16.32 1.11 49.79
N PHE D 203 17.20 0.97 48.81
CA PHE D 203 18.13 2.05 48.48
C PHE D 203 17.36 3.30 48.04
N ILE D 204 16.36 3.12 47.18
CA ILE D 204 15.59 4.26 46.71
C ILE D 204 14.88 4.95 47.87
N SER D 205 14.28 4.16 48.77
CA SER D 205 13.60 4.75 49.92
C SER D 205 14.57 5.49 50.82
N GLU D 206 15.74 4.91 51.07
CA GLU D 206 16.73 5.57 51.93
C GLU D 206 17.22 6.88 51.32
N GLN D 207 17.50 6.90 50.01
CA GLN D 207 17.93 8.13 49.37
C GLN D 207 16.83 9.18 49.32
N GLU D 208 15.57 8.78 49.47
CA GLU D 208 14.44 9.71 49.49
C GLU D 208 13.93 9.99 50.90
N ASN D 209 14.62 9.48 51.92
CA ASN D 209 14.23 9.71 53.31
C ASN D 209 12.79 9.26 53.55
N VAL D 210 12.42 8.13 52.97
CA VAL D 210 11.09 7.56 53.16
C VAL D 210 11.13 6.63 54.37
N LYS D 211 10.26 6.89 55.34
CA LYS D 211 10.18 6.12 56.58
C LYS D 211 8.95 5.21 56.49
N CYS D 212 9.17 3.91 56.57
CA CYS D 212 8.11 2.92 56.49
C CYS D 212 8.33 1.84 57.52
N ASP D 213 7.23 1.18 57.92
CA ASP D 213 7.31 0.10 58.88
C ASP D 213 7.89 -1.15 58.23
N ASP D 214 8.28 -2.12 59.06
CA ASP D 214 8.84 -3.36 58.57
C ASP D 214 7.82 -4.10 57.72
N GLY D 215 8.28 -4.63 56.58
CA GLY D 215 7.43 -5.36 55.67
C GLY D 215 6.68 -4.50 54.67
N VAL D 216 6.75 -3.18 54.79
CA VAL D 216 6.05 -2.31 53.85
C VAL D 216 6.64 -2.45 52.45
N LEU D 217 7.98 -2.46 52.35
CA LEU D 217 8.62 -2.62 51.05
C LEU D 217 8.31 -3.99 50.45
N GLU D 218 8.33 -5.03 51.29
CA GLU D 218 7.98 -6.36 50.81
C GLU D 218 6.54 -6.43 50.33
N ARG D 219 5.62 -5.78 51.05
CA ARG D 219 4.23 -5.75 50.60
C ARG D 219 4.10 -5.00 49.28
N ILE D 220 4.84 -3.90 49.13
CA ILE D 220 4.81 -3.14 47.88
C ILE D 220 5.27 -4.02 46.72
N LEU D 221 6.40 -4.72 46.92
CA LEU D 221 6.92 -5.58 45.87
C LEU D 221 6.01 -6.76 45.57
N ASP D 222 5.36 -7.33 46.58
CA ASP D 222 4.40 -8.40 46.33
C ASP D 222 3.20 -7.90 45.54
N ILE D 223 2.69 -6.71 45.88
CA ILE D 223 1.57 -6.14 45.14
C ILE D 223 1.97 -5.83 43.71
N SER D 224 3.21 -5.38 43.50
CA SER D 224 3.65 -5.03 42.15
C SER D 224 3.59 -6.22 41.20
N ALA D 225 3.87 -7.42 41.70
CA ALA D 225 3.79 -8.64 40.89
C ALA D 225 4.78 -8.61 39.73
N GLY D 226 6.06 -8.43 40.07
CA GLY D 226 7.13 -8.53 39.10
C GLY D 226 7.52 -7.24 38.41
N ASP D 227 6.80 -6.15 38.67
CA ASP D 227 7.05 -4.86 38.03
C ASP D 227 7.67 -3.91 39.04
N LEU D 228 8.96 -3.60 38.84
CA LEU D 228 9.65 -2.68 39.75
C LEU D 228 9.22 -1.24 39.52
N ARG D 229 8.87 -0.88 38.28
CA ARG D 229 8.40 0.48 38.01
C ARG D 229 7.13 0.77 38.79
N ARG D 230 6.19 -0.19 38.81
CA ARG D 230 4.96 -0.01 39.59
C ARG D 230 5.26 0.15 41.07
N GLY D 231 6.20 -0.66 41.59
CA GLY D 231 6.55 -0.55 42.99
C GLY D 231 7.15 0.81 43.32
N ILE D 232 8.03 1.31 42.45
CA ILE D 232 8.64 2.62 42.68
C ILE D 232 7.58 3.71 42.65
N THR D 233 6.65 3.64 41.69
CA THR D 233 5.58 4.64 41.61
C THR D 233 4.72 4.60 42.86
N LEU D 234 4.38 3.40 43.34
CA LEU D 234 3.56 3.27 44.54
C LEU D 234 4.30 3.82 45.76
N LEU D 235 5.60 3.55 45.85
CA LEU D 235 6.40 4.10 46.95
C LEU D 235 6.42 5.62 46.89
N GLN D 236 6.56 6.19 45.69
CA GLN D 236 6.55 7.65 45.56
C GLN D 236 5.21 8.21 45.98
N SER D 237 4.11 7.56 45.60
CA SER D 237 2.78 8.03 46.00
C SER D 237 2.63 7.98 47.53
N ALA D 238 3.09 6.90 48.15
CA ALA D 238 3.01 6.80 49.61
C ALA D 238 3.85 7.89 50.27
N SER D 239 5.05 8.15 49.74
CA SER D 239 5.90 9.20 50.30
C SER D 239 5.23 10.57 50.17
N LYS D 240 4.62 10.83 49.01
CA LYS D 240 3.92 12.10 48.81
C LYS D 240 2.78 12.26 49.81
N GLY D 241 2.00 11.20 50.01
CA GLY D 241 0.92 11.26 50.99
C GLY D 241 1.44 11.52 52.39
N ALA D 242 2.49 10.80 52.79
CA ALA D 242 3.04 10.98 54.13
C ALA D 242 3.57 12.40 54.32
N GLN D 243 4.27 12.93 53.32
CA GLN D 243 4.76 14.30 53.39
C GLN D 243 3.63 15.32 53.45
N TYR D 244 2.58 15.12 52.68
CA TYR D 244 1.43 16.03 52.75
C TYR D 244 0.79 16.01 54.14
N LEU D 245 0.64 14.83 54.72
CA LEU D 245 0.09 14.76 56.08
C LEU D 245 1.00 15.47 57.07
N GLY D 246 2.31 15.33 56.92
CA GLY D 246 3.23 16.02 57.81
C GLY D 246 3.07 15.63 59.26
N ASP D 247 2.86 14.34 59.53
CA ASP D 247 2.67 13.85 60.88
C ASP D 247 3.90 13.13 61.42
N GLY D 248 4.90 12.86 60.59
CA GLY D 248 6.12 12.24 61.07
C GLY D 248 6.01 10.77 61.36
N LYS D 249 4.90 10.15 61.01
CA LYS D 249 4.70 8.72 61.27
C LYS D 249 5.13 7.89 60.06
N ASN D 250 5.36 6.60 60.30
CA ASN D 250 5.86 5.69 59.27
C ASN D 250 4.71 5.20 58.40
N ILE D 251 5.01 5.01 57.12
CA ILE D 251 4.01 4.44 56.20
C ILE D 251 3.66 3.03 56.64
N THR D 252 2.39 2.68 56.52
CA THR D 252 1.88 1.38 56.94
C THR D 252 1.37 0.60 55.74
N SER D 253 1.29 -0.72 55.92
CA SER D 253 0.85 -1.60 54.84
C SER D 253 -0.59 -1.31 54.41
N THR D 254 -1.46 -0.92 55.34
CA THR D 254 -2.84 -0.61 54.96
C THR D 254 -2.90 0.57 54.02
N GLN D 255 -2.07 1.60 54.26
CA GLN D 255 -2.03 2.74 53.35
C GLN D 255 -1.55 2.31 51.97
N VAL D 256 -0.54 1.44 51.92
CA VAL D 256 -0.03 0.95 50.65
C VAL D 256 -1.13 0.19 49.90
N GLU D 257 -1.86 -0.68 50.60
CA GLU D 257 -2.94 -1.42 49.97
C GLU D 257 -4.03 -0.50 49.47
N GLU D 258 -4.38 0.53 50.25
CA GLU D 258 -5.38 1.49 49.81
C GLU D 258 -4.93 2.22 48.55
N LEU D 259 -3.65 2.61 48.49
CA LEU D 259 -3.13 3.29 47.32
C LEU D 259 -3.01 2.37 46.11
N ALA D 260 -2.85 1.06 46.34
CA ALA D 260 -2.69 0.10 45.24
C ALA D 260 -4.01 -0.43 44.72
N GLY D 261 -5.14 -0.06 45.33
CA GLY D 261 -6.43 -0.54 44.89
C GLY D 261 -6.80 -1.92 45.36
N VAL D 262 -6.11 -2.46 46.36
CA VAL D 262 -6.42 -3.79 46.87
C VAL D 262 -7.72 -3.72 47.65
N VAL D 263 -8.63 -4.65 47.37
CA VAL D 263 -9.92 -4.67 48.05
C VAL D 263 -9.71 -4.98 49.53
N PRO D 264 -10.38 -4.32 50.46
CA PRO D 264 -10.25 -4.69 51.87
C PRO D 264 -10.67 -6.13 52.11
N HIS D 265 -10.00 -6.77 53.06
CA HIS D 265 -10.28 -8.18 53.35
C HIS D 265 -11.73 -8.40 53.76
N ASP D 266 -12.33 -7.43 54.45
CA ASP D 266 -13.72 -7.58 54.87
C ASP D 266 -14.65 -7.72 53.66
N ILE D 267 -14.44 -6.90 52.64
CA ILE D 267 -15.27 -6.99 51.44
C ILE D 267 -15.08 -8.33 50.76
N LEU D 268 -13.85 -8.84 50.75
CA LEU D 268 -13.60 -10.16 50.17
C LEU D 268 -14.35 -11.24 50.95
N ILE D 269 -14.36 -11.15 52.27
CA ILE D 269 -15.10 -12.12 53.08
C ILE D 269 -16.59 -12.01 52.81
N GLU D 270 -17.11 -10.80 52.65
CA GLU D 270 -18.51 -10.64 52.31
C GLU D 270 -18.83 -11.28 50.97
N ILE D 271 -17.96 -11.08 49.97
CA ILE D 271 -18.17 -11.69 48.67
C ILE D 271 -18.15 -13.22 48.79
N VAL D 272 -17.22 -13.75 49.57
CA VAL D 272 -17.13 -15.20 49.77
C VAL D 272 -18.40 -15.72 50.42
N GLU D 273 -18.90 -15.01 51.43
CA GLU D 273 -20.14 -15.44 52.09
C GLU D 273 -21.31 -15.40 51.13
N LYS D 274 -21.40 -14.36 50.30
CA LYS D 274 -22.48 -14.29 49.31
C LYS D 274 -22.40 -15.46 48.34
N VAL D 275 -21.18 -15.80 47.90
CA VAL D 275 -21.01 -16.95 47.02
C VAL D 275 -21.45 -18.22 47.72
N LYS D 276 -21.08 -18.36 49.00
CA LYS D 276 -21.47 -19.55 49.76
C LYS D 276 -22.98 -19.67 49.88
N SER D 277 -23.67 -18.53 50.02
CA SER D 277 -25.12 -18.56 50.13
C SER D 277 -25.75 -19.19 48.89
N GLY D 278 -25.27 -18.82 47.71
CA GLY D 278 -25.69 -19.42 46.47
C GLY D 278 -26.91 -18.78 45.82
N ASP D 279 -27.53 -17.79 46.46
CA ASP D 279 -28.70 -17.14 45.90
C ASP D 279 -28.28 -16.22 44.77
N PHE D 280 -28.92 -16.37 43.60
CA PHE D 280 -28.54 -15.58 42.44
C PHE D 280 -28.88 -14.10 42.65
N ASP D 281 -30.08 -13.81 43.15
CA ASP D 281 -30.51 -12.42 43.29
C ASP D 281 -29.63 -11.66 44.28
N GLU D 282 -29.31 -12.27 45.42
CA GLU D 282 -28.47 -11.60 46.40
C GLU D 282 -27.07 -11.35 45.84
N ILE D 283 -26.51 -12.33 45.13
CA ILE D 283 -25.19 -12.15 44.53
C ILE D 283 -25.24 -11.01 43.51
N LYS D 284 -26.27 -10.98 42.67
CA LYS D 284 -26.38 -9.92 41.68
C LYS D 284 -26.47 -8.55 42.34
N LYS D 285 -27.30 -8.43 43.38
CA LYS D 285 -27.43 -7.14 44.06
C LYS D 285 -26.12 -6.72 44.70
N TYR D 286 -25.43 -7.65 45.37
CA TYR D 286 -24.17 -7.31 46.02
C TYR D 286 -23.13 -6.90 45.01
N VAL D 287 -23.07 -7.59 43.86
CA VAL D 287 -22.10 -7.23 42.84
C VAL D 287 -22.43 -5.88 42.22
N ASN D 288 -23.72 -5.59 42.03
CA ASN D 288 -24.11 -4.29 41.51
C ASN D 288 -23.68 -3.18 42.46
N THR D 289 -23.84 -3.40 43.76
CA THR D 289 -23.35 -2.43 44.74
C THR D 289 -21.83 -2.36 44.75
N PHE D 290 -21.15 -3.49 44.54
CA PHE D 290 -19.70 -3.54 44.62
C PHE D 290 -19.05 -2.78 43.46
N MET D 291 -19.57 -2.95 42.24
CA MET D 291 -18.97 -2.27 41.09
C MET D 291 -19.05 -0.75 41.20
N LYS D 292 -19.92 -0.22 42.07
CA LYS D 292 -20.01 1.23 42.24
C LYS D 292 -18.77 1.82 42.90
N SER D 293 -17.92 1.00 43.52
CA SER D 293 -16.73 1.48 44.18
C SER D 293 -15.53 1.58 43.24
N GLY D 294 -15.64 1.07 42.01
CA GLY D 294 -14.56 1.20 41.05
C GLY D 294 -13.45 0.20 41.18
N TRP D 295 -13.61 -0.85 41.98
CA TRP D 295 -12.58 -1.86 42.12
C TRP D 295 -12.29 -2.53 40.78
N SER D 296 -11.01 -2.72 40.49
CA SER D 296 -10.58 -3.37 39.26
C SER D 296 -10.89 -4.86 39.33
N ALA D 297 -11.47 -5.40 38.25
CA ALA D 297 -11.87 -6.81 38.25
C ALA D 297 -10.67 -7.72 38.39
N ALA D 298 -9.54 -7.36 37.77
CA ALA D 298 -8.36 -8.21 37.82
C ALA D 298 -7.88 -8.41 39.25
N SER D 299 -7.85 -7.33 40.04
CA SER D 299 -7.43 -7.44 41.43
C SER D 299 -8.39 -8.33 42.22
N VAL D 300 -9.69 -8.19 41.98
CA VAL D 300 -10.66 -9.03 42.68
C VAL D 300 -10.46 -10.49 42.34
N VAL D 301 -10.23 -10.79 41.06
CA VAL D 301 -10.02 -12.17 40.64
C VAL D 301 -8.74 -12.72 41.27
N ASN D 302 -7.67 -11.92 41.29
CA ASN D 302 -6.43 -12.38 41.90
C ASN D 302 -6.60 -12.66 43.39
N GLN D 303 -7.31 -11.79 44.10
CA GLN D 303 -7.54 -12.00 45.52
C GLN D 303 -8.42 -13.22 45.76
N LEU D 304 -9.44 -13.43 44.92
CA LEU D 304 -10.27 -14.62 45.05
C LEU D 304 -9.45 -15.89 44.82
N HIS D 305 -8.57 -15.87 43.83
CA HIS D 305 -7.69 -17.01 43.60
C HIS D 305 -6.81 -17.27 44.81
N GLU D 306 -6.21 -16.20 45.36
CA GLU D 306 -5.35 -16.37 46.52
C GLU D 306 -6.13 -16.95 47.70
N TYR D 307 -7.35 -16.47 47.92
CA TYR D 307 -8.14 -16.97 49.04
C TYR D 307 -8.53 -18.43 48.84
N TYR D 308 -9.07 -18.76 47.67
CA TYR D 308 -9.64 -20.09 47.47
C TYR D 308 -8.56 -21.17 47.33
N ILE D 309 -7.52 -20.90 46.53
CA ILE D 309 -6.54 -21.94 46.25
C ILE D 309 -5.75 -22.31 47.51
N THR D 310 -5.54 -21.35 48.40
CA THR D 310 -4.74 -21.57 49.60
C THR D 310 -5.58 -21.84 50.84
N ASN D 311 -6.86 -22.17 50.67
CA ASN D 311 -7.75 -22.46 51.78
C ASN D 311 -7.82 -23.98 51.99
N ASP D 312 -7.62 -24.41 53.22
CA ASP D 312 -7.64 -25.84 53.54
C ASP D 312 -9.05 -26.39 53.71
N ASN D 313 -10.07 -25.54 53.72
CA ASN D 313 -11.45 -25.96 53.93
C ASN D 313 -12.17 -26.32 52.64
N PHE D 314 -11.43 -26.62 51.57
CA PHE D 314 -12.01 -26.98 50.29
C PHE D 314 -11.35 -28.24 49.76
N ASP D 315 -12.13 -29.06 49.07
CA ASP D 315 -11.67 -30.35 48.57
C ASP D 315 -10.88 -30.18 47.27
N THR D 316 -10.41 -31.29 46.72
CA THR D 316 -9.58 -31.25 45.52
C THR D 316 -10.40 -30.94 44.28
N ASN D 317 -11.59 -31.53 44.14
CA ASN D 317 -12.41 -31.27 42.96
C ASN D 317 -12.83 -29.81 42.89
N PHE D 318 -13.20 -29.22 44.03
CA PHE D 318 -13.61 -27.82 44.04
C PHE D 318 -12.46 -26.93 43.57
N LYS D 319 -11.25 -27.18 44.07
CA LYS D 319 -10.10 -26.39 43.64
C LYS D 319 -9.78 -26.61 42.17
N ASN D 320 -9.89 -27.85 41.70
CA ASN D 320 -9.63 -28.12 40.28
C ASN D 320 -10.59 -27.33 39.40
N GLN D 321 -11.87 -27.30 39.78
CA GLN D 321 -12.85 -26.56 38.97
C GLN D 321 -12.65 -25.05 39.08
N ILE D 322 -12.37 -24.56 40.29
CA ILE D 322 -12.23 -23.12 40.48
C ILE D 322 -10.98 -22.60 39.78
N SER D 323 -9.93 -23.40 39.70
CA SER D 323 -8.73 -22.98 38.97
C SER D 323 -9.06 -22.70 37.51
N TRP D 324 -9.77 -23.62 36.86
CA TRP D 324 -10.15 -23.42 35.47
C TRP D 324 -11.13 -22.25 35.32
N LEU D 325 -12.06 -22.11 36.26
CA LEU D 325 -12.99 -20.97 36.19
C LEU D 325 -12.23 -19.65 36.26
N LEU D 326 -11.28 -19.54 37.20
CA LEU D 326 -10.49 -18.32 37.32
C LEU D 326 -9.64 -18.09 36.09
N PHE D 327 -9.06 -19.16 35.53
CA PHE D 327 -8.26 -19.01 34.32
C PHE D 327 -9.11 -18.48 33.16
N THR D 328 -10.32 -19.04 32.99
CA THR D 328 -11.19 -18.57 31.92
C THR D 328 -11.59 -17.11 32.13
N THR D 329 -11.93 -16.74 33.36
CA THR D 329 -12.32 -15.36 33.64
C THR D 329 -11.16 -14.41 33.38
N ASP D 330 -9.95 -14.77 33.80
CA ASP D 330 -8.79 -13.92 33.57
C ASP D 330 -8.51 -13.79 32.07
N SER D 331 -8.60 -14.89 31.33
CA SER D 331 -8.37 -14.82 29.89
C SER D 331 -9.40 -13.92 29.21
N ARG D 332 -10.67 -14.04 29.61
CA ARG D 332 -11.70 -13.18 29.03
C ARG D 332 -11.47 -11.71 29.39
N LEU D 333 -11.06 -11.44 30.63
CA LEU D 333 -10.80 -10.06 31.03
C LEU D 333 -9.60 -9.48 30.29
N ASN D 334 -8.61 -10.31 29.97
CA ASN D 334 -7.43 -9.85 29.26
C ASN D 334 -7.73 -9.35 27.86
N ASN D 335 -8.91 -9.64 27.32
CA ASN D 335 -9.30 -9.22 25.98
C ASN D 335 -10.02 -7.88 25.97
N GLY D 336 -10.17 -7.23 27.12
CA GLY D 336 -10.84 -5.95 27.20
C GLY D 336 -12.35 -6.08 27.19
N THR D 337 -12.89 -6.83 28.13
CA THR D 337 -14.32 -7.08 28.22
C THR D 337 -14.92 -6.32 29.40
N ASN D 338 -16.25 -6.23 29.40
CA ASN D 338 -16.96 -5.58 30.49
C ASN D 338 -16.68 -6.32 31.80
N GLU D 339 -16.29 -5.56 32.82
CA GLU D 339 -15.90 -6.18 34.08
C GLU D 339 -17.11 -6.67 34.88
N HIS D 340 -18.21 -5.92 34.85
CA HIS D 340 -19.39 -6.29 35.62
C HIS D 340 -19.91 -7.66 35.22
N ILE D 341 -20.11 -7.87 33.91
CA ILE D 341 -20.69 -9.13 33.45
C ILE D 341 -19.75 -10.29 33.76
N GLN D 342 -18.45 -10.13 33.51
CA GLN D 342 -17.51 -11.22 33.76
C GLN D 342 -17.43 -11.55 35.24
N LEU D 343 -17.38 -10.54 36.11
CA LEU D 343 -17.32 -10.80 37.54
C LEU D 343 -18.58 -11.50 38.02
N LEU D 344 -19.75 -11.05 37.56
CA LEU D 344 -21.00 -11.70 37.95
C LEU D 344 -21.03 -13.14 37.48
N ASN D 345 -20.60 -13.40 36.25
CA ASN D 345 -20.59 -14.77 35.74
C ASN D 345 -19.65 -15.65 36.56
N LEU D 346 -18.46 -15.14 36.89
CA LEU D 346 -17.52 -15.93 37.67
C LEU D 346 -18.09 -16.25 39.04
N LEU D 347 -18.66 -15.25 39.71
CA LEU D 347 -19.20 -15.48 41.05
C LEU D 347 -20.37 -16.46 41.01
N VAL D 348 -21.25 -16.33 40.01
CA VAL D 348 -22.37 -17.25 39.90
C VAL D 348 -21.88 -18.67 39.65
N LYS D 349 -20.88 -18.83 38.77
CA LYS D 349 -20.36 -20.16 38.49
C LYS D 349 -19.72 -20.78 39.73
N ILE D 350 -18.97 -19.97 40.49
CA ILE D 350 -18.36 -20.50 41.72
C ILE D 350 -19.44 -20.88 42.72
N SER D 351 -20.51 -20.09 42.82
CA SER D 351 -21.55 -20.37 43.80
C SER D 351 -22.25 -21.69 43.52
N GLN D 352 -22.21 -22.17 42.28
CA GLN D 352 -22.89 -23.39 41.90
C GLN D 352 -21.94 -24.60 41.82
N LEU D 353 -20.73 -24.45 42.34
CA LEU D 353 -19.76 -25.56 42.34
C LEU D 353 -20.06 -26.51 43.50
N MET E 1 -31.34 28.56 30.49
CA MET E 1 -29.89 28.84 30.34
C MET E 1 -29.08 27.56 30.51
N SER E 2 -27.85 27.69 30.98
CA SER E 2 -26.99 26.53 31.20
C SER E 2 -27.65 25.55 32.15
N LEU E 3 -27.58 24.26 31.80
CA LEU E 3 -28.20 23.23 32.63
C LEU E 3 -27.56 23.19 34.00
N TRP E 4 -28.37 22.86 35.01
CA TRP E 4 -27.87 22.84 36.38
C TRP E 4 -26.68 21.90 36.53
N VAL E 5 -26.65 20.83 35.72
CA VAL E 5 -25.52 19.91 35.77
C VAL E 5 -24.22 20.62 35.41
N ASP E 6 -24.31 21.67 34.60
CA ASP E 6 -23.14 22.42 34.17
C ASP E 6 -22.98 23.75 34.91
N LYS E 7 -24.07 24.32 35.42
CA LYS E 7 -23.99 25.62 36.07
C LYS E 7 -23.37 25.54 37.46
N TYR E 8 -23.49 24.39 38.13
CA TYR E 8 -23.01 24.23 39.49
C TYR E 8 -21.81 23.29 39.60
N ARG E 9 -21.12 23.03 38.50
CA ARG E 9 -19.96 22.14 38.55
C ARG E 9 -18.87 22.80 39.40
N PRO E 10 -18.27 22.08 40.35
CA PRO E 10 -17.15 22.67 41.10
C PRO E 10 -15.98 22.98 40.18
N LYS E 11 -15.25 24.05 40.52
CA LYS E 11 -14.10 24.49 39.75
C LYS E 11 -12.83 24.56 40.61
N SER E 12 -12.82 23.83 41.72
CA SER E 12 -11.67 23.81 42.60
C SER E 12 -11.71 22.55 43.45
N LEU E 13 -10.56 22.19 44.01
CA LEU E 13 -10.48 21.04 44.90
C LEU E 13 -11.17 21.28 46.22
N ASN E 14 -11.20 22.52 46.71
CA ASN E 14 -11.91 22.83 47.94
C ASN E 14 -13.42 22.83 47.77
N ALA E 15 -13.91 22.88 46.52
CA ALA E 15 -15.34 22.85 46.25
C ALA E 15 -15.90 21.44 46.15
N LEU E 16 -15.05 20.42 46.22
CA LEU E 16 -15.54 19.04 46.16
C LEU E 16 -16.34 18.72 47.41
N SER E 17 -17.27 17.76 47.29
CA SER E 17 -18.21 17.47 48.37
C SER E 17 -18.37 15.98 48.66
N HIS E 18 -17.83 15.10 47.83
CA HIS E 18 -17.94 13.66 48.05
C HIS E 18 -16.58 13.02 47.84
N ASN E 19 -16.37 11.89 48.52
CA ASN E 19 -15.11 11.16 48.49
C ASN E 19 -13.96 12.05 48.98
N GLU E 20 -14.08 12.44 50.26
CA GLU E 20 -13.10 13.34 50.85
C GLU E 20 -11.70 12.74 50.85
N GLU E 21 -11.59 11.41 50.96
CA GLU E 21 -10.28 10.77 50.91
C GLU E 21 -9.61 11.00 49.55
N LEU E 22 -10.39 10.89 48.47
CA LEU E 22 -9.84 11.16 47.15
C LEU E 22 -9.39 12.61 47.04
N THR E 23 -10.17 13.54 47.61
CA THR E 23 -9.78 14.94 47.60
C THR E 23 -8.47 15.15 48.35
N ASN E 24 -8.32 14.51 49.51
CA ASN E 24 -7.07 14.62 50.26
C ASN E 24 -5.90 14.06 49.47
N PHE E 25 -6.10 12.92 48.81
CA PHE E 25 -5.02 12.36 48.00
C PHE E 25 -4.64 13.28 46.85
N LEU E 26 -5.64 13.86 46.18
CA LEU E 26 -5.36 14.79 45.09
C LEU E 26 -4.62 16.02 45.60
N LYS E 27 -5.02 16.55 46.76
CA LYS E 27 -4.31 17.69 47.34
C LYS E 27 -2.87 17.32 47.67
N SER E 28 -2.65 16.11 48.20
CA SER E 28 -1.29 15.66 48.44
C SER E 28 -0.47 15.58 47.16
N LEU E 29 -1.08 15.11 46.07
CA LEU E 29 -0.39 15.09 44.78
C LEU E 29 -0.03 16.50 44.32
N SER E 30 -0.90 17.48 44.59
CA SER E 30 -0.70 18.84 44.12
C SER E 30 0.24 19.65 45.00
N ASP E 31 0.62 19.14 46.18
CA ASP E 31 1.49 19.89 47.06
C ASP E 31 2.85 20.17 46.41
N GLN E 32 3.43 19.16 45.78
CA GLN E 32 4.71 19.29 45.07
C GLN E 32 4.54 18.70 43.69
N PRO E 33 3.93 19.43 42.77
CA PRO E 33 3.60 18.86 41.45
C PRO E 33 4.76 18.76 40.48
N ARG E 34 5.96 19.20 40.86
CA ARG E 34 7.08 19.17 39.92
C ARG E 34 7.43 17.74 39.53
N ASP E 35 7.40 16.81 40.48
CA ASP E 35 7.69 15.40 40.21
C ASP E 35 6.43 14.57 40.07
N LEU E 36 5.34 15.17 39.61
CA LEU E 36 4.09 14.44 39.47
C LEU E 36 4.22 13.36 38.39
N PRO E 37 3.96 12.10 38.70
CA PRO E 37 4.00 11.07 37.67
C PRO E 37 2.76 11.10 36.80
N HIS E 38 2.80 10.31 35.73
CA HIS E 38 1.62 10.16 34.87
C HIS E 38 0.48 9.53 35.66
N LEU E 39 -0.73 10.01 35.38
CA LEU E 39 -1.91 9.63 36.14
C LEU E 39 -2.93 8.93 35.25
N LEU E 40 -3.57 7.90 35.80
CA LEU E 40 -4.65 7.18 35.14
C LEU E 40 -5.82 7.10 36.11
N LEU E 41 -6.85 7.88 35.87
CA LEU E 41 -8.02 7.94 36.74
C LEU E 41 -9.10 6.99 36.20
N TYR E 42 -9.44 5.97 37.00
CA TYR E 42 -10.43 4.99 36.61
C TYR E 42 -11.54 4.91 37.65
N GLY E 43 -12.76 4.74 37.17
CA GLY E 43 -13.92 4.63 38.04
C GLY E 43 -15.22 4.60 37.25
N PRO E 44 -16.34 4.44 37.96
CA PRO E 44 -17.64 4.42 37.26
C PRO E 44 -17.91 5.73 36.54
N ASN E 45 -18.62 5.62 35.42
CA ASN E 45 -18.94 6.79 34.61
C ASN E 45 -19.88 7.73 35.37
N GLY E 46 -19.71 9.03 35.14
CA GLY E 46 -20.57 10.03 35.73
C GLY E 46 -20.34 10.29 37.21
N THR E 47 -19.12 10.07 37.71
CA THR E 47 -18.82 10.27 39.12
C THR E 47 -18.04 11.54 39.39
N GLY E 48 -17.38 12.12 38.38
CA GLY E 48 -16.65 13.36 38.57
C GLY E 48 -15.17 13.23 38.34
N LYS E 49 -14.76 12.26 37.51
CA LYS E 49 -13.35 12.08 37.20
C LYS E 49 -12.79 13.29 36.47
N LYS E 50 -13.50 13.76 35.44
CA LYS E 50 -13.04 14.93 34.70
C LYS E 50 -13.05 16.18 35.57
N THR E 51 -14.07 16.33 36.42
CA THR E 51 -14.11 17.48 37.31
C THR E 51 -12.92 17.50 38.25
N ARG E 52 -12.56 16.35 38.81
CA ARG E 52 -11.41 16.28 39.69
C ARG E 52 -10.10 16.48 38.95
N CYS E 53 -9.99 15.99 37.72
CA CYS E 53 -8.79 16.26 36.93
C CYS E 53 -8.65 17.75 36.67
N MET E 54 -9.74 18.42 36.31
CA MET E 54 -9.69 19.86 36.10
C MET E 54 -9.35 20.60 37.39
N ALA E 55 -9.89 20.14 38.51
CA ALA E 55 -9.56 20.77 39.79
C ALA E 55 -8.08 20.61 40.12
N LEU E 56 -7.52 19.43 39.87
CA LEU E 56 -6.09 19.22 40.11
C LEU E 56 -5.26 20.13 39.21
N LEU E 57 -5.65 20.24 37.93
CA LEU E 57 -4.93 21.15 37.04
C LEU E 57 -5.03 22.60 37.49
N GLU E 58 -6.21 23.01 37.96
CA GLU E 58 -6.36 24.37 38.48
C GLU E 58 -5.47 24.60 39.70
N SER E 59 -5.41 23.62 40.61
CA SER E 59 -4.55 23.75 41.77
C SER E 59 -3.08 23.83 41.38
N ILE E 60 -2.64 23.04 40.40
CA ILE E 60 -1.25 23.05 39.98
C ILE E 60 -0.89 24.35 39.26
N PHE E 61 -1.75 24.82 38.36
CA PHE E 61 -1.46 25.99 37.54
C PHE E 61 -2.26 27.22 37.90
N GLY E 62 -3.52 27.06 38.32
CA GLY E 62 -4.36 28.18 38.65
C GLY E 62 -5.66 28.18 37.87
N PRO E 63 -6.50 29.19 38.10
CA PRO E 63 -7.80 29.24 37.41
C PRO E 63 -7.70 29.31 35.90
N GLY E 64 -6.57 29.76 35.36
CA GLY E 64 -6.45 29.91 33.91
C GLY E 64 -6.64 28.63 33.12
N VAL E 65 -6.59 27.48 33.78
CA VAL E 65 -6.85 26.22 33.09
C VAL E 65 -8.27 26.18 32.55
N TYR E 66 -9.19 26.93 33.15
CA TYR E 66 -10.59 26.91 32.74
C TYR E 66 -10.87 27.82 31.53
N ARG E 67 -9.89 28.60 31.08
CA ARG E 67 -10.04 29.39 29.87
C ARG E 67 -9.64 28.50 28.69
N LEU E 68 -10.66 27.97 28.01
CA LEU E 68 -10.46 26.94 27.00
C LEU E 68 -10.74 27.49 25.61
N LYS E 69 -10.01 26.96 24.63
CA LYS E 69 -10.20 27.27 23.23
C LYS E 69 -10.18 25.97 22.43
N ILE E 70 -10.77 26.01 21.24
CA ILE E 70 -10.88 24.84 20.37
C ILE E 70 -10.26 25.18 19.03
N ASP E 71 -9.35 24.32 18.57
CA ASP E 71 -8.70 24.44 17.27
C ASP E 71 -8.84 23.14 16.50
N VAL E 72 -8.40 23.15 15.25
CA VAL E 72 -8.47 21.99 14.37
C VAL E 72 -7.07 21.68 13.85
N ARG E 73 -6.71 20.40 13.85
CA ARG E 73 -5.41 19.94 13.39
C ARG E 73 -5.62 18.97 12.23
N GLN E 74 -4.81 19.10 11.19
CA GLN E 74 -4.90 18.26 10.01
C GLN E 74 -3.88 17.13 10.06
N PHE E 75 -4.27 15.98 9.55
CA PHE E 75 -3.39 14.82 9.46
C PHE E 75 -3.56 14.15 8.12
N VAL E 76 -2.48 13.54 7.62
CA VAL E 76 -2.47 12.86 6.33
C VAL E 76 -2.07 11.41 6.56
N THR E 77 -2.87 10.49 6.03
CA THR E 77 -2.63 9.06 6.19
C THR E 77 -1.70 8.56 5.09
N ALA E 78 -1.39 7.26 5.15
CA ALA E 78 -0.57 6.64 4.11
C ALA E 78 -1.30 6.57 2.77
N SER E 79 -2.63 6.61 2.78
CA SER E 79 -3.42 6.60 1.56
C SER E 79 -3.71 8.00 1.03
N ASN E 80 -3.14 9.04 1.65
CA ASN E 80 -3.32 10.44 1.29
C ASN E 80 -4.65 10.99 1.78
N ARG E 81 -5.37 10.25 2.63
CA ARG E 81 -6.60 10.78 3.21
C ARG E 81 -6.29 11.92 4.16
N LYS E 82 -7.24 12.85 4.27
CA LYS E 82 -7.12 14.01 5.14
C LYS E 82 -8.08 13.83 6.32
N LEU E 83 -7.54 13.89 7.53
CA LEU E 83 -8.33 13.76 8.75
C LEU E 83 -8.21 15.02 9.59
N GLU E 84 -9.29 15.34 10.29
CA GLU E 84 -9.37 16.53 11.13
C GLU E 84 -9.57 16.11 12.58
N LEU E 85 -8.76 16.68 13.47
CA LEU E 85 -8.90 16.42 14.91
C LEU E 85 -9.16 17.74 15.63
N ASN E 86 -10.21 17.75 16.45
CA ASN E 86 -10.55 18.93 17.26
C ASN E 86 -9.77 18.88 18.56
N VAL E 87 -8.97 19.90 18.81
CA VAL E 87 -8.08 19.97 19.97
C VAL E 87 -8.61 21.06 20.90
N VAL E 88 -8.92 20.68 22.13
CA VAL E 88 -9.26 21.64 23.17
C VAL E 88 -8.01 21.94 23.97
N SER E 89 -7.64 23.23 24.01
CA SER E 89 -6.37 23.63 24.61
C SER E 89 -6.60 24.81 25.53
N SER E 90 -5.75 24.91 26.54
CA SER E 90 -5.71 26.04 27.47
C SER E 90 -4.27 26.52 27.55
N PRO E 91 -4.00 27.65 28.23
CA PRO E 91 -2.61 28.11 28.30
C PRO E 91 -1.66 27.14 28.97
N TYR E 92 -2.17 26.17 29.75
CA TYR E 92 -1.33 25.25 30.49
C TYR E 92 -1.51 23.78 30.13
N HIS E 93 -2.56 23.41 29.42
CA HIS E 93 -2.80 22.00 29.14
C HIS E 93 -3.52 21.83 27.81
N LEU E 94 -3.47 20.60 27.31
CA LEU E 94 -4.07 20.22 26.03
C LEU E 94 -4.91 18.98 26.23
N GLU E 95 -6.12 18.99 25.69
CA GLU E 95 -7.05 17.86 25.80
C GLU E 95 -7.27 17.27 24.41
N ILE E 96 -7.13 15.95 24.30
CA ILE E 96 -7.32 15.25 23.03
C ILE E 96 -8.17 14.01 23.25
N THR E 97 -8.85 13.60 22.17
CA THR E 97 -9.64 12.37 22.15
C THR E 97 -9.28 11.62 20.87
N PRO E 98 -8.15 10.90 20.88
CA PRO E 98 -7.69 10.25 19.64
C PRO E 98 -8.70 9.27 19.05
N SER E 99 -9.55 8.67 19.87
CA SER E 99 -10.52 7.69 19.37
C SER E 99 -11.47 8.29 18.34
N ASP E 100 -11.57 9.62 18.27
CA ASP E 100 -12.38 10.25 17.24
C ASP E 100 -11.93 9.82 15.84
N MET E 101 -10.63 9.54 15.68
CA MET E 101 -10.09 9.10 14.40
C MET E 101 -10.07 7.59 14.27
N GLY E 102 -10.67 6.86 15.20
CA GLY E 102 -10.76 5.41 15.10
C GLY E 102 -9.40 4.74 14.96
N ASN E 103 -9.27 3.88 13.95
CA ASN E 103 -8.02 3.17 13.72
C ASN E 103 -6.87 4.11 13.41
N ASN E 104 -7.14 5.36 13.02
CA ASN E 104 -6.10 6.34 12.75
C ASN E 104 -5.62 7.04 14.01
N ASP E 105 -6.19 6.70 15.17
CA ASP E 105 -5.78 7.37 16.42
C ASP E 105 -4.29 7.25 16.65
N ARG E 106 -3.66 6.16 16.20
CA ARG E 106 -2.22 6.01 16.35
C ARG E 106 -1.48 7.24 15.85
N ILE E 107 -1.91 7.78 14.70
CA ILE E 107 -1.22 8.94 14.13
C ILE E 107 -1.22 10.09 15.13
N VAL E 108 -2.34 10.29 15.82
CA VAL E 108 -2.41 11.37 16.82
C VAL E 108 -1.31 11.17 17.86
N ILE E 109 -1.09 9.93 18.29
CA ILE E 109 0.00 9.65 19.23
C ILE E 109 1.34 9.86 18.56
N GLN E 110 1.46 9.47 17.28
CA GLN E 110 2.76 9.50 16.63
C GLN E 110 3.19 10.92 16.26
N GLU E 111 2.27 11.76 15.82
CA GLU E 111 2.63 13.08 15.32
C GLU E 111 2.37 14.19 16.35
N LEU E 112 1.11 14.34 16.78
CA LEU E 112 0.76 15.47 17.63
C LEU E 112 1.42 15.37 18.99
N LEU E 113 1.27 14.21 19.66
CA LEU E 113 1.86 14.05 20.99
C LEU E 113 3.38 14.09 20.91
N LYS E 114 3.96 13.48 19.88
CA LYS E 114 5.41 13.55 19.71
C LYS E 114 5.87 14.99 19.54
N GLU E 115 5.16 15.76 18.73
CA GLU E 115 5.54 17.16 18.51
C GLU E 115 5.46 17.94 19.81
N VAL E 116 4.39 17.73 20.57
CA VAL E 116 4.23 18.45 21.84
C VAL E 116 5.32 18.05 22.82
N ALA E 117 5.68 16.76 22.85
CA ALA E 117 6.64 16.28 23.83
C ALA E 117 8.06 16.67 23.47
N GLN E 118 8.36 16.83 22.17
CA GLN E 118 9.68 17.24 21.72
C GLN E 118 9.89 18.74 21.80
N MET E 119 9.01 19.47 22.50
CA MET E 119 9.12 20.90 22.66
C MET E 119 9.13 21.22 24.15
N GLU E 120 10.18 21.92 24.60
CA GLU E 120 10.27 22.30 25.99
C GLU E 120 9.44 23.56 26.26
N GLN E 121 9.13 23.78 27.54
CA GLN E 121 8.34 24.92 27.96
C GLN E 121 9.27 26.12 28.14
N VAL E 122 9.05 27.16 27.34
CA VAL E 122 9.87 28.36 27.40
C VAL E 122 9.12 29.56 27.98
N ASP E 123 7.79 29.57 27.91
CA ASP E 123 7.03 30.67 28.48
C ASP E 123 7.19 30.71 29.99
N PHE E 124 7.32 31.91 30.53
CA PHE E 124 7.55 32.10 31.96
C PHE E 124 6.24 31.87 32.70
N GLN E 125 5.97 30.61 33.03
CA GLN E 125 4.77 30.24 33.79
C GLN E 125 5.15 30.10 35.27
N ASP E 126 5.29 31.24 35.92
CA ASP E 126 5.71 31.26 37.32
C ASP E 126 4.75 30.44 38.18
N SER E 127 5.31 29.59 39.02
CA SER E 127 4.56 28.69 39.88
C SER E 127 4.58 29.20 41.32
N LYS E 128 3.92 28.44 42.20
CA LYS E 128 3.88 28.80 43.62
C LYS E 128 5.25 28.71 44.26
N ASP E 129 6.15 27.88 43.73
CA ASP E 129 7.49 27.75 44.29
C ASP E 129 8.39 28.92 43.92
N GLY E 130 7.94 29.81 43.03
CA GLY E 130 8.73 30.93 42.57
C GLY E 130 9.45 30.69 41.25
N LEU E 131 9.55 29.44 40.81
CA LEU E 131 10.17 29.09 39.54
C LEU E 131 9.10 28.68 38.53
N ALA E 132 9.40 28.89 37.26
CA ALA E 132 8.43 28.64 36.20
C ALA E 132 8.17 27.15 36.05
N HIS E 133 6.97 26.83 35.56
CA HIS E 133 6.62 25.45 35.27
C HIS E 133 7.47 24.92 34.11
N ARG E 134 7.63 23.59 34.09
CA ARG E 134 8.51 22.95 33.12
C ARG E 134 7.83 21.91 32.25
N TYR E 135 6.57 21.56 32.51
CA TYR E 135 5.86 20.57 31.73
C TYR E 135 4.44 21.03 31.44
N LYS E 136 3.89 20.52 30.34
CA LYS E 136 2.50 20.78 29.96
C LYS E 136 1.70 19.50 30.07
N CYS E 137 0.48 19.62 30.61
CA CYS E 137 -0.38 18.48 30.86
C CYS E 137 -1.17 18.12 29.60
N VAL E 138 -1.35 16.82 29.37
CA VAL E 138 -2.12 16.31 28.26
C VAL E 138 -3.18 15.37 28.82
N ILE E 139 -4.45 15.65 28.50
CA ILE E 139 -5.57 14.84 28.95
C ILE E 139 -6.08 14.01 27.78
N ILE E 140 -5.94 12.70 27.88
CA ILE E 140 -6.42 11.77 26.86
C ILE E 140 -7.74 11.20 27.36
N ASN E 141 -8.85 11.79 26.91
CA ASN E 141 -10.17 11.32 27.31
C ASN E 141 -10.51 10.02 26.61
N GLU E 142 -11.25 9.16 27.30
CA GLU E 142 -11.67 7.87 26.76
C GLU E 142 -10.46 7.05 26.32
N ALA E 143 -9.45 6.97 27.20
CA ALA E 143 -8.25 6.21 26.91
C ALA E 143 -8.55 4.73 26.67
N ASN E 144 -9.63 4.21 27.24
CA ASN E 144 -9.99 2.81 27.04
C ASN E 144 -10.34 2.48 25.60
N SER E 145 -10.69 3.48 24.79
CA SER E 145 -11.04 3.27 23.40
C SER E 145 -9.83 3.26 22.46
N LEU E 146 -8.64 3.58 22.98
CA LEU E 146 -7.45 3.60 22.14
C LEU E 146 -7.12 2.20 21.65
N THR E 147 -6.73 2.10 20.38
CA THR E 147 -6.28 0.82 19.83
C THR E 147 -4.93 0.43 20.42
N LYS E 148 -4.65 -0.88 20.40
CA LYS E 148 -3.41 -1.37 20.98
C LYS E 148 -2.19 -0.75 20.30
N ASP E 149 -2.28 -0.45 19.00
CA ASP E 149 -1.16 0.17 18.31
C ASP E 149 -0.88 1.56 18.87
N ALA E 150 -1.93 2.35 19.12
CA ALA E 150 -1.73 3.68 19.71
C ALA E 150 -1.14 3.58 21.11
N GLN E 151 -1.63 2.62 21.90
CA GLN E 151 -1.08 2.44 23.24
C GLN E 151 0.39 2.05 23.19
N ALA E 152 0.76 1.16 22.26
CA ALA E 152 2.16 0.81 22.09
C ALA E 152 2.98 2.03 21.70
N ALA E 153 2.47 2.85 20.80
CA ALA E 153 3.14 4.09 20.43
C ALA E 153 3.29 5.04 21.61
N LEU E 154 2.36 4.99 22.57
CA LEU E 154 2.43 5.85 23.75
C LEU E 154 3.54 5.44 24.71
N ARG E 155 4.07 4.23 24.59
CA ARG E 155 4.95 3.69 25.63
C ARG E 155 6.21 4.55 25.79
N ARG E 156 7.03 4.63 24.75
CA ARG E 156 8.32 5.31 24.87
C ARG E 156 8.18 6.83 24.95
N THR E 157 7.07 7.39 24.47
CA THR E 157 6.89 8.84 24.55
C THR E 157 6.83 9.32 25.99
N MET E 158 6.13 8.57 26.85
CA MET E 158 5.98 8.97 28.25
C MET E 158 7.30 8.90 29.01
N GLU E 159 8.26 8.09 28.57
CA GLU E 159 9.53 7.93 29.26
C GLU E 159 10.60 8.90 28.77
N LYS E 160 10.81 8.98 27.46
CA LYS E 160 11.85 9.86 26.93
C LYS E 160 11.55 11.33 27.17
N TYR E 161 10.28 11.73 27.08
CA TYR E 161 9.89 13.13 27.16
C TYR E 161 9.09 13.43 28.43
N SER E 162 9.38 12.71 29.51
CA SER E 162 8.67 12.93 30.77
C SER E 162 8.94 14.31 31.36
N LYS E 163 10.03 14.97 30.96
CA LYS E 163 10.36 16.28 31.50
C LYS E 163 9.58 17.42 30.85
N ASN E 164 8.93 17.18 29.73
CA ASN E 164 8.18 18.22 29.02
C ASN E 164 6.68 18.04 29.09
N ILE E 165 6.19 16.81 29.26
CA ILE E 165 4.76 16.53 29.28
C ILE E 165 4.45 15.53 30.39
N ARG E 166 3.30 15.72 31.03
CA ARG E 166 2.77 14.77 31.99
C ARG E 166 1.35 14.41 31.55
N LEU E 167 1.07 13.11 31.47
CA LEU E 167 -0.17 12.62 30.89
C LEU E 167 -1.17 12.27 31.99
N ILE E 168 -2.43 12.65 31.75
CA ILE E 168 -3.55 12.32 32.64
C ILE E 168 -4.61 11.64 31.77
N MET E 169 -4.76 10.34 31.93
CA MET E 169 -5.71 9.57 31.14
C MET E 169 -6.91 9.17 32.00
N VAL E 170 -8.10 9.50 31.53
CA VAL E 170 -9.35 9.21 32.25
C VAL E 170 -10.04 8.05 31.53
N CYS E 171 -10.40 7.02 32.28
CA CYS E 171 -11.08 5.85 31.72
C CYS E 171 -12.14 5.36 32.70
N ASP E 172 -13.10 4.62 32.16
CA ASP E 172 -14.12 3.98 32.97
C ASP E 172 -13.77 2.56 33.38
N SER E 173 -12.93 1.88 32.60
CA SER E 173 -12.47 0.54 32.93
C SER E 173 -11.06 0.37 32.42
N MET E 174 -10.23 -0.31 33.21
CA MET E 174 -8.83 -0.53 32.90
C MET E 174 -8.59 -1.83 32.14
N SER E 175 -9.63 -2.62 31.89
CA SER E 175 -9.44 -3.87 31.18
C SER E 175 -8.88 -3.68 29.77
N PRO E 176 -9.35 -2.72 28.96
CA PRO E 176 -8.80 -2.57 27.61
C PRO E 176 -7.41 -1.97 27.56
N ILE E 177 -6.91 -1.43 28.66
CA ILE E 177 -5.59 -0.81 28.69
C ILE E 177 -4.53 -1.90 28.80
N ILE E 178 -3.53 -1.84 27.92
CA ILE E 178 -2.47 -2.83 27.92
C ILE E 178 -1.62 -2.68 29.18
N ALA E 179 -1.05 -3.79 29.63
CA ALA E 179 -0.24 -3.78 30.85
C ALA E 179 0.92 -2.80 30.79
N PRO E 180 1.68 -2.68 29.70
CA PRO E 180 2.79 -1.72 29.70
C PRO E 180 2.37 -0.30 30.01
N ILE E 181 1.22 0.14 29.51
CA ILE E 181 0.76 1.50 29.78
C ILE E 181 0.34 1.64 31.24
N LYS E 182 -0.39 0.65 31.77
CA LYS E 182 -0.77 0.70 33.17
C LYS E 182 0.44 0.72 34.09
N SER E 183 1.54 0.11 33.65
CA SER E 183 2.76 0.11 34.45
C SER E 183 3.39 1.50 34.52
N ARG E 184 3.16 2.33 33.51
CA ARG E 184 3.78 3.65 33.41
C ARG E 184 2.94 4.76 34.04
N CYS E 185 1.81 4.42 34.66
CA CYS E 185 0.90 5.41 35.20
C CYS E 185 0.61 5.11 36.66
N LEU E 186 0.31 6.17 37.41
CA LEU E 186 -0.20 6.05 38.77
C LEU E 186 -1.71 5.90 38.69
N LEU E 187 -2.22 4.76 39.17
CA LEU E 187 -3.64 4.44 39.05
C LEU E 187 -4.40 5.04 40.22
N ILE E 188 -5.43 5.82 39.92
CA ILE E 188 -6.26 6.49 40.92
C ILE E 188 -7.69 6.01 40.74
N ARG E 189 -8.21 5.35 41.79
CA ARG E 189 -9.59 4.90 41.79
C ARG E 189 -10.51 6.05 42.18
N CYS E 190 -11.66 6.13 41.50
CA CYS E 190 -12.63 7.21 41.71
C CYS E 190 -13.98 6.58 42.03
N PRO E 191 -14.25 6.26 43.29
CA PRO E 191 -15.53 5.65 43.64
C PRO E 191 -16.70 6.58 43.37
N ALA E 192 -17.84 5.97 43.06
CA ALA E 192 -19.04 6.74 42.82
C ALA E 192 -19.56 7.35 44.11
N PRO E 193 -20.22 8.50 44.04
CA PRO E 193 -20.75 9.13 45.26
C PRO E 193 -21.85 8.29 45.89
N SER E 194 -21.95 8.40 47.22
CA SER E 194 -23.01 7.70 47.93
C SER E 194 -24.36 8.38 47.70
N ASP E 195 -25.43 7.66 48.05
CA ASP E 195 -26.77 8.21 47.87
C ASP E 195 -26.98 9.46 48.71
N SER E 196 -26.46 9.47 49.95
CA SER E 196 -26.62 10.65 50.80
C SER E 196 -25.93 11.86 50.19
N GLU E 197 -24.73 11.68 49.65
CA GLU E 197 -24.01 12.79 49.04
C GLU E 197 -24.74 13.30 47.80
N ILE E 198 -25.27 12.38 46.99
CA ILE E 198 -26.04 12.78 45.81
C ILE E 198 -27.27 13.57 46.26
N SER E 199 -27.94 13.12 47.31
CA SER E 199 -29.11 13.83 47.81
C SER E 199 -28.72 15.22 48.30
N THR E 200 -27.57 15.33 48.98
CA THR E 200 -27.12 16.65 49.44
C THR E 200 -26.87 17.58 48.27
N ILE E 201 -26.22 17.09 47.22
CA ILE E 201 -25.93 17.92 46.06
C ILE E 201 -27.24 18.35 45.39
N LEU E 202 -28.17 17.42 45.24
CA LEU E 202 -29.45 17.74 44.61
C LEU E 202 -30.24 18.74 45.44
N SER E 203 -30.20 18.61 46.77
CA SER E 203 -30.88 19.57 47.62
C SER E 203 -30.26 20.95 47.51
N ASP E 204 -28.93 21.01 47.42
CA ASP E 204 -28.27 22.30 47.21
C ASP E 204 -28.72 22.93 45.90
N VAL E 205 -28.77 22.12 44.83
CA VAL E 205 -29.23 22.63 43.53
C VAL E 205 -30.66 23.13 43.64
N VAL E 206 -31.52 22.38 44.33
CA VAL E 206 -32.91 22.78 44.50
C VAL E 206 -33.00 24.10 45.24
N THR E 207 -32.24 24.25 46.32
CA THR E 207 -32.28 25.49 47.09
C THR E 207 -31.82 26.67 46.25
N ASN E 208 -30.74 26.48 45.48
CA ASN E 208 -30.23 27.58 44.66
C ASN E 208 -31.19 27.92 43.53
N GLU E 209 -31.95 26.95 43.03
CA GLU E 209 -32.81 27.14 41.88
C GLU E 209 -34.25 27.44 42.25
N ARG E 210 -34.56 27.56 43.54
CA ARG E 210 -35.91 27.86 44.01
C ARG E 210 -36.91 26.83 43.48
N ILE E 211 -36.69 25.59 43.88
CA ILE E 211 -37.55 24.47 43.49
C ILE E 211 -38.33 24.02 44.72
N GLN E 212 -39.63 23.86 44.55
CA GLN E 212 -40.54 23.50 45.63
C GLN E 212 -40.59 21.97 45.71
N LEU E 213 -39.95 21.42 46.74
CA LEU E 213 -39.94 19.98 46.97
C LEU E 213 -40.99 19.65 48.04
N GLU E 214 -41.92 18.76 47.71
CA GLU E 214 -42.90 18.33 48.69
C GLU E 214 -42.25 17.60 49.85
N THR E 215 -41.15 16.88 49.58
CA THR E 215 -40.42 16.15 50.61
C THR E 215 -39.02 15.88 50.10
N LYS E 216 -38.14 15.49 51.02
CA LYS E 216 -36.78 15.11 50.65
C LYS E 216 -36.70 13.69 50.11
N ASP E 217 -37.80 12.93 50.16
CA ASP E 217 -37.78 11.56 49.66
C ASP E 217 -37.59 11.52 48.15
N ILE E 218 -38.04 12.57 47.45
CA ILE E 218 -37.90 12.59 45.99
C ILE E 218 -36.43 12.58 45.60
N LEU E 219 -35.61 13.34 46.33
CA LEU E 219 -34.18 13.33 46.06
C LEU E 219 -33.57 11.95 46.29
N LYS E 220 -34.00 11.26 47.35
CA LYS E 220 -33.50 9.90 47.58
C LYS E 220 -33.91 8.97 46.46
N ARG E 221 -35.16 9.07 45.99
CA ARG E 221 -35.59 8.24 44.86
C ARG E 221 -34.77 8.53 43.61
N ILE E 222 -34.51 9.81 43.34
CA ILE E 222 -33.70 10.17 42.17
C ILE E 222 -32.31 9.59 42.29
N ALA E 223 -31.69 9.73 43.47
CA ALA E 223 -30.35 9.20 43.67
C ALA E 223 -30.30 7.69 43.51
N GLN E 224 -31.31 6.99 44.04
CA GLN E 224 -31.33 5.54 43.95
C GLN E 224 -31.49 5.07 42.51
N ALA E 225 -32.24 5.80 41.70
CA ALA E 225 -32.46 5.42 40.31
C ALA E 225 -31.27 5.75 39.42
N SER E 226 -30.35 6.61 39.87
CA SER E 226 -29.18 6.97 39.09
C SER E 226 -28.06 5.94 39.17
N ASN E 227 -28.12 5.04 40.15
CA ASN E 227 -27.09 4.00 40.31
C ASN E 227 -25.70 4.62 40.43
N GLY E 228 -25.61 5.72 41.17
CA GLY E 228 -24.35 6.38 41.41
C GLY E 228 -23.89 7.32 40.33
N ASN E 229 -24.68 7.54 39.28
CA ASN E 229 -24.31 8.44 38.19
C ASN E 229 -24.82 9.83 38.55
N LEU E 230 -23.89 10.72 38.93
CA LEU E 230 -24.27 12.05 39.36
C LEU E 230 -24.78 12.90 38.21
N ARG E 231 -24.17 12.79 37.02
CA ARG E 231 -24.64 13.54 35.87
C ARG E 231 -26.08 13.16 35.53
N VAL E 232 -26.37 11.85 35.51
CA VAL E 232 -27.73 11.39 35.24
C VAL E 232 -28.68 11.89 36.31
N SER E 233 -28.24 11.86 37.58
CA SER E 233 -29.11 12.33 38.66
C SER E 233 -29.47 13.80 38.48
N LEU E 234 -28.47 14.65 38.20
CA LEU E 234 -28.75 16.07 38.03
C LEU E 234 -29.62 16.34 36.81
N LEU E 235 -29.33 15.67 35.69
CA LEU E 235 -30.13 15.87 34.49
C LEU E 235 -31.56 15.38 34.67
N MET E 236 -31.75 14.30 35.42
CA MET E 236 -33.10 13.82 35.72
C MET E 236 -33.83 14.76 36.68
N LEU E 237 -33.13 15.33 37.65
CA LEU E 237 -33.76 16.32 38.51
C LEU E 237 -34.22 17.52 37.70
N GLU E 238 -33.39 17.98 36.76
CA GLU E 238 -33.82 19.07 35.89
C GLU E 238 -35.01 18.64 35.04
N SER E 239 -34.97 17.42 34.50
CA SER E 239 -36.06 16.95 33.66
C SER E 239 -37.36 16.83 34.45
N MET E 240 -37.28 16.31 35.67
CA MET E 240 -38.46 16.15 36.51
C MET E 240 -39.04 17.48 36.95
N ALA E 241 -38.26 18.56 36.95
CA ALA E 241 -38.73 19.87 37.35
C ALA E 241 -39.37 20.65 36.21
N LEU E 242 -39.02 20.34 34.96
CA LEU E 242 -39.60 21.00 33.80
C LEU E 242 -40.88 20.34 33.32
N ASN E 243 -41.24 19.18 33.88
CA ASN E 243 -42.50 18.51 33.56
C ASN E 243 -43.55 18.70 34.65
N ASN E 244 -43.16 19.27 35.80
CA ASN E 244 -44.13 19.50 36.88
C ASN E 244 -44.23 20.98 37.25
N GLU E 245 -43.91 21.90 36.34
CA GLU E 245 -44.01 23.33 36.59
C GLU E 245 -43.11 23.74 37.75
N LEU E 246 -41.87 23.24 37.73
CA LEU E 246 -40.84 23.62 38.69
C LEU E 246 -41.28 23.30 40.12
N ALA E 247 -42.12 22.28 40.28
CA ALA E 247 -42.61 21.85 41.59
C ALA E 247 -42.67 20.34 41.60
N LEU E 248 -41.91 19.71 42.49
CA LEU E 248 -41.82 18.26 42.56
C LEU E 248 -42.66 17.74 43.71
N LYS E 249 -43.53 16.79 43.43
CA LYS E 249 -44.37 16.15 44.43
C LYS E 249 -43.88 14.72 44.67
N SER E 250 -44.38 14.12 45.76
CA SER E 250 -44.02 12.76 46.10
C SER E 250 -44.49 11.74 45.07
N SER E 251 -45.46 12.10 44.21
CA SER E 251 -45.97 11.21 43.18
C SER E 251 -45.34 11.46 41.82
N SER E 252 -44.34 12.32 41.73
CA SER E 252 -43.70 12.61 40.45
C SER E 252 -43.02 11.35 39.93
N PRO E 253 -43.27 10.92 38.69
CA PRO E 253 -42.66 9.68 38.21
C PRO E 253 -41.22 9.91 37.77
N ILE E 254 -40.41 8.86 37.89
CA ILE E 254 -39.03 8.91 37.42
C ILE E 254 -39.01 8.71 35.91
N ILE E 255 -38.34 9.63 35.21
CA ILE E 255 -38.26 9.60 33.75
C ILE E 255 -37.03 8.79 33.36
N LYS E 256 -37.24 7.80 32.47
CA LYS E 256 -36.14 7.00 31.96
C LYS E 256 -35.78 7.42 30.54
N PRO E 257 -34.54 7.21 30.11
CA PRO E 257 -34.18 7.53 28.73
C PRO E 257 -34.94 6.67 27.74
N ASP E 258 -35.15 7.23 26.55
CA ASP E 258 -35.93 6.53 25.52
C ASP E 258 -35.30 5.20 25.15
N TRP E 259 -33.97 5.17 24.99
CA TRP E 259 -33.30 3.93 24.63
C TRP E 259 -33.48 2.87 25.72
N ILE E 260 -33.54 3.29 26.98
CA ILE E 260 -33.82 2.34 28.07
C ILE E 260 -35.20 1.75 27.90
N ILE E 261 -36.19 2.58 27.54
CA ILE E 261 -37.54 2.09 27.32
C ILE E 261 -37.56 1.09 26.17
N VAL E 262 -36.84 1.41 25.08
CA VAL E 262 -36.80 0.49 23.94
C VAL E 262 -36.17 -0.83 24.34
N ILE E 263 -35.10 -0.78 25.13
CA ILE E 263 -34.43 -2.01 25.56
C ILE E 263 -35.35 -2.83 26.46
N HIS E 264 -36.09 -2.18 27.36
CA HIS E 264 -37.04 -2.90 28.19
C HIS E 264 -38.15 -3.54 27.37
N LYS E 265 -38.65 -2.83 26.35
CA LYS E 265 -39.63 -3.41 25.46
C LYS E 265 -39.06 -4.62 24.74
N LEU E 266 -37.80 -4.53 24.30
CA LEU E 266 -37.15 -5.67 23.65
C LEU E 266 -37.03 -6.85 24.61
N THR E 267 -36.69 -6.57 25.87
CA THR E 267 -36.59 -7.64 26.86
C THR E 267 -37.93 -8.34 27.05
N ARG E 268 -39.00 -7.55 27.18
CA ARG E 268 -40.32 -8.14 27.33
C ARG E 268 -40.71 -8.96 26.11
N LYS E 269 -40.41 -8.44 24.91
CA LYS E 269 -40.72 -9.17 23.69
C LYS E 269 -39.96 -10.50 23.64
N ILE E 270 -38.68 -10.49 24.00
CA ILE E 270 -37.89 -11.71 24.00
C ILE E 270 -38.46 -12.71 25.00
N VAL E 271 -38.80 -12.24 26.20
CA VAL E 271 -39.30 -13.13 27.24
C VAL E 271 -40.62 -13.76 26.81
N LYS E 272 -41.53 -12.95 26.26
CA LYS E 272 -42.87 -13.45 25.94
C LYS E 272 -42.85 -14.42 24.77
N GLU E 273 -42.14 -14.09 23.69
CA GLU E 273 -42.14 -14.88 22.47
C GLU E 273 -40.73 -15.35 22.17
N ARG E 274 -40.58 -16.66 21.95
CA ARG E 274 -39.31 -17.27 21.56
C ARG E 274 -39.54 -17.96 20.22
N SER E 275 -39.25 -17.25 19.13
CA SER E 275 -39.46 -17.78 17.79
C SER E 275 -38.53 -17.08 16.81
N VAL E 276 -38.39 -17.67 15.62
CA VAL E 276 -37.55 -17.08 14.60
C VAL E 276 -38.13 -15.76 14.11
N ASN E 277 -39.44 -15.68 13.99
CA ASN E 277 -40.07 -14.40 13.62
C ASN E 277 -39.80 -13.34 14.69
N SER E 278 -39.83 -13.74 15.96
CA SER E 278 -39.49 -12.81 17.02
C SER E 278 -38.04 -12.33 16.90
N LEU E 279 -37.12 -13.23 16.56
CA LEU E 279 -35.73 -12.80 16.33
C LEU E 279 -35.63 -11.85 15.16
N ILE E 280 -36.36 -12.12 14.07
CA ILE E 280 -36.33 -11.21 12.92
C ILE E 280 -36.83 -9.83 13.33
N GLU E 281 -37.91 -9.76 14.10
CA GLU E 281 -38.42 -8.48 14.57
C GLU E 281 -37.42 -7.79 15.49
N CYS E 282 -36.79 -8.54 16.40
CA CYS E 282 -35.80 -7.95 17.30
C CYS E 282 -34.60 -7.43 16.55
N ARG E 283 -34.28 -8.02 15.39
CA ARG E 283 -33.19 -7.50 14.57
C ARG E 283 -33.47 -6.07 14.14
N ALA E 284 -34.72 -5.75 13.79
CA ALA E 284 -35.06 -4.39 13.43
C ALA E 284 -34.84 -3.43 14.59
N VAL E 285 -35.23 -3.83 15.80
CA VAL E 285 -35.03 -2.98 16.96
C VAL E 285 -33.55 -2.77 17.23
N LEU E 286 -32.76 -3.83 17.10
CA LEU E 286 -31.31 -3.70 17.30
C LEU E 286 -30.69 -2.76 16.29
N TYR E 287 -31.06 -2.90 15.01
CA TYR E 287 -30.54 -2.00 13.98
C TYR E 287 -30.96 -0.56 14.26
N ASP E 288 -32.21 -0.36 14.66
CA ASP E 288 -32.70 0.98 14.96
C ASP E 288 -31.93 1.60 16.12
N LEU E 289 -31.67 0.82 17.16
CA LEU E 289 -30.90 1.34 18.29
C LEU E 289 -29.47 1.67 17.87
N LEU E 290 -28.85 0.79 17.08
CA LEU E 290 -27.46 1.01 16.68
C LEU E 290 -27.29 2.16 15.70
N ALA E 291 -28.35 2.55 15.00
CA ALA E 291 -28.28 3.61 14.01
C ALA E 291 -28.44 5.00 14.61
N HIS E 292 -28.68 5.10 15.91
CA HIS E 292 -28.87 6.37 16.59
C HIS E 292 -27.80 6.60 17.65
N CYS E 293 -26.60 6.08 17.42
CA CYS E 293 -25.44 6.35 18.28
C CYS E 293 -25.63 5.74 19.67
N ILE E 294 -26.15 4.52 19.72
CA ILE E 294 -26.25 3.76 20.97
C ILE E 294 -25.20 2.65 20.90
N PRO E 295 -24.14 2.70 21.72
CA PRO E 295 -23.08 1.70 21.60
C PRO E 295 -23.58 0.29 21.82
N ALA E 296 -22.98 -0.66 21.10
CA ALA E 296 -23.40 -2.05 21.19
C ALA E 296 -23.14 -2.62 22.58
N ASN E 297 -22.01 -2.26 23.19
CA ASN E 297 -21.69 -2.78 24.52
C ASN E 297 -22.73 -2.34 25.54
N ILE E 298 -23.16 -1.07 25.47
CA ILE E 298 -24.21 -0.59 26.37
C ILE E 298 -25.50 -1.37 26.13
N ILE E 299 -25.85 -1.62 24.87
CA ILE E 299 -27.06 -2.38 24.57
C ILE E 299 -26.97 -3.76 25.19
N LEU E 300 -25.84 -4.44 25.03
CA LEU E 300 -25.68 -5.79 25.57
C LEU E 300 -25.78 -5.77 27.09
N LYS E 301 -25.11 -4.81 27.74
CA LYS E 301 -25.15 -4.73 29.19
C LYS E 301 -26.57 -4.51 29.70
N GLU E 302 -27.28 -3.54 29.11
CA GLU E 302 -28.63 -3.23 29.55
C GLU E 302 -29.58 -4.39 29.28
N LEU E 303 -29.47 -5.05 28.13
CA LEU E 303 -30.31 -6.19 27.85
C LEU E 303 -30.06 -7.32 28.82
N THR E 304 -28.79 -7.61 29.12
CA THR E 304 -28.46 -8.68 30.04
C THR E 304 -29.00 -8.39 31.43
N PHE E 305 -28.84 -7.16 31.90
CA PHE E 305 -29.27 -6.83 33.26
C PHE E 305 -30.77 -6.57 33.36
N SER E 306 -31.45 -6.37 32.23
CA SER E 306 -32.90 -6.29 32.26
C SER E 306 -33.53 -7.67 32.21
N LEU E 307 -32.93 -8.59 31.44
CA LEU E 307 -33.41 -9.97 31.42
C LEU E 307 -33.25 -10.62 32.79
N LEU E 308 -32.14 -10.37 33.46
CA LEU E 308 -31.89 -10.93 34.78
C LEU E 308 -32.85 -10.40 35.84
N ASP E 309 -33.50 -9.27 35.59
CA ASP E 309 -34.44 -8.67 36.53
C ASP E 309 -35.86 -9.20 36.37
N VAL E 310 -36.12 -10.03 35.37
CA VAL E 310 -37.45 -10.59 35.16
C VAL E 310 -37.75 -11.57 36.29
N GLU E 311 -38.93 -11.42 36.90
CA GLU E 311 -39.30 -12.22 38.07
C GLU E 311 -39.84 -13.59 37.69
N THR E 312 -40.15 -13.84 36.42
CA THR E 312 -40.70 -15.12 35.98
C THR E 312 -39.62 -16.12 35.57
N LEU E 313 -38.35 -15.71 35.55
CA LEU E 313 -37.28 -16.60 35.13
C LEU E 313 -36.69 -17.33 36.33
N ASN E 314 -36.24 -18.56 36.11
CA ASN E 314 -35.64 -19.37 37.15
C ASN E 314 -34.12 -19.16 37.19
N THR E 315 -33.47 -19.77 38.18
CA THR E 315 -32.04 -19.56 38.37
C THR E 315 -31.24 -20.08 37.18
N THR E 316 -31.61 -21.25 36.64
CA THR E 316 -30.88 -21.82 35.53
C THR E 316 -30.92 -20.90 34.31
N ASN E 317 -32.09 -20.32 34.03
CA ASN E 317 -32.21 -19.40 32.89
C ASN E 317 -31.29 -18.20 33.08
N LYS E 318 -31.26 -17.64 34.29
CA LYS E 318 -30.41 -16.48 34.54
C LYS E 318 -28.93 -16.84 34.41
N SER E 319 -28.54 -18.02 34.91
CA SER E 319 -27.15 -18.44 34.78
C SER E 319 -26.76 -18.61 33.32
N SER E 320 -27.62 -19.24 32.52
CA SER E 320 -27.34 -19.37 31.10
C SER E 320 -27.27 -18.01 30.43
N ILE E 321 -28.16 -17.09 30.81
CA ILE E 321 -28.17 -15.76 30.21
C ILE E 321 -26.87 -15.04 30.49
N ILE E 322 -26.40 -15.10 31.75
CA ILE E 322 -25.18 -14.38 32.09
C ILE E 322 -23.97 -15.03 31.42
N GLU E 323 -23.93 -16.36 31.32
CA GLU E 323 -22.83 -17.00 30.62
C GLU E 323 -22.79 -16.60 29.15
N TYR E 324 -23.95 -16.62 28.48
CA TYR E 324 -24.01 -16.19 27.09
C TYR E 324 -23.63 -14.73 26.95
N SER E 325 -24.04 -13.89 27.92
CA SER E 325 -23.68 -12.48 27.87
C SER E 325 -22.18 -12.30 27.95
N SER E 326 -21.51 -13.05 28.84
CA SER E 326 -20.05 -12.96 28.91
C SER E 326 -19.41 -13.40 27.61
N VAL E 327 -19.86 -14.52 27.06
CA VAL E 327 -19.26 -15.04 25.83
C VAL E 327 -19.41 -14.03 24.69
N PHE E 328 -20.62 -13.48 24.52
CA PHE E 328 -20.86 -12.56 23.42
C PHE E 328 -20.29 -11.17 23.68
N ASP E 329 -20.05 -10.80 24.94
CA ASP E 329 -19.29 -9.59 25.22
C ASP E 329 -17.84 -9.75 24.76
N GLU E 330 -17.25 -10.93 25.02
CA GLU E 330 -15.92 -11.20 24.47
C GLU E 330 -15.95 -11.16 22.95
N ARG E 331 -16.99 -11.76 22.35
CA ARG E 331 -17.09 -11.73 20.89
C ARG E 331 -17.19 -10.31 20.35
N LEU E 332 -17.99 -9.46 21.01
CA LEU E 332 -18.07 -8.05 20.61
C LEU E 332 -16.72 -7.37 20.74
N SER E 333 -16.00 -7.61 21.83
CA SER E 333 -14.68 -7.02 22.00
C SER E 333 -13.71 -7.48 20.92
N LEU E 334 -13.88 -8.70 20.41
CA LEU E 334 -12.98 -9.24 19.39
C LEU E 334 -13.56 -9.16 17.98
N GLY E 335 -14.68 -8.46 17.79
CA GLY E 335 -15.35 -8.41 16.50
C GLY E 335 -15.48 -6.99 15.97
N ASN E 336 -16.07 -6.91 14.77
CA ASN E 336 -16.32 -5.63 14.09
C ASN E 336 -17.81 -5.34 13.99
N LYS E 337 -18.59 -6.25 13.42
CA LYS E 337 -20.03 -6.04 13.25
C LYS E 337 -20.75 -6.46 14.52
N ALA E 338 -21.29 -5.48 15.25
CA ALA E 338 -21.90 -5.77 16.54
C ALA E 338 -23.26 -6.45 16.38
N ILE E 339 -23.96 -6.16 15.30
CA ILE E 339 -25.30 -6.73 15.12
C ILE E 339 -25.23 -8.26 15.05
N PHE E 340 -24.19 -8.80 14.43
CA PHE E 340 -24.04 -10.25 14.36
C PHE E 340 -23.99 -10.85 15.77
N HIS E 341 -23.12 -10.33 16.63
CA HIS E 341 -22.97 -10.87 17.97
C HIS E 341 -24.23 -10.65 18.79
N LEU E 342 -24.88 -9.48 18.66
CA LEU E 342 -26.10 -9.23 19.39
C LEU E 342 -27.20 -10.20 18.99
N GLU E 343 -27.35 -10.45 17.68
CA GLU E 343 -28.36 -11.40 17.21
C GLU E 343 -28.05 -12.80 17.70
N GLY E 344 -26.77 -13.19 17.69
CA GLY E 344 -26.41 -14.50 18.23
C GLY E 344 -26.74 -14.63 19.70
N PHE E 345 -26.45 -13.59 20.48
CA PHE E 345 -26.78 -13.61 21.91
C PHE E 345 -28.28 -13.73 22.13
N ILE E 346 -29.06 -12.96 21.36
CA ILE E 346 -30.51 -13.02 21.52
C ILE E 346 -31.04 -14.38 21.13
N ALA E 347 -30.50 -14.97 20.06
CA ALA E 347 -30.94 -16.30 19.65
C ALA E 347 -30.62 -17.35 20.72
N LYS E 348 -29.43 -17.28 21.30
CA LYS E 348 -29.07 -18.24 22.35
C LYS E 348 -29.94 -18.04 23.58
N VAL E 349 -30.23 -16.80 23.96
CA VAL E 349 -31.10 -16.54 25.10
C VAL E 349 -32.49 -17.09 24.83
N MET E 350 -33.02 -16.88 23.62
CA MET E 350 -34.33 -17.42 23.27
C MET E 350 -34.33 -18.94 23.34
N CYS E 351 -33.27 -19.58 22.84
CA CYS E 351 -33.19 -21.03 22.90
C CYS E 351 -33.18 -21.52 24.33
N CYS E 352 -32.38 -20.89 25.20
CA CYS E 352 -32.30 -21.32 26.59
C CYS E 352 -33.63 -21.11 27.32
N LEU E 353 -34.27 -19.96 27.10
CA LEU E 353 -35.52 -19.68 27.81
C LEU E 353 -36.63 -20.64 27.41
N ASP E 354 -36.76 -20.93 26.11
CA ASP E 354 -37.81 -21.79 25.63
C ASP E 354 -37.55 -23.25 26.01
N ALA F 18 42.33 16.36 8.05
CA ALA F 18 42.50 16.70 6.61
C ALA F 18 43.96 16.52 6.19
N SER F 19 44.55 15.39 6.56
CA SER F 19 45.97 15.16 6.32
C SER F 19 46.21 13.99 5.37
N MET F 20 45.63 12.83 5.66
CA MET F 20 45.98 11.60 4.97
C MET F 20 45.89 11.73 3.46
N LEU F 21 44.70 12.02 2.93
CA LEU F 21 44.48 12.10 1.49
C LEU F 21 43.99 13.50 1.16
N GLU F 22 44.68 14.15 0.22
CA GLU F 22 44.31 15.49 -0.25
C GLU F 22 44.58 15.55 -1.75
N ALA F 23 43.53 15.66 -2.56
CA ALA F 23 43.65 15.71 -4.01
C ALA F 23 42.87 16.91 -4.54
N LYS F 24 43.52 17.73 -5.36
CA LYS F 24 42.93 18.96 -5.86
C LYS F 24 42.72 18.87 -7.37
N PHE F 25 41.49 19.07 -7.81
CA PHE F 25 41.16 19.29 -9.20
C PHE F 25 41.10 20.79 -9.45
N GLU F 26 41.92 21.29 -10.36
CA GLU F 26 41.94 22.71 -10.67
C GLU F 26 40.56 23.17 -11.15
N GLU F 27 39.89 22.32 -11.92
CA GLU F 27 38.52 22.58 -12.37
C GLU F 27 37.63 21.47 -11.83
N ALA F 28 36.54 21.85 -11.17
CA ALA F 28 35.62 20.87 -10.62
C ALA F 28 34.79 20.18 -11.69
N SER F 29 34.81 20.67 -12.93
CA SER F 29 34.00 20.06 -13.98
C SER F 29 34.53 18.69 -14.37
N LEU F 30 35.83 18.46 -14.21
CA LEU F 30 36.42 17.20 -14.63
C LEU F 30 35.87 16.02 -13.83
N PHE F 31 35.89 16.12 -12.50
CA PHE F 31 35.39 15.05 -11.66
C PHE F 31 33.88 14.86 -11.84
N LYS F 32 33.14 15.96 -11.96
CA LYS F 32 31.70 15.85 -12.20
C LYS F 32 31.41 15.14 -13.51
N ARG F 33 32.17 15.46 -14.56
CA ARG F 33 31.98 14.78 -15.83
C ARG F 33 32.32 13.31 -15.74
N ILE F 34 33.39 12.97 -15.01
CA ILE F 34 33.75 11.56 -14.85
C ILE F 34 32.63 10.81 -14.13
N ILE F 35 32.08 11.39 -13.06
CA ILE F 35 30.98 10.75 -12.35
C ILE F 35 29.76 10.65 -13.25
N ASP F 36 29.50 11.69 -14.04
CA ASP F 36 28.35 11.68 -14.95
C ASP F 36 28.43 10.54 -15.94
N GLY F 37 29.65 10.12 -16.31
CA GLY F 37 29.80 9.11 -17.34
C GLY F 37 29.23 7.76 -16.94
N PHE F 38 29.33 7.40 -15.65
CA PHE F 38 28.94 6.05 -15.24
C PHE F 38 28.11 6.04 -13.95
N LYS F 39 27.44 7.14 -13.61
CA LYS F 39 26.56 7.12 -12.44
C LYS F 39 25.27 6.37 -12.69
N ASP F 40 24.82 6.28 -13.95
CA ASP F 40 23.60 5.59 -14.30
C ASP F 40 23.81 4.08 -14.47
N CYS F 41 25.05 3.62 -14.49
CA CYS F 41 25.34 2.20 -14.62
C CYS F 41 25.51 1.49 -13.28
N VAL F 42 26.07 2.19 -12.29
CA VAL F 42 26.30 1.61 -10.97
C VAL F 42 25.87 2.61 -9.91
N GLN F 43 25.67 2.11 -8.70
CA GLN F 43 25.29 2.93 -7.56
C GLN F 43 26.35 2.97 -6.47
N LEU F 44 26.90 1.82 -6.08
CA LEU F 44 27.91 1.72 -5.04
C LEU F 44 29.26 1.49 -5.71
N VAL F 45 30.25 2.32 -5.37
CA VAL F 45 31.57 2.25 -5.98
C VAL F 45 32.63 2.40 -4.91
N ASN F 46 33.69 1.60 -5.03
CA ASN F 46 34.83 1.65 -4.13
C ASN F 46 35.99 2.33 -4.85
N PHE F 47 36.33 3.54 -4.42
CA PHE F 47 37.48 4.25 -4.95
C PHE F 47 38.69 3.97 -4.08
N GLN F 48 39.74 3.40 -4.68
CA GLN F 48 40.99 3.10 -3.98
C GLN F 48 42.01 4.15 -4.42
N CYS F 49 42.47 4.94 -3.46
CA CYS F 49 43.43 6.01 -3.70
C CYS F 49 44.79 5.58 -3.16
N LYS F 50 45.80 5.63 -4.02
CA LYS F 50 47.17 5.28 -3.67
C LYS F 50 48.11 6.34 -4.21
N GLU F 51 49.42 6.17 -3.97
CA GLU F 51 50.38 7.18 -4.36
C GLU F 51 50.32 7.48 -5.86
N ASP F 52 49.86 6.51 -6.65
CA ASP F 52 49.85 6.65 -8.10
C ASP F 52 48.49 7.10 -8.65
N GLY F 53 47.52 7.39 -7.80
CA GLY F 53 46.25 7.93 -8.24
C GLY F 53 45.08 7.15 -7.71
N ILE F 54 43.93 7.31 -8.36
CA ILE F 54 42.67 6.73 -7.92
C ILE F 54 42.22 5.70 -8.95
N ILE F 55 41.79 4.53 -8.47
CA ILE F 55 41.32 3.45 -9.31
C ILE F 55 40.03 2.89 -8.72
N ALA F 56 39.07 2.57 -9.58
CA ALA F 56 37.79 2.05 -9.12
C ALA F 56 37.24 1.05 -10.13
N GLN F 57 36.57 0.02 -9.62
CA GLN F 57 35.75 -0.86 -10.42
C GLN F 57 34.40 -1.06 -9.76
N ALA F 58 33.39 -1.29 -10.59
CA ALA F 58 32.04 -1.52 -10.10
C ALA F 58 31.22 -2.33 -11.09
N VAL F 59 30.58 -3.39 -10.61
CA VAL F 59 29.69 -4.20 -11.43
C VAL F 59 28.26 -3.76 -11.17
N ASP F 60 27.44 -3.80 -12.21
CA ASP F 60 26.06 -3.34 -12.11
C ASP F 60 25.21 -4.37 -11.35
N ASP F 61 23.94 -4.02 -11.13
CA ASP F 61 23.05 -4.90 -10.38
C ASP F 61 22.84 -6.22 -11.13
N SER F 62 22.72 -6.15 -12.45
CA SER F 62 22.47 -7.34 -13.26
C SER F 62 23.74 -8.12 -13.58
N ARG F 63 24.91 -7.65 -13.13
CA ARG F 63 26.18 -8.34 -13.37
C ARG F 63 26.45 -8.51 -14.86
N VAL F 64 26.01 -7.54 -15.67
CA VAL F 64 26.18 -7.60 -17.11
C VAL F 64 27.26 -6.62 -17.56
N LEU F 65 27.41 -5.52 -16.81
CA LEU F 65 28.32 -4.45 -17.17
C LEU F 65 29.29 -4.20 -16.02
N LEU F 66 30.56 -4.01 -16.36
CA LEU F 66 31.59 -3.65 -15.39
C LEU F 66 32.21 -2.33 -15.81
N VAL F 67 32.34 -1.40 -14.87
CA VAL F 67 32.92 -0.09 -15.12
C VAL F 67 34.23 0.02 -14.37
N SER F 68 35.29 0.44 -15.07
CA SER F 68 36.62 0.60 -14.48
C SER F 68 37.12 1.99 -14.79
N LEU F 69 37.35 2.78 -13.74
CA LEU F 69 37.82 4.15 -13.88
C LEU F 69 39.23 4.27 -13.30
N GLU F 70 40.10 4.96 -14.03
CA GLU F 70 41.46 5.22 -13.56
C GLU F 70 41.75 6.70 -13.74
N ILE F 71 42.29 7.34 -12.70
CA ILE F 71 42.71 8.74 -12.74
C ILE F 71 44.12 8.79 -12.18
N GLY F 72 45.08 9.23 -13.01
CA GLY F 72 46.45 9.32 -12.58
C GLY F 72 46.75 10.61 -11.84
N VAL F 73 47.96 10.65 -11.27
CA VAL F 73 48.40 11.82 -10.52
C VAL F 73 48.60 13.05 -11.39
N GLU F 74 48.72 12.86 -12.71
CA GLU F 74 48.93 13.98 -13.63
C GLU F 74 47.67 14.79 -13.88
N ALA F 75 46.50 14.27 -13.52
CA ALA F 75 45.24 14.99 -13.68
C ALA F 75 44.93 15.89 -12.49
N PHE F 76 45.79 15.94 -11.48
CA PHE F 76 45.57 16.72 -10.27
C PHE F 76 46.56 17.87 -10.24
N GLN F 77 46.07 19.05 -9.85
CA GLN F 77 46.98 20.16 -9.58
C GLN F 77 47.92 19.81 -8.44
N GLU F 78 47.39 19.20 -7.39
CA GLU F 78 48.18 18.66 -6.30
C GLU F 78 47.54 17.36 -5.84
N TYR F 79 48.37 16.40 -5.43
CA TYR F 79 47.88 15.10 -4.99
C TYR F 79 48.82 14.55 -3.94
N ARG F 80 48.28 14.20 -2.77
CA ARG F 80 49.07 13.61 -1.70
C ARG F 80 48.23 12.53 -1.02
N CYS F 81 48.64 11.28 -1.18
CA CYS F 81 48.00 10.13 -0.56
C CYS F 81 49.06 9.41 0.25
N ASP F 82 49.09 9.68 1.56
CA ASP F 82 50.16 9.13 2.40
C ASP F 82 50.16 7.61 2.39
N HIS F 83 48.99 7.00 2.51
CA HIS F 83 48.86 5.55 2.52
C HIS F 83 47.65 5.16 1.70
N PRO F 84 47.61 3.94 1.16
CA PRO F 84 46.45 3.51 0.39
C PRO F 84 45.19 3.58 1.22
N VAL F 85 44.10 4.02 0.58
CA VAL F 85 42.82 4.19 1.26
C VAL F 85 41.70 3.73 0.34
N THR F 86 40.62 3.23 0.93
CA THR F 86 39.44 2.79 0.20
C THR F 86 38.23 3.58 0.68
N LEU F 87 37.46 4.12 -0.26
CA LEU F 87 36.28 4.93 0.04
C LEU F 87 35.09 4.33 -0.70
N GLY F 88 34.11 3.84 0.04
CA GLY F 88 32.89 3.33 -0.55
C GLY F 88 31.83 4.42 -0.59
N MET F 89 31.34 4.72 -1.79
CA MET F 89 30.42 5.84 -1.98
C MET F 89 29.25 5.42 -2.84
N ASP F 90 28.10 6.03 -2.56
CA ASP F 90 26.91 5.90 -3.40
C ASP F 90 26.96 7.02 -4.44
N LEU F 91 26.98 6.64 -5.72
CA LEU F 91 27.20 7.64 -6.76
C LEU F 91 26.08 8.66 -6.83
N THR F 92 24.87 8.32 -6.35
CA THR F 92 23.77 9.27 -6.37
C THR F 92 24.07 10.46 -5.46
N SER F 93 24.48 10.19 -4.22
CA SER F 93 24.80 11.26 -3.30
C SER F 93 26.02 12.05 -3.77
N LEU F 94 27.02 11.36 -4.33
CA LEU F 94 28.19 12.06 -4.84
C LEU F 94 27.82 13.00 -5.97
N SER F 95 26.95 12.56 -6.89
CA SER F 95 26.50 13.43 -7.97
C SER F 95 25.69 14.60 -7.42
N LYS F 96 24.85 14.34 -6.41
CA LYS F 96 24.08 15.43 -5.80
C LYS F 96 25.01 16.48 -5.21
N ILE F 97 26.08 16.03 -4.55
CA ILE F 97 27.02 16.98 -3.96
C ILE F 97 27.80 17.71 -5.05
N LEU F 98 28.15 17.02 -6.13
CA LEU F 98 29.01 17.61 -7.16
C LEU F 98 28.29 18.64 -8.02
N ARG F 99 26.95 18.69 -7.99
CA ARG F 99 26.21 19.70 -8.72
C ARG F 99 25.98 20.96 -7.89
N CYS F 100 26.59 21.06 -6.72
CA CYS F 100 26.55 22.26 -5.89
C CYS F 100 27.63 23.26 -6.27
N GLY F 101 28.85 22.78 -6.54
CA GLY F 101 29.92 23.67 -6.93
C GLY F 101 29.77 24.15 -8.36
N ASN F 102 30.48 25.24 -8.66
CA ASN F 102 30.49 25.84 -9.98
C ASN F 102 31.72 25.40 -10.76
N ASN F 103 31.73 25.74 -12.06
CA ASN F 103 32.84 25.36 -12.92
C ASN F 103 34.10 26.17 -12.69
N THR F 104 34.01 27.28 -11.96
CA THR F 104 35.14 28.16 -11.73
C THR F 104 35.77 27.96 -10.35
N ASP F 105 35.41 26.89 -9.64
CA ASP F 105 35.92 26.63 -8.31
C ASP F 105 36.81 25.39 -8.32
N THR F 106 37.91 25.44 -7.57
CA THR F 106 38.77 24.29 -7.39
C THR F 106 38.12 23.31 -6.43
N LEU F 107 38.26 22.02 -6.71
CA LEU F 107 37.59 20.97 -5.95
C LEU F 107 38.63 20.11 -5.24
N THR F 108 38.58 20.09 -3.91
CA THR F 108 39.53 19.33 -3.10
C THR F 108 38.81 18.17 -2.44
N LEU F 109 39.29 16.96 -2.69
CA LEU F 109 38.83 15.75 -2.01
C LEU F 109 39.78 15.48 -0.85
N ILE F 110 39.22 15.36 0.34
CA ILE F 110 39.99 15.25 1.58
C ILE F 110 39.48 14.05 2.36
N ALA F 111 40.41 13.26 2.89
CA ALA F 111 40.09 12.12 3.74
C ALA F 111 41.16 11.92 4.79
N ASP F 112 40.78 11.31 5.91
CA ASP F 112 41.65 11.07 7.05
C ASP F 112 41.84 9.56 7.23
N ASN F 113 42.69 9.21 8.20
CA ASN F 113 42.97 7.81 8.48
C ASN F 113 41.69 7.10 8.92
N THR F 114 41.58 5.81 8.54
CA THR F 114 40.40 4.99 8.81
C THR F 114 39.13 5.82 8.66
N PRO F 115 38.98 6.52 7.54
CA PRO F 115 37.92 7.53 7.43
C PRO F 115 36.53 6.92 7.46
N ASP F 116 35.59 7.71 7.97
CA ASP F 116 34.17 7.40 7.91
C ASP F 116 33.42 8.34 6.98
N SER F 117 34.04 9.42 6.51
CA SER F 117 33.41 10.35 5.60
C SER F 117 34.49 10.99 4.74
N ILE F 118 34.06 11.55 3.60
CA ILE F 118 34.94 12.23 2.66
C ILE F 118 34.48 13.67 2.54
N ILE F 119 35.45 14.60 2.54
CA ILE F 119 35.17 16.04 2.52
C ILE F 119 35.42 16.56 1.12
N LEU F 120 34.47 17.32 0.60
CA LEU F 120 34.59 17.99 -0.70
C LEU F 120 34.63 19.50 -0.44
N LEU F 121 35.70 20.14 -0.89
CA LEU F 121 35.91 21.57 -0.70
C LEU F 121 35.85 22.27 -2.06
N PHE F 122 34.86 23.13 -2.24
CA PHE F 122 34.75 23.97 -3.43
C PHE F 122 35.26 25.36 -3.07
N GLU F 123 36.31 25.80 -3.75
CA GLU F 123 37.00 27.04 -3.43
C GLU F 123 36.93 28.00 -4.60
N ASP F 124 36.59 29.25 -4.31
CA ASP F 124 36.59 30.33 -5.29
C ASP F 124 37.48 31.43 -4.73
N THR F 125 38.75 31.45 -5.16
CA THR F 125 39.71 32.38 -4.60
C THR F 125 39.36 33.83 -4.94
N LYS F 126 38.91 34.07 -6.18
CA LYS F 126 38.61 35.45 -6.58
C LYS F 126 37.53 36.07 -5.71
N LYS F 127 36.48 35.30 -5.37
CA LYS F 127 35.43 35.77 -4.48
C LYS F 127 35.68 35.34 -3.03
N ASP F 128 36.78 34.64 -2.77
CA ASP F 128 37.12 34.19 -1.42
C ASP F 128 35.94 33.44 -0.79
N ARG F 129 35.37 32.52 -1.57
CA ARG F 129 34.19 31.77 -1.15
C ARG F 129 34.55 30.31 -0.94
N ILE F 130 34.06 29.75 0.16
CA ILE F 130 34.37 28.39 0.59
C ILE F 130 33.06 27.62 0.74
N ALA F 131 33.01 26.41 0.18
CA ALA F 131 31.88 25.51 0.38
C ALA F 131 32.43 24.15 0.81
N GLU F 132 31.92 23.62 1.92
CA GLU F 132 32.35 22.34 2.46
C GLU F 132 31.16 21.39 2.49
N TYR F 133 31.37 20.19 1.94
CA TYR F 133 30.38 19.13 2.00
C TYR F 133 31.03 17.86 2.54
N SER F 134 30.25 17.05 3.24
CA SER F 134 30.72 15.80 3.79
C SER F 134 29.80 14.68 3.32
N LEU F 135 30.39 13.60 2.80
CA LEU F 135 29.65 12.42 2.37
C LEU F 135 30.06 11.23 3.21
N LYS F 136 29.08 10.58 3.84
CA LYS F 136 29.37 9.43 4.68
C LYS F 136 29.73 8.22 3.82
N LEU F 137 30.81 7.54 4.21
CA LEU F 137 31.27 6.38 3.46
C LEU F 137 30.49 5.14 3.87
N MET F 138 30.46 4.16 2.98
CA MET F 138 29.77 2.90 3.20
C MET F 138 30.77 1.75 3.19
N ASP F 139 30.50 0.72 4.00
CA ASP F 139 31.37 -0.45 4.08
C ASP F 139 30.97 -1.41 2.97
N ILE F 140 31.69 -1.31 1.85
CA ILE F 140 31.44 -2.15 0.68
C ILE F 140 32.53 -3.21 0.62
N ASP F 141 32.11 -4.47 0.61
CA ASP F 141 33.04 -5.61 0.55
C ASP F 141 33.13 -6.07 -0.89
N ALA F 142 34.19 -5.68 -1.57
CA ALA F 142 34.43 -6.06 -2.95
C ALA F 142 35.91 -5.97 -3.24
N ASP F 143 36.43 -6.96 -3.97
CA ASP F 143 37.85 -7.05 -4.27
C ASP F 143 38.12 -6.42 -5.63
N PHE F 144 39.32 -5.85 -5.79
CA PHE F 144 39.73 -5.27 -7.06
C PHE F 144 40.05 -6.40 -8.04
N LEU F 145 39.08 -6.74 -8.89
CA LEU F 145 39.20 -7.86 -9.81
C LEU F 145 40.06 -7.42 -10.99
N LYS F 146 41.36 -7.70 -10.89
CA LYS F 146 42.31 -7.37 -11.94
C LYS F 146 41.86 -7.96 -13.28
N ILE F 147 41.70 -7.09 -14.27
CA ILE F 147 41.25 -7.52 -15.59
C ILE F 147 42.47 -8.01 -16.37
N GLU F 148 42.59 -9.33 -16.52
CA GLU F 148 43.70 -9.90 -17.26
C GLU F 148 43.66 -9.41 -18.71
N GLU F 149 44.83 -9.05 -19.24
CA GLU F 149 44.91 -8.56 -20.61
C GLU F 149 44.53 -9.67 -21.58
N LEU F 150 43.77 -9.30 -22.61
CA LEU F 150 43.25 -10.24 -23.59
C LEU F 150 43.64 -9.82 -24.99
N GLN F 151 43.91 -10.80 -25.85
CA GLN F 151 44.18 -10.56 -27.26
C GLN F 151 42.85 -10.58 -28.00
N TYR F 152 42.34 -9.40 -28.32
CA TYR F 152 41.02 -9.27 -28.94
C TYR F 152 41.10 -9.53 -30.43
N ASP F 153 40.05 -10.18 -30.95
CA ASP F 153 40.01 -10.48 -32.38
C ASP F 153 39.95 -9.22 -33.22
N SER F 154 39.17 -8.23 -32.80
CA SER F 154 39.04 -6.98 -33.55
C SER F 154 39.19 -5.79 -32.62
N THR F 155 39.82 -4.73 -33.12
CA THR F 155 39.99 -3.50 -32.36
C THR F 155 39.76 -2.31 -33.29
N LEU F 156 38.79 -1.47 -32.95
CA LEU F 156 38.42 -0.34 -33.77
C LEU F 156 38.33 0.91 -32.92
N SER F 157 38.42 2.07 -33.57
CA SER F 157 38.29 3.35 -32.90
C SER F 157 37.55 4.31 -33.83
N LEU F 158 36.58 5.03 -33.28
CA LEU F 158 35.74 5.92 -34.08
C LEU F 158 35.35 7.11 -33.23
N PRO F 159 34.93 8.22 -33.85
CA PRO F 159 34.46 9.37 -33.08
C PRO F 159 33.31 8.99 -32.17
N SER F 160 33.31 9.56 -30.97
CA SER F 160 32.28 9.24 -29.98
C SER F 160 30.90 9.66 -30.45
N SER F 161 30.79 10.82 -31.10
CA SER F 161 29.47 11.32 -31.53
C SER F 161 28.81 10.38 -32.53
N GLU F 162 29.58 9.84 -33.49
CA GLU F 162 29.02 8.93 -34.47
C GLU F 162 28.48 7.67 -33.79
N PHE F 163 29.25 7.10 -32.86
CA PHE F 163 28.80 5.91 -32.15
C PHE F 163 27.55 6.21 -31.34
N SER F 164 27.52 7.36 -30.66
CA SER F 164 26.35 7.73 -29.86
C SER F 164 25.11 7.85 -30.75
N LYS F 165 25.26 8.51 -31.89
CA LYS F 165 24.13 8.66 -32.80
C LYS F 165 23.65 7.32 -33.32
N ILE F 166 24.59 6.44 -33.70
CA ILE F 166 24.20 5.13 -34.21
C ILE F 166 23.46 4.34 -33.14
N VAL F 167 23.96 4.36 -31.91
CA VAL F 167 23.31 3.62 -30.83
C VAL F 167 21.93 4.18 -30.57
N ARG F 168 21.79 5.50 -30.50
CA ARG F 168 20.49 6.10 -30.25
C ARG F 168 19.50 5.77 -31.36
N ASP F 169 19.97 5.81 -32.61
CA ASP F 169 19.09 5.52 -33.74
C ASP F 169 18.63 4.06 -33.72
N LEU F 170 19.56 3.13 -33.49
CA LEU F 170 19.20 1.72 -33.55
C LEU F 170 18.42 1.28 -32.31
N SER F 171 18.56 2.00 -31.20
CA SER F 171 17.86 1.61 -29.98
C SER F 171 16.35 1.70 -30.15
N GLN F 172 15.87 2.65 -30.95
CA GLN F 172 14.42 2.79 -31.15
C GLN F 172 13.83 1.57 -31.82
N LEU F 173 14.52 1.00 -32.81
CA LEU F 173 13.97 -0.08 -33.63
C LEU F 173 14.04 -1.45 -32.97
N SER F 174 14.80 -1.60 -31.88
CA SER F 174 14.91 -2.89 -31.21
C SER F 174 15.59 -2.69 -29.87
N ASP F 175 15.46 -3.71 -29.02
CA ASP F 175 16.12 -3.74 -27.71
C ASP F 175 17.49 -4.40 -27.77
N SER F 176 17.89 -4.93 -28.93
CA SER F 176 19.19 -5.56 -29.10
C SER F 176 19.86 -5.01 -30.35
N ILE F 177 21.18 -4.87 -30.28
CA ILE F 177 21.98 -4.37 -31.40
C ILE F 177 23.08 -5.39 -31.67
N ASN F 178 23.20 -5.82 -32.93
CA ASN F 178 24.19 -6.81 -33.31
C ASN F 178 25.29 -6.14 -34.12
N ILE F 179 26.54 -6.38 -33.73
CA ILE F 179 27.71 -5.76 -34.33
C ILE F 179 28.46 -6.85 -35.09
N MET F 180 28.76 -6.56 -36.36
CA MET F 180 29.56 -7.42 -37.22
C MET F 180 30.83 -6.67 -37.60
N ILE F 181 31.97 -7.32 -37.44
CA ILE F 181 33.26 -6.78 -37.87
C ILE F 181 33.86 -7.76 -38.86
N THR F 182 33.99 -7.35 -40.11
CA THR F 182 34.61 -8.18 -41.13
C THR F 182 35.64 -7.33 -41.87
N LYS F 183 36.15 -7.85 -42.98
CA LYS F 183 37.26 -7.21 -43.68
C LYS F 183 36.84 -5.82 -44.13
N GLU F 184 37.42 -4.80 -43.50
CA GLU F 184 37.23 -3.40 -43.90
C GLU F 184 35.77 -2.98 -43.85
N THR F 185 34.99 -3.51 -42.90
CA THR F 185 33.61 -3.07 -42.74
C THR F 185 33.11 -3.41 -41.34
N ILE F 186 32.36 -2.47 -40.78
CA ILE F 186 31.72 -2.60 -39.47
C ILE F 186 30.23 -2.33 -39.66
N LYS F 187 29.40 -3.25 -39.17
CA LYS F 187 27.96 -3.22 -39.39
C LYS F 187 27.24 -3.25 -38.05
N PHE F 188 26.29 -2.35 -37.88
CA PHE F 188 25.40 -2.34 -36.73
C PHE F 188 23.98 -2.63 -37.23
N VAL F 189 23.35 -3.65 -36.68
CA VAL F 189 22.05 -4.12 -37.16
C VAL F 189 21.08 -4.20 -35.99
N ALA F 190 19.83 -3.82 -36.27
CA ALA F 190 18.74 -3.93 -35.31
C ALA F 190 17.50 -4.43 -36.03
N ASP F 191 16.75 -5.31 -35.36
CA ASP F 191 15.54 -5.88 -35.93
C ASP F 191 14.48 -5.96 -34.84
N GLY F 192 13.34 -5.29 -35.05
CA GLY F 192 12.27 -5.25 -34.09
C GLY F 192 10.92 -5.50 -34.75
N ASP F 193 9.88 -4.95 -34.13
CA ASP F 193 8.52 -5.17 -34.60
C ASP F 193 8.14 -4.20 -35.71
N ILE F 194 8.49 -2.92 -35.57
CA ILE F 194 8.08 -1.93 -36.57
C ILE F 194 8.94 -1.98 -37.82
N GLY F 195 10.14 -2.55 -37.74
CA GLY F 195 11.03 -2.60 -38.87
C GLY F 195 12.43 -2.98 -38.43
N SER F 196 13.38 -2.78 -39.35
CA SER F 196 14.78 -3.10 -39.12
C SER F 196 15.66 -1.96 -39.62
N GLY F 197 16.89 -1.96 -39.14
CA GLY F 197 17.86 -0.95 -39.53
C GLY F 197 19.28 -1.50 -39.58
N SER F 198 20.09 -0.99 -40.52
CA SER F 198 21.45 -1.47 -40.71
C SER F 198 22.33 -0.28 -41.09
N VAL F 199 23.36 -0.03 -40.28
CA VAL F 199 24.33 1.02 -40.56
C VAL F 199 25.67 0.38 -40.86
N ILE F 200 26.27 0.73 -41.99
CA ILE F 200 27.53 0.16 -42.44
C ILE F 200 28.55 1.29 -42.52
N ILE F 201 29.72 1.07 -41.91
CA ILE F 201 30.82 2.03 -41.97
C ILE F 201 32.08 1.30 -42.39
N LYS F 202 33.02 2.07 -42.95
CA LYS F 202 34.26 1.54 -43.49
C LYS F 202 35.44 2.32 -42.94
N PRO F 203 36.63 1.71 -42.87
CA PRO F 203 37.81 2.45 -42.42
C PRO F 203 38.07 3.66 -43.32
N PHE F 204 38.47 4.76 -42.71
CA PHE F 204 38.75 5.98 -43.46
C PHE F 204 39.59 6.91 -42.58
N VAL F 205 40.51 7.61 -43.23
CA VAL F 205 41.40 8.56 -42.55
C VAL F 205 41.44 9.85 -43.36
N ASP F 206 41.29 10.98 -42.68
CA ASP F 206 41.37 12.31 -43.30
C ASP F 206 42.59 13.01 -42.70
N MET F 207 43.59 13.27 -43.55
CA MET F 207 44.80 13.93 -43.07
C MET F 207 44.49 15.34 -42.60
N GLU F 208 43.59 16.05 -43.28
CA GLU F 208 43.22 17.40 -42.86
C GLU F 208 42.58 17.39 -41.48
N HIS F 209 41.69 16.43 -41.22
CA HIS F 209 40.97 16.31 -39.96
C HIS F 209 41.11 14.88 -39.43
N PRO F 210 42.25 14.55 -38.83
CA PRO F 210 42.44 13.17 -38.33
C PRO F 210 41.51 12.81 -37.19
N GLU F 211 40.75 13.75 -36.63
CA GLU F 211 39.90 13.44 -35.50
C GLU F 211 38.64 12.68 -35.91
N THR F 212 38.27 12.74 -37.19
CA THR F 212 37.08 12.05 -37.69
C THR F 212 37.41 10.70 -38.31
N SER F 213 38.66 10.27 -38.28
CA SER F 213 39.06 9.03 -38.93
C SER F 213 38.42 7.83 -38.25
N ILE F 214 38.06 6.84 -39.05
CA ILE F 214 37.55 5.56 -38.57
C ILE F 214 38.66 4.54 -38.75
N LYS F 215 39.17 4.02 -37.64
CA LYS F 215 40.30 3.09 -37.67
C LYS F 215 39.84 1.70 -37.26
N LEU F 216 40.35 0.68 -37.95
CA LEU F 216 39.96 -0.70 -37.71
C LEU F 216 41.17 -1.61 -37.87
N GLU F 217 41.26 -2.62 -37.01
CA GLU F 217 42.28 -3.67 -37.10
C GLU F 217 41.59 -4.99 -36.80
N MET F 218 41.44 -5.81 -37.84
CA MET F 218 40.66 -7.05 -37.77
C MET F 218 41.58 -8.24 -37.95
N ASP F 219 41.62 -9.12 -36.94
CA ASP F 219 42.35 -10.37 -36.99
C ASP F 219 41.45 -11.54 -37.37
N GLN F 220 40.30 -11.67 -36.72
CA GLN F 220 39.28 -12.64 -37.08
C GLN F 220 37.93 -11.93 -37.14
N PRO F 221 37.03 -12.35 -38.03
CA PRO F 221 35.70 -11.72 -38.06
C PRO F 221 34.96 -11.94 -36.75
N VAL F 222 34.14 -10.95 -36.38
CA VAL F 222 33.45 -10.95 -35.10
C VAL F 222 31.97 -10.68 -35.32
N ASP F 223 31.12 -11.34 -34.52
CA ASP F 223 29.67 -11.17 -34.57
C ASP F 223 29.15 -11.28 -33.15
N LEU F 224 28.71 -10.15 -32.57
CA LEU F 224 28.26 -10.14 -31.18
C LEU F 224 27.01 -9.28 -31.03
N THR F 225 26.06 -9.78 -30.25
CA THR F 225 24.81 -9.07 -29.98
C THR F 225 24.82 -8.56 -28.54
N PHE F 226 24.38 -7.32 -28.36
CA PHE F 226 24.37 -6.66 -27.06
C PHE F 226 23.01 -6.03 -26.81
N GLY F 227 22.73 -5.77 -25.53
CA GLY F 227 21.49 -5.11 -25.16
C GLY F 227 21.57 -3.62 -25.42
N ALA F 228 20.47 -3.06 -25.93
CA ALA F 228 20.46 -1.64 -26.25
C ALA F 228 20.49 -0.78 -25.00
N LYS F 229 19.89 -1.25 -23.90
CA LYS F 229 19.84 -0.45 -22.68
C LYS F 229 21.24 -0.19 -22.14
N TYR F 230 22.12 -1.20 -22.21
CA TYR F 230 23.48 -1.02 -21.71
C TYR F 230 24.31 -0.16 -22.64
N LEU F 231 24.11 -0.28 -23.95
CA LEU F 231 24.83 0.57 -24.89
C LEU F 231 24.43 2.04 -24.72
N LEU F 232 23.14 2.29 -24.48
CA LEU F 232 22.68 3.66 -24.25
C LEU F 232 23.31 4.28 -23.01
N ASP F 233 23.56 3.48 -21.97
CA ASP F 233 24.25 3.97 -20.79
C ASP F 233 25.75 4.12 -21.01
N ILE F 234 26.37 3.22 -21.79
CA ILE F 234 27.79 3.33 -22.10
C ILE F 234 28.11 4.54 -22.95
N ILE F 235 27.25 4.90 -23.90
CA ILE F 235 27.52 6.05 -24.76
C ILE F 235 27.49 7.36 -23.99
N LYS F 236 27.02 7.36 -22.74
CA LYS F 236 27.01 8.57 -21.94
C LYS F 236 28.41 9.06 -21.57
N GLY F 237 29.43 8.23 -21.76
CA GLY F 237 30.79 8.61 -21.52
C GLY F 237 31.44 9.38 -22.66
N SER F 238 30.68 9.66 -23.72
CA SER F 238 31.22 10.40 -24.86
C SER F 238 31.55 11.85 -24.51
N SER F 239 31.09 12.36 -23.37
CA SER F 239 31.38 13.72 -22.94
C SER F 239 32.77 13.85 -22.32
N LEU F 240 33.48 12.74 -22.12
CA LEU F 240 34.83 12.75 -21.57
C LEU F 240 35.92 12.65 -22.63
N SER F 241 35.59 12.21 -23.84
CA SER F 241 36.58 12.09 -24.89
C SER F 241 35.87 12.22 -26.24
N ASP F 242 36.65 12.58 -27.26
CA ASP F 242 36.12 12.73 -28.61
C ASP F 242 36.14 11.44 -29.41
N ARG F 243 37.03 10.50 -29.08
CA ARG F 243 37.12 9.22 -29.75
C ARG F 243 36.85 8.10 -28.75
N VAL F 244 36.27 7.01 -29.25
CA VAL F 244 35.94 5.84 -28.45
C VAL F 244 36.55 4.63 -29.12
N GLY F 245 37.17 3.76 -28.32
CA GLY F 245 37.74 2.51 -28.81
C GLY F 245 36.87 1.33 -28.41
N ILE F 246 36.67 0.42 -29.34
CA ILE F 246 35.87 -0.77 -29.13
C ILE F 246 36.73 -1.98 -29.47
N ARG F 247 36.96 -2.86 -28.49
CA ARG F 247 37.67 -4.11 -28.69
C ARG F 247 36.68 -5.26 -28.52
N LEU F 248 36.60 -6.11 -29.52
CA LEU F 248 35.63 -7.19 -29.58
C LEU F 248 36.32 -8.52 -29.82
N SER F 249 35.84 -9.55 -29.13
CA SER F 249 36.33 -10.90 -29.31
C SER F 249 35.18 -11.88 -29.13
N SER F 250 35.28 -13.05 -29.76
CA SER F 250 34.19 -14.01 -29.71
C SER F 250 34.07 -14.67 -28.34
N GLU F 251 35.16 -14.71 -27.58
CA GLU F 251 35.20 -15.40 -26.29
C GLU F 251 35.69 -14.44 -25.20
N ALA F 252 35.13 -13.23 -25.20
CA ALA F 252 35.47 -12.24 -24.18
C ALA F 252 34.47 -11.09 -24.21
N PRO F 253 34.27 -10.39 -23.10
CA PRO F 253 33.34 -9.25 -23.11
C PRO F 253 33.87 -8.11 -23.97
N ALA F 254 32.94 -7.36 -24.55
CA ALA F 254 33.30 -6.22 -25.38
C ALA F 254 33.81 -5.08 -24.50
N LEU F 255 34.91 -4.46 -24.91
CA LEU F 255 35.54 -3.40 -24.15
C LEU F 255 35.35 -2.07 -24.88
N PHE F 256 34.71 -1.12 -24.20
CA PHE F 256 34.52 0.24 -24.72
C PHE F 256 35.35 1.19 -23.87
N GLN F 257 36.34 1.83 -24.47
CA GLN F 257 37.30 2.65 -23.75
C GLN F 257 37.20 4.10 -24.20
N PHE F 258 37.14 5.01 -23.22
CA PHE F 258 37.27 6.44 -23.43
C PHE F 258 38.53 6.90 -22.72
N ASP F 259 39.42 7.55 -23.44
CA ASP F 259 40.72 7.96 -22.90
C ASP F 259 40.61 9.38 -22.37
N LEU F 260 40.93 9.55 -21.09
CA LEU F 260 40.98 10.86 -20.46
C LEU F 260 42.36 11.48 -20.68
N LYS F 261 42.56 12.69 -20.12
CA LYS F 261 43.84 13.35 -20.25
C LYS F 261 44.95 12.55 -19.59
N SER F 262 44.68 12.00 -18.40
CA SER F 262 45.65 11.22 -17.65
C SER F 262 45.26 9.76 -17.47
N GLY F 263 43.98 9.48 -17.24
CA GLY F 263 43.51 8.14 -16.98
C GLY F 263 42.58 7.66 -18.08
N PHE F 264 41.62 6.82 -17.70
CA PHE F 264 40.72 6.23 -18.68
C PHE F 264 39.45 5.76 -18.01
N LEU F 265 38.43 5.49 -18.84
CA LEU F 265 37.17 4.92 -18.40
C LEU F 265 36.85 3.75 -19.33
N GLN F 266 36.69 2.56 -18.76
CA GLN F 266 36.49 1.34 -19.52
C GLN F 266 35.17 0.69 -19.12
N PHE F 267 34.43 0.19 -20.11
CA PHE F 267 33.18 -0.52 -19.91
C PHE F 267 33.33 -1.91 -20.51
N PHE F 268 33.20 -2.94 -19.68
CA PHE F 268 33.22 -4.32 -20.11
C PHE F 268 31.78 -4.83 -20.12
N LEU F 269 31.27 -5.12 -21.32
CA LEU F 269 29.88 -5.52 -21.51
C LEU F 269 29.85 -6.98 -21.97
N ALA F 270 29.06 -7.80 -21.28
CA ALA F 270 28.95 -9.20 -21.64
C ALA F 270 27.96 -9.37 -22.79
N PRO F 271 28.36 -10.02 -23.88
CA PRO F 271 27.42 -10.22 -24.99
C PRO F 271 26.30 -11.19 -24.62
N LYS F 272 25.17 -11.01 -25.29
CA LYS F 272 24.02 -11.88 -25.06
C LYS F 272 24.31 -13.28 -25.57
N PHE F 273 23.76 -14.28 -24.86
CA PHE F 273 23.89 -15.66 -25.30
C PHE F 273 23.26 -15.84 -26.67
N ASN F 274 23.96 -16.53 -27.56
CA ASN F 274 23.49 -16.74 -28.93
C ASN F 274 22.56 -17.94 -28.96
N ASP F 275 21.26 -17.69 -28.89
CA ASP F 275 20.26 -18.76 -28.93
C ASP F 275 18.85 -18.18 -28.92
N ALA G 18 13.64 -4.39 -55.74
CA ALA G 18 14.04 -2.95 -55.59
C ALA G 18 14.06 -2.26 -56.95
N SER G 19 12.97 -2.42 -57.70
CA SER G 19 12.87 -1.83 -59.03
C SER G 19 11.55 -1.10 -59.23
N MET G 20 10.47 -1.63 -58.65
CA MET G 20 9.14 -1.06 -58.88
C MET G 20 9.11 0.44 -58.63
N LEU G 21 9.38 0.86 -57.40
CA LEU G 21 9.26 2.25 -57.00
C LEU G 21 10.58 2.74 -56.42
N GLU G 22 11.11 3.82 -56.98
CA GLU G 22 12.32 4.47 -56.49
C GLU G 22 12.10 5.96 -56.49
N ALA G 23 12.07 6.57 -55.30
CA ALA G 23 11.87 8.01 -55.16
C ALA G 23 12.98 8.58 -54.30
N LYS G 24 13.75 9.51 -54.85
CA LYS G 24 14.91 10.08 -54.17
C LYS G 24 14.63 11.55 -53.81
N PHE G 25 14.63 11.84 -52.51
CA PHE G 25 14.66 13.22 -52.02
C PHE G 25 16.14 13.61 -51.91
N GLU G 26 16.52 14.67 -52.63
CA GLU G 26 17.90 15.14 -52.59
C GLU G 26 18.26 15.52 -51.16
N GLU G 27 17.30 16.09 -50.42
CA GLU G 27 17.45 16.36 -48.99
C GLU G 27 16.39 15.56 -48.25
N ALA G 28 16.83 14.84 -47.21
CA ALA G 28 15.90 14.05 -46.40
C ALA G 28 15.06 14.89 -45.46
N SER G 29 15.38 16.18 -45.29
CA SER G 29 14.64 17.02 -44.37
C SER G 29 13.25 17.35 -44.91
N LEU G 30 13.09 17.42 -46.23
CA LEU G 30 11.79 17.78 -46.79
C LEU G 30 10.72 16.75 -46.43
N PHE G 31 11.03 15.47 -46.64
CA PHE G 31 10.06 14.43 -46.33
C PHE G 31 9.76 14.37 -44.83
N LYS G 32 10.81 14.53 -44.01
CA LYS G 32 10.59 14.53 -42.57
C LYS G 32 9.68 15.67 -42.13
N ARG G 33 9.91 16.86 -42.69
CA ARG G 33 9.05 18.00 -42.37
C ARG G 33 7.63 17.77 -42.83
N ILE G 34 7.45 17.22 -44.04
CA ILE G 34 6.12 16.97 -44.56
C ILE G 34 5.37 16.00 -43.65
N ILE G 35 6.05 14.94 -43.22
CA ILE G 35 5.42 13.98 -42.31
C ILE G 35 5.12 14.64 -40.98
N ASP G 36 6.04 15.45 -40.46
CA ASP G 36 5.82 16.17 -39.22
C ASP G 36 4.62 17.10 -39.30
N GLY G 37 4.29 17.58 -40.49
CA GLY G 37 3.20 18.53 -40.62
C GLY G 37 1.87 17.97 -40.16
N PHE G 38 1.61 16.68 -40.42
CA PHE G 38 0.31 16.08 -40.17
C PHE G 38 0.40 14.75 -39.44
N LYS G 39 1.44 14.52 -38.65
CA LYS G 39 1.56 13.29 -37.89
C LYS G 39 0.83 13.35 -36.56
N ASP G 40 0.41 14.54 -36.12
CA ASP G 40 -0.28 14.69 -34.84
C ASP G 40 -1.79 14.56 -34.94
N CYS G 41 -2.34 14.49 -36.15
CA CYS G 41 -3.77 14.34 -36.37
C CYS G 41 -4.15 12.96 -36.89
N VAL G 42 -3.40 12.45 -37.86
CA VAL G 42 -3.66 11.13 -38.42
C VAL G 42 -2.56 10.18 -37.94
N GLN G 43 -2.92 8.89 -37.85
CA GLN G 43 -1.99 7.87 -37.37
C GLN G 43 -1.64 6.90 -38.49
N LEU G 44 -2.66 6.38 -39.16
CA LEU G 44 -2.48 5.46 -40.28
C LEU G 44 -2.86 6.20 -41.56
N VAL G 45 -1.93 6.24 -42.51
CA VAL G 45 -2.11 7.00 -43.75
C VAL G 45 -1.77 6.10 -44.93
N ASN G 46 -2.57 6.20 -45.99
CA ASN G 46 -2.36 5.42 -47.19
C ASN G 46 -1.82 6.34 -48.30
N PHE G 47 -0.62 6.03 -48.78
CA PHE G 47 0.03 6.81 -49.82
C PHE G 47 -0.12 6.09 -51.15
N GLN G 48 -0.64 6.79 -52.15
CA GLN G 48 -0.78 6.27 -53.50
C GLN G 48 0.30 6.91 -54.36
N CYS G 49 1.21 6.08 -54.88
CA CYS G 49 2.31 6.56 -55.72
C CYS G 49 2.04 6.12 -57.15
N LYS G 50 1.97 7.08 -58.06
CA LYS G 50 1.71 6.83 -59.48
C LYS G 50 2.75 7.55 -60.31
N GLU G 51 2.72 7.30 -61.62
CA GLU G 51 3.69 7.91 -62.53
C GLU G 51 3.68 9.43 -62.47
N ASP G 52 2.67 10.04 -61.86
CA ASP G 52 2.58 11.49 -61.75
C ASP G 52 3.04 12.05 -60.42
N GLY G 53 3.19 11.21 -59.39
CA GLY G 53 3.64 11.66 -58.09
C GLY G 53 2.97 10.86 -57.00
N ILE G 54 3.05 11.39 -55.77
CA ILE G 54 2.55 10.71 -54.59
C ILE G 54 1.44 11.56 -53.99
N ILE G 55 0.27 10.95 -53.80
CA ILE G 55 -0.84 11.60 -53.12
C ILE G 55 -1.16 10.81 -51.86
N ALA G 56 -1.87 11.46 -50.94
CA ALA G 56 -2.27 10.82 -49.70
C ALA G 56 -3.51 11.50 -49.16
N GLN G 57 -4.44 10.69 -48.64
CA GLN G 57 -5.65 11.19 -48.03
C GLN G 57 -5.92 10.42 -46.75
N ALA G 58 -6.25 11.14 -45.68
CA ALA G 58 -6.45 10.51 -44.39
C ALA G 58 -7.51 11.27 -43.61
N VAL G 59 -8.13 10.58 -42.66
CA VAL G 59 -9.16 11.15 -41.79
C VAL G 59 -8.81 10.84 -40.34
N ASP G 60 -9.02 11.83 -39.48
CA ASP G 60 -8.71 11.66 -38.06
C ASP G 60 -9.79 10.84 -37.37
N ASP G 61 -9.53 10.52 -36.10
CA ASP G 61 -10.47 9.70 -35.34
C ASP G 61 -11.83 10.40 -35.20
N SER G 62 -11.81 11.70 -34.92
CA SER G 62 -13.06 12.43 -34.76
C SER G 62 -13.85 12.53 -36.06
N ARG G 63 -13.23 12.24 -37.20
CA ARG G 63 -13.88 12.28 -38.51
C ARG G 63 -14.36 13.69 -38.86
N VAL G 64 -13.66 14.71 -38.37
CA VAL G 64 -14.00 16.09 -38.68
C VAL G 64 -12.88 16.78 -39.48
N LEU G 65 -11.65 16.27 -39.43
CA LEU G 65 -10.52 16.85 -40.14
C LEU G 65 -10.04 15.88 -41.19
N LEU G 66 -9.96 16.33 -42.43
CA LEU G 66 -9.47 15.53 -43.55
C LEU G 66 -8.16 16.11 -44.04
N VAL G 67 -7.12 15.28 -44.10
CA VAL G 67 -5.78 15.70 -44.49
C VAL G 67 -5.49 15.16 -45.89
N SER G 68 -5.09 16.06 -46.78
CA SER G 68 -4.71 15.70 -48.14
C SER G 68 -3.30 16.19 -48.39
N LEU G 69 -2.49 15.36 -49.04
CA LEU G 69 -1.10 15.69 -49.34
C LEU G 69 -0.82 15.35 -50.79
N GLU G 70 -0.17 16.29 -51.49
CA GLU G 70 0.26 16.09 -52.87
C GLU G 70 1.75 16.38 -52.96
N ILE G 71 2.48 15.52 -53.67
CA ILE G 71 3.90 15.71 -53.92
C ILE G 71 4.15 15.32 -55.37
N GLY G 72 4.50 16.31 -56.20
CA GLY G 72 4.73 16.05 -57.60
C GLY G 72 6.13 15.52 -57.89
N VAL G 73 6.35 15.17 -59.16
CA VAL G 73 7.65 14.65 -59.59
C VAL G 73 8.75 15.69 -59.55
N GLU G 74 8.40 16.98 -59.42
CA GLU G 74 9.39 18.03 -59.38
C GLU G 74 10.04 18.19 -58.01
N ALA G 75 9.46 17.60 -56.96
CA ALA G 75 10.07 17.62 -55.64
C ALA G 75 11.06 16.49 -55.45
N PHE G 76 11.21 15.60 -56.43
CA PHE G 76 12.11 14.45 -56.35
C PHE G 76 13.28 14.67 -57.28
N GLN G 77 14.50 14.40 -56.80
CA GLN G 77 15.65 14.37 -57.68
C GLN G 77 15.48 13.31 -58.76
N GLU G 78 15.01 12.13 -58.37
CA GLU G 78 14.63 11.09 -59.30
C GLU G 78 13.36 10.42 -58.79
N TYR G 79 12.51 9.99 -59.72
CA TYR G 79 11.23 9.38 -59.35
C TYR G 79 10.84 8.42 -60.48
N ARG G 80 10.83 7.13 -60.19
CA ARG G 80 10.48 6.09 -61.15
C ARG G 80 9.48 5.15 -60.50
N CYS G 81 8.27 5.08 -61.06
CA CYS G 81 7.21 4.19 -60.60
C CYS G 81 6.65 3.47 -61.82
N ASP G 82 6.77 2.14 -61.84
CA ASP G 82 6.32 1.36 -62.98
C ASP G 82 4.82 1.51 -63.20
N HIS G 83 4.03 1.06 -62.23
CA HIS G 83 2.58 1.25 -62.23
C HIS G 83 2.10 1.51 -60.80
N PRO G 84 0.92 2.11 -60.63
CA PRO G 84 0.57 2.67 -59.31
C PRO G 84 0.68 1.67 -58.18
N VAL G 85 1.18 2.13 -57.03
CA VAL G 85 1.41 1.30 -55.85
C VAL G 85 0.81 1.98 -54.64
N THR G 86 0.17 1.20 -53.77
CA THR G 86 -0.52 1.70 -52.60
C THR G 86 0.20 1.20 -51.35
N LEU G 87 0.59 2.12 -50.47
CA LEU G 87 1.40 1.79 -49.29
C LEU G 87 0.70 2.33 -48.04
N GLY G 88 0.34 1.45 -47.12
CA GLY G 88 -0.21 1.86 -45.84
C GLY G 88 0.89 1.96 -44.80
N MET G 89 0.92 3.09 -44.10
CA MET G 89 1.99 3.37 -43.15
C MET G 89 1.44 3.99 -41.88
N ASP G 90 1.99 3.58 -40.74
CA ASP G 90 1.72 4.21 -39.46
C ASP G 90 2.72 5.35 -39.27
N LEU G 91 2.22 6.59 -39.20
CA LEU G 91 3.10 7.74 -39.21
C LEU G 91 4.06 7.77 -38.04
N THR G 92 3.71 7.12 -36.92
CA THR G 92 4.62 7.10 -35.78
C THR G 92 5.91 6.36 -36.13
N SER G 93 5.79 5.16 -36.70
CA SER G 93 6.97 4.40 -37.08
C SER G 93 7.77 5.10 -38.17
N LEU G 94 7.07 5.69 -39.14
CA LEU G 94 7.76 6.42 -40.20
C LEU G 94 8.54 7.60 -39.63
N SER G 95 7.93 8.35 -38.72
CA SER G 95 8.63 9.47 -38.10
C SER G 95 9.83 8.98 -37.30
N LYS G 96 9.67 7.88 -36.56
CA LYS G 96 10.79 7.34 -35.81
C LYS G 96 11.94 6.95 -36.73
N ILE G 97 11.63 6.33 -37.86
CA ILE G 97 12.66 5.95 -38.82
C ILE G 97 13.34 7.19 -39.39
N LEU G 98 12.56 8.21 -39.74
CA LEU G 98 13.10 9.40 -40.39
C LEU G 98 14.02 10.21 -39.48
N ARG G 99 13.94 10.02 -38.17
CA ARG G 99 14.86 10.69 -37.26
C ARG G 99 16.26 10.08 -37.25
N CYS G 100 16.43 8.90 -37.84
CA CYS G 100 17.72 8.21 -37.82
C CYS G 100 18.68 8.70 -38.90
N GLY G 101 18.22 9.55 -39.81
CA GLY G 101 19.07 10.05 -40.89
C GLY G 101 19.29 11.55 -40.76
N ASN G 102 20.51 11.98 -41.11
CA ASN G 102 20.83 13.40 -41.07
C ASN G 102 19.97 14.17 -42.07
N ASN G 103 19.69 15.43 -41.74
CA ASN G 103 18.82 16.25 -42.58
C ASN G 103 19.44 16.61 -43.92
N THR G 104 20.75 16.37 -44.11
CA THR G 104 21.44 16.74 -45.33
C THR G 104 21.71 15.55 -46.25
N ASP G 105 21.31 14.35 -45.87
CA ASP G 105 21.58 13.18 -46.69
C ASP G 105 20.44 12.94 -47.69
N THR G 106 20.77 12.23 -48.76
CA THR G 106 19.78 11.85 -49.75
C THR G 106 18.97 10.65 -49.25
N LEU G 107 17.65 10.72 -49.42
CA LEU G 107 16.74 9.71 -48.90
C LEU G 107 16.03 9.02 -50.05
N THR G 108 16.26 7.72 -50.21
CA THR G 108 15.66 6.94 -51.28
C THR G 108 14.61 6.00 -50.70
N LEU G 109 13.37 6.15 -51.16
CA LEU G 109 12.29 5.21 -50.84
C LEU G 109 12.21 4.19 -51.96
N ILE G 110 12.33 2.91 -51.61
CA ILE G 110 12.34 1.81 -52.57
C ILE G 110 11.23 0.84 -52.18
N ALA G 111 10.45 0.42 -53.18
CA ALA G 111 9.37 -0.53 -52.95
C ALA G 111 9.26 -1.47 -54.14
N ASP G 112 8.71 -2.66 -53.89
CA ASP G 112 8.59 -3.71 -54.88
C ASP G 112 7.12 -4.06 -55.10
N ASN G 113 6.88 -5.10 -55.91
CA ASN G 113 5.52 -5.56 -56.15
C ASN G 113 4.96 -6.26 -54.93
N THR G 114 3.68 -6.05 -54.66
CA THR G 114 2.96 -6.57 -53.51
C THR G 114 3.84 -6.41 -52.25
N PRO G 115 4.28 -5.20 -51.95
CA PRO G 115 5.28 -5.01 -50.90
C PRO G 115 4.69 -5.21 -49.51
N ASP G 116 5.39 -6.01 -48.69
CA ASP G 116 5.11 -6.10 -47.28
C ASP G 116 5.90 -5.09 -46.45
N SER G 117 6.92 -4.49 -47.03
CA SER G 117 7.72 -3.48 -46.36
C SER G 117 8.39 -2.59 -47.41
N ILE G 118 8.80 -1.40 -46.97
CA ILE G 118 9.48 -0.44 -47.82
C ILE G 118 10.90 -0.25 -47.29
N ILE G 119 11.79 0.19 -48.18
CA ILE G 119 13.20 0.41 -47.83
C ILE G 119 13.48 1.90 -47.88
N LEU G 120 14.04 2.42 -46.80
CA LEU G 120 14.46 3.82 -46.70
C LEU G 120 15.99 3.81 -46.63
N LEU G 121 16.63 4.32 -47.67
CA LEU G 121 18.10 4.36 -47.75
C LEU G 121 18.57 5.80 -47.58
N PHE G 122 19.32 6.05 -46.53
CA PHE G 122 19.96 7.34 -46.30
C PHE G 122 21.40 7.25 -46.76
N GLU G 123 21.78 8.12 -47.70
CA GLU G 123 23.11 8.11 -48.28
C GLU G 123 23.72 9.49 -48.13
N ASP G 124 24.96 9.53 -47.65
CA ASP G 124 25.71 10.78 -47.51
C ASP G 124 26.84 10.79 -48.53
N THR G 125 27.05 11.95 -49.15
CA THR G 125 28.01 12.03 -50.25
C THR G 125 29.44 12.06 -49.76
N LYS G 126 29.74 12.96 -48.81
CA LYS G 126 31.14 13.13 -48.39
C LYS G 126 31.69 11.85 -47.75
N LYS G 127 30.89 11.20 -46.92
CA LYS G 127 31.29 9.95 -46.30
C LYS G 127 30.76 8.76 -47.09
N ASP G 128 31.45 7.63 -46.96
CA ASP G 128 31.03 6.38 -47.59
C ASP G 128 30.16 5.58 -46.62
N ARG G 129 29.04 6.18 -46.23
CA ARG G 129 28.12 5.61 -45.27
C ARG G 129 26.76 5.39 -45.91
N ILE G 130 26.17 4.23 -45.67
CA ILE G 130 24.84 3.88 -46.13
C ILE G 130 24.03 3.41 -44.94
N ALA G 131 22.82 3.93 -44.80
CA ALA G 131 21.92 3.54 -43.71
C ALA G 131 20.62 3.04 -44.31
N GLU G 132 20.43 1.72 -44.34
CA GLU G 132 19.26 1.11 -44.92
C GLU G 132 18.33 0.65 -43.80
N TYR G 133 17.09 1.11 -43.84
CA TYR G 133 16.06 0.73 -42.88
C TYR G 133 14.89 0.10 -43.63
N SER G 134 14.22 -0.84 -42.97
CA SER G 134 13.03 -1.49 -43.52
C SER G 134 11.85 -1.16 -42.63
N LEU G 135 10.79 -0.63 -43.22
CA LEU G 135 9.56 -0.28 -42.51
C LEU G 135 8.44 -1.20 -42.96
N LYS G 136 7.84 -1.91 -42.00
CA LYS G 136 6.74 -2.81 -42.30
C LYS G 136 5.50 -2.01 -42.67
N LEU G 137 4.78 -2.48 -43.68
CA LEU G 137 3.57 -1.81 -44.15
C LEU G 137 2.36 -2.31 -43.39
N MET G 138 1.30 -1.50 -43.42
CA MET G 138 0.06 -1.80 -42.72
C MET G 138 -1.08 -1.99 -43.72
N ASP G 139 -2.04 -2.84 -43.33
CA ASP G 139 -3.23 -3.09 -44.12
C ASP G 139 -4.33 -2.16 -43.61
N ILE G 140 -4.68 -1.16 -44.42
CA ILE G 140 -5.64 -0.13 -44.05
C ILE G 140 -6.80 -0.19 -45.04
N ASP G 141 -8.02 -0.26 -44.51
CA ASP G 141 -9.24 -0.31 -45.31
C ASP G 141 -9.93 1.05 -45.18
N ALA G 142 -9.82 1.86 -46.24
CA ALA G 142 -10.43 3.18 -46.25
C ALA G 142 -10.77 3.56 -47.68
N ASP G 143 -11.72 4.48 -47.82
CA ASP G 143 -12.15 4.95 -49.14
C ASP G 143 -11.57 6.32 -49.43
N PHE G 144 -11.17 6.54 -50.68
CA PHE G 144 -10.59 7.81 -51.10
C PHE G 144 -11.73 8.78 -51.38
N LEU G 145 -11.98 9.69 -50.44
CA LEU G 145 -13.04 10.67 -50.60
C LEU G 145 -12.74 11.56 -51.81
N LYS G 146 -13.78 11.84 -52.60
CA LYS G 146 -13.65 12.68 -53.78
C LYS G 146 -13.90 14.13 -53.38
N ILE G 147 -12.85 14.96 -53.46
CA ILE G 147 -12.93 16.37 -53.12
C ILE G 147 -13.15 17.14 -54.42
N GLU G 148 -14.37 17.65 -54.60
CA GLU G 148 -14.71 18.42 -55.78
C GLU G 148 -14.50 19.90 -55.51
N GLU G 149 -14.02 20.63 -56.53
CA GLU G 149 -13.77 22.05 -56.38
C GLU G 149 -15.07 22.79 -56.10
N LEU G 150 -15.01 23.71 -55.13
CA LEU G 150 -16.17 24.52 -54.75
C LEU G 150 -15.75 25.97 -54.70
N GLN G 151 -16.70 26.86 -55.04
CA GLN G 151 -16.44 28.30 -55.10
C GLN G 151 -16.63 28.87 -53.70
N TYR G 152 -15.57 28.76 -52.90
CA TYR G 152 -15.58 29.38 -51.58
C TYR G 152 -15.78 30.88 -51.70
N ASP G 153 -16.75 31.41 -50.95
CA ASP G 153 -16.95 32.85 -50.94
C ASP G 153 -16.14 33.49 -49.82
N SER G 154 -14.87 33.10 -49.71
CA SER G 154 -13.93 33.72 -48.79
C SER G 154 -12.54 33.17 -49.04
N THR G 155 -11.54 34.03 -49.19
CA THR G 155 -10.16 33.61 -49.40
C THR G 155 -9.24 34.63 -48.75
N LEU G 156 -8.45 34.17 -47.77
CA LEU G 156 -7.50 35.03 -47.08
C LEU G 156 -6.15 34.33 -47.02
N SER G 157 -5.11 35.01 -47.51
CA SER G 157 -3.75 34.48 -47.49
C SER G 157 -2.96 35.30 -46.48
N LEU G 158 -2.39 34.63 -45.48
CA LEU G 158 -1.68 35.35 -44.43
C LEU G 158 -0.37 34.65 -44.10
N PRO G 159 0.56 35.33 -43.44
CA PRO G 159 1.78 34.63 -43.00
C PRO G 159 1.44 33.51 -42.03
N SER G 160 2.18 32.40 -42.16
CA SER G 160 1.93 31.25 -41.30
C SER G 160 2.21 31.57 -39.84
N SER G 161 3.26 32.35 -39.58
CA SER G 161 3.62 32.67 -38.20
C SER G 161 2.51 33.44 -37.50
N GLU G 162 1.90 34.41 -38.19
CA GLU G 162 0.84 35.20 -37.57
C GLU G 162 -0.38 34.32 -37.26
N PHE G 163 -0.74 33.44 -38.19
CA PHE G 163 -1.86 32.54 -37.95
C PHE G 163 -1.58 31.63 -36.77
N SER G 164 -0.37 31.07 -36.71
CA SER G 164 -0.02 30.20 -35.59
C SER G 164 -0.07 30.96 -34.27
N LYS G 165 0.45 32.19 -34.25
CA LYS G 165 0.44 33.00 -33.04
C LYS G 165 -0.99 33.26 -32.58
N ILE G 166 -1.86 33.68 -33.51
CA ILE G 166 -3.24 33.99 -33.14
C ILE G 166 -3.95 32.75 -32.63
N VAL G 167 -3.77 31.61 -33.33
CA VAL G 167 -4.45 30.39 -32.94
C VAL G 167 -3.99 29.95 -31.55
N ARG G 168 -2.67 29.98 -31.31
CA ARG G 168 -2.16 29.58 -30.01
C ARG G 168 -2.65 30.50 -28.91
N ASP G 169 -2.68 31.81 -29.18
CA ASP G 169 -3.14 32.76 -28.17
C ASP G 169 -4.60 32.53 -27.82
N LEU G 170 -5.44 32.31 -28.83
CA LEU G 170 -6.87 32.17 -28.58
C LEU G 170 -7.22 30.81 -28.01
N SER G 171 -6.45 29.76 -28.33
CA SER G 171 -6.77 28.43 -27.82
C SER G 171 -6.60 28.35 -26.31
N GLN G 172 -5.77 29.22 -25.73
CA GLN G 172 -5.55 29.19 -24.29
C GLN G 172 -6.85 29.50 -23.54
N LEU G 173 -7.64 30.45 -24.03
CA LEU G 173 -8.83 30.88 -23.31
C LEU G 173 -10.00 29.92 -23.52
N SER G 174 -10.37 29.68 -24.78
CA SER G 174 -11.56 28.92 -25.12
C SER G 174 -11.18 27.63 -25.85
N ASP G 175 -12.17 26.76 -26.02
CA ASP G 175 -12.02 25.54 -26.80
C ASP G 175 -12.44 25.71 -28.25
N SER G 176 -13.11 26.80 -28.59
CA SER G 176 -13.56 27.06 -29.95
C SER G 176 -13.18 28.48 -30.34
N ILE G 177 -12.93 28.67 -31.63
CA ILE G 177 -12.53 29.96 -32.19
C ILE G 177 -13.45 30.28 -33.36
N ASN G 178 -13.97 31.50 -33.36
CA ASN G 178 -14.88 31.97 -34.41
C ASN G 178 -14.12 32.92 -35.32
N ILE G 179 -14.13 32.62 -36.62
CA ILE G 179 -13.56 33.50 -37.63
C ILE G 179 -14.69 34.22 -38.33
N MET G 180 -14.58 35.55 -38.42
CA MET G 180 -15.59 36.40 -39.04
C MET G 180 -14.91 37.22 -40.13
N ILE G 181 -15.48 37.16 -41.33
CA ILE G 181 -14.94 37.85 -42.51
C ILE G 181 -16.01 38.78 -43.04
N THR G 182 -15.67 40.06 -43.15
CA THR G 182 -16.51 41.06 -43.81
C THR G 182 -15.60 42.10 -44.44
N LYS G 183 -16.21 43.13 -45.01
CA LYS G 183 -15.46 44.12 -45.79
C LYS G 183 -14.24 44.64 -45.04
N GLU G 184 -13.05 44.33 -45.57
CA GLU G 184 -11.80 44.84 -45.03
C GLU G 184 -11.67 44.63 -43.53
N THR G 185 -11.93 43.41 -43.06
CA THR G 185 -11.67 43.08 -41.66
C THR G 185 -11.80 41.58 -41.40
N ILE G 186 -10.89 41.05 -40.59
CA ILE G 186 -10.90 39.65 -40.16
C ILE G 186 -10.90 39.65 -38.64
N LYS G 187 -11.83 38.90 -38.04
CA LYS G 187 -11.98 38.88 -36.59
C LYS G 187 -11.89 37.44 -36.10
N PHE G 188 -10.97 37.19 -35.17
CA PHE G 188 -10.87 35.91 -34.48
C PHE G 188 -11.30 36.10 -33.04
N VAL G 189 -12.33 35.36 -32.62
CA VAL G 189 -12.95 35.54 -31.31
C VAL G 189 -12.93 34.22 -30.56
N ALA G 190 -12.58 34.27 -29.28
CA ALA G 190 -12.62 33.12 -28.40
C ALA G 190 -13.33 33.50 -27.10
N ASP G 191 -14.24 32.64 -26.65
CA ASP G 191 -15.01 32.87 -25.43
C ASP G 191 -14.89 31.66 -24.53
N GLY G 192 -14.56 31.89 -23.26
CA GLY G 192 -14.36 30.81 -22.32
C GLY G 192 -14.75 31.22 -20.92
N ASP G 193 -14.70 30.25 -20.00
CA ASP G 193 -15.08 30.51 -18.62
C ASP G 193 -14.16 31.55 -17.98
N ILE G 194 -12.86 31.45 -18.22
CA ILE G 194 -11.92 32.40 -17.62
C ILE G 194 -12.13 33.79 -18.20
N GLY G 195 -12.45 33.88 -19.49
CA GLY G 195 -12.62 35.17 -20.13
C GLY G 195 -12.75 35.01 -21.63
N SER G 196 -12.54 36.12 -22.32
CA SER G 196 -12.67 36.18 -23.77
C SER G 196 -11.45 36.89 -24.37
N GLY G 197 -11.24 36.63 -25.65
CA GLY G 197 -10.14 37.23 -26.39
C GLY G 197 -10.48 37.46 -27.85
N SER G 198 -10.27 38.68 -28.32
CA SER G 198 -10.60 39.07 -29.69
C SER G 198 -9.37 39.64 -30.38
N VAL G 199 -9.15 39.25 -31.62
CA VAL G 199 -8.03 39.75 -32.42
C VAL G 199 -8.56 40.18 -33.78
N ILE G 200 -8.26 41.42 -34.16
CA ILE G 200 -8.73 42.00 -35.42
C ILE G 200 -7.53 42.25 -36.32
N ILE G 201 -7.58 41.69 -37.53
CA ILE G 201 -6.59 41.91 -38.57
C ILE G 201 -7.26 42.62 -39.72
N LYS G 202 -6.48 43.40 -40.46
CA LYS G 202 -6.97 44.12 -41.64
C LYS G 202 -6.05 43.83 -42.81
N PRO G 203 -6.57 43.87 -44.03
CA PRO G 203 -5.71 43.65 -45.20
C PRO G 203 -4.60 44.69 -45.27
N PHE G 204 -3.41 44.23 -45.66
CA PHE G 204 -2.24 45.08 -45.69
C PHE G 204 -1.26 44.56 -46.74
N VAL G 205 -0.65 45.50 -47.47
CA VAL G 205 0.30 45.16 -48.53
C VAL G 205 1.50 46.10 -48.42
N ASP G 206 2.69 45.53 -48.57
CA ASP G 206 3.93 46.29 -48.54
C ASP G 206 4.84 45.76 -49.63
N MET G 207 5.30 46.67 -50.51
CA MET G 207 6.21 46.28 -51.58
C MET G 207 7.60 45.96 -51.07
N GLU G 208 8.03 46.59 -49.98
CA GLU G 208 9.34 46.29 -49.40
C GLU G 208 9.38 44.95 -48.68
N HIS G 209 8.26 44.51 -48.10
CA HIS G 209 8.17 43.20 -47.44
C HIS G 209 6.93 42.48 -47.93
N PRO G 210 6.95 41.98 -49.17
CA PRO G 210 5.74 41.33 -49.71
C PRO G 210 5.35 40.04 -49.00
N GLU G 211 6.21 39.48 -48.15
CA GLU G 211 5.92 38.23 -47.47
C GLU G 211 5.07 38.40 -46.23
N THR G 212 4.78 39.65 -45.83
CA THR G 212 3.91 39.92 -44.69
C THR G 212 2.59 40.56 -45.11
N SER G 213 2.30 40.59 -46.41
CA SER G 213 1.11 41.26 -46.92
C SER G 213 -0.11 40.38 -46.67
N ILE G 214 -0.93 40.76 -45.69
CA ILE G 214 -2.19 40.06 -45.45
C ILE G 214 -3.20 40.48 -46.51
N LYS G 215 -3.85 39.50 -47.12
CA LYS G 215 -4.73 39.74 -48.25
C LYS G 215 -6.09 39.12 -47.99
N LEU G 216 -7.12 39.73 -48.57
CA LEU G 216 -8.50 39.29 -48.38
C LEU G 216 -9.25 39.41 -49.70
N GLU G 217 -10.21 38.51 -49.89
CA GLU G 217 -11.07 38.50 -51.07
C GLU G 217 -12.42 37.93 -50.64
N MET G 218 -13.36 38.84 -50.36
CA MET G 218 -14.68 38.46 -49.84
C MET G 218 -15.72 38.67 -50.93
N ASP G 219 -16.46 37.60 -51.25
CA ASP G 219 -17.63 37.71 -52.11
C ASP G 219 -18.92 37.77 -51.31
N GLN G 220 -18.93 37.19 -50.11
CA GLN G 220 -20.07 37.24 -49.20
C GLN G 220 -19.52 37.14 -47.79
N PRO G 221 -20.06 37.90 -46.83
CA PRO G 221 -19.57 37.81 -45.45
C PRO G 221 -19.69 36.39 -44.91
N VAL G 222 -18.72 36.00 -44.09
CA VAL G 222 -18.63 34.63 -43.59
C VAL G 222 -18.46 34.67 -42.07
N ASP G 223 -18.97 33.64 -41.40
CA ASP G 223 -18.83 33.50 -39.96
C ASP G 223 -18.83 32.01 -39.64
N LEU G 224 -17.71 31.49 -39.16
CA LEU G 224 -17.57 30.06 -38.92
C LEU G 224 -16.80 29.80 -37.63
N THR G 225 -17.30 28.86 -36.83
CA THR G 225 -16.66 28.44 -35.59
C THR G 225 -15.97 27.10 -35.79
N PHE G 226 -14.79 26.96 -35.20
CA PHE G 226 -13.98 25.75 -35.35
C PHE G 226 -13.41 25.37 -34.00
N GLY G 227 -13.03 24.10 -33.88
CA GLY G 227 -12.43 23.60 -32.65
C GLY G 227 -11.01 24.08 -32.49
N ALA G 228 -10.63 24.45 -31.27
CA ALA G 228 -9.28 24.94 -31.02
C ALA G 228 -8.23 23.84 -31.25
N LYS G 229 -8.56 22.60 -30.86
CA LYS G 229 -7.61 21.50 -30.99
C LYS G 229 -7.23 21.27 -32.45
N TYR G 230 -8.21 21.27 -33.35
CA TYR G 230 -7.94 21.00 -34.75
C TYR G 230 -7.16 22.14 -35.40
N LEU G 231 -7.46 23.38 -35.02
CA LEU G 231 -6.68 24.51 -35.53
C LEU G 231 -5.24 24.43 -35.02
N LEU G 232 -5.06 24.05 -33.76
CA LEU G 232 -3.71 23.88 -33.22
C LEU G 232 -2.95 22.80 -33.96
N ASP G 233 -3.62 21.69 -34.29
CA ASP G 233 -2.98 20.65 -35.10
C ASP G 233 -2.65 21.15 -36.51
N ILE G 234 -3.55 21.93 -37.11
CA ILE G 234 -3.33 22.42 -38.46
C ILE G 234 -2.14 23.36 -38.51
N ILE G 235 -2.01 24.27 -37.55
CA ILE G 235 -0.94 25.26 -37.60
C ILE G 235 0.43 24.61 -37.52
N LYS G 236 0.52 23.34 -37.15
CA LYS G 236 1.81 22.65 -37.13
C LYS G 236 2.44 22.55 -38.51
N GLY G 237 1.65 22.76 -39.57
CA GLY G 237 2.19 22.81 -40.91
C GLY G 237 2.86 24.11 -41.29
N SER G 238 2.92 25.07 -40.36
CA SER G 238 3.55 26.35 -40.63
C SER G 238 5.00 26.18 -41.07
N SER G 239 5.64 25.10 -40.62
CA SER G 239 7.03 24.85 -40.96
C SER G 239 7.22 24.67 -42.46
N LEU G 240 6.29 23.96 -43.10
CA LEU G 240 6.45 23.63 -44.52
C LEU G 240 6.48 24.88 -45.39
N SER G 241 5.57 25.82 -45.14
CA SER G 241 5.39 26.98 -46.00
C SER G 241 5.46 28.25 -45.18
N ASP G 242 5.76 29.36 -45.87
CA ASP G 242 5.85 30.66 -45.23
C ASP G 242 4.50 31.35 -45.10
N ARG G 243 3.53 30.99 -45.93
CA ARG G 243 2.19 31.58 -45.89
C ARG G 243 1.15 30.48 -45.95
N VAL G 244 -0.01 30.77 -45.35
CA VAL G 244 -1.13 29.84 -45.27
C VAL G 244 -2.32 30.49 -45.95
N GLY G 245 -3.05 29.70 -46.74
CA GLY G 245 -4.25 30.18 -47.39
C GLY G 245 -5.50 29.53 -46.81
N ILE G 246 -6.42 30.36 -46.30
CA ILE G 246 -7.66 29.87 -45.69
C ILE G 246 -8.79 30.26 -46.62
N ARG G 247 -9.52 29.25 -47.10
CA ARG G 247 -10.72 29.44 -47.92
C ARG G 247 -11.92 28.98 -47.08
N LEU G 248 -12.87 29.88 -46.88
CA LEU G 248 -14.02 29.65 -46.03
C LEU G 248 -15.30 29.68 -46.84
N SER G 249 -16.34 29.04 -46.30
CA SER G 249 -17.63 28.96 -46.97
C SER G 249 -18.72 29.23 -45.92
N SER G 250 -19.98 28.97 -46.30
CA SER G 250 -21.12 29.17 -45.41
C SER G 250 -21.41 27.94 -44.56
N GLU G 251 -21.54 26.78 -45.20
CA GLU G 251 -21.82 25.53 -44.49
C GLU G 251 -20.99 24.37 -45.01
N ALA G 252 -19.77 24.66 -45.45
CA ALA G 252 -18.85 23.67 -45.99
C ALA G 252 -17.52 23.71 -45.25
N PRO G 253 -16.75 22.63 -45.30
CA PRO G 253 -15.48 22.59 -44.57
C PRO G 253 -14.55 23.71 -45.01
N ALA G 254 -13.83 24.26 -44.04
CA ALA G 254 -12.83 25.29 -44.31
C ALA G 254 -11.54 24.65 -44.77
N LEU G 255 -10.91 25.23 -45.80
CA LEU G 255 -9.69 24.70 -46.38
C LEU G 255 -8.51 25.52 -45.93
N PHE G 256 -7.55 24.87 -45.26
CA PHE G 256 -6.30 25.49 -44.84
C PHE G 256 -5.20 24.85 -45.68
N GLN G 257 -4.58 25.63 -46.56
CA GLN G 257 -3.60 25.12 -47.51
C GLN G 257 -2.22 25.70 -47.20
N PHE G 258 -1.23 24.81 -47.12
CA PHE G 258 0.18 25.17 -47.07
C PHE G 258 0.79 24.71 -48.39
N ASP G 259 1.35 25.65 -49.15
CA ASP G 259 1.86 25.36 -50.48
C ASP G 259 3.30 24.90 -50.42
N LEU G 260 3.60 23.83 -51.15
CA LEU G 260 4.96 23.30 -51.29
C LEU G 260 5.51 23.67 -52.66
N LYS G 261 6.78 23.34 -52.87
CA LYS G 261 7.43 23.67 -54.13
C LYS G 261 6.73 22.98 -55.30
N SER G 262 6.41 21.70 -55.15
CA SER G 262 5.79 20.92 -56.21
C SER G 262 4.41 20.37 -55.84
N GLY G 263 4.02 20.41 -54.58
CA GLY G 263 2.73 19.88 -54.15
C GLY G 263 2.10 20.78 -53.12
N PHE G 264 1.36 20.18 -52.19
CA PHE G 264 0.67 20.98 -51.18
C PHE G 264 0.21 20.09 -50.04
N LEU G 265 -0.16 20.74 -48.94
CA LEU G 265 -0.76 20.08 -47.78
C LEU G 265 -2.05 20.82 -47.44
N GLN G 266 -3.18 20.13 -47.53
CA GLN G 266 -4.49 20.71 -47.35
C GLN G 266 -5.19 20.08 -46.15
N PHE G 267 -5.82 20.92 -45.32
CA PHE G 267 -6.61 20.49 -44.19
C PHE G 267 -8.04 20.97 -44.40
N PHE G 268 -8.97 20.03 -44.52
CA PHE G 268 -10.40 20.35 -44.60
C PHE G 268 -11.00 20.14 -43.22
N LEU G 269 -11.41 21.23 -42.59
CA LEU G 269 -11.92 21.20 -41.23
C LEU G 269 -13.42 21.43 -41.23
N ALA G 270 -14.15 20.53 -40.57
CA ALA G 270 -15.60 20.65 -40.48
C ALA G 270 -15.99 21.69 -39.43
N PRO G 271 -16.81 22.68 -39.78
CA PRO G 271 -17.18 23.70 -38.80
C PRO G 271 -18.24 23.19 -37.83
N LYS G 272 -18.31 23.86 -36.68
CA LYS G 272 -19.31 23.54 -35.68
C LYS G 272 -20.70 23.98 -36.17
N PHE G 273 -21.69 23.17 -35.83
CA PHE G 273 -23.07 23.43 -36.23
C PHE G 273 -23.60 24.66 -35.49
N ASN G 274 -24.37 25.48 -36.20
CA ASN G 274 -24.95 26.69 -35.62
C ASN G 274 -25.89 26.35 -34.48
N SER H 19 -14.77 53.32 -16.81
CA SER H 19 -13.34 52.94 -16.93
C SER H 19 -12.45 53.89 -16.13
N MET H 20 -12.65 53.91 -14.82
CA MET H 20 -11.83 54.80 -13.98
C MET H 20 -10.40 54.32 -13.88
N LEU H 21 -10.15 53.01 -13.93
CA LEU H 21 -8.81 52.47 -13.80
C LEU H 21 -8.19 52.29 -15.18
N GLU H 22 -7.04 52.91 -15.40
CA GLU H 22 -6.32 52.81 -16.67
C GLU H 22 -4.82 52.84 -16.35
N ALA H 23 -4.21 51.65 -16.28
CA ALA H 23 -2.79 51.50 -15.99
C ALA H 23 -2.09 50.97 -17.23
N LYS H 24 -1.10 51.72 -17.71
CA LYS H 24 -0.36 51.35 -18.90
C LYS H 24 1.03 50.81 -18.53
N PHE H 25 1.42 49.74 -19.22
CA PHE H 25 2.74 49.15 -19.07
C PHE H 25 3.45 49.26 -20.42
N GLU H 26 4.65 49.84 -20.41
CA GLU H 26 5.42 49.96 -21.64
C GLU H 26 5.74 48.59 -22.21
N GLU H 27 6.15 47.65 -21.35
CA GLU H 27 6.35 46.26 -21.75
C GLU H 27 5.56 45.38 -20.80
N ALA H 28 4.66 44.57 -21.35
CA ALA H 28 3.83 43.71 -20.52
C ALA H 28 4.65 42.70 -19.73
N SER H 29 5.87 42.39 -20.20
CA SER H 29 6.69 41.38 -19.55
C SER H 29 6.81 41.65 -18.06
N LEU H 30 7.09 42.91 -17.70
CA LEU H 30 7.17 43.27 -16.27
C LEU H 30 5.99 42.68 -15.51
N PHE H 31 4.76 43.00 -15.91
CA PHE H 31 3.61 42.48 -15.20
C PHE H 31 3.65 40.97 -15.13
N LYS H 32 3.93 40.30 -16.26
CA LYS H 32 4.06 38.85 -16.24
C LYS H 32 5.07 38.40 -15.20
N ARG H 33 6.25 39.04 -15.18
CA ARG H 33 7.25 38.69 -14.18
C ARG H 33 6.69 38.82 -12.77
N ILE H 34 5.90 39.88 -12.53
CA ILE H 34 5.31 40.07 -11.21
C ILE H 34 4.46 38.86 -10.83
N ILE H 35 3.70 38.34 -11.80
CA ILE H 35 2.92 37.13 -11.53
C ILE H 35 3.83 35.95 -11.29
N ASP H 36 4.91 35.85 -12.08
CA ASP H 36 5.84 34.72 -11.92
C ASP H 36 6.45 34.71 -10.53
N GLY H 37 6.50 35.86 -9.87
CA GLY H 37 7.10 35.93 -8.55
C GLY H 37 6.33 35.14 -7.51
N PHE H 38 5.00 35.21 -7.54
CA PHE H 38 4.18 34.58 -6.50
C PHE H 38 2.98 33.81 -7.04
N LYS H 39 3.05 33.32 -8.28
CA LYS H 39 1.94 32.52 -8.80
C LYS H 39 2.01 31.07 -8.37
N ASP H 40 3.06 30.66 -7.65
CA ASP H 40 3.20 29.31 -7.14
C ASP H 40 2.87 29.17 -5.67
N CYS H 41 3.24 30.15 -4.84
CA CYS H 41 2.94 30.08 -3.41
C CYS H 41 1.49 30.40 -3.10
N VAL H 42 0.87 31.32 -3.84
CA VAL H 42 -0.51 31.71 -3.64
C VAL H 42 -1.23 31.66 -4.98
N GLN H 43 -2.54 31.48 -4.93
CA GLN H 43 -3.35 31.28 -6.13
C GLN H 43 -4.33 32.43 -6.35
N LEU H 44 -5.16 32.76 -5.37
CA LEU H 44 -6.15 33.82 -5.49
C LEU H 44 -5.70 35.00 -4.65
N VAL H 45 -5.64 36.19 -5.25
CA VAL H 45 -5.19 37.40 -4.59
C VAL H 45 -6.14 38.54 -4.95
N ASN H 46 -6.08 39.60 -4.15
CA ASN H 46 -6.88 40.81 -4.37
C ASN H 46 -5.94 41.96 -4.69
N PHE H 47 -6.18 42.61 -5.82
CA PHE H 47 -5.39 43.76 -6.25
C PHE H 47 -6.15 45.03 -5.84
N GLN H 48 -5.84 45.54 -4.65
CA GLN H 48 -6.46 46.76 -4.14
C GLN H 48 -5.79 47.95 -4.80
N CYS H 49 -6.31 48.34 -5.97
CA CYS H 49 -5.74 49.45 -6.72
C CYS H 49 -6.26 50.77 -6.18
N LYS H 50 -5.34 51.61 -5.71
CA LYS H 50 -5.66 52.93 -5.19
C LYS H 50 -4.85 53.97 -5.95
N GLU H 51 -5.05 55.23 -5.59
CA GLU H 51 -4.39 56.32 -6.32
C GLU H 51 -2.88 56.20 -6.25
N ASP H 52 -2.35 55.86 -5.08
CA ASP H 52 -0.89 55.73 -4.95
C ASP H 52 -0.35 54.61 -5.83
N GLY H 53 -1.11 53.52 -5.97
CA GLY H 53 -0.70 52.42 -6.81
C GLY H 53 -1.50 51.15 -6.59
N ILE H 54 -0.83 50.00 -6.68
CA ILE H 54 -1.47 48.71 -6.48
C ILE H 54 -0.76 47.98 -5.34
N ILE H 55 -1.56 47.37 -4.48
CA ILE H 55 -1.05 46.67 -3.30
C ILE H 55 -1.80 45.36 -3.14
N ALA H 56 -1.06 44.30 -2.83
CA ALA H 56 -1.64 42.97 -2.67
C ALA H 56 -0.97 42.26 -1.49
N GLN H 57 -1.76 41.41 -0.82
CA GLN H 57 -1.26 40.66 0.34
C GLN H 57 -1.95 39.29 0.31
N ALA H 58 -1.13 38.24 0.29
CA ALA H 58 -1.61 36.87 0.24
C ALA H 58 -0.90 36.00 1.27
N VAL H 59 -1.56 34.92 1.66
CA VAL H 59 -1.03 33.98 2.64
C VAL H 59 -1.22 32.57 2.10
N ASP H 60 -0.19 31.74 2.26
CA ASP H 60 -0.27 30.36 1.80
C ASP H 60 -1.22 29.55 2.66
N ASP H 61 -1.58 28.36 2.16
CA ASP H 61 -2.53 27.51 2.87
C ASP H 61 -2.02 27.06 4.22
N SER H 62 -0.71 26.95 4.42
CA SER H 62 -0.14 26.52 5.68
C SER H 62 -0.02 27.63 6.70
N ARG H 63 -0.29 28.88 6.31
CA ARG H 63 -0.26 30.02 7.23
C ARG H 63 1.12 30.25 7.82
N VAL H 64 2.17 29.97 7.03
CA VAL H 64 3.54 30.17 7.48
C VAL H 64 4.29 31.17 6.62
N LEU H 65 3.86 31.42 5.39
CA LEU H 65 4.54 32.34 4.49
C LEU H 65 3.54 33.41 4.05
N LEU H 66 4.00 34.66 4.04
CA LEU H 66 3.21 35.78 3.55
C LEU H 66 3.86 36.38 2.31
N VAL H 67 3.03 36.96 1.44
CA VAL H 67 3.49 37.62 0.23
C VAL H 67 2.86 39.00 0.19
N SER H 68 3.69 40.04 0.20
CA SER H 68 3.22 41.43 0.16
C SER H 68 3.86 42.10 -1.05
N LEU H 69 3.02 42.59 -1.97
CA LEU H 69 3.48 43.23 -3.19
C LEU H 69 2.94 44.66 -3.26
N GLU H 70 3.82 45.60 -3.60
CA GLU H 70 3.40 46.97 -3.82
C GLU H 70 4.06 47.50 -5.09
N ILE H 71 3.29 48.21 -5.90
CA ILE H 71 3.77 48.90 -7.09
C ILE H 71 3.20 50.32 -7.09
N GLY H 72 4.05 51.29 -7.43
CA GLY H 72 3.65 52.68 -7.41
C GLY H 72 3.38 53.26 -8.79
N VAL H 73 2.84 54.48 -8.83
CA VAL H 73 2.49 55.12 -10.09
C VAL H 73 3.75 55.32 -10.93
N GLU H 74 4.90 55.45 -10.26
CA GLU H 74 6.14 55.65 -11.00
C GLU H 74 6.47 54.44 -11.86
N ALA H 75 6.26 53.23 -11.35
CA ALA H 75 6.46 52.03 -12.16
C ALA H 75 5.43 51.95 -13.28
N PHE H 76 4.16 52.14 -12.96
CA PHE H 76 3.11 52.17 -13.97
C PHE H 76 3.33 53.34 -14.93
N GLN H 77 3.09 53.11 -16.21
CA GLN H 77 3.32 54.16 -17.20
C GLN H 77 2.31 55.30 -17.05
N GLU H 78 1.01 54.97 -16.98
CA GLU H 78 -0.03 55.99 -16.95
C GLU H 78 -1.13 55.61 -15.96
N TYR H 79 -0.74 55.17 -14.75
CA TYR H 79 -1.71 54.86 -13.73
C TYR H 79 -2.59 56.07 -13.45
N ARG H 80 -3.90 55.90 -13.61
CA ARG H 80 -4.83 57.01 -13.51
C ARG H 80 -6.11 56.59 -12.79
N CYS H 81 -5.98 55.67 -11.83
CA CYS H 81 -7.13 55.25 -11.05
C CYS H 81 -7.73 56.43 -10.29
N ASP H 82 -9.06 56.42 -10.16
CA ASP H 82 -9.78 57.53 -9.53
C ASP H 82 -10.40 57.18 -8.18
N HIS H 83 -10.93 55.97 -8.02
CA HIS H 83 -11.59 55.57 -6.78
C HIS H 83 -11.06 54.21 -6.38
N PRO H 84 -11.17 53.86 -5.09
CA PRO H 84 -10.69 52.54 -4.65
C PRO H 84 -11.41 51.42 -5.39
N VAL H 85 -10.66 50.37 -5.72
CA VAL H 85 -11.18 49.22 -6.45
C VAL H 85 -10.40 47.98 -6.02
N THR H 86 -11.09 46.85 -5.92
CA THR H 86 -10.50 45.58 -5.52
C THR H 86 -10.65 44.61 -6.70
N LEU H 87 -9.62 44.56 -7.54
CA LEU H 87 -9.63 43.71 -8.74
C LEU H 87 -9.15 42.30 -8.36
N GLY H 88 -10.04 41.57 -7.69
CA GLY H 88 -9.74 40.19 -7.34
C GLY H 88 -9.69 39.32 -8.57
N MET H 89 -8.65 38.50 -8.68
CA MET H 89 -8.47 37.65 -9.84
C MET H 89 -7.67 36.41 -9.44
N ASP H 90 -7.77 35.37 -10.27
CA ASP H 90 -7.02 34.14 -10.08
C ASP H 90 -5.76 34.21 -10.94
N LEU H 91 -4.61 33.94 -10.34
CA LEU H 91 -3.34 34.09 -11.05
C LEU H 91 -3.24 33.07 -12.18
N THR H 92 -3.94 31.94 -12.07
CA THR H 92 -3.87 30.93 -13.12
C THR H 92 -4.33 31.50 -14.45
N SER H 93 -5.52 32.10 -14.48
CA SER H 93 -6.05 32.66 -15.72
C SER H 93 -5.28 33.89 -16.16
N LEU H 94 -4.84 34.70 -15.20
CA LEU H 94 -4.06 35.88 -15.55
C LEU H 94 -2.78 35.49 -16.27
N SER H 95 -2.14 34.40 -15.84
CA SER H 95 -0.96 33.91 -16.53
C SER H 95 -1.28 33.51 -17.96
N LYS H 96 -2.42 32.83 -18.17
CA LYS H 96 -2.80 32.44 -19.51
C LYS H 96 -3.00 33.66 -20.40
N ILE H 97 -3.72 34.67 -19.90
CA ILE H 97 -3.95 35.86 -20.72
C ILE H 97 -2.65 36.61 -20.96
N LEU H 98 -1.74 36.65 -19.99
CA LEU H 98 -0.47 37.34 -20.17
C LEU H 98 0.48 36.57 -21.09
N ARG H 99 0.27 35.27 -21.27
CA ARG H 99 1.08 34.50 -22.21
C ARG H 99 0.82 34.87 -23.66
N CYS H 100 -0.23 35.64 -23.94
CA CYS H 100 -0.54 36.10 -25.29
C CYS H 100 -0.01 37.51 -25.47
N GLY H 101 0.60 37.76 -26.62
CA GLY H 101 1.18 39.06 -26.91
C GLY H 101 2.68 39.07 -26.70
N ASN H 102 3.40 39.75 -27.59
CA ASN H 102 4.85 39.81 -27.47
C ASN H 102 5.25 40.55 -26.20
N ASN H 103 6.39 40.16 -25.64
CA ASN H 103 6.87 40.79 -24.42
C ASN H 103 7.14 42.28 -24.59
N THR H 104 7.31 42.74 -25.83
CA THR H 104 7.62 44.14 -26.10
C THR H 104 6.38 45.01 -26.29
N ASP H 105 5.19 44.42 -26.31
CA ASP H 105 3.98 45.19 -26.49
C ASP H 105 3.57 45.88 -25.19
N THR H 106 2.74 46.91 -25.31
CA THR H 106 2.24 47.66 -24.19
C THR H 106 0.93 47.06 -23.70
N LEU H 107 0.74 47.06 -22.38
CA LEU H 107 -0.45 46.50 -21.76
C LEU H 107 -1.26 47.61 -21.12
N THR H 108 -2.44 47.88 -21.69
CA THR H 108 -3.32 48.93 -21.16
C THR H 108 -4.44 48.33 -20.30
N LEU H 109 -4.12 47.96 -19.07
CA LEU H 109 -5.10 47.41 -18.16
C LEU H 109 -6.17 48.44 -17.84
N ILE H 110 -7.43 48.07 -18.05
CA ILE H 110 -8.55 49.00 -17.92
C ILE H 110 -9.63 48.33 -17.07
N ALA H 111 -10.06 49.01 -16.01
CA ALA H 111 -11.11 48.52 -15.13
C ALA H 111 -12.20 49.58 -14.96
N ASP H 112 -13.44 49.09 -14.92
CA ASP H 112 -14.65 49.90 -14.99
C ASP H 112 -15.22 50.14 -13.59
N ASN H 113 -16.36 50.82 -13.55
CA ASN H 113 -17.03 51.18 -12.31
C ASN H 113 -17.22 49.99 -11.37
N THR H 114 -17.97 48.99 -11.82
CA THR H 114 -18.23 47.82 -11.00
C THR H 114 -17.31 46.68 -11.44
N PRO H 115 -16.46 46.13 -10.56
CA PRO H 115 -15.55 45.07 -10.99
C PRO H 115 -16.30 43.77 -11.28
N ASP H 116 -16.45 43.47 -12.57
CA ASP H 116 -17.01 42.21 -13.03
C ASP H 116 -16.04 41.46 -13.94
N SER H 117 -15.37 42.17 -14.84
CA SER H 117 -14.32 41.61 -15.67
C SER H 117 -13.28 42.68 -15.91
N ILE H 118 -12.04 42.24 -16.11
CA ILE H 118 -10.91 43.14 -16.31
C ILE H 118 -10.51 43.10 -17.78
N ILE H 119 -9.94 44.21 -18.26
CA ILE H 119 -9.60 44.36 -19.66
C ILE H 119 -8.09 44.43 -19.84
N LEU H 120 -7.48 43.34 -20.29
CA LEU H 120 -6.07 43.33 -20.64
C LEU H 120 -5.90 43.59 -22.13
N LEU H 121 -5.53 44.81 -22.48
CA LEU H 121 -5.41 45.24 -23.87
C LEU H 121 -3.93 45.29 -24.24
N PHE H 122 -3.55 44.54 -25.27
CA PHE H 122 -2.18 44.52 -25.77
C PHE H 122 -2.10 45.29 -27.07
N GLU H 123 -1.11 46.18 -27.17
CA GLU H 123 -0.98 47.06 -28.33
C GLU H 123 0.46 47.02 -28.80
N ASP H 124 0.63 46.85 -30.10
CA ASP H 124 1.95 46.83 -30.73
C ASP H 124 1.98 47.95 -31.76
N THR H 125 3.08 48.71 -31.76
CA THR H 125 3.24 49.84 -32.67
C THR H 125 3.90 49.49 -33.99
N LYS H 126 4.69 48.41 -34.04
CA LYS H 126 5.30 48.02 -35.30
C LYS H 126 4.24 47.62 -36.32
N LYS H 127 3.22 46.88 -35.89
CA LYS H 127 2.14 46.44 -36.77
C LYS H 127 0.82 47.15 -36.49
N ASP H 128 0.82 48.14 -35.59
CA ASP H 128 -0.34 49.00 -35.34
C ASP H 128 -1.62 48.20 -35.13
N ARG H 129 -1.47 47.01 -34.54
CA ARG H 129 -2.58 46.13 -34.27
C ARG H 129 -2.78 45.99 -32.76
N ILE H 130 -4.04 45.83 -32.37
CA ILE H 130 -4.43 45.79 -30.96
C ILE H 130 -5.24 44.52 -30.72
N ALA H 131 -4.93 43.82 -29.63
CA ALA H 131 -5.67 42.64 -29.22
C ALA H 131 -6.28 42.88 -27.84
N GLU H 132 -7.59 42.67 -27.73
CA GLU H 132 -8.33 42.93 -26.50
C GLU H 132 -8.72 41.60 -25.87
N TYR H 133 -8.19 41.36 -24.68
CA TYR H 133 -8.53 40.18 -23.88
C TYR H 133 -9.21 40.61 -22.58
N SER H 134 -10.11 39.76 -22.09
CA SER H 134 -10.84 40.05 -20.87
C SER H 134 -10.76 38.85 -19.94
N LEU H 135 -10.85 39.12 -18.64
CA LEU H 135 -10.80 38.08 -17.61
C LEU H 135 -11.89 38.35 -16.59
N LYS H 136 -12.57 37.29 -16.18
CA LYS H 136 -13.62 37.41 -15.16
C LYS H 136 -13.00 37.50 -13.78
N LEU H 137 -13.61 38.32 -12.93
CA LEU H 137 -13.12 38.54 -11.57
C LEU H 137 -13.97 37.77 -10.57
N MET H 138 -13.31 37.23 -9.55
CA MET H 138 -13.95 36.44 -8.51
C MET H 138 -13.77 37.14 -7.17
N ASP H 139 -14.74 36.95 -6.27
CA ASP H 139 -14.69 37.53 -4.94
C ASP H 139 -13.77 36.71 -4.06
N ILE H 140 -13.03 37.39 -3.18
CA ILE H 140 -12.14 36.75 -2.23
C ILE H 140 -12.33 37.42 -0.87
N ASP H 141 -12.47 36.61 0.18
CA ASP H 141 -12.68 37.12 1.53
C ASP H 141 -11.33 37.46 2.15
N ALA H 142 -10.75 38.56 1.66
CA ALA H 142 -9.46 39.04 2.13
C ALA H 142 -9.64 39.91 3.37
N ASP H 143 -8.63 39.88 4.24
CA ASP H 143 -8.64 40.60 5.51
C ASP H 143 -7.30 41.32 5.69
N PHE H 144 -6.91 42.07 4.66
CA PHE H 144 -5.60 42.73 4.59
C PHE H 144 -5.17 43.25 5.95
N LEU H 145 -3.95 42.87 6.36
CA LEU H 145 -3.40 43.26 7.66
C LEU H 145 -2.19 44.14 7.42
N LYS H 146 -2.21 45.35 8.00
CA LYS H 146 -1.07 46.25 7.86
C LYS H 146 0.14 45.67 8.56
N ILE H 147 1.31 45.88 7.97
CA ILE H 147 2.57 45.32 8.47
C ILE H 147 3.31 46.39 9.25
N GLU H 148 3.67 46.07 10.49
CA GLU H 148 4.45 46.97 11.33
C GLU H 148 5.93 46.86 11.00
N GLU H 149 6.67 47.92 11.33
CA GLU H 149 8.10 47.99 11.07
C GLU H 149 8.85 47.70 12.36
N LEU H 150 9.77 46.75 12.32
CA LEU H 150 10.56 46.35 13.47
C LEU H 150 12.05 46.43 13.14
N GLN H 151 12.85 46.73 14.15
CA GLN H 151 14.30 46.81 13.99
C GLN H 151 14.86 45.39 14.05
N TYR H 152 15.04 44.78 12.88
CA TYR H 152 15.53 43.41 12.81
C TYR H 152 17.00 43.34 13.24
N ASP H 153 17.39 42.16 13.75
CA ASP H 153 18.73 42.02 14.30
C ASP H 153 19.80 42.22 13.24
N SER H 154 19.66 41.58 12.08
CA SER H 154 20.67 41.66 11.03
C SER H 154 19.99 41.94 9.70
N THR H 155 20.74 42.55 8.78
CA THR H 155 20.21 42.85 7.45
C THR H 155 21.30 42.63 6.42
N LEU H 156 21.14 41.59 5.60
CA LEU H 156 22.11 41.29 4.55
C LEU H 156 21.45 41.47 3.19
N SER H 157 22.29 41.69 2.19
CA SER H 157 21.84 41.89 0.82
C SER H 157 22.86 41.25 -0.11
N LEU H 158 22.39 40.39 -1.00
CA LEU H 158 23.27 39.66 -1.90
C LEU H 158 22.60 39.45 -3.25
N PRO H 159 23.37 39.16 -4.29
CA PRO H 159 22.76 38.90 -5.60
C PRO H 159 21.75 37.77 -5.53
N SER H 160 20.65 37.94 -6.27
CA SER H 160 19.59 36.93 -6.24
C SER H 160 20.09 35.60 -6.77
N SER H 161 20.94 35.62 -7.79
CA SER H 161 21.45 34.38 -8.37
C SER H 161 22.21 33.56 -7.33
N GLU H 162 23.06 34.22 -6.54
CA GLU H 162 23.84 33.51 -5.52
C GLU H 162 22.92 32.88 -4.48
N PHE H 163 21.93 33.63 -4.01
CA PHE H 163 21.01 33.08 -3.01
C PHE H 163 20.23 31.90 -3.57
N SER H 164 19.75 32.02 -4.81
CA SER H 164 19.01 30.93 -5.42
C SER H 164 19.90 29.69 -5.57
N LYS H 165 21.15 29.88 -5.99
CA LYS H 165 22.07 28.76 -6.14
C LYS H 165 22.31 28.08 -4.81
N ILE H 166 22.54 28.88 -3.75
CA ILE H 166 22.81 28.31 -2.44
C ILE H 166 21.59 27.53 -1.95
N VAL H 167 20.41 28.10 -2.10
CA VAL H 167 19.20 27.44 -1.62
C VAL H 167 18.97 26.13 -2.37
N ARG H 168 19.12 26.17 -3.70
CA ARG H 168 18.91 24.96 -4.50
C ARG H 168 19.95 23.89 -4.15
N ASP H 169 21.19 24.30 -3.90
CA ASP H 169 22.23 23.34 -3.54
C ASP H 169 21.97 22.70 -2.19
N LEU H 170 21.58 23.50 -1.20
CA LEU H 170 21.41 22.98 0.15
C LEU H 170 20.04 22.38 0.40
N SER H 171 19.09 22.52 -0.52
CA SER H 171 17.78 21.90 -0.37
C SER H 171 17.78 20.43 -0.78
N GLN H 172 18.87 19.91 -1.32
CA GLN H 172 18.97 18.52 -1.71
C GLN H 172 19.48 17.61 -0.61
N LEU H 173 20.29 18.13 0.32
CA LEU H 173 20.88 17.34 1.39
C LEU H 173 20.04 17.41 2.67
N SER H 174 18.98 18.21 2.68
CA SER H 174 18.12 18.32 3.86
C SER H 174 16.93 19.22 3.58
N ASP H 175 15.88 19.09 4.38
CA ASP H 175 14.68 19.90 4.23
C ASP H 175 14.71 21.17 5.09
N SER H 176 15.73 21.35 5.93
CA SER H 176 15.86 22.51 6.79
C SER H 176 17.22 23.14 6.54
N ILE H 177 17.23 24.47 6.35
CA ILE H 177 18.45 25.22 6.08
C ILE H 177 18.65 26.23 7.19
N ASN H 178 19.83 26.21 7.80
CA ASN H 178 20.17 27.08 8.92
C ASN H 178 21.01 28.24 8.41
N ILE H 179 20.56 29.46 8.69
CA ILE H 179 21.28 30.68 8.35
C ILE H 179 21.87 31.23 9.64
N MET H 180 23.19 31.43 9.64
CA MET H 180 23.93 31.93 10.80
C MET H 180 24.66 33.20 10.36
N ILE H 181 24.23 34.33 10.90
CA ILE H 181 24.87 35.62 10.64
C ILE H 181 25.70 35.99 11.86
N THR H 182 26.99 36.25 11.61
CA THR H 182 27.95 36.53 12.66
C THR H 182 28.95 37.53 12.10
N LYS H 183 29.85 38.00 12.96
CA LYS H 183 30.86 38.99 12.57
C LYS H 183 31.43 38.67 11.19
N GLU H 184 31.27 39.61 10.26
CA GLU H 184 31.73 39.47 8.88
C GLU H 184 31.61 38.04 8.36
N THR H 185 30.43 37.44 8.49
CA THR H 185 30.24 36.07 8.01
C THR H 185 28.77 35.69 7.95
N ILE H 186 28.37 35.04 6.86
CA ILE H 186 27.05 34.45 6.71
C ILE H 186 27.23 32.99 6.31
N LYS H 187 26.60 32.10 7.07
CA LYS H 187 26.77 30.66 6.90
C LYS H 187 25.43 30.02 6.61
N PHE H 188 25.36 29.24 5.53
CA PHE H 188 24.19 28.45 5.20
C PHE H 188 24.56 26.98 5.38
N VAL H 189 23.83 26.29 6.25
CA VAL H 189 24.16 24.92 6.63
C VAL H 189 22.94 24.04 6.40
N ALA H 190 23.20 22.82 5.92
CA ALA H 190 22.15 21.82 5.71
C ALA H 190 22.71 20.45 6.02
N ASP H 191 22.13 19.79 7.02
CA ASP H 191 22.60 18.48 7.48
C ASP H 191 21.48 17.47 7.31
N GLY H 192 21.78 16.36 6.65
CA GLY H 192 20.80 15.29 6.47
C GLY H 192 21.43 13.93 6.69
N ASP H 193 20.79 12.88 6.17
CA ASP H 193 21.31 11.53 6.31
C ASP H 193 22.44 11.21 5.34
N ILE H 194 22.37 11.73 4.11
CA ILE H 194 23.45 11.48 3.16
C ILE H 194 24.73 12.19 3.59
N GLY H 195 24.60 13.37 4.16
CA GLY H 195 25.77 14.14 4.57
C GLY H 195 25.37 15.56 4.91
N SER H 196 26.42 16.36 5.13
CA SER H 196 26.26 17.77 5.50
C SER H 196 26.84 18.67 4.42
N GLY H 197 26.38 19.92 4.42
CA GLY H 197 26.86 20.91 3.49
C GLY H 197 26.83 22.31 4.07
N SER H 198 27.94 23.03 3.96
CA SER H 198 28.08 24.36 4.52
C SER H 198 28.63 25.31 3.46
N VAL H 199 28.06 26.52 3.42
CA VAL H 199 28.50 27.58 2.52
C VAL H 199 28.79 28.80 3.39
N ILE H 200 29.99 29.36 3.27
CA ILE H 200 30.43 30.51 4.04
C ILE H 200 30.66 31.63 3.06
N ILE H 201 29.97 32.76 3.25
CA ILE H 201 30.16 33.95 2.42
C ILE H 201 30.50 35.13 3.33
N LYS H 202 31.56 35.86 2.98
CA LYS H 202 31.99 37.02 3.74
C LYS H 202 31.63 38.31 2.99
N PRO H 203 31.27 39.37 3.70
CA PRO H 203 30.97 40.64 3.01
C PRO H 203 32.13 41.07 2.12
N PHE H 204 31.80 41.49 0.91
CA PHE H 204 32.81 41.98 -0.03
C PHE H 204 32.15 42.97 -0.98
N VAL H 205 32.96 43.84 -1.57
CA VAL H 205 32.49 44.90 -2.45
C VAL H 205 33.35 44.92 -3.71
N ASP H 206 32.71 45.16 -4.85
CA ASP H 206 33.39 45.26 -6.12
C ASP H 206 33.00 46.58 -6.79
N MET H 207 33.91 47.11 -7.59
CA MET H 207 33.70 48.39 -8.27
C MET H 207 33.38 48.24 -9.75
N GLU H 208 34.08 47.36 -10.46
CA GLU H 208 33.79 47.18 -11.87
C GLU H 208 32.43 46.54 -12.10
N HIS H 209 31.94 45.79 -11.11
CA HIS H 209 30.57 45.27 -11.12
C HIS H 209 29.95 45.54 -9.75
N PRO H 210 29.39 46.73 -9.55
CA PRO H 210 28.76 47.03 -8.24
C PRO H 210 27.65 46.06 -7.87
N GLU H 211 26.88 45.56 -8.85
CA GLU H 211 25.77 44.68 -8.51
C GLU H 211 26.26 43.39 -7.87
N THR H 212 27.42 42.89 -8.27
CA THR H 212 27.97 41.66 -7.71
C THR H 212 28.73 41.99 -6.42
N SER H 213 27.96 42.28 -5.38
CA SER H 213 28.50 42.60 -4.07
C SER H 213 27.58 42.04 -2.99
N ILE H 214 28.17 41.73 -1.84
CA ILE H 214 27.45 41.25 -0.68
C ILE H 214 27.64 42.27 0.44
N LYS H 215 26.53 42.73 1.02
CA LYS H 215 26.57 43.73 2.08
C LYS H 215 25.88 43.17 3.31
N LEU H 216 26.39 43.51 4.49
CA LEU H 216 25.85 43.02 5.75
C LEU H 216 25.84 44.12 6.79
N GLU H 217 24.74 44.22 7.52
CA GLU H 217 24.61 45.07 8.70
C GLU H 217 24.35 44.15 9.87
N MET H 218 25.23 44.20 10.86
CA MET H 218 25.33 43.20 11.91
C MET H 218 25.24 43.88 13.27
N ASP H 219 24.22 43.50 14.05
CA ASP H 219 24.01 44.05 15.38
C ASP H 219 24.08 42.98 16.47
N GLN H 220 23.37 41.87 16.30
CA GLN H 220 23.39 40.77 17.25
C GLN H 220 23.59 39.47 16.48
N PRO H 221 24.27 38.48 17.07
CA PRO H 221 24.43 37.20 16.38
C PRO H 221 23.07 36.57 16.08
N VAL H 222 22.94 35.96 14.91
CA VAL H 222 21.69 35.40 14.45
C VAL H 222 21.91 33.96 14.01
N ASP H 223 20.99 33.07 14.37
CA ASP H 223 21.04 31.66 13.99
C ASP H 223 19.59 31.17 13.90
N LEU H 224 19.05 31.10 12.68
CA LEU H 224 17.67 30.71 12.47
C LEU H 224 17.57 29.62 11.40
N THR H 225 16.69 28.66 11.63
CA THR H 225 16.47 27.54 10.72
C THR H 225 15.15 27.74 9.98
N PHE H 226 15.20 27.64 8.66
CA PHE H 226 14.03 27.79 7.81
C PHE H 226 13.75 26.48 7.08
N GLY H 227 12.53 26.37 6.56
CA GLY H 227 12.14 25.24 5.74
C GLY H 227 12.58 25.42 4.30
N ALA H 228 13.18 24.38 3.73
CA ALA H 228 13.72 24.51 2.37
C ALA H 228 12.63 24.76 1.35
N LYS H 229 11.44 24.18 1.55
CA LYS H 229 10.39 24.29 0.55
C LYS H 229 9.84 25.71 0.49
N TYR H 230 9.77 26.40 1.63
CA TYR H 230 9.41 27.82 1.59
C TYR H 230 10.47 28.62 0.84
N LEU H 231 11.75 28.33 1.07
CA LEU H 231 12.81 29.08 0.42
C LEU H 231 12.79 28.85 -1.09
N LEU H 232 12.44 27.64 -1.52
CA LEU H 232 12.35 27.36 -2.96
C LEU H 232 11.28 28.23 -3.61
N ASP H 233 10.12 28.36 -2.96
CA ASP H 233 9.09 29.26 -3.47
C ASP H 233 9.56 30.71 -3.45
N ILE H 234 10.26 31.11 -2.39
CA ILE H 234 10.70 32.50 -2.28
C ILE H 234 11.68 32.86 -3.39
N ILE H 235 12.62 31.97 -3.69
CA ILE H 235 13.68 32.34 -4.64
C ILE H 235 13.14 32.60 -6.03
N LYS H 236 11.91 32.15 -6.34
CA LYS H 236 11.35 32.39 -7.66
C LYS H 236 11.18 33.87 -7.96
N GLY H 237 11.19 34.73 -6.94
CA GLY H 237 11.12 36.15 -7.15
C GLY H 237 12.36 36.76 -7.75
N SER H 238 13.42 35.97 -7.94
CA SER H 238 14.65 36.48 -8.53
C SER H 238 14.43 37.04 -9.93
N SER H 239 13.37 36.60 -10.63
CA SER H 239 13.09 37.13 -11.96
C SER H 239 12.79 38.62 -11.91
N LEU H 240 12.33 39.13 -10.76
CA LEU H 240 12.00 40.54 -10.64
C LEU H 240 13.25 41.39 -10.45
N SER H 241 13.99 41.13 -9.37
CA SER H 241 15.17 41.91 -9.01
C SER H 241 16.41 41.05 -9.07
N ASP H 242 17.54 41.69 -9.37
CA ASP H 242 18.82 41.01 -9.41
C ASP H 242 19.54 41.00 -8.06
N ARG H 243 19.05 41.75 -7.08
CA ARG H 243 19.59 41.78 -5.73
C ARG H 243 18.47 41.53 -4.74
N VAL H 244 18.72 40.63 -3.78
CA VAL H 244 17.73 40.26 -2.77
C VAL H 244 18.25 40.69 -1.41
N GLY H 245 17.35 41.27 -0.61
CA GLY H 245 17.71 41.72 0.72
C GLY H 245 16.91 41.02 1.81
N ILE H 246 17.59 40.41 2.77
CA ILE H 246 16.95 39.64 3.83
C ILE H 246 17.21 40.33 5.15
N ARG H 247 16.14 40.53 5.93
CA ARG H 247 16.22 41.09 7.27
C ARG H 247 15.76 40.03 8.26
N LEU H 248 16.61 39.72 9.24
CA LEU H 248 16.39 38.61 10.15
C LEU H 248 16.41 39.12 11.60
N SER H 249 15.51 38.58 12.41
CA SER H 249 15.42 38.90 13.83
C SER H 249 15.23 37.61 14.63
N SER H 250 15.68 37.65 15.88
CA SER H 250 15.57 36.47 16.73
C SER H 250 14.12 36.13 17.05
N GLU H 251 13.29 37.13 17.32
CA GLU H 251 11.91 36.90 17.78
C GLU H 251 10.87 37.43 16.81
N ALA H 252 11.23 37.62 15.54
CA ALA H 252 10.27 38.10 14.56
C ALA H 252 10.42 37.34 13.25
N PRO H 253 9.36 37.24 12.45
CA PRO H 253 9.47 36.56 11.16
C PRO H 253 10.52 37.21 10.27
N ALA H 254 11.28 36.39 9.55
CA ALA H 254 12.29 36.92 8.65
C ALA H 254 11.64 37.44 7.38
N LEU H 255 12.25 38.48 6.81
CA LEU H 255 11.74 39.14 5.61
C LEU H 255 12.72 38.96 4.48
N PHE H 256 12.22 38.59 3.30
CA PHE H 256 13.01 38.48 2.08
C PHE H 256 12.39 39.42 1.04
N GLN H 257 13.16 40.41 0.58
CA GLN H 257 12.64 41.48 -0.25
C GLN H 257 13.34 41.49 -1.59
N PHE H 258 12.55 41.60 -2.65
CA PHE H 258 13.01 41.83 -4.02
C PHE H 258 12.48 43.19 -4.46
N ASP H 259 13.36 44.03 -4.99
CA ASP H 259 13.01 45.40 -5.33
C ASP H 259 12.69 45.53 -6.80
N LEU H 260 11.61 46.27 -7.08
CA LEU H 260 11.24 46.65 -8.44
C LEU H 260 11.58 48.12 -8.67
N LYS H 261 11.15 48.63 -9.82
CA LYS H 261 11.47 50.00 -10.19
C LYS H 261 10.89 50.99 -9.18
N SER H 262 9.63 50.77 -8.76
CA SER H 262 8.94 51.70 -7.87
C SER H 262 8.11 50.98 -6.82
N GLY H 263 8.51 49.79 -6.41
CA GLY H 263 7.75 49.03 -5.44
C GLY H 263 8.61 47.97 -4.79
N PHE H 264 7.96 46.98 -4.18
CA PHE H 264 8.68 45.89 -3.55
C PHE H 264 7.83 44.63 -3.56
N LEU H 265 8.50 43.49 -3.39
CA LEU H 265 7.84 42.21 -3.17
C LEU H 265 8.54 41.53 -2.02
N GLN H 266 7.83 41.35 -0.90
CA GLN H 266 8.40 40.81 0.32
C GLN H 266 7.71 39.51 0.72
N PHE H 267 8.51 38.60 1.26
CA PHE H 267 8.05 37.33 1.79
C PHE H 267 8.39 37.28 3.28
N PHE H 268 7.39 36.97 4.10
CA PHE H 268 7.56 36.84 5.54
C PHE H 268 7.51 35.36 5.89
N LEU H 269 8.52 34.90 6.64
CA LEU H 269 8.65 33.50 7.00
C LEU H 269 8.83 33.36 8.50
N ALA H 270 8.35 32.23 9.03
CA ALA H 270 8.42 31.93 10.45
C ALA H 270 9.52 30.91 10.72
N PRO H 271 10.58 31.26 11.47
CA PRO H 271 11.61 30.27 11.76
C PRO H 271 11.05 29.07 12.51
N LYS H 272 11.60 27.89 12.21
CA LYS H 272 11.19 26.65 12.84
C LYS H 272 12.25 26.20 13.85
N PHE H 273 12.01 25.06 14.49
CA PHE H 273 12.96 24.51 15.46
C PHE H 273 12.80 23.00 15.55
PG AGS L . -20.53 -8.36 -26.69
S1G AGS L . -19.40 -9.82 -26.06
O2G AGS L . -19.81 -7.60 -27.84
O3G AGS L . -20.81 -7.38 -25.52
PB AGS L . -22.49 -8.44 -28.59
O1B AGS L . -22.08 -7.05 -28.87
O2B AGS L . -24.01 -8.60 -28.48
O3B AGS L . -21.89 -8.93 -27.21
PA AGS L . -22.07 -8.89 -31.27
O1A AGS L . -20.81 -8.21 -31.64
O2A AGS L . -23.32 -7.99 -31.39
O3A AGS L . -22.03 -9.41 -29.77
O5' AGS L . -22.22 -10.19 -32.16
C5' AGS L . -21.06 -10.95 -32.57
C4' AGS L . -21.50 -12.00 -33.56
O4' AGS L . -22.40 -12.93 -32.92
C3' AGS L . -22.26 -11.47 -34.77
O3' AGS L . -21.38 -11.10 -35.83
C2' AGS L . -23.14 -12.66 -35.15
O2' AGS L . -22.45 -13.60 -35.96
C1' AGS L . -23.47 -13.25 -33.78
N9 AGS L . -24.70 -12.73 -33.19
C8 AGS L . -24.83 -12.09 -31.98
N7 AGS L . -26.05 -11.73 -31.70
C5 AGS L . -26.79 -12.15 -32.80
C6 AGS L . -28.15 -12.07 -33.11
N6 AGS L . -29.07 -11.50 -32.32
N1 AGS L . -28.56 -12.60 -34.29
C2 AGS L . -27.65 -13.17 -35.09
N3 AGS L . -26.34 -13.30 -34.89
C4 AGS L . -25.96 -12.77 -33.72
H5'1 AGS L . -20.66 -11.38 -31.80
H5'2 AGS L . -20.42 -10.36 -32.99
H4' AGS L . -20.72 -12.49 -33.87
H3' AGS L . -22.81 -10.71 -34.51
HO3' AGS L . -21.83 -10.68 -36.45
H2' AGS L . -23.95 -12.36 -35.60
HO2' AGS L . -21.72 -13.23 -36.31
H1' AGS L . -23.53 -14.22 -33.85
H8 AGS L . -24.08 -11.93 -31.39
HN61 AGS L . -28.82 -11.20 -31.50
HN62 AGS L . -29.93 -11.43 -32.60
H2 AGS L . -27.99 -13.53 -35.92
MG MG M . -19.86 -5.82 -28.84
MG MG N . 5.52 -22.06 -21.74
PG AGS O . 2.14 -24.76 -17.24
S1G AGS O . 3.08 -24.25 -15.61
O2G AGS O . 2.57 -23.80 -18.40
O3G AGS O . 0.61 -24.65 -17.01
PB AGS O . 2.72 -26.61 -19.15
O1B AGS O . 1.81 -27.71 -19.54
O2B AGS O . 2.47 -25.34 -19.96
O3B AGS O . 2.52 -26.22 -17.64
PA AGS O . 4.69 -27.62 -20.80
O1A AGS O . 3.52 -27.93 -21.65
O2A AGS O . 5.65 -26.60 -21.43
O3A AGS O . 4.24 -27.00 -19.41
O5' AGS O . 5.43 -28.98 -20.44
C5' AGS O . 6.78 -28.96 -19.93
C4' AGS O . 7.51 -30.16 -20.48
O4' AGS O . 6.88 -31.37 -20.01
C3' AGS O . 7.52 -30.27 -22.00
O3' AGS O . 8.62 -29.56 -22.56
C2' AGS O . 7.65 -31.78 -22.22
O2' AGS O . 9.00 -32.22 -22.15
C1' AGS O . 6.83 -32.34 -21.04
N9 AGS O . 5.44 -32.62 -21.36
C8 AGS O . 4.34 -32.00 -20.82
N7 AGS O . 3.20 -32.45 -21.29
C5 AGS O . 3.58 -33.42 -22.21
C6 AGS O . 2.83 -34.26 -23.06
N6 AGS O . 1.51 -34.26 -23.12
N1 AGS O . 3.53 -35.10 -23.86
C2 AGS O . 4.86 -35.10 -23.79
N3 AGS O . 5.67 -34.35 -23.04
C4 AGS O . 4.96 -33.52 -22.26
H5'1 AGS O . 6.77 -29.01 -18.96
H5'2 AGS O . 7.23 -28.16 -20.21
H4' AGS O . 8.43 -30.15 -20.16
H3' AGS O . 6.68 -29.95 -22.37
HO3' AGS O . 8.87 -28.91 -22.01
H2' AGS O . 7.24 -32.04 -23.06
HO2' AGS O . 9.55 -31.54 -22.29
H1' AGS O . 7.26 -33.16 -20.73
H8 AGS O . 4.40 -31.31 -20.15
HN61 AGS O . 1.02 -33.72 -22.57
HN62 AGS O . 1.08 -34.80 -23.71
H2 AGS O . 5.31 -35.73 -24.39
MG MG P . 19.29 -18.88 5.07
PG AGS Q . 17.21 -20.17 7.42
S1G AGS Q . 16.08 -19.29 8.75
O2G AGS Q . 17.94 -19.09 6.57
O3G AGS Q . 16.33 -21.06 6.50
PB AGS Q . 19.63 -21.44 7.41
O1B AGS Q . 19.67 -22.89 7.13
O2B AGS Q . 19.69 -20.58 6.15
O3B AGS Q . 18.26 -21.06 8.14
PA AGS Q . 22.31 -20.93 7.71
O1A AGS Q . 22.50 -21.97 6.67
O2A AGS Q . 22.51 -19.50 7.19
O3A AGS Q . 20.85 -20.99 8.32
O5' AGS Q . 23.28 -21.24 8.92
C5' AGS Q . 23.51 -20.26 9.95
C4' AGS Q . 24.68 -20.71 10.79
O4' AGS Q . 24.32 -21.92 11.51
C3' AGS Q . 25.94 -21.06 10.01
O3' AGS Q . 26.75 -19.92 9.80
C2' AGS Q . 26.62 -22.10 10.92
O2' AGS Q . 27.39 -21.49 11.94
C1' AGS Q . 25.41 -22.83 11.51
N9 AGS Q . 25.01 -24.01 10.77
C8 AGS Q . 23.78 -24.26 10.20
N7 AGS Q . 23.70 -25.42 9.58
C5 AGS Q . 24.96 -25.97 9.76
C6 AGS Q . 25.52 -27.19 9.34
N6 AGS Q . 24.87 -28.12 8.64
N1 AGS Q . 26.81 -27.45 9.68
C2 AGS Q . 27.47 -26.53 10.39
N3 AGS Q . 27.05 -25.34 10.84
C4 AGS Q . 25.77 -25.12 10.48
H5'1 AGS Q . 22.73 -20.18 10.52
H5'2 AGS Q . 23.72 -19.40 9.54
H4' AGS Q . 24.90 -20.02 11.43
H3' AGS Q . 25.70 -21.47 9.16
HO3' AGS Q . 26.26 -19.26 9.48
H2' AGS Q . 27.16 -22.70 10.39
HO2' AGS Q . 27.43 -20.61 11.80
H1' AGS Q . 25.61 -23.08 12.42
H8 AGS Q . 23.05 -23.63 10.24
HN61 AGS Q . 23.99 -27.99 8.44
HN62 AGS Q . 25.29 -28.87 8.36
H2 AGS Q . 28.40 -26.75 10.61
MG MG R . 11.09 -0.61 27.59
PG AGS S . 8.75 -2.75 29.18
S1G AGS S . 6.83 -2.46 29.36
O2G AGS S . 9.36 -1.60 28.32
O3G AGS S . 9.00 -4.11 28.47
PB AGS S . 10.92 -2.32 30.78
O1B AGS S . 11.75 -3.46 31.22
O2B AGS S . 11.37 -1.76 29.43
O3B AGS S . 9.42 -2.77 30.59
PA AGS S . 12.31 -0.25 31.94
O1A AGS S . 13.51 -1.04 31.65
O2A AGS S . 12.12 0.95 31.01
O3A AGS S . 10.99 -1.12 31.81
O5' AGS S . 12.36 0.21 33.45
C5' AGS S . 11.54 1.29 33.94
C4' AGS S . 12.04 1.73 35.28
O4' AGS S . 11.84 0.67 36.24
C3' AGS S . 13.54 2.05 35.34
O3' AGS S . 13.78 3.41 35.00
C2' AGS S . 13.89 1.74 36.79
O2' AGS S . 13.60 2.83 37.66
C1' AGS S . 12.97 0.54 37.09
N9 AGS S . 13.59 -0.76 36.84
C8 AGS S . 13.10 -1.76 36.04
N7 AGS S . 13.87 -2.82 36.00
C5 AGS S . 14.93 -2.50 36.83
C6 AGS S . 16.09 -3.20 37.21
N6 AGS S . 16.37 -4.45 36.79
N1 AGS S . 16.96 -2.59 38.05
C2 AGS S . 16.67 -1.36 38.47
N3 AGS S . 15.61 -0.59 38.18
C4 AGS S . 14.77 -1.22 37.35
H5'1 AGS S . 10.61 1.00 34.02
H5'2 AGS S . 11.58 2.04 33.31
H4' AGS S . 11.55 2.51 35.57
H3' AGS S . 14.02 1.45 34.74
HO3' AGS S . 13.27 3.93 35.49
H2' AGS S . 14.83 1.48 36.86
HO2' AGS S . 14.03 3.55 37.38
H1' AGS S . 12.69 0.59 38.02
H8 AGS S . 12.26 -1.69 35.56
HN61 AGS S . 15.79 -4.89 36.25
HN62 AGS S . 17.15 -4.83 37.03
H2 AGS S . 17.32 -0.97 39.07
PB ADP T . -16.71 11.48 34.89
O1B ADP T . -16.34 10.37 35.84
O2B ADP T . -17.76 11.10 33.87
O3B ADP T . -15.54 12.24 34.32
PA ADP T . -18.05 13.91 35.19
O1A ADP T . -16.97 14.97 35.20
O2A ADP T . -18.73 13.52 33.89
O3A ADP T . -17.45 12.56 35.83
O5' ADP T . -19.19 14.32 36.25
C5' ADP T . -20.56 14.34 35.87
C4' ADP T . -21.31 15.44 36.61
O4' ADP T . -21.22 15.26 38.02
C3' ADP T . -20.74 16.81 36.29
O3' ADP T . -21.60 17.49 35.36
C2' ADP T . -20.67 17.54 37.61
O2' ADP T . -21.50 18.70 37.62
C1' ADP T . -21.13 16.54 38.67
N9 ADP T . -20.15 16.48 39.78
C8 ADP T . -19.04 15.72 39.79
N7 ADP T . -18.36 15.89 40.94
C5 ADP T . -19.04 16.78 41.70
C6 ADP T . -18.87 17.39 43.03
N6 ADP T . -17.82 17.09 43.80
N1 ADP T . -19.82 18.27 43.44
C2 ADP T . -20.88 18.58 42.68
N3 ADP T . -21.09 18.06 41.46
C4 ADP T . -20.23 17.16 40.92
H5'1 ADP T . -21.01 13.38 36.08
H5'2 ADP T . -20.63 14.53 34.80
H4' ADP T . -22.36 15.41 36.30
H3' ADP T . -19.74 16.70 35.87
HO3' ADP T . -21.16 18.27 35.02
H2' ADP T . -19.63 17.82 37.81
HO2' ADP T . -21.16 19.36 37.00
H1' ADP T . -22.12 16.86 39.05
H8 ADP T . -18.74 15.07 38.98
HN61 ADP T . -17.12 16.44 43.48
HN62 ADP T . -17.71 17.52 44.71
H2 ADP T . -21.61 19.30 43.06
#